data_7TKS
#
_entry.id   7TKS
#
loop_
_entity.id
_entity.type
_entity.pdbx_description
1 polymer 'ATP synthase subunit 9, mitochondrial'
2 polymer 'ATP synthase subunit alpha'
3 polymer 'ATP synthase subunit beta'
4 polymer 'ATP synthase subunit gamma'
5 polymer 'ATP synthase subunit delta'
6 polymer 'ATP synthase subunit epsilon'
7 polymer 'ATP synthase subunit 5'
8 polymer 'ATP synthase subunit a'
9 polymer 'ATP synthase subunit 4'
10 polymer 'ATP synthase subunit d'
11 polymer 'ATP synthase subunit f'
12 polymer 'ATP synthase subunit H'
13 polymer 'ATP synthase subunit J'
14 polymer 'ATP synthase protein 8'
#
loop_
_entity_poly.entity_id
_entity_poly.type
_entity_poly.pdbx_seq_one_letter_code
_entity_poly.pdbx_strand_id
1 'polypeptide(L)' MQLVLAAKYIGAGISTIGLLGAGIGIAIVFAALINGVSRNPSIKDTVFPMAILGFALSEATGLFCLMVSFLLLFGV 0,1,2,3,4,5,6,7,8,9
2 'polypeptide(L)'
;ASTKAQPTEVSSILEERIKGVSDEANLNETGRVLAVGDGIARVFGLNNIQAEELVEFSSGVKGMALNLEPGQVGIVLFGS
DRLVKEGELVKRTGNIVDVPVGPGLLGRVVDALGNPIDGKGPIDAAGRSRAQVKAPGILPRRSVHEPVQTGLKAVDALVP
IGRGQRELIIGDRQTGKTAVALDTILNQKRWNNGSDESKKLYCVYVAVGQKRSTVAQLVQTLEQHDAMKYSIIVAATASE
AAPLQYLAPFTAASIGEWFRDNGKHALIVYDDLSKQAVAYRQLSLLLRRPPGREAYPGDVFYLHSRLLERAAKLSEKEGS
GSLTALPVIETQGGDVSAYIPTNVISITDGQIFLEAELFYKGIRPAINVGLSVSRVGSAAQVKALKQVAGSLKLFLAQYR
EVAAFAQFGSDLDASTKQTLVRGERLTQLLKQNQYSPLATEEQVPLIYAGVNGHLDGIELSRIGEFESSFLSYLKSNHNE
LLTEIREKGELSKELLASLKSATESFVATF
;
A,B,C
3 'polypeptide(L)'
;ASAAQSTPITGKVTAVIGAIVDVHFEQSELPAILNALEIKTPQGKLVLEVAQHLGENTVRTIAMDGTEGLVRGEKVLDTG
GPISVPVGRETLGRIINVIGEPIDERGPIKSKLRKPIHADPPSFAEQSTSAEILETGIKVVDLLAPYARGGKIGLFGGAG
VGKTVFIQELINNIAKAHGGFSVFTGVGERTREGNDLYREMKETGVINLEGESKVALVFGQMNEPPGARARVALTGLTIA
EYFRDEEGQDVLLFIDNIFRFTQAGSEVSALLGRIPSAVGYQPTLATDMGLLQERITTTKKGSVTSVQAVYVPADDLTDP
APATTFAHLDATTVLSRGISELGIYPAVDPLDSKSRLLDAAVVGQEHYDVASKVQETLQTYKSLQDIIAILGMDELSEQD
KLTVERARKIQRFLSQPFAVAEVFTGIPGKLVRLKDTVASFKAVLEGKYDNIPEHAFYMVGGIEDVVAKAEKLAAEAN
;
D,E,F
4 'polypeptide(L)'
;ATLKEVEMRLKSIKNIEKITKTMKIVASTRLSKAEKAKISAKKMDEAEQLFYKNAETKNLDVEATETGAPKELIVAITSD
KGLCGSIHSQLAKAVRRHLNDQPNADIVTIGDKIKMQLLRTHPNNIKLSINGIGKDAPTFQESALIADKLLSVMKAGTYP
KISIFYNDPVSSLSFEPSEKPIFNAKTIEQSPSFGKFEIDTDANVPRDLFEYTLANQMLTAMAQGYAAEISARRNAMDNA
SKNAGDMINRYSILYNRTRQAVITNELVDIITGASSLG
;
G
5 'polypeptide(L)'
;AEAAAASSGLKLQFALPHETLYSGSEVTQVNLPAKSGRIGVLANHVPTVEQLLPGVVEVMEGSNSKKFFISGGFATVQPD
SQLCVTAIEAFPLESFSQENIKNLLAEAKKNVSSSDAREAAEAAIQVEVLENLQSVLK
;
H
6 'polypeptide(L)' SAWRKAGISYAAYLNVAAQAIRSSLKTELQTASVLNRSQTDAFYTQYKNGTAASEPTPITK I
7 'polypeptide(L)'
;ASKAAAPPPVRLFGVEGTYATALYQAAAKNSSIDAAFQSLQKVESTVKKNPKLGHLLLNPALSLKDRNSVIDAIVETHKN
LDGYVVNLLKVLSENNRLGCFEKIASDFGVLNDAHNGLLKGTVTSAEPLDPKSFKRIEKALSASKLVGQGKSLKLENVVK
PEIKGGLIVELGDKTVDLSISTKIQKLNKVLEDSI
;
O
8 'polypeptide(L)'
;SPLDQFEIRTLFGLQSSFIDLSCLNLTTFSLYTIIVLLVITSLYTLTNNNNKIIGSRWLISQEAIYDTIMNMTKGQIGGK
NWGLYFPMIFTLFMFIFIANLISMIPYSFALSAHLVFIISLSIVIWLGNTILGLYKHGWVFFSLFVPAGTPLPLVPLLVI
IETLSYFARAISLGLRLGSNILAGHLLMVILAGLTFNFMLINLFTLVFGFVPLAMILAIMMLEFAIGIIQGYVWAILTAS
YLKDAVYLH
;
T
9 'polypeptide(L)'
;MSSTPEKQTDPKAKANSIINAIPGNNILTKTGVLGTSAAAVIYAISNELYVINDESILLLTFLGFTGLVAKYLAPAYKDF
ADARMKKVSDVLNASRNKHVEAVKDRIDSVSQLQNVAETTKVLFDVSKETVELESEAFELKQKVELAHEAKAVLDSWVRY
EASLRQLEQRQLAKSVISRVQSELGNPKFQEKVLQQSISEIEQLLSKLK
;
U
10 'polypeptide(L)'
;SLAKSAANKLDWAKVISSLRITGSTATQLSSFKKRNDEARRQLLELQSQPTEVDFSHYRSVLKNTSVIDKIESYVKQYKP
VKIDASKQLQVIESFEKHAMTNAKETESLVSKELKDLQSTLDNIQSARPFDELTVDDLTKIKPEIDAKVEEMVKKGKWDV
PGYKDRFGNLNVM
;
V
11 'polypeptide(L)'
;VSTLIPPKVVSSKNIGSAPNAKRIANVVHFYKSLPQGPAPAIKANTRLARYKAKYFDGDNASGKPLWHFALGIIAFGYSM
EYYFHLRHHKGAEEH
;
W
12 'polypeptide(L)'
;NVIQDLYLRELKDTKLAPSTLQDAEGNVKPWNPPQKPNLPELELQGPEALKAYTEQNVETAHVAKESEEGESEPIEEDWL
VLDDAEETKESH
;
X
13 'polypeptide(L)' MLKRFPTPILKVYWPFFVAGAAVYYGMSKAADLSSNTKEFINDPRNPRFAKGGKFVEVD Y
14 'polypeptide(L)' MPQLVPFYFMNQLTYGFLLMITLLILFSQFFLPMILRLYVSRLFISKL Z
#
# COMPACT_ATOMS: atom_id res chain seq x y z
N MET A 1 -49.49 -7.31 -112.81
CA MET A 1 -50.27 -6.11 -112.43
C MET A 1 -49.61 -5.13 -111.44
N GLN A 2 -49.86 -3.76 -111.60
CA GLN A 2 -49.23 -2.70 -110.88
C GLN A 2 -49.54 -2.78 -109.38
N LEU A 3 -50.76 -3.18 -109.00
CA LEU A 3 -51.30 -3.26 -107.72
C LEU A 3 -50.50 -4.16 -106.86
N VAL A 4 -50.10 -5.39 -107.27
CA VAL A 4 -49.35 -6.35 -106.47
C VAL A 4 -47.95 -5.77 -106.28
N LEU A 5 -47.34 -5.22 -107.32
CA LEU A 5 -45.96 -4.78 -107.18
C LEU A 5 -45.84 -3.62 -106.14
N ALA A 6 -46.86 -2.71 -106.21
CA ALA A 6 -46.95 -1.52 -105.31
C ALA A 6 -47.08 -1.84 -103.84
N ALA A 7 -47.94 -2.85 -103.54
CA ALA A 7 -48.26 -3.53 -102.29
C ALA A 7 -47.05 -4.18 -101.71
N LYS A 8 -46.20 -4.92 -102.38
CA LYS A 8 -44.99 -5.56 -101.91
C LYS A 8 -43.99 -4.55 -101.48
N TYR A 9 -43.80 -3.43 -102.22
CA TYR A 9 -42.90 -2.38 -101.79
C TYR A 9 -43.31 -1.56 -100.59
N ILE A 10 -44.69 -1.38 -100.52
CA ILE A 10 -45.29 -0.67 -99.41
C ILE A 10 -45.06 -1.36 -98.15
N GLY A 11 -45.43 -2.69 -98.22
CA GLY A 11 -45.50 -3.59 -97.00
C GLY A 11 -44.18 -3.78 -96.29
N ALA A 12 -43.12 -3.91 -97.10
CA ALA A 12 -41.83 -4.09 -96.64
C ALA A 12 -41.26 -2.86 -95.79
N GLY A 13 -41.52 -1.61 -96.31
CA GLY A 13 -41.17 -0.38 -95.62
C GLY A 13 -41.94 -0.22 -94.30
N ILE A 14 -43.28 -0.52 -94.33
CA ILE A 14 -44.16 -0.45 -93.12
C ILE A 14 -43.63 -1.36 -92.00
N SER A 15 -43.20 -2.64 -92.38
CA SER A 15 -42.70 -3.58 -91.42
C SER A 15 -41.49 -3.03 -90.62
N THR A 16 -40.53 -2.31 -91.28
CA THR A 16 -39.32 -1.60 -90.77
C THR A 16 -39.59 -0.71 -89.64
N ILE A 17 -40.78 -0.15 -89.52
CA ILE A 17 -41.24 0.75 -88.43
C ILE A 17 -41.13 0.01 -87.11
N GLY A 18 -41.54 -1.25 -87.11
CA GLY A 18 -41.42 -2.12 -85.95
C GLY A 18 -40.04 -2.35 -85.36
N LEU A 19 -38.99 -2.34 -86.31
CA LEU A 19 -37.62 -2.78 -86.08
C LEU A 19 -36.90 -1.95 -85.05
N LEU A 20 -37.28 -0.66 -84.98
CA LEU A 20 -36.71 0.36 -84.04
C LEU A 20 -36.78 -0.09 -82.58
N GLY A 21 -37.89 -0.80 -82.20
CA GLY A 21 -38.19 -1.34 -80.86
C GLY A 21 -37.17 -2.23 -80.26
N ALA A 22 -36.72 -3.23 -81.09
CA ALA A 22 -35.67 -4.21 -80.80
C ALA A 22 -34.32 -3.52 -80.66
N GLY A 23 -34.04 -2.42 -81.43
CA GLY A 23 -32.90 -1.58 -81.27
C GLY A 23 -32.98 -0.83 -79.95
N ILE A 24 -34.22 -0.33 -79.54
CA ILE A 24 -34.42 0.32 -78.22
C ILE A 24 -34.13 -0.73 -77.19
N GLY A 25 -34.64 -2.00 -77.34
CA GLY A 25 -34.58 -2.98 -76.32
C GLY A 25 -33.16 -3.31 -75.93
N ILE A 26 -32.25 -3.59 -76.92
CA ILE A 26 -30.83 -3.90 -76.80
C ILE A 26 -30.16 -2.90 -75.92
N ALA A 27 -30.35 -1.57 -76.09
CA ALA A 27 -29.62 -0.65 -75.33
C ALA A 27 -29.90 -0.71 -73.86
N ILE A 28 -31.16 -0.96 -73.45
CA ILE A 28 -31.48 -1.06 -72.07
C ILE A 28 -30.72 -2.19 -71.41
N VAL A 29 -30.52 -3.34 -72.11
CA VAL A 29 -29.83 -4.46 -71.46
C VAL A 29 -28.43 -4.21 -71.12
N PHE A 30 -27.65 -3.55 -72.09
CA PHE A 30 -26.27 -3.14 -71.95
C PHE A 30 -26.25 -2.12 -70.81
N ALA A 31 -27.27 -1.24 -70.64
CA ALA A 31 -27.35 -0.28 -69.56
C ALA A 31 -27.30 -0.91 -68.23
N ALA A 32 -28.03 -2.05 -68.05
CA ALA A 32 -28.14 -2.79 -66.83
C ALA A 32 -26.89 -3.58 -66.43
N LEU A 33 -26.12 -4.15 -67.39
CA LEU A 33 -24.91 -4.76 -67.19
C LEU A 33 -23.91 -3.87 -66.50
N ILE A 34 -23.73 -2.67 -67.04
CA ILE A 34 -22.76 -1.64 -66.72
C ILE A 34 -23.13 -1.22 -65.30
N ASN A 35 -24.44 -0.94 -64.98
CA ASN A 35 -24.93 -0.55 -63.62
C ASN A 35 -24.76 -1.54 -62.51
N GLY A 36 -24.86 -2.85 -62.91
CA GLY A 36 -24.54 -3.98 -62.09
C GLY A 36 -23.13 -4.08 -61.59
N VAL A 37 -22.17 -3.93 -62.55
CA VAL A 37 -20.77 -3.98 -62.31
C VAL A 37 -20.25 -2.85 -61.48
N SER A 38 -20.69 -1.62 -61.71
CA SER A 38 -20.30 -0.47 -60.95
C SER A 38 -20.63 -0.45 -59.48
N ARG A 39 -21.94 -0.89 -59.28
CA ARG A 39 -22.49 -0.95 -58.00
C ARG A 39 -21.84 -2.03 -57.14
N ASN A 40 -21.18 -3.05 -57.70
CA ASN A 40 -20.56 -4.16 -56.91
C ASN A 40 -19.57 -4.68 -57.91
N PRO A 41 -18.27 -4.31 -57.85
CA PRO A 41 -17.24 -4.77 -58.78
C PRO A 41 -16.77 -6.10 -58.34
N SER A 42 -17.49 -7.16 -58.81
CA SER A 42 -17.20 -8.60 -58.52
C SER A 42 -18.35 -9.49 -58.99
N ILE A 43 -19.37 -8.90 -59.62
CA ILE A 43 -20.57 -9.61 -59.93
C ILE A 43 -20.49 -10.34 -61.27
N LYS A 44 -19.54 -9.93 -62.05
CA LYS A 44 -19.51 -10.16 -63.49
C LYS A 44 -19.63 -11.62 -63.91
N ASP A 45 -19.07 -12.60 -63.19
CA ASP A 45 -19.17 -13.96 -63.65
C ASP A 45 -20.61 -14.41 -63.53
N THR A 46 -21.36 -13.93 -62.49
CA THR A 46 -22.84 -14.24 -62.37
C THR A 46 -23.70 -13.52 -63.26
N VAL A 47 -23.47 -12.21 -63.33
CA VAL A 47 -24.26 -11.24 -64.10
C VAL A 47 -24.08 -11.33 -65.59
N PHE A 48 -22.84 -11.64 -66.15
CA PHE A 48 -22.63 -11.64 -67.55
C PHE A 48 -23.48 -12.70 -68.30
N PRO A 49 -23.71 -13.93 -67.79
CA PRO A 49 -24.58 -14.89 -68.51
C PRO A 49 -25.98 -14.30 -68.56
N MET A 50 -26.55 -13.59 -67.42
CA MET A 50 -27.89 -13.00 -67.46
C MET A 50 -27.90 -11.96 -68.44
N ALA A 51 -26.84 -11.21 -68.64
CA ALA A 51 -26.70 -10.13 -69.59
C ALA A 51 -26.90 -10.60 -71.01
N ILE A 52 -26.22 -11.75 -71.43
CA ILE A 52 -26.26 -12.32 -72.73
C ILE A 52 -27.63 -12.89 -73.06
N LEU A 53 -28.33 -13.44 -72.02
CA LEU A 53 -29.70 -13.89 -72.17
C LEU A 53 -30.71 -12.81 -72.56
N GLY A 54 -30.65 -11.66 -71.72
CA GLY A 54 -31.49 -10.49 -71.85
C GLY A 54 -31.36 -9.81 -73.19
N PHE A 55 -30.11 -9.64 -73.52
CA PHE A 55 -29.75 -9.12 -74.84
C PHE A 55 -30.26 -9.91 -76.04
N ALA A 56 -30.07 -11.23 -76.01
CA ALA A 56 -30.33 -12.18 -77.11
C ALA A 56 -31.79 -12.35 -77.42
N LEU A 57 -32.64 -12.56 -76.39
CA LEU A 57 -34.08 -12.76 -76.55
C LEU A 57 -34.72 -11.47 -77.00
N SER A 58 -34.26 -10.22 -76.55
CA SER A 58 -34.61 -8.95 -77.11
C SER A 58 -34.20 -8.80 -78.57
N GLU A 59 -32.96 -9.23 -78.92
CA GLU A 59 -32.49 -9.23 -80.33
C GLU A 59 -33.34 -10.08 -81.29
N ALA A 60 -33.97 -11.22 -80.82
CA ALA A 60 -34.83 -12.14 -81.55
C ALA A 60 -36.15 -11.54 -82.13
N THR A 61 -36.84 -10.67 -81.35
CA THR A 61 -38.05 -9.95 -81.71
C THR A 61 -37.91 -9.00 -82.89
N GLY A 62 -36.72 -8.33 -83.00
CA GLY A 62 -36.19 -7.59 -84.08
C GLY A 62 -35.84 -8.37 -85.29
N LEU A 63 -35.16 -9.55 -85.14
CA LEU A 63 -34.86 -10.47 -86.12
C LEU A 63 -36.11 -11.03 -86.76
N PHE A 64 -37.18 -11.36 -86.02
CA PHE A 64 -38.48 -11.80 -86.58
C PHE A 64 -39.16 -10.76 -87.43
N CYS A 65 -39.09 -9.46 -87.03
CA CYS A 65 -39.58 -8.30 -87.76
C CYS A 65 -38.92 -8.13 -89.10
N LEU A 66 -37.60 -8.28 -89.19
CA LEU A 66 -36.82 -8.17 -90.45
C LEU A 66 -37.17 -9.25 -91.47
N MET A 67 -37.50 -10.48 -90.98
CA MET A 67 -37.83 -11.63 -91.74
C MET A 67 -39.10 -11.46 -92.53
N VAL A 68 -40.21 -10.88 -91.93
CA VAL A 68 -41.47 -10.59 -92.55
C VAL A 68 -41.31 -9.52 -93.57
N SER A 69 -40.34 -8.60 -93.33
CA SER A 69 -39.96 -7.55 -94.24
C SER A 69 -39.45 -8.10 -95.52
N PHE A 70 -38.60 -9.12 -95.46
CA PHE A 70 -38.08 -9.76 -96.66
C PHE A 70 -39.12 -10.58 -97.40
N LEU A 71 -40.06 -11.29 -96.69
CA LEU A 71 -41.22 -11.93 -97.34
C LEU A 71 -42.15 -10.96 -98.10
N LEU A 72 -42.48 -9.75 -97.65
CA LEU A 72 -43.32 -8.82 -98.32
C LEU A 72 -42.64 -8.31 -99.56
N LEU A 73 -41.27 -8.19 -99.55
CA LEU A 73 -40.51 -7.64 -100.65
C LEU A 73 -40.61 -8.57 -101.88
N PHE A 74 -40.68 -9.87 -101.70
CA PHE A 74 -40.44 -10.83 -102.72
C PHE A 74 -41.63 -11.80 -102.81
N GLY A 75 -42.82 -11.43 -102.19
CA GLY A 75 -44.15 -11.99 -102.08
C GLY A 75 -44.38 -13.08 -103.15
N MET B 1 -59.09 -9.49 -107.83
CA MET B 1 -58.27 -10.46 -106.99
C MET B 1 -57.00 -9.83 -106.61
N GLN B 2 -56.40 -9.01 -107.55
CA GLN B 2 -55.08 -8.34 -107.44
C GLN B 2 -55.19 -7.42 -106.29
N LEU B 3 -56.34 -6.72 -106.11
CA LEU B 3 -56.60 -5.83 -104.97
C LEU B 3 -56.59 -6.50 -103.62
N VAL B 4 -57.34 -7.62 -103.55
CA VAL B 4 -57.43 -8.41 -102.30
C VAL B 4 -56.10 -9.01 -101.85
N LEU B 5 -55.26 -9.43 -102.83
CA LEU B 5 -53.96 -9.94 -102.66
C LEU B 5 -53.03 -8.77 -102.27
N ALA B 6 -53.23 -7.52 -102.79
CA ALA B 6 -52.42 -6.33 -102.44
C ALA B 6 -52.63 -6.04 -100.97
N ALA B 7 -53.90 -6.18 -100.46
CA ALA B 7 -54.43 -5.97 -99.09
C ALA B 7 -53.70 -6.83 -98.17
N LYS B 8 -53.43 -8.15 -98.54
CA LYS B 8 -52.84 -9.06 -97.62
C LYS B 8 -51.49 -8.64 -97.23
N TYR B 9 -50.70 -8.24 -98.24
CA TYR B 9 -49.28 -7.82 -98.03
C TYR B 9 -49.17 -6.67 -97.21
N ILE B 10 -50.10 -5.71 -97.36
CA ILE B 10 -50.15 -4.37 -96.61
C ILE B 10 -50.46 -4.57 -95.16
N GLY B 11 -51.58 -5.36 -94.84
CA GLY B 11 -52.03 -5.64 -93.50
C GLY B 11 -51.05 -6.35 -92.64
N ALA B 12 -50.27 -7.28 -93.30
CA ALA B 12 -49.20 -7.99 -92.71
C ALA B 12 -48.07 -7.00 -92.29
N GLY B 13 -47.64 -5.99 -93.13
CA GLY B 13 -46.67 -5.04 -92.84
C GLY B 13 -47.11 -4.28 -91.63
N ILE B 14 -48.41 -3.82 -91.57
CA ILE B 14 -48.88 -3.14 -90.32
C ILE B 14 -48.76 -3.98 -89.04
N SER B 15 -49.11 -5.23 -89.15
CA SER B 15 -49.07 -6.16 -88.06
C SER B 15 -47.75 -6.48 -87.36
N THR B 16 -46.65 -6.49 -88.14
CA THR B 16 -45.32 -6.60 -87.74
C THR B 16 -44.81 -5.52 -86.77
N ILE B 17 -45.37 -4.32 -86.84
CA ILE B 17 -45.15 -3.16 -85.96
C ILE B 17 -45.36 -3.51 -84.48
N GLY B 18 -46.36 -4.32 -84.14
CA GLY B 18 -46.79 -4.73 -82.83
C GLY B 18 -45.79 -5.43 -82.00
N LEU B 19 -44.73 -6.08 -82.66
CA LEU B 19 -43.61 -6.71 -82.05
C LEU B 19 -42.75 -5.80 -81.17
N LEU B 20 -42.65 -4.47 -81.47
CA LEU B 20 -41.81 -3.52 -80.68
C LEU B 20 -42.08 -3.50 -79.23
N GLY B 21 -43.36 -3.67 -78.75
CA GLY B 21 -43.66 -3.81 -77.33
C GLY B 21 -43.15 -4.96 -76.57
N ALA B 22 -43.17 -6.16 -77.21
CA ALA B 22 -42.57 -7.36 -76.54
C ALA B 22 -41.16 -7.21 -76.35
N GLY B 23 -40.34 -6.63 -77.30
CA GLY B 23 -38.93 -6.36 -77.38
C GLY B 23 -38.41 -5.43 -76.32
N ILE B 24 -39.15 -4.37 -76.05
CA ILE B 24 -38.89 -3.43 -74.95
C ILE B 24 -39.18 -4.10 -73.63
N GLY B 25 -40.27 -4.87 -73.58
CA GLY B 25 -40.59 -5.61 -72.43
C GLY B 25 -39.53 -6.63 -71.98
N ILE B 26 -38.90 -7.38 -72.91
CA ILE B 26 -37.86 -8.37 -72.68
C ILE B 26 -36.76 -7.72 -71.98
N ALA B 27 -36.32 -6.53 -72.42
CA ALA B 27 -35.24 -5.72 -71.85
C ALA B 27 -35.50 -5.29 -70.41
N ILE B 28 -36.76 -4.81 -70.09
CA ILE B 28 -37.16 -4.29 -68.78
C ILE B 28 -37.10 -5.32 -67.75
N VAL B 29 -37.52 -6.59 -68.06
CA VAL B 29 -37.55 -7.70 -67.15
C VAL B 29 -36.14 -8.08 -66.73
N PHE B 30 -35.20 -8.23 -67.71
CA PHE B 30 -33.84 -8.61 -67.57
C PHE B 30 -32.98 -7.60 -66.88
N ALA B 31 -33.20 -6.30 -67.16
CA ALA B 31 -32.49 -5.18 -66.57
C ALA B 31 -32.68 -5.08 -65.05
N ALA B 32 -33.97 -5.32 -64.64
CA ALA B 32 -34.43 -5.43 -63.25
C ALA B 32 -33.67 -6.52 -62.55
N LEU B 33 -33.53 -7.72 -63.16
CA LEU B 33 -32.83 -8.93 -62.71
C LEU B 33 -31.37 -8.69 -62.40
N ILE B 34 -30.61 -8.00 -63.29
CA ILE B 34 -29.23 -7.78 -63.02
C ILE B 34 -28.97 -6.87 -61.84
N ASN B 35 -29.72 -5.77 -61.73
CA ASN B 35 -29.67 -4.79 -60.65
C ASN B 35 -29.97 -5.36 -59.34
N GLY B 36 -31.06 -6.21 -59.28
CA GLY B 36 -31.58 -6.79 -58.03
C GLY B 36 -30.53 -7.65 -57.37
N VAL B 37 -29.93 -8.45 -58.24
CA VAL B 37 -28.91 -9.34 -57.79
C VAL B 37 -27.71 -8.71 -57.36
N SER B 38 -27.28 -7.61 -58.02
CA SER B 38 -25.96 -7.01 -57.78
C SER B 38 -25.93 -6.29 -56.43
N ARG B 39 -27.13 -5.79 -55.96
CA ARG B 39 -27.35 -5.11 -54.74
C ARG B 39 -27.12 -6.09 -53.68
N ASN B 40 -27.76 -7.31 -53.77
CA ASN B 40 -27.74 -8.27 -52.69
C ASN B 40 -26.74 -9.39 -52.76
N PRO B 41 -26.10 -9.75 -53.85
CA PRO B 41 -25.63 -11.03 -54.28
C PRO B 41 -26.48 -12.25 -54.19
N SER B 42 -26.92 -12.66 -53.00
CA SER B 42 -27.32 -13.97 -52.76
C SER B 42 -28.75 -14.27 -53.17
N ILE B 43 -29.57 -13.29 -53.60
CA ILE B 43 -30.95 -13.51 -53.89
C ILE B 43 -31.22 -14.27 -55.15
N LYS B 44 -30.23 -14.38 -56.06
CA LYS B 44 -30.37 -14.81 -57.42
C LYS B 44 -31.05 -16.06 -57.73
N ASP B 45 -30.96 -17.04 -56.79
CA ASP B 45 -31.55 -18.30 -56.95
C ASP B 45 -33.03 -18.28 -57.17
N THR B 46 -33.73 -17.56 -56.31
CA THR B 46 -35.17 -17.39 -56.34
C THR B 46 -35.58 -16.54 -57.50
N VAL B 47 -34.86 -15.41 -57.65
CA VAL B 47 -35.21 -14.31 -58.56
C VAL B 47 -35.07 -14.70 -60.07
N PHE B 48 -34.07 -15.57 -60.37
CA PHE B 48 -33.80 -16.00 -61.72
C PHE B 48 -34.86 -16.71 -62.48
N PRO B 49 -35.61 -17.73 -61.95
CA PRO B 49 -36.75 -18.40 -62.61
C PRO B 49 -37.87 -17.40 -62.84
N MET B 50 -38.07 -16.36 -61.93
CA MET B 50 -39.11 -15.37 -61.96
C MET B 50 -38.83 -14.48 -63.17
N ALA B 51 -37.59 -14.24 -63.45
CA ALA B 51 -37.16 -13.51 -64.61
C ALA B 51 -37.40 -14.25 -65.86
N ILE B 52 -37.19 -15.59 -65.96
CA ILE B 52 -37.41 -16.41 -67.15
C ILE B 52 -38.87 -16.47 -67.59
N LEU B 53 -39.70 -16.64 -66.53
CA LEU B 53 -41.15 -16.65 -66.66
C LEU B 53 -41.65 -15.35 -67.26
N GLY B 54 -41.07 -14.18 -66.82
CA GLY B 54 -41.38 -12.84 -67.17
C GLY B 54 -41.14 -12.47 -68.58
N PHE B 55 -39.90 -12.92 -69.08
CA PHE B 55 -39.64 -12.74 -70.51
C PHE B 55 -40.62 -13.51 -71.34
N ALA B 56 -40.92 -14.84 -71.10
CA ALA B 56 -41.67 -15.64 -71.90
C ALA B 56 -43.05 -15.20 -72.15
N LEU B 57 -43.71 -14.70 -71.10
CA LEU B 57 -45.11 -14.20 -71.10
C LEU B 57 -45.18 -12.89 -71.98
N SER B 58 -44.11 -12.05 -71.84
CA SER B 58 -44.01 -10.84 -72.71
C SER B 58 -43.85 -11.10 -74.19
N GLU B 59 -42.99 -12.08 -74.51
CA GLU B 59 -42.77 -12.62 -75.81
C GLU B 59 -43.99 -13.34 -76.46
N ALA B 60 -44.74 -14.02 -75.64
CA ALA B 60 -45.95 -14.68 -76.05
C ALA B 60 -47.00 -13.80 -76.71
N THR B 61 -47.19 -12.58 -76.09
CA THR B 61 -47.97 -11.49 -76.59
C THR B 61 -47.46 -10.92 -77.84
N GLY B 62 -46.13 -10.73 -78.01
CA GLY B 62 -45.48 -10.32 -79.22
C GLY B 62 -45.71 -11.26 -80.36
N LEU B 63 -45.69 -12.60 -80.04
CA LEU B 63 -45.86 -13.66 -80.98
C LEU B 63 -47.23 -13.67 -81.57
N PHE B 64 -48.27 -13.23 -80.76
CA PHE B 64 -49.62 -13.11 -81.28
C PHE B 64 -49.70 -12.09 -82.40
N CYS B 65 -48.98 -10.99 -82.42
CA CYS B 65 -48.72 -10.08 -83.48
C CYS B 65 -48.00 -10.71 -84.67
N LEU B 66 -46.98 -11.57 -84.52
CA LEU B 66 -46.27 -12.20 -85.58
C LEU B 66 -47.12 -13.20 -86.42
N MET B 67 -47.88 -14.02 -85.72
CA MET B 67 -48.61 -15.12 -86.24
C MET B 67 -49.70 -14.48 -87.08
N VAL B 68 -50.29 -13.32 -86.72
CA VAL B 68 -51.26 -12.55 -87.50
C VAL B 68 -50.62 -12.02 -88.75
N SER B 69 -49.37 -11.62 -88.62
CA SER B 69 -48.57 -11.16 -89.72
C SER B 69 -48.42 -12.21 -90.83
N PHE B 70 -48.16 -13.50 -90.53
CA PHE B 70 -48.08 -14.65 -91.41
C PHE B 70 -49.50 -15.03 -91.86
N LEU B 71 -50.53 -14.91 -90.98
CA LEU B 71 -51.87 -15.11 -91.36
C LEU B 71 -52.48 -14.09 -92.36
N LEU B 72 -52.13 -12.75 -92.27
CA LEU B 72 -52.54 -11.70 -93.13
C LEU B 72 -51.82 -11.84 -94.47
N LEU B 73 -50.61 -12.35 -94.46
CA LEU B 73 -49.79 -12.64 -95.63
C LEU B 73 -50.28 -13.75 -96.48
N PHE B 74 -50.49 -14.92 -95.90
CA PHE B 74 -50.87 -16.05 -96.68
C PHE B 74 -52.35 -15.93 -96.94
N GLY B 75 -53.26 -15.76 -95.95
CA GLY B 75 -54.69 -16.01 -96.21
C GLY B 75 -54.96 -17.50 -95.97
N MET C 1 -66.58 -5.35 -105.80
CA MET C 1 -66.75 -6.39 -104.64
C MET C 1 -65.53 -6.26 -103.87
N GLN C 2 -64.44 -6.14 -104.61
CA GLN C 2 -63.01 -6.36 -104.23
C GLN C 2 -62.71 -5.42 -103.12
N LEU C 3 -63.36 -4.22 -103.20
CA LEU C 3 -63.15 -3.14 -102.22
C LEU C 3 -63.43 -3.49 -100.78
N VAL C 4 -64.54 -4.24 -100.51
CA VAL C 4 -65.05 -4.60 -99.27
C VAL C 4 -64.06 -5.51 -98.55
N LEU C 5 -63.49 -6.56 -99.25
CA LEU C 5 -62.54 -7.48 -98.74
C LEU C 5 -61.20 -6.85 -98.57
N ALA C 6 -60.76 -5.98 -99.48
CA ALA C 6 -59.49 -5.34 -99.41
C ALA C 6 -59.42 -4.62 -98.08
N ALA C 7 -60.46 -3.84 -97.77
CA ALA C 7 -60.59 -3.11 -96.51
C ALA C 7 -60.68 -3.90 -95.25
N LYS C 8 -61.42 -5.10 -95.28
CA LYS C 8 -61.55 -6.00 -94.16
C LYS C 8 -60.20 -6.48 -93.57
N TYR C 9 -59.31 -6.93 -94.52
CA TYR C 9 -58.03 -7.48 -94.12
C TYR C 9 -57.13 -6.33 -93.59
N ILE C 10 -57.28 -5.10 -94.17
CA ILE C 10 -56.53 -3.91 -93.78
C ILE C 10 -56.84 -3.46 -92.37
N GLY C 11 -58.13 -3.40 -91.99
CA GLY C 11 -58.61 -3.06 -90.69
C GLY C 11 -58.08 -4.05 -89.62
N ALA C 12 -57.99 -5.33 -89.93
CA ALA C 12 -57.44 -6.41 -89.15
C ALA C 12 -55.97 -6.16 -88.83
N GLY C 13 -55.15 -5.74 -89.74
CA GLY C 13 -53.81 -5.30 -89.54
C GLY C 13 -53.71 -4.13 -88.66
N ILE C 14 -54.50 -3.03 -88.84
CA ILE C 14 -54.37 -1.82 -88.12
C ILE C 14 -54.59 -2.05 -86.61
N SER C 15 -55.64 -2.85 -86.21
CA SER C 15 -56.03 -3.17 -84.89
C SER C 15 -54.97 -3.86 -84.05
N THR C 16 -54.19 -4.75 -84.71
CA THR C 16 -53.07 -5.50 -84.18
C THR C 16 -51.98 -4.75 -83.53
N ILE C 17 -51.71 -3.45 -83.90
CA ILE C 17 -50.81 -2.59 -83.15
C ILE C 17 -51.14 -2.47 -81.70
N GLY C 18 -52.45 -2.51 -81.31
CA GLY C 18 -52.96 -2.41 -79.97
C GLY C 18 -52.42 -3.39 -78.95
N LEU C 19 -52.11 -4.62 -79.36
CA LEU C 19 -51.53 -5.69 -78.55
C LEU C 19 -50.33 -5.30 -77.80
N LEU C 20 -49.52 -4.51 -78.47
CA LEU C 20 -48.21 -4.20 -78.06
C LEU C 20 -48.16 -3.60 -76.68
N GLY C 21 -49.11 -2.72 -76.21
CA GLY C 21 -49.00 -2.01 -74.96
C GLY C 21 -48.98 -2.93 -73.79
N ALA C 22 -49.86 -3.97 -73.79
CA ALA C 22 -50.10 -4.91 -72.79
C ALA C 22 -48.93 -5.79 -72.73
N GLY C 23 -48.19 -5.98 -73.87
CA GLY C 23 -46.92 -6.72 -73.85
C GLY C 23 -45.88 -6.15 -72.91
N ILE C 24 -45.81 -4.81 -72.97
CA ILE C 24 -44.93 -3.98 -72.16
C ILE C 24 -45.39 -4.04 -70.68
N GLY C 25 -46.78 -4.10 -70.52
CA GLY C 25 -47.48 -4.16 -69.24
C GLY C 25 -47.17 -5.45 -68.52
N ILE C 26 -47.15 -6.66 -69.21
CA ILE C 26 -46.74 -7.96 -68.59
C ILE C 26 -45.31 -7.88 -68.05
N ALA C 27 -44.45 -7.32 -68.92
CA ALA C 27 -43.10 -7.11 -68.64
C ALA C 27 -42.89 -6.13 -67.40
N ILE C 28 -43.66 -5.06 -67.31
CA ILE C 28 -43.48 -4.08 -66.22
C ILE C 28 -43.72 -4.74 -64.89
N VAL C 29 -44.78 -5.66 -64.83
CA VAL C 29 -45.27 -6.40 -63.65
C VAL C 29 -44.25 -7.35 -63.14
N PHE C 30 -43.58 -8.06 -64.07
CA PHE C 30 -42.50 -8.96 -63.80
C PHE C 30 -41.19 -8.25 -63.32
N ALA C 31 -40.81 -7.09 -63.89
CA ALA C 31 -39.69 -6.25 -63.52
C ALA C 31 -39.85 -5.65 -62.15
N ALA C 32 -41.13 -5.28 -61.85
CA ALA C 32 -41.57 -4.66 -60.59
C ALA C 32 -41.38 -5.60 -59.45
N LEU C 33 -41.78 -6.88 -59.71
CA LEU C 33 -41.71 -8.04 -58.86
C LEU C 33 -40.29 -8.33 -58.41
N ILE C 34 -39.35 -8.31 -59.39
CA ILE C 34 -37.97 -8.50 -59.14
C ILE C 34 -37.33 -7.44 -58.25
N ASN C 35 -37.77 -6.14 -58.48
CA ASN C 35 -37.26 -5.04 -57.65
C ASN C 35 -37.76 -5.15 -56.22
N GLY C 36 -39.07 -5.54 -56.10
CA GLY C 36 -39.75 -5.70 -54.83
C GLY C 36 -39.13 -6.71 -53.93
N VAL C 37 -38.71 -7.85 -54.45
CA VAL C 37 -37.98 -8.92 -53.79
C VAL C 37 -36.59 -8.53 -53.33
N SER C 38 -35.83 -7.82 -54.11
CA SER C 38 -34.43 -7.37 -53.78
C SER C 38 -34.40 -6.32 -52.67
N ARG C 39 -35.50 -5.50 -52.59
CA ARG C 39 -35.51 -4.34 -51.72
C ARG C 39 -36.00 -4.82 -50.36
N ASN C 40 -36.53 -6.06 -50.35
CA ASN C 40 -36.96 -6.68 -49.14
C ASN C 40 -37.45 -8.10 -49.46
N PRO C 41 -36.85 -9.21 -48.97
CA PRO C 41 -37.20 -10.50 -49.49
C PRO C 41 -38.06 -11.28 -48.60
N SER C 42 -38.35 -10.66 -47.40
CA SER C 42 -39.19 -11.29 -46.38
C SER C 42 -40.68 -11.04 -46.57
N ILE C 43 -41.06 -9.99 -47.26
CA ILE C 43 -42.39 -9.62 -47.60
C ILE C 43 -42.99 -10.41 -48.72
N LYS C 44 -42.13 -11.10 -49.48
CA LYS C 44 -42.30 -11.71 -50.75
C LYS C 44 -43.50 -12.67 -50.98
N ASP C 45 -43.90 -13.53 -49.98
CA ASP C 45 -44.94 -14.52 -50.09
C ASP C 45 -46.32 -13.80 -50.15
N THR C 46 -46.39 -12.66 -49.43
CA THR C 46 -47.60 -11.77 -49.29
C THR C 46 -47.76 -11.05 -50.54
N VAL C 47 -46.56 -10.70 -51.13
CA VAL C 47 -46.47 -9.93 -52.39
C VAL C 47 -46.88 -10.73 -53.56
N PHE C 48 -46.65 -12.05 -53.45
CA PHE C 48 -46.79 -13.02 -54.58
C PHE C 48 -48.14 -13.10 -55.25
N PRO C 49 -49.21 -13.12 -54.45
CA PRO C 49 -50.60 -13.07 -55.05
C PRO C 49 -50.88 -11.76 -55.77
N MET C 50 -50.40 -10.60 -55.23
CA MET C 50 -50.80 -9.32 -55.73
C MET C 50 -50.23 -9.18 -57.16
N ALA C 51 -48.98 -9.71 -57.37
CA ALA C 51 -48.26 -9.74 -58.67
C ALA C 51 -48.91 -10.57 -59.74
N ILE C 52 -49.35 -11.76 -59.32
CA ILE C 52 -50.05 -12.70 -60.17
C ILE C 52 -51.44 -12.08 -60.59
N LEU C 53 -52.13 -11.37 -59.66
CA LEU C 53 -53.38 -10.69 -59.96
C LEU C 53 -53.13 -9.55 -60.98
N GLY C 54 -52.07 -8.77 -60.76
CA GLY C 54 -51.68 -7.63 -61.61
C GLY C 54 -51.34 -8.09 -62.97
N PHE C 55 -50.64 -9.23 -63.20
CA PHE C 55 -50.30 -9.79 -64.49
C PHE C 55 -51.50 -10.07 -65.36
N ALA C 56 -52.55 -10.68 -64.73
CA ALA C 56 -53.76 -11.18 -65.29
C ALA C 56 -54.59 -10.02 -65.83
N LEU C 57 -54.73 -8.99 -64.95
CA LEU C 57 -55.54 -7.87 -65.31
C LEU C 57 -54.89 -7.05 -66.43
N SER C 58 -53.53 -6.99 -66.48
CA SER C 58 -52.72 -6.36 -67.58
C SER C 58 -52.97 -7.19 -68.85
N GLU C 59 -52.88 -8.53 -68.68
CA GLU C 59 -52.86 -9.44 -69.77
C GLU C 59 -54.13 -9.35 -70.46
N ALA C 60 -55.31 -9.19 -69.79
CA ALA C 60 -56.67 -9.01 -70.35
C ALA C 60 -56.92 -8.00 -71.42
N THR C 61 -56.37 -6.80 -71.25
CA THR C 61 -56.59 -5.65 -72.18
C THR C 61 -56.06 -6.00 -73.54
N GLY C 62 -54.92 -6.73 -73.56
CA GLY C 62 -54.33 -7.16 -74.81
C GLY C 62 -55.14 -8.22 -75.38
N LEU C 63 -55.74 -9.16 -74.57
CA LEU C 63 -56.57 -10.28 -75.16
C LEU C 63 -57.89 -9.65 -75.73
N PHE C 64 -58.40 -8.50 -75.11
CA PHE C 64 -59.48 -7.85 -75.73
C PHE C 64 -59.17 -7.39 -77.21
N CYS C 65 -57.97 -6.79 -77.38
CA CYS C 65 -57.58 -6.38 -78.73
C CYS C 65 -57.50 -7.50 -79.79
N LEU C 66 -56.85 -8.62 -79.38
CA LEU C 66 -56.64 -9.80 -80.25
C LEU C 66 -57.96 -10.34 -80.78
N MET C 67 -59.00 -10.31 -79.88
CA MET C 67 -60.33 -10.73 -80.22
C MET C 67 -60.98 -9.80 -81.26
N VAL C 68 -60.67 -8.46 -81.13
CA VAL C 68 -61.18 -7.49 -82.07
C VAL C 68 -60.64 -7.71 -83.44
N SER C 69 -59.35 -8.10 -83.59
CA SER C 69 -58.60 -8.45 -84.80
C SER C 69 -59.16 -9.64 -85.62
N PHE C 70 -59.59 -10.72 -84.94
CA PHE C 70 -60.26 -11.82 -85.68
C PHE C 70 -61.68 -11.51 -86.09
N LEU C 71 -62.39 -10.72 -85.27
CA LEU C 71 -63.73 -10.27 -85.64
C LEU C 71 -63.73 -9.46 -86.88
N LEU C 72 -62.71 -8.64 -87.00
CA LEU C 72 -62.44 -7.80 -88.16
C LEU C 72 -62.15 -8.72 -89.38
N LEU C 73 -61.32 -9.77 -89.11
CA LEU C 73 -60.86 -10.71 -90.14
C LEU C 73 -61.95 -11.61 -90.73
N PHE C 74 -62.73 -12.39 -89.99
CA PHE C 74 -63.63 -13.37 -90.50
C PHE C 74 -64.88 -12.73 -90.93
N GLY C 75 -65.29 -11.67 -90.26
CA GLY C 75 -66.55 -10.98 -90.58
C GLY C 75 -66.07 -9.61 -90.95
N GLN D 2 -71.37 -0.74 -100.12
CA GLN D 2 -70.12 -0.78 -100.81
C GLN D 2 -69.14 0.02 -99.95
N LEU D 3 -69.00 1.33 -100.31
CA LEU D 3 -67.97 2.20 -99.80
C LEU D 3 -68.04 2.36 -98.31
N VAL D 4 -69.26 2.45 -97.72
CA VAL D 4 -69.43 2.60 -96.30
C VAL D 4 -69.07 1.31 -95.58
N LEU D 5 -69.33 0.12 -96.15
CA LEU D 5 -69.22 -1.19 -95.50
C LEU D 5 -67.74 -1.39 -95.25
N ALA D 6 -66.92 -1.00 -96.27
CA ALA D 6 -65.46 -1.02 -96.15
C ALA D 6 -64.86 -0.07 -95.03
N ALA D 7 -65.47 1.20 -94.97
CA ALA D 7 -65.03 2.28 -94.15
C ALA D 7 -65.06 2.02 -92.71
N LYS D 8 -66.13 1.31 -92.19
CA LYS D 8 -66.37 0.90 -90.79
C LYS D 8 -65.31 -0.04 -90.34
N TYR D 9 -64.84 -0.93 -91.33
CA TYR D 9 -63.73 -1.81 -90.99
C TYR D 9 -62.45 -1.09 -90.73
N ILE D 10 -62.11 -0.08 -91.52
CA ILE D 10 -60.91 0.72 -91.25
C ILE D 10 -60.95 1.53 -90.01
N GLY D 11 -62.14 2.21 -89.77
CA GLY D 11 -62.28 3.01 -88.51
C GLY D 11 -62.19 2.13 -87.24
N ALA D 12 -62.74 0.91 -87.22
CA ALA D 12 -62.79 0.00 -86.12
C ALA D 12 -61.40 -0.54 -85.72
N GLY D 13 -60.56 -0.77 -86.78
CA GLY D 13 -59.19 -1.14 -86.71
C GLY D 13 -58.43 -0.01 -86.00
N ILE D 14 -58.53 1.27 -86.38
CA ILE D 14 -57.70 2.29 -85.83
C ILE D 14 -57.98 2.56 -84.32
N SER D 15 -59.31 2.55 -83.92
CA SER D 15 -59.86 2.71 -82.59
C SER D 15 -59.37 1.69 -81.64
N THR D 16 -59.08 0.47 -82.07
CA THR D 16 -58.71 -0.59 -81.14
C THR D 16 -57.32 -0.20 -80.47
N ILE D 17 -56.48 0.60 -81.22
CA ILE D 17 -55.25 1.28 -80.83
C ILE D 17 -55.38 2.07 -79.58
N GLY D 18 -56.59 2.66 -79.28
CA GLY D 18 -56.81 3.27 -77.97
C GLY D 18 -56.65 2.45 -76.68
N LEU D 19 -57.03 1.12 -76.72
CA LEU D 19 -56.84 0.15 -75.63
C LEU D 19 -55.44 0.06 -75.09
N LEU D 20 -54.39 0.43 -75.90
CA LEU D 20 -53.01 0.35 -75.68
C LEU D 20 -52.48 1.03 -74.42
N GLY D 21 -52.97 2.30 -74.17
CA GLY D 21 -52.54 3.09 -73.03
C GLY D 21 -53.03 2.61 -71.73
N ALA D 22 -54.27 2.09 -71.66
CA ALA D 22 -54.93 1.54 -70.50
C ALA D 22 -54.18 0.29 -70.13
N GLY D 23 -53.73 -0.50 -71.13
CA GLY D 23 -52.96 -1.77 -70.97
C GLY D 23 -51.70 -1.61 -70.30
N ILE D 24 -50.94 -0.51 -70.57
CA ILE D 24 -49.71 -0.03 -69.90
C ILE D 24 -50.01 0.47 -68.52
N GLY D 25 -51.05 1.33 -68.38
CA GLY D 25 -51.42 2.00 -67.12
C GLY D 25 -51.65 1.05 -65.98
N ILE D 26 -52.41 -0.01 -66.23
CA ILE D 26 -52.70 -1.05 -65.20
C ILE D 26 -51.53 -1.70 -64.58
N ALA D 27 -50.53 -2.06 -65.47
CA ALA D 27 -49.30 -2.62 -65.05
C ALA D 27 -48.45 -1.66 -64.28
N ILE D 28 -48.39 -0.31 -64.56
CA ILE D 28 -47.62 0.67 -63.81
C ILE D 28 -48.15 0.82 -62.38
N VAL D 29 -49.54 0.74 -62.18
CA VAL D 29 -50.22 0.84 -60.90
C VAL D 29 -49.93 -0.33 -60.03
N PHE D 30 -49.99 -1.58 -60.58
CA PHE D 30 -49.68 -2.83 -59.94
C PHE D 30 -48.15 -2.94 -59.68
N ALA D 31 -47.36 -2.29 -60.52
CA ALA D 31 -45.95 -2.21 -60.27
C ALA D 31 -45.61 -1.56 -59.00
N ALA D 32 -46.29 -0.36 -58.84
CA ALA D 32 -46.16 0.51 -57.73
C ALA D 32 -46.62 -0.12 -56.48
N LEU D 33 -47.66 -1.00 -56.54
CA LEU D 33 -48.27 -1.63 -55.43
C LEU D 33 -47.22 -2.47 -54.72
N ILE D 34 -46.45 -3.25 -55.55
CA ILE D 34 -45.46 -4.18 -55.21
C ILE D 34 -44.35 -3.40 -54.50
N ASN D 35 -43.98 -2.24 -55.10
CA ASN D 35 -42.96 -1.32 -54.59
C ASN D 35 -43.19 -0.66 -53.26
N GLY D 36 -44.45 -0.31 -53.04
CA GLY D 36 -44.98 0.19 -51.77
C GLY D 36 -44.88 -0.75 -50.66
N VAL D 37 -45.27 -2.02 -50.94
CA VAL D 37 -45.28 -3.04 -49.91
C VAL D 37 -43.93 -3.50 -49.47
N SER D 38 -42.98 -3.49 -50.42
CA SER D 38 -41.58 -3.77 -50.15
C SER D 38 -40.91 -2.70 -49.39
N ARG D 39 -41.38 -1.44 -49.53
CA ARG D 39 -40.90 -0.28 -48.78
C ARG D 39 -41.32 -0.26 -47.30
N ASN D 40 -42.65 -0.34 -47.07
CA ASN D 40 -43.21 -0.23 -45.65
C ASN D 40 -43.03 -1.57 -44.91
N PRO D 41 -42.95 -2.81 -45.50
CA PRO D 41 -43.51 -4.08 -44.85
C PRO D 41 -44.85 -4.12 -44.16
N SER D 42 -45.80 -3.19 -44.52
CA SER D 42 -47.02 -3.20 -43.72
C SER D 42 -48.09 -2.27 -44.37
N ILE D 43 -47.82 -1.67 -45.57
CA ILE D 43 -48.69 -0.67 -46.10
C ILE D 43 -50.01 -1.24 -46.63
N LYS D 44 -50.04 -2.56 -46.96
CA LYS D 44 -50.95 -3.20 -47.91
C LYS D 44 -52.39 -3.02 -47.69
N ASP D 45 -52.90 -2.97 -46.45
CA ASP D 45 -54.31 -2.80 -46.20
C ASP D 45 -54.90 -1.51 -46.74
N THR D 46 -54.23 -0.33 -46.61
CA THR D 46 -54.70 0.90 -47.22
C THR D 46 -54.36 0.94 -48.74
N VAL D 47 -53.16 0.59 -49.16
CA VAL D 47 -52.64 0.82 -50.51
C VAL D 47 -53.31 -0.12 -51.51
N PHE D 48 -53.73 -1.38 -51.07
CA PHE D 48 -54.36 -2.30 -52.03
C PHE D 48 -55.67 -1.83 -52.68
N PRO D 49 -56.62 -1.17 -51.95
CA PRO D 49 -57.69 -0.35 -52.39
C PRO D 49 -57.30 0.82 -53.32
N MET D 50 -56.25 1.55 -53.02
CA MET D 50 -55.87 2.71 -53.83
C MET D 50 -55.49 2.28 -55.23
N ALA D 51 -54.77 1.13 -55.27
CA ALA D 51 -54.29 0.49 -56.45
C ALA D 51 -55.40 -0.06 -57.39
N ILE D 52 -56.50 -0.57 -56.77
CA ILE D 52 -57.66 -1.11 -57.36
C ILE D 52 -58.47 -0.04 -57.96
N LEU D 53 -58.59 1.16 -57.34
CA LEU D 53 -59.17 2.37 -57.86
C LEU D 53 -58.51 2.95 -59.07
N GLY D 54 -57.15 3.07 -59.04
CA GLY D 54 -56.35 3.43 -60.19
C GLY D 54 -56.55 2.48 -61.31
N PHE D 55 -56.66 1.15 -60.96
CA PHE D 55 -56.79 0.04 -61.94
C PHE D 55 -58.08 0.18 -62.78
N ALA D 56 -59.21 0.40 -62.10
CA ALA D 56 -60.50 0.53 -62.76
C ALA D 56 -60.59 1.75 -63.68
N LEU D 57 -60.11 2.96 -63.24
CA LEU D 57 -60.15 4.26 -63.94
C LEU D 57 -59.25 4.19 -65.23
N SER D 58 -58.06 3.53 -65.23
CA SER D 58 -57.18 3.33 -66.35
C SER D 58 -57.81 2.41 -67.38
N GLU D 59 -58.41 1.38 -66.81
CA GLU D 59 -59.23 0.43 -67.52
C GLU D 59 -60.47 0.92 -68.18
N ALA D 60 -61.20 1.78 -67.50
CA ALA D 60 -62.31 2.44 -68.08
C ALA D 60 -62.01 3.26 -69.32
N THR D 61 -60.83 3.95 -69.30
CA THR D 61 -60.32 4.73 -70.42
C THR D 61 -60.06 3.85 -71.66
N GLY D 62 -59.48 2.60 -71.48
CA GLY D 62 -59.36 1.63 -72.52
C GLY D 62 -60.71 1.17 -73.09
N LEU D 63 -61.76 1.04 -72.24
CA LEU D 63 -63.12 0.72 -72.44
C LEU D 63 -63.73 1.82 -73.19
N PHE D 64 -63.40 3.16 -73.11
CA PHE D 64 -64.09 4.16 -73.95
C PHE D 64 -63.75 3.80 -75.35
N CYS D 65 -62.43 3.43 -75.59
CA CYS D 65 -61.90 3.17 -76.85
C CYS D 65 -62.59 1.95 -77.43
N LEU D 66 -62.86 0.87 -76.65
CA LEU D 66 -63.47 -0.43 -76.96
C LEU D 66 -64.83 -0.25 -77.37
N MET D 67 -65.59 0.67 -76.69
CA MET D 67 -66.95 0.97 -77.06
C MET D 67 -67.01 1.67 -78.34
N VAL D 68 -66.06 2.57 -78.70
CA VAL D 68 -66.00 3.22 -79.93
C VAL D 68 -65.76 2.21 -81.00
N SER D 69 -64.91 1.18 -80.80
CA SER D 69 -64.56 0.15 -81.78
C SER D 69 -65.77 -0.62 -82.17
N PHE D 70 -66.59 -0.91 -81.16
CA PHE D 70 -67.81 -1.64 -81.37
C PHE D 70 -68.92 -0.78 -81.90
N LEU D 71 -68.96 0.51 -81.61
CA LEU D 71 -69.91 1.50 -82.25
C LEU D 71 -69.68 1.66 -83.73
N LEU D 72 -68.37 1.64 -84.23
CA LEU D 72 -67.98 1.76 -85.64
C LEU D 72 -68.26 0.56 -86.48
N LEU D 73 -67.87 -0.62 -85.92
CA LEU D 73 -68.07 -1.90 -86.49
C LEU D 73 -69.50 -2.47 -86.53
N PHE D 74 -70.21 -2.49 -85.42
CA PHE D 74 -71.58 -3.02 -85.35
C PHE D 74 -72.64 -2.05 -85.82
N GLY D 75 -72.55 -0.78 -85.36
CA GLY D 75 -73.46 0.25 -85.65
C GLY D 75 -73.09 0.85 -87.01
N MET E 1 -72.94 11.18 -100.54
CA MET E 1 -73.93 10.13 -100.13
C MET E 1 -73.11 9.27 -99.19
N GLN E 2 -72.59 8.19 -99.78
CA GLN E 2 -71.74 7.18 -99.19
C GLN E 2 -70.47 7.67 -98.64
N LEU E 3 -69.73 8.53 -99.42
CA LEU E 3 -68.39 8.96 -99.04
C LEU E 3 -68.41 9.83 -97.82
N VAL E 4 -69.48 10.62 -97.59
CA VAL E 4 -69.46 11.50 -96.49
C VAL E 4 -69.65 10.69 -95.25
N LEU E 5 -70.62 9.66 -95.22
CA LEU E 5 -70.84 8.72 -94.17
C LEU E 5 -69.59 7.92 -93.93
N ALA E 6 -68.85 7.52 -95.02
CA ALA E 6 -67.55 6.83 -94.91
C ALA E 6 -66.46 7.60 -94.12
N ALA E 7 -66.46 8.93 -94.43
CA ALA E 7 -65.51 9.78 -93.79
C ALA E 7 -65.72 9.91 -92.24
N LYS E 8 -66.98 9.85 -91.81
CA LYS E 8 -67.41 10.04 -90.44
C LYS E 8 -66.75 9.03 -89.59
N TYR E 9 -66.82 7.74 -90.13
CA TYR E 9 -66.32 6.50 -89.47
C TYR E 9 -64.88 6.59 -89.28
N ILE E 10 -64.18 7.01 -90.35
CA ILE E 10 -62.75 7.14 -90.47
C ILE E 10 -62.15 8.16 -89.56
N GLY E 11 -62.83 9.39 -89.47
CA GLY E 11 -62.33 10.48 -88.70
C GLY E 11 -62.39 10.09 -87.25
N ALA E 12 -63.50 9.42 -86.83
CA ALA E 12 -63.78 8.90 -85.51
C ALA E 12 -62.82 7.93 -85.11
N GLY E 13 -62.36 6.94 -86.02
CA GLY E 13 -61.34 6.02 -85.75
C GLY E 13 -60.02 6.54 -85.38
N ILE E 14 -59.53 7.50 -86.18
CA ILE E 14 -58.32 8.32 -86.07
C ILE E 14 -58.23 9.12 -84.75
N SER E 15 -59.39 9.65 -84.43
CA SER E 15 -59.53 10.50 -83.23
C SER E 15 -59.35 9.72 -81.93
N THR E 16 -59.80 8.42 -81.95
CA THR E 16 -59.75 7.38 -80.87
C THR E 16 -58.34 7.14 -80.37
N ILE E 17 -57.27 7.41 -81.18
CA ILE E 17 -55.88 7.29 -80.71
C ILE E 17 -55.60 8.11 -79.47
N GLY E 18 -56.11 9.34 -79.38
CA GLY E 18 -55.77 10.36 -78.33
C GLY E 18 -56.03 10.00 -76.95
N LEU E 19 -57.05 9.10 -76.91
CA LEU E 19 -57.59 8.59 -75.76
C LEU E 19 -56.56 7.90 -74.90
N LEU E 20 -55.58 7.23 -75.53
CA LEU E 20 -54.56 6.33 -74.94
C LEU E 20 -53.77 7.04 -73.86
N GLY E 21 -53.51 8.33 -74.11
CA GLY E 21 -52.84 9.26 -73.28
C GLY E 21 -53.44 9.51 -71.95
N ALA E 22 -54.74 9.55 -71.88
CA ALA E 22 -55.37 9.73 -70.60
C ALA E 22 -55.29 8.54 -69.70
N GLY E 23 -55.28 7.29 -70.29
CA GLY E 23 -55.10 6.07 -69.59
C GLY E 23 -53.80 5.98 -68.79
N ILE E 24 -52.65 6.31 -69.53
CA ILE E 24 -51.32 6.37 -69.02
C ILE E 24 -51.29 7.51 -67.97
N GLY E 25 -51.97 8.63 -68.21
CA GLY E 25 -52.05 9.70 -67.20
C GLY E 25 -52.54 9.28 -65.84
N ILE E 26 -53.75 8.56 -65.82
CA ILE E 26 -54.43 8.24 -64.59
C ILE E 26 -53.56 7.37 -63.71
N ALA E 27 -52.89 6.39 -64.34
CA ALA E 27 -51.98 5.45 -63.74
C ALA E 27 -50.77 6.04 -63.11
N ILE E 28 -50.21 7.07 -63.76
CA ILE E 28 -49.08 7.81 -63.27
C ILE E 28 -49.32 8.50 -61.90
N VAL E 29 -50.50 9.10 -61.74
CA VAL E 29 -51.00 9.75 -60.54
C VAL E 29 -51.06 8.69 -59.48
N PHE E 30 -51.56 7.53 -59.78
CA PHE E 30 -51.71 6.46 -58.75
C PHE E 30 -50.47 5.72 -58.27
N ALA E 31 -49.53 5.57 -59.19
CA ALA E 31 -48.21 5.03 -58.90
C ALA E 31 -47.42 5.78 -57.88
N ALA E 32 -47.48 7.10 -58.05
CA ALA E 32 -46.90 8.12 -57.19
C ALA E 32 -47.57 8.26 -55.90
N LEU E 33 -48.97 8.12 -55.85
CA LEU E 33 -49.80 8.15 -54.63
C LEU E 33 -49.43 7.05 -53.62
N ILE E 34 -49.31 5.81 -54.12
CA ILE E 34 -48.94 4.56 -53.38
C ILE E 34 -47.52 4.66 -52.79
N ASN E 35 -46.55 5.14 -53.53
CA ASN E 35 -45.18 5.40 -53.14
C ASN E 35 -44.98 6.42 -52.03
N GLY E 36 -45.61 7.62 -52.14
CA GLY E 36 -45.54 8.67 -51.15
C GLY E 36 -46.20 8.23 -49.88
N VAL E 37 -47.39 7.59 -49.97
CA VAL E 37 -48.23 7.22 -48.79
C VAL E 37 -47.53 6.14 -47.92
N SER E 38 -46.79 5.20 -48.59
CA SER E 38 -46.06 4.01 -48.07
C SER E 38 -44.82 4.38 -47.23
N ARG E 39 -44.13 5.56 -47.57
CA ARG E 39 -43.02 6.08 -46.85
C ARG E 39 -43.45 6.70 -45.55
N ASN E 40 -44.49 7.61 -45.63
CA ASN E 40 -44.96 8.26 -44.42
C ASN E 40 -45.92 7.52 -43.50
N PRO E 41 -46.79 6.59 -44.01
CA PRO E 41 -48.07 6.21 -43.45
C PRO E 41 -48.98 7.42 -43.11
N SER E 42 -48.61 8.78 -43.15
CA SER E 42 -49.41 9.79 -42.49
C SER E 42 -49.62 10.91 -43.41
N ILE E 43 -48.89 10.88 -44.59
CA ILE E 43 -49.07 11.85 -45.62
C ILE E 43 -50.40 11.67 -46.24
N LYS E 44 -51.01 10.47 -46.09
CA LYS E 44 -52.17 10.04 -46.81
C LYS E 44 -53.43 10.91 -46.76
N ASP E 45 -53.73 11.66 -45.67
CA ASP E 45 -54.80 12.63 -45.67
C ASP E 45 -54.64 13.75 -46.67
N THR E 46 -53.38 14.33 -46.83
CA THR E 46 -52.96 15.39 -47.72
C THR E 46 -52.98 14.80 -49.14
N VAL E 47 -52.31 13.63 -49.29
CA VAL E 47 -52.08 13.03 -50.60
C VAL E 47 -53.33 12.51 -51.25
N PHE E 48 -54.30 12.02 -50.48
CA PHE E 48 -55.55 11.43 -51.14
C PHE E 48 -56.26 12.49 -51.98
N PRO E 49 -56.58 13.73 -51.57
CA PRO E 49 -57.08 14.72 -52.48
C PRO E 49 -56.15 15.14 -53.61
N MET E 50 -54.78 15.16 -53.44
CA MET E 50 -53.76 15.48 -54.52
C MET E 50 -53.86 14.63 -55.64
N ALA E 51 -54.06 13.32 -55.33
CA ALA E 51 -54.29 12.29 -56.39
C ALA E 51 -55.56 12.49 -57.18
N ILE E 52 -56.63 12.89 -56.54
CA ILE E 52 -57.94 12.93 -57.22
C ILE E 52 -57.93 14.11 -58.27
N LEU E 53 -57.30 15.24 -57.89
CA LEU E 53 -57.08 16.38 -58.74
C LEU E 53 -56.33 16.01 -59.99
N GLY E 54 -55.25 15.25 -59.91
CA GLY E 54 -54.37 14.83 -60.95
C GLY E 54 -54.96 13.96 -61.92
N PHE E 55 -55.71 12.98 -61.37
CA PHE E 55 -56.64 12.12 -62.16
C PHE E 55 -57.73 12.84 -62.90
N ALA E 56 -58.53 13.79 -62.30
CA ALA E 56 -59.69 14.43 -62.87
C ALA E 56 -59.30 15.23 -64.09
N LEU E 57 -58.13 15.88 -63.97
CA LEU E 57 -57.42 16.70 -64.95
C LEU E 57 -56.90 15.83 -66.13
N SER E 58 -56.21 14.69 -65.87
CA SER E 58 -55.74 13.79 -66.92
C SER E 58 -56.83 13.08 -67.68
N GLU E 59 -57.85 12.57 -66.96
CA GLU E 59 -59.07 12.06 -67.44
C GLU E 59 -59.91 13.00 -68.34
N ALA E 60 -59.93 14.33 -68.05
CA ALA E 60 -60.47 15.45 -68.80
C ALA E 60 -59.82 15.47 -70.11
N THR E 61 -58.50 15.25 -70.26
CA THR E 61 -57.76 15.33 -71.57
C THR E 61 -58.30 14.23 -72.54
N GLY E 62 -58.62 13.03 -72.04
CA GLY E 62 -59.28 11.95 -72.73
C GLY E 62 -60.66 12.30 -73.15
N LEU E 63 -61.36 13.01 -72.19
CA LEU E 63 -62.76 13.32 -72.43
C LEU E 63 -62.95 14.43 -73.52
N PHE E 64 -62.00 15.41 -73.66
CA PHE E 64 -62.02 16.38 -74.82
C PHE E 64 -61.98 15.67 -76.18
N CYS E 65 -61.14 14.57 -76.21
CA CYS E 65 -60.93 13.77 -77.36
C CYS E 65 -62.17 12.93 -77.73
N LEU E 66 -62.86 12.39 -76.67
CA LEU E 66 -64.02 11.58 -76.79
C LEU E 66 -65.18 12.34 -77.34
N MET E 67 -65.36 13.61 -76.90
CA MET E 67 -66.41 14.52 -77.34
C MET E 67 -66.38 14.74 -78.78
N VAL E 68 -65.15 15.01 -79.28
CA VAL E 68 -64.87 15.13 -80.64
C VAL E 68 -65.05 13.86 -81.40
N SER E 69 -64.69 12.68 -80.77
CA SER E 69 -64.81 11.36 -81.38
C SER E 69 -66.25 11.10 -81.76
N PHE E 70 -67.22 11.40 -80.82
CA PHE E 70 -68.65 11.20 -81.11
C PHE E 70 -69.15 12.22 -82.15
N LEU E 71 -68.62 13.51 -82.05
CA LEU E 71 -68.96 14.60 -83.00
C LEU E 71 -68.58 14.31 -84.46
N LEU E 72 -67.35 13.67 -84.71
CA LEU E 72 -66.93 13.09 -85.95
C LEU E 72 -67.66 11.92 -86.38
N LEU E 73 -67.94 10.93 -85.53
CA LEU E 73 -68.61 9.62 -85.81
C LEU E 73 -70.08 9.77 -86.25
N PHE E 74 -70.91 10.51 -85.50
CA PHE E 74 -72.33 10.76 -85.70
C PHE E 74 -72.49 11.82 -86.70
N GLY E 75 -71.50 12.79 -86.64
CA GLY E 75 -71.65 13.96 -87.44
C GLY E 75 -72.31 15.00 -86.50
N MET F 1 -67.56 20.77 -101.57
CA MET F 1 -67.80 19.49 -102.37
C MET F 1 -67.87 18.29 -101.38
N GLN F 2 -68.24 17.09 -101.90
CA GLN F 2 -68.40 15.91 -101.06
C GLN F 2 -67.06 15.43 -100.46
N LEU F 3 -65.95 15.37 -101.26
CA LEU F 3 -64.61 15.04 -101.04
C LEU F 3 -63.88 15.88 -99.96
N VAL F 4 -64.35 17.16 -100.00
CA VAL F 4 -63.80 18.28 -99.24
C VAL F 4 -64.35 18.17 -97.86
N LEU F 5 -65.64 17.84 -97.70
CA LEU F 5 -66.32 17.69 -96.43
C LEU F 5 -65.84 16.46 -95.68
N ALA F 6 -65.51 15.38 -96.42
CA ALA F 6 -64.83 14.13 -95.99
C ALA F 6 -63.48 14.46 -95.44
N ALA F 7 -62.67 15.29 -96.13
CA ALA F 7 -61.35 15.73 -95.70
C ALA F 7 -61.47 16.52 -94.48
N LYS F 8 -62.61 17.26 -94.27
CA LYS F 8 -62.98 17.91 -93.03
C LYS F 8 -63.04 17.05 -91.77
N TYR F 9 -63.71 15.88 -91.86
CA TYR F 9 -63.66 14.86 -90.81
C TYR F 9 -62.37 14.18 -90.53
N ILE F 10 -61.68 13.71 -91.58
CA ILE F 10 -60.35 13.07 -91.59
C ILE F 10 -59.25 13.97 -91.07
N GLY F 11 -59.15 15.27 -91.48
CA GLY F 11 -58.23 16.22 -90.96
C GLY F 11 -58.31 16.65 -89.53
N ALA F 12 -59.59 16.79 -89.07
CA ALA F 12 -59.88 17.06 -87.65
C ALA F 12 -59.46 15.92 -86.79
N GLY F 13 -59.67 14.64 -87.31
CA GLY F 13 -59.36 13.38 -86.65
C GLY F 13 -57.93 13.29 -86.41
N ILE F 14 -57.12 13.64 -87.34
CA ILE F 14 -55.66 13.63 -87.24
C ILE F 14 -55.13 14.56 -86.06
N SER F 15 -55.75 15.71 -85.95
CA SER F 15 -55.63 16.77 -84.98
C SER F 15 -55.90 16.29 -83.59
N THR F 16 -56.85 15.34 -83.42
CA THR F 16 -57.25 14.79 -82.12
C THR F 16 -56.08 14.00 -81.53
N ILE F 17 -55.17 13.48 -82.36
CA ILE F 17 -53.95 12.71 -81.85
C ILE F 17 -53.11 13.48 -80.89
N GLY F 18 -52.95 14.79 -81.15
CA GLY F 18 -52.09 15.73 -80.37
C GLY F 18 -52.25 15.80 -78.94
N LEU F 19 -53.50 15.57 -78.52
CA LEU F 19 -54.02 15.67 -77.18
C LEU F 19 -53.39 14.71 -76.17
N LEU F 20 -52.93 13.50 -76.71
CA LEU F 20 -52.35 12.48 -75.95
C LEU F 20 -51.10 13.00 -75.11
N GLY F 21 -50.23 13.91 -75.70
CA GLY F 21 -48.96 14.42 -75.08
C GLY F 21 -49.20 15.21 -73.83
N ALA F 22 -50.29 16.06 -73.86
CA ALA F 22 -50.82 16.79 -72.78
C ALA F 22 -51.34 15.96 -71.64
N GLY F 23 -52.06 14.88 -71.99
CA GLY F 23 -52.76 13.99 -71.09
C GLY F 23 -51.80 13.36 -70.13
N ILE F 24 -50.68 12.79 -70.64
CA ILE F 24 -49.62 12.13 -69.86
C ILE F 24 -48.88 13.26 -69.13
N GLY F 25 -48.71 14.40 -69.84
CA GLY F 25 -47.81 15.44 -69.42
C GLY F 25 -48.23 15.99 -68.00
N ILE F 26 -49.57 16.21 -67.85
CA ILE F 26 -50.27 16.77 -66.67
C ILE F 26 -49.99 15.91 -65.51
N ALA F 27 -50.09 14.56 -65.75
CA ALA F 27 -49.86 13.50 -64.78
C ALA F 27 -48.45 13.47 -64.13
N ILE F 28 -47.37 13.72 -64.93
CA ILE F 28 -45.96 13.71 -64.42
C ILE F 28 -45.78 14.76 -63.31
N VAL F 29 -46.39 15.99 -63.54
CA VAL F 29 -46.27 17.19 -62.64
C VAL F 29 -46.92 16.84 -61.34
N PHE F 30 -48.06 16.12 -61.44
CA PHE F 30 -48.78 15.61 -60.26
C PHE F 30 -48.03 14.42 -59.56
N ALA F 31 -47.22 13.61 -60.30
CA ALA F 31 -46.37 12.62 -59.83
C ALA F 31 -45.25 13.24 -58.97
N ALA F 32 -44.74 14.31 -59.53
CA ALA F 32 -43.68 15.15 -58.90
C ALA F 32 -44.10 15.88 -57.64
N LEU F 33 -45.29 16.53 -57.62
CA LEU F 33 -45.93 17.12 -56.46
C LEU F 33 -46.08 16.11 -55.30
N ILE F 34 -46.67 14.86 -55.60
CA ILE F 34 -47.08 13.84 -54.57
C ILE F 34 -45.85 13.30 -53.88
N ASN F 35 -44.78 13.09 -54.79
CA ASN F 35 -43.46 12.61 -54.39
C ASN F 35 -42.75 13.58 -53.51
N GLY F 36 -42.82 14.91 -53.84
CA GLY F 36 -42.21 16.04 -53.24
C GLY F 36 -42.68 16.23 -51.83
N VAL F 37 -44.04 16.20 -51.67
CA VAL F 37 -44.82 16.50 -50.51
C VAL F 37 -44.60 15.43 -49.45
N SER F 38 -44.53 14.17 -49.91
CA SER F 38 -44.34 13.00 -49.13
C SER F 38 -42.92 12.97 -48.68
N ARG F 39 -41.92 13.52 -49.41
CA ARG F 39 -40.50 13.46 -49.06
C ARG F 39 -40.27 14.43 -47.97
N ASN F 40 -40.75 15.69 -48.19
CA ASN F 40 -40.51 16.70 -47.09
C ASN F 40 -41.37 16.74 -45.88
N PRO F 41 -42.57 16.27 -45.85
CA PRO F 41 -43.64 16.84 -44.98
C PRO F 41 -43.95 18.30 -44.95
N SER F 42 -43.42 19.20 -45.76
CA SER F 42 -43.66 20.63 -45.53
C SER F 42 -43.28 21.40 -46.76
N ILE F 43 -42.78 20.73 -47.92
CA ILE F 43 -42.38 21.50 -49.11
C ILE F 43 -43.56 22.34 -49.64
N LYS F 44 -44.86 21.96 -49.41
CA LYS F 44 -46.03 22.40 -50.01
C LYS F 44 -46.31 23.86 -50.07
N ASP F 45 -45.80 24.77 -49.19
CA ASP F 45 -46.10 26.20 -49.27
C ASP F 45 -45.55 26.77 -50.53
N THR F 46 -44.30 26.39 -50.85
CA THR F 46 -43.81 26.63 -52.19
C THR F 46 -44.25 25.81 -53.39
N VAL F 47 -44.12 24.47 -53.24
CA VAL F 47 -44.36 23.43 -54.24
C VAL F 47 -45.75 23.25 -54.71
N PHE F 48 -46.78 23.45 -53.86
CA PHE F 48 -48.12 23.23 -54.29
C PHE F 48 -48.60 24.20 -55.34
N PRO F 49 -48.30 25.53 -55.18
CA PRO F 49 -48.41 26.65 -56.17
C PRO F 49 -47.74 26.41 -57.54
N MET F 50 -46.48 25.89 -57.49
CA MET F 50 -45.63 25.58 -58.58
C MET F 50 -46.15 24.47 -59.42
N ALA F 51 -46.84 23.39 -58.83
CA ALA F 51 -47.44 22.30 -59.60
C ALA F 51 -48.49 22.88 -60.55
N ILE F 52 -49.34 23.83 -60.12
CA ILE F 52 -50.44 24.52 -60.86
C ILE F 52 -49.90 25.29 -62.04
N LEU F 53 -48.77 26.03 -61.89
CA LEU F 53 -48.12 26.81 -62.97
C LEU F 53 -47.64 25.87 -64.12
N GLY F 54 -46.95 24.71 -63.80
CA GLY F 54 -46.36 23.70 -64.63
C GLY F 54 -47.51 23.00 -65.30
N PHE F 55 -48.71 22.74 -64.59
CA PHE F 55 -49.89 22.10 -65.06
C PHE F 55 -50.46 22.86 -66.23
N ALA F 56 -50.54 24.23 -66.04
CA ALA F 56 -51.29 25.08 -66.96
C ALA F 56 -50.76 25.04 -68.38
N LEU F 57 -49.40 25.13 -68.43
CA LEU F 57 -48.63 25.17 -69.72
C LEU F 57 -48.56 23.76 -70.40
N SER F 58 -48.57 22.63 -69.61
CA SER F 58 -48.65 21.32 -70.13
C SER F 58 -50.01 21.13 -70.82
N GLU F 59 -51.12 21.58 -70.10
CA GLU F 59 -52.50 21.56 -70.51
C GLU F 59 -52.78 22.24 -71.83
N ALA F 60 -52.11 23.47 -71.95
CA ALA F 60 -52.30 24.39 -73.03
C ALA F 60 -51.94 23.77 -74.37
N THR F 61 -50.93 22.90 -74.52
CA THR F 61 -50.59 22.16 -75.75
C THR F 61 -51.82 21.33 -76.14
N GLY F 62 -52.60 20.79 -75.17
CA GLY F 62 -53.82 19.99 -75.31
C GLY F 62 -54.86 20.90 -75.93
N LEU F 63 -54.94 22.16 -75.39
CA LEU F 63 -55.80 23.11 -75.97
C LEU F 63 -55.55 23.58 -77.41
N PHE F 64 -54.26 23.74 -77.72
CA PHE F 64 -53.78 24.17 -79.03
C PHE F 64 -54.19 23.12 -80.11
N CYS F 65 -53.97 21.79 -79.82
CA CYS F 65 -54.43 20.67 -80.61
C CYS F 65 -55.91 20.61 -80.82
N LEU F 66 -56.66 20.92 -79.75
CA LEU F 66 -58.16 20.94 -79.82
C LEU F 66 -58.75 21.95 -80.73
N MET F 67 -58.15 23.16 -80.69
CA MET F 67 -58.53 24.30 -81.47
C MET F 67 -58.31 24.21 -82.96
N VAL F 68 -57.24 23.45 -83.35
CA VAL F 68 -57.00 23.00 -84.73
C VAL F 68 -58.15 22.09 -85.15
N SER F 69 -58.63 21.15 -84.31
CA SER F 69 -59.61 20.16 -84.73
C SER F 69 -60.91 20.80 -85.14
N PHE F 70 -61.42 21.69 -84.33
CA PHE F 70 -62.58 22.63 -84.49
C PHE F 70 -62.45 23.52 -85.64
N LEU F 71 -61.31 24.20 -85.90
CA LEU F 71 -61.19 25.02 -87.10
C LEU F 71 -61.34 24.24 -88.39
N LEU F 72 -60.65 23.08 -88.51
CA LEU F 72 -60.69 22.16 -89.63
C LEU F 72 -62.05 21.54 -89.85
N LEU F 73 -62.78 21.10 -88.78
CA LEU F 73 -64.12 20.44 -88.82
C LEU F 73 -65.18 21.49 -89.21
N PHE F 74 -65.15 22.66 -88.60
CA PHE F 74 -66.07 23.77 -88.82
C PHE F 74 -65.85 24.48 -90.14
N GLY F 75 -64.57 24.46 -90.58
CA GLY F 75 -64.11 25.14 -91.82
C GLY F 75 -63.29 26.33 -91.46
N GLN G 2 -59.98 21.17 -106.34
CA GLN G 2 -60.58 20.84 -105.06
C GLN G 2 -59.73 19.92 -104.25
N LEU G 3 -58.82 19.24 -104.94
CA LEU G 3 -57.86 18.27 -104.41
C LEU G 3 -57.00 18.97 -103.47
N VAL G 4 -56.66 20.20 -103.85
CA VAL G 4 -55.84 21.15 -103.18
C VAL G 4 -56.37 21.40 -101.82
N LEU G 5 -57.67 21.72 -101.71
CA LEU G 5 -58.32 22.02 -100.46
C LEU G 5 -58.47 20.82 -99.53
N ALA G 6 -58.72 19.56 -100.00
CA ALA G 6 -58.67 18.35 -99.19
C ALA G 6 -57.32 18.15 -98.52
N ALA G 7 -56.25 18.33 -99.21
CA ALA G 7 -54.86 18.18 -98.85
C ALA G 7 -54.42 19.16 -97.89
N LYS G 8 -54.96 20.43 -98.03
CA LYS G 8 -54.69 21.58 -97.16
C LYS G 8 -55.14 21.26 -95.74
N TYR G 9 -56.32 20.62 -95.61
CA TYR G 9 -56.92 20.19 -94.38
C TYR G 9 -56.15 19.05 -93.75
N ILE G 10 -55.65 18.07 -94.60
CA ILE G 10 -54.82 16.93 -94.13
C ILE G 10 -53.55 17.42 -93.45
N GLY G 11 -52.91 18.36 -94.22
CA GLY G 11 -51.59 18.88 -93.89
C GLY G 11 -51.45 19.61 -92.65
N ALA G 12 -52.50 20.45 -92.43
CA ALA G 12 -52.66 21.15 -91.18
C ALA G 12 -52.78 20.23 -89.98
N GLY G 13 -53.57 19.10 -90.11
CA GLY G 13 -53.77 18.08 -89.09
C GLY G 13 -52.49 17.40 -88.67
N ILE G 14 -51.64 16.94 -89.63
CA ILE G 14 -50.37 16.26 -89.28
C ILE G 14 -49.43 17.20 -88.48
N SER G 15 -49.42 18.56 -88.86
CA SER G 15 -48.62 19.47 -88.12
C SER G 15 -48.97 19.59 -86.68
N THR G 16 -50.25 19.43 -86.38
CA THR G 16 -50.76 19.30 -84.99
C THR G 16 -50.07 18.27 -84.17
N ILE G 17 -49.60 17.13 -84.70
CA ILE G 17 -48.87 16.08 -84.05
C ILE G 17 -47.57 16.49 -83.40
N GLY G 18 -46.76 17.33 -84.10
CA GLY G 18 -45.51 17.85 -83.56
C GLY G 18 -45.58 18.59 -82.24
N LEU G 19 -46.70 19.28 -81.91
CA LEU G 19 -46.79 19.93 -80.61
C LEU G 19 -46.71 18.94 -79.38
N LEU G 20 -47.10 17.67 -79.47
CA LEU G 20 -47.17 16.76 -78.36
C LEU G 20 -45.91 16.55 -77.63
N GLY G 21 -44.70 16.57 -78.30
CA GLY G 21 -43.42 16.56 -77.68
C GLY G 21 -43.11 17.70 -76.76
N ALA G 22 -43.55 18.93 -77.18
CA ALA G 22 -43.38 20.09 -76.32
C ALA G 22 -44.10 20.03 -75.05
N GLY G 23 -45.35 19.46 -75.06
CA GLY G 23 -46.26 19.39 -73.98
C GLY G 23 -45.73 18.50 -72.94
N ILE G 24 -45.14 17.29 -73.32
CA ILE G 24 -44.51 16.28 -72.43
C ILE G 24 -43.32 17.01 -71.80
N GLY G 25 -42.52 17.72 -72.60
CA GLY G 25 -41.37 18.43 -72.14
C GLY G 25 -41.43 19.50 -71.02
N ILE G 26 -42.42 20.40 -71.04
CA ILE G 26 -42.75 21.42 -70.07
C ILE G 26 -42.84 20.77 -68.70
N ALA G 27 -43.50 19.60 -68.66
CA ALA G 27 -43.66 18.79 -67.52
C ALA G 27 -42.41 18.19 -66.95
N ILE G 28 -41.50 17.74 -67.82
CA ILE G 28 -40.17 17.11 -67.46
C ILE G 28 -39.31 18.16 -66.74
N VAL G 29 -39.25 19.45 -67.17
CA VAL G 29 -38.43 20.43 -66.39
C VAL G 29 -38.94 20.71 -64.96
N PHE G 30 -40.28 20.79 -64.77
CA PHE G 30 -40.96 21.00 -63.55
C PHE G 30 -40.93 19.77 -62.68
N ALA G 31 -40.87 18.54 -63.18
CA ALA G 31 -40.76 17.25 -62.50
C ALA G 31 -39.48 17.41 -61.67
N ALA G 32 -38.38 17.90 -62.36
CA ALA G 32 -37.09 18.18 -61.81
C ALA G 32 -37.10 19.28 -60.76
N LEU G 33 -37.82 20.35 -60.99
CA LEU G 33 -38.02 21.46 -60.08
C LEU G 33 -38.60 21.04 -58.76
N ILE G 34 -39.67 20.28 -58.75
CA ILE G 34 -40.21 19.83 -57.48
C ILE G 34 -39.28 18.81 -56.75
N ASN G 35 -38.56 17.95 -57.49
CA ASN G 35 -37.67 17.04 -56.91
C ASN G 35 -36.53 17.74 -56.28
N GLY G 36 -35.88 18.77 -56.97
CA GLY G 36 -34.68 19.40 -56.48
C GLY G 36 -35.09 20.19 -55.21
N VAL G 37 -36.24 20.99 -55.23
CA VAL G 37 -36.80 21.88 -54.29
C VAL G 37 -37.21 21.02 -53.05
N SER G 38 -37.81 19.77 -53.22
CA SER G 38 -38.24 18.96 -52.09
C SER G 38 -37.08 18.38 -51.36
N ARG G 39 -35.97 18.01 -52.06
CA ARG G 39 -34.81 17.41 -51.45
C ARG G 39 -33.88 18.42 -50.68
N ASN G 40 -33.51 19.55 -51.27
CA ASN G 40 -32.66 20.58 -50.70
C ASN G 40 -33.35 21.54 -49.72
N PRO G 41 -34.69 21.75 -49.80
CA PRO G 41 -35.28 23.05 -49.58
C PRO G 41 -34.67 24.32 -50.14
N SER G 42 -33.41 24.76 -49.69
CA SER G 42 -33.01 26.12 -49.82
C SER G 42 -32.72 26.54 -51.23
N ILE G 43 -32.49 25.60 -52.14
CA ILE G 43 -31.99 25.84 -53.47
C ILE G 43 -32.83 26.80 -54.34
N LYS G 44 -34.11 27.02 -54.00
CA LYS G 44 -35.20 27.61 -54.83
C LYS G 44 -34.90 28.91 -55.51
N ASP G 45 -34.08 29.89 -54.85
CA ASP G 45 -33.81 31.21 -55.44
C ASP G 45 -32.94 31.03 -56.63
N THR G 46 -31.98 30.04 -56.68
CA THR G 46 -31.12 29.89 -57.79
C THR G 46 -31.77 29.05 -58.89
N VAL G 47 -32.40 27.89 -58.51
CA VAL G 47 -32.95 26.87 -59.37
C VAL G 47 -34.24 27.38 -60.06
N PHE G 48 -35.00 28.24 -59.36
CA PHE G 48 -36.31 28.62 -59.86
C PHE G 48 -36.23 29.38 -61.23
N PRO G 49 -35.25 30.35 -61.44
CA PRO G 49 -34.99 30.99 -62.73
C PRO G 49 -34.59 30.01 -63.87
N MET G 50 -33.82 28.94 -63.48
CA MET G 50 -33.43 27.90 -64.37
C MET G 50 -34.63 27.15 -64.87
N ALA G 51 -35.60 26.84 -63.98
CA ALA G 51 -36.86 26.23 -64.27
C ALA G 51 -37.76 26.95 -65.22
N ILE G 52 -37.90 28.29 -65.07
CA ILE G 52 -38.66 29.12 -65.91
C ILE G 52 -38.07 29.17 -67.32
N LEU G 53 -36.73 29.19 -67.39
CA LEU G 53 -36.00 29.35 -68.61
C LEU G 53 -36.31 28.17 -69.46
N GLY G 54 -36.23 26.93 -68.96
CA GLY G 54 -36.54 25.70 -69.66
C GLY G 54 -37.98 25.51 -69.95
N PHE G 55 -38.91 25.93 -69.11
CA PHE G 55 -40.34 25.87 -69.33
C PHE G 55 -40.81 26.56 -70.62
N ALA G 56 -40.28 27.77 -70.82
CA ALA G 56 -40.46 28.71 -71.96
C ALA G 56 -39.83 28.16 -73.18
N LEU G 57 -38.64 27.50 -73.07
CA LEU G 57 -37.83 26.92 -74.12
C LEU G 57 -38.45 25.72 -74.87
N SER G 58 -38.96 24.80 -74.07
CA SER G 58 -39.73 23.63 -74.55
C SER G 58 -40.93 24.00 -75.30
N GLU G 59 -41.68 24.98 -74.74
CA GLU G 59 -42.92 25.45 -75.31
C GLU G 59 -42.74 26.04 -76.70
N ALA G 60 -41.61 26.73 -76.88
CA ALA G 60 -41.23 27.36 -78.15
C ALA G 60 -41.13 26.42 -79.34
N THR G 61 -40.67 25.17 -79.14
CA THR G 61 -40.59 24.21 -80.19
C THR G 61 -42.03 23.90 -80.59
N GLY G 62 -42.94 23.82 -79.59
CA GLY G 62 -44.38 23.54 -79.76
C GLY G 62 -45.00 24.66 -80.47
N LEU G 63 -44.56 25.95 -80.14
CA LEU G 63 -45.02 27.13 -80.90
C LEU G 63 -44.64 27.19 -82.36
N PHE G 64 -43.40 26.74 -82.69
CA PHE G 64 -42.90 26.49 -84.02
C PHE G 64 -43.69 25.48 -84.78
N CYS G 65 -44.16 24.32 -84.11
CA CYS G 65 -45.02 23.35 -84.66
C CYS G 65 -46.40 23.93 -84.96
N LEU G 66 -46.94 24.82 -84.10
CA LEU G 66 -48.27 25.39 -84.21
C LEU G 66 -48.38 26.33 -85.40
N MET G 67 -47.27 27.11 -85.54
CA MET G 67 -47.17 28.22 -86.47
C MET G 67 -47.34 27.65 -87.87
N VAL G 68 -46.66 26.50 -88.15
CA VAL G 68 -46.71 25.74 -89.36
C VAL G 68 -48.02 25.11 -89.62
N SER G 69 -48.77 24.68 -88.54
CA SER G 69 -50.08 24.12 -88.55
C SER G 69 -51.02 25.24 -89.10
N PHE G 70 -50.87 26.42 -88.61
CA PHE G 70 -51.67 27.60 -89.00
C PHE G 70 -51.41 28.17 -90.36
N LEU G 71 -50.15 28.08 -90.77
CA LEU G 71 -49.68 28.56 -92.04
C LEU G 71 -50.40 27.71 -93.06
N LEU G 72 -50.43 26.37 -92.82
CA LEU G 72 -51.24 25.48 -93.61
C LEU G 72 -52.75 25.65 -93.57
N LEU G 73 -53.32 25.85 -92.32
CA LEU G 73 -54.74 25.98 -92.02
C LEU G 73 -55.31 27.11 -92.73
N PHE G 74 -54.63 28.26 -92.61
CA PHE G 74 -55.14 29.43 -93.28
C PHE G 74 -54.94 29.44 -94.78
N GLY G 75 -53.86 28.77 -95.16
CA GLY G 75 -53.34 28.85 -96.53
C GLY G 75 -52.71 30.23 -96.96
N MET H 1 -50.23 20.75 -111.54
CA MET H 1 -50.68 21.92 -110.64
C MET H 1 -51.43 21.37 -109.47
N GLN H 2 -52.65 20.70 -109.63
CA GLN H 2 -53.55 20.40 -108.46
C GLN H 2 -52.97 19.50 -107.36
N LEU H 3 -52.52 18.29 -107.83
CA LEU H 3 -51.89 17.19 -107.11
C LEU H 3 -50.55 17.60 -106.52
N VAL H 4 -49.79 18.45 -107.24
CA VAL H 4 -48.42 18.83 -106.88
C VAL H 4 -48.39 19.74 -105.64
N LEU H 5 -49.33 20.71 -105.65
CA LEU H 5 -49.60 21.71 -104.63
C LEU H 5 -50.21 21.08 -103.41
N ALA H 6 -51.12 20.07 -103.73
CA ALA H 6 -51.79 19.24 -102.78
C ALA H 6 -50.74 18.49 -101.92
N ALA H 7 -49.72 17.86 -102.66
CA ALA H 7 -48.63 17.10 -102.14
C ALA H 7 -47.77 17.96 -101.39
N LYS H 8 -47.57 19.29 -101.81
CA LYS H 8 -46.73 20.20 -101.06
C LYS H 8 -47.37 20.39 -99.66
N TYR H 9 -48.72 20.60 -99.50
CA TYR H 9 -49.30 20.72 -98.18
C TYR H 9 -49.15 19.45 -97.29
N ILE H 10 -49.39 18.22 -97.89
CA ILE H 10 -49.30 17.00 -97.22
C ILE H 10 -47.93 16.79 -96.61
N GLY H 11 -46.91 16.93 -97.52
CA GLY H 11 -45.49 16.71 -97.29
C GLY H 11 -44.91 17.56 -96.26
N ALA H 12 -45.35 18.81 -96.25
CA ALA H 12 -45.05 19.89 -95.34
C ALA H 12 -45.49 19.51 -93.97
N GLY H 13 -46.70 18.94 -93.79
CA GLY H 13 -47.28 18.55 -92.52
C GLY H 13 -46.44 17.43 -91.96
N ILE H 14 -46.11 16.33 -92.70
CA ILE H 14 -45.40 15.15 -92.17
C ILE H 14 -44.02 15.60 -91.58
N SER H 15 -43.27 16.62 -92.17
CA SER H 15 -41.99 17.10 -91.58
C SER H 15 -42.14 17.71 -90.17
N THR H 16 -43.29 18.28 -89.89
CA THR H 16 -43.58 18.92 -88.58
C THR H 16 -43.35 17.98 -87.33
N ILE H 17 -43.54 16.67 -87.50
CA ILE H 17 -43.37 15.52 -86.55
C ILE H 17 -41.92 15.58 -86.13
N GLY H 18 -40.92 15.84 -87.03
CA GLY H 18 -39.55 15.76 -86.49
C GLY H 18 -39.27 16.66 -85.31
N LEU H 19 -39.83 17.87 -85.29
CA LEU H 19 -39.65 18.92 -84.25
C LEU H 19 -40.00 18.42 -82.87
N LEU H 20 -40.88 17.41 -82.68
CA LEU H 20 -41.36 16.87 -81.39
C LEU H 20 -40.29 16.40 -80.54
N GLY H 21 -39.33 15.71 -81.10
CA GLY H 21 -38.13 15.16 -80.47
C GLY H 21 -37.31 16.17 -79.84
N ALA H 22 -37.11 17.35 -80.51
CA ALA H 22 -36.32 18.42 -80.02
C ALA H 22 -36.90 19.11 -78.82
N GLY H 23 -38.27 19.22 -78.72
CA GLY H 23 -38.96 19.67 -77.53
C GLY H 23 -38.67 18.87 -76.37
N ILE H 24 -38.76 17.51 -76.51
CA ILE H 24 -38.45 16.58 -75.44
C ILE H 24 -36.98 16.70 -75.03
N GLY H 25 -36.02 16.86 -76.02
CA GLY H 25 -34.64 16.90 -75.79
C GLY H 25 -34.28 18.06 -74.95
N ILE H 26 -34.76 19.27 -75.27
CA ILE H 26 -34.43 20.51 -74.58
C ILE H 26 -34.82 20.42 -73.13
N ALA H 27 -36.03 19.83 -72.87
CA ALA H 27 -36.52 19.64 -71.54
C ALA H 27 -35.67 18.76 -70.57
N ILE H 28 -35.22 17.59 -71.10
CA ILE H 28 -34.40 16.66 -70.35
C ILE H 28 -33.08 17.35 -69.94
N VAL H 29 -32.47 18.19 -70.81
CA VAL H 29 -31.25 18.90 -70.48
C VAL H 29 -31.34 19.78 -69.23
N PHE H 30 -32.46 20.61 -69.24
CA PHE H 30 -32.79 21.44 -68.13
C PHE H 30 -33.18 20.74 -66.84
N ALA H 31 -33.83 19.62 -66.90
CA ALA H 31 -34.20 18.77 -65.79
C ALA H 31 -33.01 18.24 -65.13
N ALA H 32 -32.00 17.74 -65.88
CA ALA H 32 -30.73 17.27 -65.38
C ALA H 32 -29.95 18.43 -64.75
N LEU H 33 -30.03 19.64 -65.29
CA LEU H 33 -29.41 20.80 -64.64
C LEU H 33 -29.93 21.05 -63.19
N ILE H 34 -31.30 21.00 -63.02
CA ILE H 34 -32.02 21.36 -61.78
C ILE H 34 -31.72 20.32 -60.69
N ASN H 35 -31.77 19.02 -61.02
CA ASN H 35 -31.44 17.95 -60.11
C ASN H 35 -30.03 18.04 -59.62
N GLY H 36 -29.03 18.28 -60.50
CA GLY H 36 -27.60 18.42 -60.29
C GLY H 36 -27.28 19.56 -59.33
N VAL H 37 -27.89 20.75 -59.59
CA VAL H 37 -27.71 21.98 -58.84
C VAL H 37 -28.20 21.81 -57.39
N SER H 38 -29.30 21.06 -57.19
CA SER H 38 -29.73 20.72 -55.82
C SER H 38 -28.87 19.72 -55.14
N ARG H 39 -28.19 18.83 -55.91
CA ARG H 39 -27.35 17.79 -55.44
C ARG H 39 -26.08 18.20 -54.87
N ASN H 40 -25.32 19.11 -55.52
CA ASN H 40 -24.10 19.60 -55.06
C ASN H 40 -24.16 20.73 -54.12
N PRO H 41 -25.21 21.47 -54.23
CA PRO H 41 -25.13 22.97 -54.28
C PRO H 41 -24.27 23.63 -55.36
N SER H 42 -22.94 23.83 -55.11
CA SER H 42 -22.07 24.93 -55.58
C SER H 42 -21.53 24.55 -56.91
N ILE H 43 -22.02 23.47 -57.57
CA ILE H 43 -21.74 23.11 -58.93
C ILE H 43 -22.30 24.06 -59.99
N LYS H 44 -23.39 24.78 -59.55
CA LYS H 44 -24.24 25.55 -60.39
C LYS H 44 -23.73 26.53 -61.44
N ASP H 45 -22.62 27.21 -61.13
CA ASP H 45 -22.01 28.19 -62.03
C ASP H 45 -21.27 27.58 -63.25
N THR H 46 -20.65 26.44 -63.09
CA THR H 46 -19.99 25.64 -64.07
C THR H 46 -21.09 24.91 -64.95
N VAL H 47 -22.08 24.30 -64.25
CA VAL H 47 -23.15 23.48 -64.82
C VAL H 47 -24.16 24.17 -65.65
N PHE H 48 -24.53 25.45 -65.33
CA PHE H 48 -25.44 26.24 -66.16
C PHE H 48 -24.93 26.51 -67.57
N PRO H 49 -23.65 26.77 -67.94
CA PRO H 49 -23.12 26.73 -69.27
C PRO H 49 -23.32 25.46 -70.05
N MET H 50 -23.13 24.30 -69.39
CA MET H 50 -23.22 22.95 -69.94
C MET H 50 -24.56 22.62 -70.37
N ALA H 51 -25.54 23.08 -69.59
CA ALA H 51 -26.93 22.88 -69.80
C ALA H 51 -27.41 23.67 -70.96
N ILE H 52 -26.92 24.96 -71.09
CA ILE H 52 -27.25 25.82 -72.16
C ILE H 52 -26.81 25.21 -73.49
N LEU H 53 -25.58 24.64 -73.49
CA LEU H 53 -25.10 23.98 -74.67
C LEU H 53 -25.90 22.80 -75.13
N GLY H 54 -26.25 21.99 -74.10
CA GLY H 54 -27.04 20.76 -74.35
C GLY H 54 -28.40 21.11 -74.97
N PHE H 55 -29.05 22.21 -74.56
CA PHE H 55 -30.22 22.76 -75.12
C PHE H 55 -29.98 23.13 -76.57
N ALA H 56 -28.89 23.86 -76.88
CA ALA H 56 -28.68 24.40 -78.18
C ALA H 56 -28.55 23.26 -79.23
N LEU H 57 -27.81 22.17 -78.93
CA LEU H 57 -27.73 21.11 -79.81
C LEU H 57 -29.04 20.33 -80.02
N SER H 58 -29.91 20.18 -78.95
CA SER H 58 -31.27 19.61 -79.02
C SER H 58 -32.23 20.42 -79.93
N GLU H 59 -32.08 21.77 -79.83
CA GLU H 59 -32.69 22.79 -80.73
C GLU H 59 -32.19 22.70 -82.16
N ALA H 60 -30.90 22.33 -82.31
CA ALA H 60 -30.20 22.24 -83.57
C ALA H 60 -30.76 21.17 -84.50
N THR H 61 -31.24 20.10 -83.91
CA THR H 61 -32.01 19.00 -84.44
C THR H 61 -33.35 19.56 -84.88
N GLY H 62 -34.01 20.46 -84.05
CA GLY H 62 -35.35 21.01 -84.24
C GLY H 62 -35.30 21.85 -85.55
N LEU H 63 -34.14 22.63 -85.70
CA LEU H 63 -33.83 23.50 -86.75
C LEU H 63 -33.66 22.73 -88.09
N PHE H 64 -33.01 21.54 -88.04
CA PHE H 64 -32.78 20.78 -89.25
C PHE H 64 -34.17 20.32 -89.73
N CYS H 65 -35.04 19.82 -88.83
CA CYS H 65 -36.44 19.51 -89.10
C CYS H 65 -37.38 20.66 -89.57
N LEU H 66 -37.25 21.88 -88.98
CA LEU H 66 -38.16 23.01 -89.22
C LEU H 66 -37.94 23.53 -90.66
N MET H 67 -36.67 23.67 -91.11
CA MET H 67 -36.28 24.25 -92.38
C MET H 67 -36.59 23.35 -93.56
N VAL H 68 -36.66 22.03 -93.31
CA VAL H 68 -37.19 21.09 -94.37
C VAL H 68 -38.64 21.26 -94.55
N SER H 69 -39.40 21.50 -93.51
CA SER H 69 -40.79 21.73 -93.57
C SER H 69 -41.13 22.94 -94.49
N PHE H 70 -40.41 24.07 -94.41
CA PHE H 70 -40.46 25.33 -95.16
C PHE H 70 -40.16 25.17 -96.61
N LEU H 71 -39.15 24.28 -96.92
CA LEU H 71 -38.80 23.91 -98.24
C LEU H 71 -39.89 23.30 -99.06
N LEU H 72 -40.64 22.35 -98.48
CA LEU H 72 -41.79 21.67 -99.01
C LEU H 72 -42.97 22.48 -99.19
N LEU H 73 -43.25 23.37 -98.19
CA LEU H 73 -44.28 24.32 -98.19
C LEU H 73 -44.09 25.45 -99.27
N MET I 1 -45.89 12.21 -115.12
CA MET I 1 -45.09 13.42 -114.76
C MET I 1 -45.41 13.90 -113.38
N GLN I 2 -46.69 14.42 -113.10
CA GLN I 2 -47.09 15.01 -111.86
C GLN I 2 -46.90 14.06 -110.69
N LEU I 3 -47.30 12.78 -110.95
CA LEU I 3 -47.23 11.80 -109.90
C LEU I 3 -45.88 11.60 -109.32
N VAL I 4 -44.82 11.49 -110.18
CA VAL I 4 -43.45 11.19 -109.70
C VAL I 4 -42.81 12.33 -108.88
N LEU I 5 -43.15 13.58 -109.22
CA LEU I 5 -42.76 14.77 -108.44
C LEU I 5 -43.39 14.84 -107.08
N ALA I 6 -44.69 14.53 -107.12
CA ALA I 6 -45.55 14.50 -105.94
C ALA I 6 -45.16 13.49 -104.94
N ALA I 7 -44.91 12.26 -105.35
CA ALA I 7 -44.47 11.21 -104.43
C ALA I 7 -43.12 11.55 -103.77
N LYS I 8 -42.16 12.20 -104.53
CA LYS I 8 -40.92 12.64 -104.03
C LYS I 8 -40.98 13.57 -102.81
N TYR I 9 -41.90 14.57 -102.83
CA TYR I 9 -42.11 15.45 -101.72
C TYR I 9 -42.65 14.78 -100.45
N ILE I 10 -43.58 13.82 -100.61
CA ILE I 10 -44.16 13.00 -99.53
C ILE I 10 -43.10 12.13 -98.86
N GLY I 11 -42.22 11.46 -99.68
CA GLY I 11 -41.11 10.59 -99.11
C GLY I 11 -40.20 11.37 -98.24
N ALA I 12 -39.91 12.58 -98.61
CA ALA I 12 -39.05 13.48 -97.93
C ALA I 12 -39.60 13.82 -96.52
N GLY I 13 -40.91 14.08 -96.55
CA GLY I 13 -41.68 14.42 -95.42
C GLY I 13 -41.67 13.34 -94.37
N ILE I 14 -41.88 12.04 -94.71
CA ILE I 14 -41.84 10.90 -93.84
C ILE I 14 -40.46 10.70 -93.22
N SER I 15 -39.34 10.96 -93.97
CA SER I 15 -38.01 10.71 -93.49
C SER I 15 -37.63 11.58 -92.26
N THR I 16 -38.19 12.83 -92.20
CA THR I 16 -37.98 13.84 -91.19
C THR I 16 -38.36 13.35 -89.77
N ILE I 17 -39.28 12.39 -89.69
CA ILE I 17 -39.66 11.70 -88.43
C ILE I 17 -38.44 11.07 -87.76
N GLY I 18 -37.54 10.46 -88.58
CA GLY I 18 -36.42 9.78 -88.23
C GLY I 18 -35.43 10.51 -87.25
N LEU I 19 -35.24 11.80 -87.49
CA LEU I 19 -34.27 12.70 -86.83
C LEU I 19 -34.52 12.82 -85.33
N LEU I 20 -35.81 12.73 -84.93
CA LEU I 20 -36.42 13.02 -83.65
C LEU I 20 -35.73 12.21 -82.51
N GLY I 21 -35.48 10.87 -82.84
CA GLY I 21 -34.88 9.89 -81.94
C GLY I 21 -33.47 10.34 -81.56
N ALA I 22 -32.73 10.95 -82.54
CA ALA I 22 -31.37 11.47 -82.25
C ALA I 22 -31.39 12.61 -81.27
N GLY I 23 -32.48 13.33 -81.42
CA GLY I 23 -32.70 14.51 -80.56
C GLY I 23 -32.87 14.26 -79.10
N ILE I 24 -33.78 13.24 -78.84
CA ILE I 24 -34.10 12.77 -77.53
C ILE I 24 -32.83 12.15 -76.90
N GLY I 25 -32.05 11.44 -77.68
CA GLY I 25 -30.87 10.79 -77.37
C GLY I 25 -29.78 11.75 -76.95
N ILE I 26 -29.57 12.88 -77.67
CA ILE I 26 -28.56 13.92 -77.56
C ILE I 26 -28.66 14.47 -76.17
N ALA I 27 -29.91 14.71 -75.63
CA ALA I 27 -30.25 15.17 -74.31
C ALA I 27 -29.88 14.33 -73.18
N ILE I 28 -30.10 13.01 -73.29
CA ILE I 28 -29.73 11.99 -72.34
C ILE I 28 -28.26 11.94 -72.10
N VAL I 29 -27.37 12.09 -73.16
CA VAL I 29 -25.94 12.08 -73.05
C VAL I 29 -25.48 13.30 -72.25
N PHE I 30 -26.06 14.50 -72.55
CA PHE I 30 -25.88 15.71 -71.83
C PHE I 30 -26.42 15.55 -70.43
N ALA I 31 -27.55 14.83 -70.14
CA ALA I 31 -28.07 14.72 -68.78
C ALA I 31 -27.08 13.97 -67.89
N ALA I 32 -26.50 12.84 -68.36
CA ALA I 32 -25.53 11.99 -67.73
C ALA I 32 -24.30 12.73 -67.35
N LEU I 33 -23.81 13.59 -68.26
CA LEU I 33 -22.61 14.45 -68.06
C LEU I 33 -22.73 15.29 -66.89
N ILE I 34 -23.90 16.05 -66.82
CA ILE I 34 -24.30 17.02 -65.83
C ILE I 34 -24.36 16.32 -64.44
N ASN I 35 -24.97 15.03 -64.44
CA ASN I 35 -25.15 14.25 -63.25
C ASN I 35 -23.94 13.73 -62.55
N GLY I 36 -22.90 13.28 -63.34
CA GLY I 36 -21.64 12.82 -62.82
C GLY I 36 -20.81 13.90 -62.18
N VAL I 37 -20.70 15.05 -62.90
CA VAL I 37 -19.94 16.24 -62.53
C VAL I 37 -20.54 16.91 -61.39
N SER I 38 -21.92 16.89 -61.18
CA SER I 38 -22.48 17.28 -59.88
C SER I 38 -22.16 16.28 -58.81
N ARG I 39 -22.06 15.01 -59.05
CA ARG I 39 -21.79 14.08 -58.03
C ARG I 39 -20.39 14.03 -57.42
N ASN I 40 -19.29 13.98 -58.24
CA ASN I 40 -17.94 13.76 -57.77
C ASN I 40 -17.13 15.08 -57.39
N PRO I 41 -17.50 16.26 -57.93
CA PRO I 41 -16.41 17.29 -58.09
C PRO I 41 -15.10 16.97 -58.69
N SER I 42 -14.93 15.91 -59.51
CA SER I 42 -13.59 15.65 -59.94
C SER I 42 -13.54 14.69 -61.13
N ILE I 43 -14.77 14.15 -61.46
CA ILE I 43 -14.81 13.12 -62.57
C ILE I 43 -14.67 13.87 -63.94
N LYS I 44 -14.91 15.18 -63.98
CA LYS I 44 -15.32 15.96 -65.08
C LYS I 44 -14.47 15.78 -66.33
N ASP I 45 -13.09 15.73 -66.16
CA ASP I 45 -12.06 15.63 -67.19
C ASP I 45 -11.97 14.28 -67.88
N THR I 46 -12.34 13.20 -67.11
CA THR I 46 -12.51 11.84 -67.57
C THR I 46 -13.82 11.73 -68.35
N VAL I 47 -14.92 12.30 -67.75
CA VAL I 47 -16.24 12.13 -68.31
C VAL I 47 -16.52 12.96 -69.58
N PHE I 48 -15.90 14.17 -69.74
CA PHE I 48 -16.19 15.07 -70.81
C PHE I 48 -15.82 14.45 -72.18
N PRO I 49 -14.73 13.77 -72.49
CA PRO I 49 -14.53 13.17 -73.80
C PRO I 49 -15.57 12.04 -74.12
N MET I 50 -16.02 11.32 -73.07
CA MET I 50 -16.98 10.24 -73.05
C MET I 50 -18.29 10.72 -73.47
N ALA I 51 -18.74 11.91 -73.01
CA ALA I 51 -19.99 12.54 -73.41
C ALA I 51 -19.93 12.96 -74.84
N ILE I 52 -18.77 13.59 -75.25
CA ILE I 52 -18.61 14.07 -76.64
C ILE I 52 -18.67 13.02 -77.71
N LEU I 53 -18.01 11.85 -77.37
CA LEU I 53 -18.01 10.64 -78.05
C LEU I 53 -19.47 10.16 -78.18
N GLY I 54 -20.24 10.07 -77.02
CA GLY I 54 -21.64 9.68 -77.00
C GLY I 54 -22.57 10.53 -77.80
N PHE I 55 -22.40 11.83 -77.75
CA PHE I 55 -23.08 12.86 -78.47
C PHE I 55 -23.00 12.66 -79.96
N ALA I 56 -21.74 12.46 -80.49
CA ALA I 56 -21.38 12.21 -81.88
C ALA I 56 -22.07 11.01 -82.46
N LEU I 57 -22.02 9.95 -81.66
CA LEU I 57 -22.66 8.66 -81.97
C LEU I 57 -24.18 8.66 -82.02
N SER I 58 -24.83 9.32 -81.06
CA SER I 58 -26.28 9.52 -81.08
C SER I 58 -26.77 10.37 -82.28
N GLU I 59 -25.98 11.44 -82.57
CA GLU I 59 -26.22 12.41 -83.56
C GLU I 59 -26.23 11.80 -84.95
N ALA I 60 -25.21 10.88 -85.22
CA ALA I 60 -24.85 10.30 -86.54
C ALA I 60 -26.08 9.62 -87.14
N THR I 61 -26.94 8.96 -86.29
CA THR I 61 -28.16 8.35 -86.79
C THR I 61 -29.09 9.39 -87.43
N GLY I 62 -29.31 10.59 -86.76
CA GLY I 62 -30.17 11.71 -87.27
C GLY I 62 -29.56 12.31 -88.57
N LEU I 63 -28.22 12.35 -88.73
CA LEU I 63 -27.51 12.79 -89.87
C LEU I 63 -27.85 11.97 -91.12
N PHE I 64 -27.89 10.64 -90.94
CA PHE I 64 -28.30 9.66 -91.87
C PHE I 64 -29.71 9.86 -92.30
N CYS I 65 -30.62 10.15 -91.38
CA CYS I 65 -32.05 10.47 -91.72
C CYS I 65 -32.19 11.66 -92.59
N LEU I 66 -31.37 12.68 -92.20
CA LEU I 66 -31.44 13.98 -92.86
C LEU I 66 -31.05 13.92 -94.36
N MET I 67 -29.94 13.16 -94.63
CA MET I 67 -29.40 12.96 -95.92
C MET I 67 -30.26 12.19 -96.95
N VAL I 68 -30.93 11.13 -96.52
CA VAL I 68 -31.84 10.32 -97.22
C VAL I 68 -33.06 11.10 -97.57
N SER I 69 -33.50 12.08 -96.69
CA SER I 69 -34.60 13.03 -96.96
C SER I 69 -34.24 13.83 -98.18
N PHE I 70 -32.95 14.31 -98.23
CA PHE I 70 -32.41 15.15 -99.29
C PHE I 70 -32.41 14.46 -100.59
N LEU I 71 -32.05 13.08 -100.65
CA LEU I 71 -32.24 12.24 -101.85
C LEU I 71 -33.64 12.13 -102.38
N LEU I 72 -34.60 12.04 -101.50
CA LEU I 72 -36.00 12.06 -101.88
C LEU I 72 -36.59 13.41 -102.28
N LEU I 73 -36.12 14.48 -101.61
CA LEU I 73 -36.67 15.84 -101.90
C LEU I 73 -36.31 16.34 -103.25
N PHE I 74 -35.00 16.20 -103.49
CA PHE I 74 -34.38 16.70 -104.62
C PHE I 74 -34.55 15.72 -105.73
N GLY I 75 -34.56 14.37 -105.46
CA GLY I 75 -34.66 13.37 -106.52
C GLY I 75 -33.21 13.13 -107.08
N GLN J 2 -45.30 4.30 -113.47
CA GLN J 2 -46.36 5.28 -113.14
C GLN J 2 -46.47 5.15 -111.69
N LEU J 3 -47.45 4.29 -111.26
CA LEU J 3 -47.86 3.99 -109.85
C LEU J 3 -46.69 3.45 -109.06
N VAL J 4 -45.88 2.58 -109.79
CA VAL J 4 -44.76 1.82 -109.27
C VAL J 4 -43.63 2.76 -108.72
N LEU J 5 -43.30 3.84 -109.48
CA LEU J 5 -42.30 4.83 -109.22
C LEU J 5 -42.72 5.70 -108.04
N ALA J 6 -44.01 5.94 -107.84
CA ALA J 6 -44.52 6.52 -106.62
C ALA J 6 -44.30 5.65 -105.44
N ALA J 7 -44.55 4.31 -105.57
CA ALA J 7 -44.33 3.29 -104.56
C ALA J 7 -42.88 3.21 -104.19
N LYS J 8 -41.86 3.37 -105.10
CA LYS J 8 -40.50 3.46 -104.64
C LYS J 8 -40.20 4.55 -103.70
N TYR J 9 -40.63 5.77 -104.06
CA TYR J 9 -40.29 6.93 -103.22
C TYR J 9 -40.96 6.93 -101.86
N ILE J 10 -42.24 6.63 -101.75
CA ILE J 10 -43.07 6.59 -100.50
C ILE J 10 -42.51 5.51 -99.53
N GLY J 11 -42.24 4.23 -100.03
CA GLY J 11 -41.65 3.22 -99.25
C GLY J 11 -40.27 3.53 -98.60
N ALA J 12 -39.37 4.11 -99.43
CA ALA J 12 -37.98 4.46 -99.06
C ALA J 12 -37.96 5.43 -97.87
N GLY J 13 -38.81 6.50 -97.90
CA GLY J 13 -38.95 7.43 -96.79
C GLY J 13 -39.38 6.77 -95.45
N ILE J 14 -40.33 5.78 -95.57
CA ILE J 14 -40.88 5.06 -94.42
C ILE J 14 -39.89 4.40 -93.59
N SER J 15 -38.95 3.70 -94.25
CA SER J 15 -37.76 2.94 -93.68
C SER J 15 -36.85 3.76 -92.91
N THR J 16 -36.73 5.06 -93.24
CA THR J 16 -35.93 5.97 -92.52
C THR J 16 -36.36 6.09 -91.05
N ILE J 17 -37.58 5.90 -90.73
CA ILE J 17 -38.12 6.06 -89.38
C ILE J 17 -37.46 5.11 -88.35
N GLY J 18 -37.14 3.87 -88.82
CA GLY J 18 -36.60 2.78 -87.99
C GLY J 18 -35.27 3.17 -87.27
N LEU J 19 -34.51 4.04 -87.95
CA LEU J 19 -33.29 4.55 -87.45
C LEU J 19 -33.29 5.26 -86.11
N LEU J 20 -34.48 5.85 -85.78
CA LEU J 20 -34.71 6.57 -84.53
C LEU J 20 -34.44 5.77 -83.30
N GLY J 21 -34.68 4.47 -83.43
CA GLY J 21 -34.51 3.48 -82.42
C GLY J 21 -33.05 3.24 -82.04
N ALA J 22 -32.15 3.17 -83.09
CA ALA J 22 -30.75 2.92 -82.88
C ALA J 22 -30.08 4.13 -82.14
N GLY J 23 -30.57 5.35 -82.52
CA GLY J 23 -30.10 6.65 -82.00
C GLY J 23 -30.33 6.89 -80.53
N ILE J 24 -31.57 6.60 -80.02
CA ILE J 24 -31.95 6.58 -78.64
C ILE J 24 -31.19 5.51 -77.86
N GLY J 25 -31.02 4.27 -78.55
CA GLY J 25 -30.29 3.14 -77.99
C GLY J 25 -28.87 3.48 -77.72
N ILE J 26 -28.16 4.01 -78.67
CA ILE J 26 -26.75 4.47 -78.53
C ILE J 26 -26.60 5.38 -77.29
N ALA J 27 -27.52 6.35 -77.12
CA ALA J 27 -27.48 7.33 -76.07
C ALA J 27 -27.50 6.66 -74.68
N ILE J 28 -28.37 5.66 -74.55
CA ILE J 28 -28.60 4.99 -73.26
C ILE J 28 -27.24 4.29 -72.92
N VAL J 29 -26.55 3.74 -73.90
CA VAL J 29 -25.26 3.04 -73.67
C VAL J 29 -24.15 3.99 -73.10
N PHE J 30 -24.05 5.19 -73.70
CA PHE J 30 -23.09 6.17 -73.22
C PHE J 30 -23.40 6.75 -71.89
N ALA J 31 -24.72 6.92 -71.59
CA ALA J 31 -25.21 7.48 -70.32
C ALA J 31 -24.87 6.60 -69.17
N ALA J 32 -25.09 5.26 -69.37
CA ALA J 32 -24.77 4.24 -68.43
C ALA J 32 -23.27 4.18 -68.26
N LEU J 33 -22.45 4.33 -69.29
CA LEU J 33 -21.01 4.43 -69.21
C LEU J 33 -20.50 5.53 -68.39
N ILE J 34 -21.05 6.80 -68.57
CA ILE J 34 -20.75 7.93 -67.76
C ILE J 34 -21.19 7.86 -66.28
N ASN J 35 -22.39 7.23 -66.02
CA ASN J 35 -22.84 6.96 -64.70
C ASN J 35 -21.99 6.05 -63.92
N GLY J 36 -21.47 4.92 -64.50
CA GLY J 36 -20.64 3.95 -63.88
C GLY J 36 -19.28 4.48 -63.59
N VAL J 37 -18.75 5.26 -64.51
CA VAL J 37 -17.37 5.76 -64.29
C VAL J 37 -17.37 6.67 -63.08
N SER J 38 -18.42 7.55 -63.01
CA SER J 38 -18.57 8.51 -61.96
C SER J 38 -18.82 7.96 -60.58
N ARG J 39 -19.43 6.76 -60.54
CA ARG J 39 -19.51 5.91 -59.38
C ARG J 39 -18.25 5.29 -58.79
N ASN J 40 -17.40 4.75 -59.68
CA ASN J 40 -16.19 4.07 -59.20
C ASN J 40 -15.06 5.04 -59.19
N PRO J 41 -14.96 6.11 -59.98
CA PRO J 41 -13.63 6.59 -60.37
C PRO J 41 -12.58 5.63 -60.84
N SER J 42 -12.93 4.35 -61.36
CA SER J 42 -11.83 3.48 -61.63
C SER J 42 -12.16 2.27 -62.40
N ILE J 43 -13.46 2.02 -62.64
CA ILE J 43 -13.91 0.82 -63.29
C ILE J 43 -13.75 0.86 -64.84
N LYS J 44 -13.34 2.01 -65.38
CA LYS J 44 -13.52 2.36 -66.78
C LYS J 44 -12.94 1.45 -67.73
N ASP J 45 -11.70 0.87 -67.50
CA ASP J 45 -10.97 0.17 -68.52
C ASP J 45 -11.73 -1.17 -68.74
N THR J 46 -12.38 -1.79 -67.77
CA THR J 46 -13.25 -2.95 -67.96
C THR J 46 -14.57 -2.57 -68.64
N VAL J 47 -15.21 -1.44 -68.21
CA VAL J 47 -16.52 -0.97 -68.73
C VAL J 47 -16.46 -0.32 -70.06
N PHE J 48 -15.32 0.28 -70.53
CA PHE J 48 -15.20 0.91 -71.88
C PHE J 48 -15.43 -0.07 -73.01
N PRO J 49 -14.90 -1.30 -73.09
CA PRO J 49 -15.36 -2.22 -74.10
C PRO J 49 -16.88 -2.66 -73.98
N MET J 50 -17.49 -2.65 -72.81
CA MET J 50 -18.90 -2.90 -72.70
C MET J 50 -19.71 -1.84 -73.40
N ALA J 51 -19.35 -0.52 -73.20
CA ALA J 51 -20.01 0.58 -73.89
C ALA J 51 -19.82 0.70 -75.43
N ILE J 52 -18.57 0.43 -75.96
CA ILE J 52 -18.28 0.40 -77.36
C ILE J 52 -19.05 -0.68 -78.09
N LEU J 53 -19.23 -1.90 -77.39
CA LEU J 53 -20.06 -3.04 -77.81
C LEU J 53 -21.53 -2.70 -77.88
N GLY J 54 -22.08 -2.00 -76.88
CA GLY J 54 -23.46 -1.56 -76.77
C GLY J 54 -23.85 -0.61 -77.92
N PHE J 55 -22.93 0.32 -78.24
CA PHE J 55 -23.08 1.26 -79.42
C PHE J 55 -23.08 0.40 -80.69
N ALA J 56 -22.19 -0.57 -80.79
CA ALA J 56 -21.97 -1.36 -81.97
C ALA J 56 -23.26 -2.12 -82.43
N LEU J 57 -23.92 -2.75 -81.47
CA LEU J 57 -25.18 -3.41 -81.75
C LEU J 57 -26.31 -2.54 -82.03
N SER J 58 -26.42 -1.35 -81.35
CA SER J 58 -27.47 -0.39 -81.51
C SER J 58 -27.54 0.15 -82.91
N GLU J 59 -26.24 0.41 -83.42
CA GLU J 59 -25.85 0.76 -84.76
C GLU J 59 -26.21 -0.28 -85.79
N ALA J 60 -26.06 -1.59 -85.50
CA ALA J 60 -26.39 -2.69 -86.41
C ALA J 60 -27.85 -2.74 -86.80
N THR J 61 -28.77 -2.43 -85.86
CA THR J 61 -30.13 -2.46 -86.12
C THR J 61 -30.45 -1.29 -87.12
N GLY J 62 -29.78 -0.06 -87.00
CA GLY J 62 -29.96 1.17 -87.76
C GLY J 62 -29.66 0.96 -89.25
N LEU J 63 -28.49 0.26 -89.43
CA LEU J 63 -27.84 -0.16 -90.64
C LEU J 63 -28.77 -1.04 -91.49
N PHE J 64 -29.40 -2.01 -90.82
CA PHE J 64 -30.39 -2.88 -91.40
C PHE J 64 -31.63 -2.04 -91.91
N CYS J 65 -32.07 -1.00 -91.10
CA CYS J 65 -33.13 -0.09 -91.58
C CYS J 65 -32.81 0.68 -92.85
N LEU J 66 -31.59 1.22 -92.94
CA LEU J 66 -31.00 2.00 -94.05
C LEU J 66 -30.87 1.32 -95.34
N MET J 67 -30.51 0.00 -95.34
CA MET J 67 -30.33 -0.76 -96.51
C MET J 67 -31.67 -1.13 -97.05
N VAL J 68 -32.63 -1.36 -96.16
CA VAL J 68 -34.02 -1.53 -96.67
C VAL J 68 -34.48 -0.28 -97.42
N SER J 69 -34.15 0.99 -96.94
CA SER J 69 -34.56 2.19 -97.61
C SER J 69 -33.88 2.23 -98.98
N PHE J 70 -32.56 1.91 -99.21
CA PHE J 70 -31.85 1.96 -100.52
C PHE J 70 -32.51 0.91 -101.46
N LEU J 71 -32.87 -0.29 -100.90
CA LEU J 71 -33.50 -1.36 -101.73
C LEU J 71 -34.82 -0.91 -102.34
N LEU J 72 -35.67 -0.22 -101.56
CA LEU J 72 -36.89 0.39 -102.00
C LEU J 72 -36.77 1.56 -102.95
N LEU J 73 -35.74 2.41 -102.80
CA LEU J 73 -35.49 3.53 -103.65
C LEU J 73 -35.11 3.22 -105.13
N PHE J 74 -34.06 2.39 -105.30
CA PHE J 74 -33.49 1.96 -106.60
C PHE J 74 -34.28 0.87 -107.23
N GLY J 75 -34.81 -0.03 -106.41
CA GLY J 75 -35.48 -1.21 -107.05
C GLY J 75 -36.47 -1.77 -106.09
N GLU K 9 71.14 -15.80 31.45
CA GLU K 9 69.81 -16.28 31.78
C GLU K 9 68.97 -15.14 32.34
N VAL K 10 67.79 -14.92 31.70
CA VAL K 10 66.81 -13.85 31.91
C VAL K 10 66.38 -13.74 33.31
N SER K 11 66.22 -14.94 34.04
CA SER K 11 65.86 -14.98 35.44
C SER K 11 66.87 -14.25 36.34
N SER K 12 68.25 -14.36 36.05
CA SER K 12 69.22 -13.76 36.97
C SER K 12 69.11 -12.25 37.01
N ILE K 13 68.85 -11.66 35.88
CA ILE K 13 68.75 -10.27 35.64
C ILE K 13 67.45 -9.83 36.25
N LEU K 14 66.31 -10.57 36.19
CA LEU K 14 65.08 -10.19 36.82
C LEU K 14 65.11 -10.24 38.35
N GLU K 15 65.75 -11.31 38.86
CA GLU K 15 65.91 -11.63 40.33
C GLU K 15 66.68 -10.50 40.98
N GLU K 16 67.74 -10.06 40.24
CA GLU K 16 68.61 -9.01 40.59
C GLU K 16 67.92 -7.70 40.73
N ARG K 17 66.87 -7.40 39.81
CA ARG K 17 66.05 -6.16 39.96
C ARG K 17 65.37 -6.15 41.29
N ILE K 18 64.69 -7.34 41.68
CA ILE K 18 63.91 -7.47 42.86
C ILE K 18 64.83 -7.26 44.06
N LYS K 19 66.09 -7.80 44.03
CA LYS K 19 67.03 -7.53 45.08
C LYS K 19 67.39 -6.03 45.36
N GLY K 20 67.55 -5.26 44.30
CA GLY K 20 67.86 -3.82 44.45
C GLY K 20 66.78 -3.16 45.22
N VAL K 21 65.51 -3.57 44.95
CA VAL K 21 64.31 -2.89 45.49
C VAL K 21 64.13 -3.22 46.95
N SER K 22 64.61 -4.45 47.43
CA SER K 22 64.58 -5.08 48.81
C SER K 22 64.65 -4.24 50.08
N ASP K 23 65.29 -3.03 49.96
CA ASP K 23 65.57 -2.21 51.10
C ASP K 23 64.68 -0.99 50.85
N GLU K 24 63.60 -0.84 51.71
CA GLU K 24 62.52 0.16 51.45
C GLU K 24 62.60 1.09 52.72
N ALA K 25 62.19 2.35 52.54
CA ALA K 25 62.18 3.36 53.53
C ALA K 25 60.84 3.36 54.20
N ASN K 26 60.66 4.33 55.20
CA ASN K 26 59.49 4.77 55.87
C ASN K 26 58.39 5.16 54.99
N LEU K 27 57.18 4.66 55.31
CA LEU K 27 55.95 4.95 54.53
C LEU K 27 55.45 6.20 55.12
N ASN K 28 55.08 7.11 54.21
CA ASN K 28 54.74 8.50 54.46
C ASN K 28 53.46 8.60 55.18
N GLU K 29 52.47 7.83 54.71
CA GLU K 29 51.29 7.51 55.51
C GLU K 29 50.88 6.20 55.11
N THR K 30 50.34 5.41 56.08
CA THR K 30 49.99 4.01 55.97
C THR K 30 48.57 3.94 56.33
N GLY K 31 47.79 3.56 55.34
CA GLY K 31 46.38 3.18 55.47
C GLY K 31 46.40 1.70 55.67
N ARG K 32 45.26 1.22 56.16
CA ARG K 32 44.98 -0.21 56.25
C ARG K 32 43.63 -0.42 55.64
N VAL K 33 43.47 -1.48 54.83
CA VAL K 33 42.21 -1.82 54.15
C VAL K 33 41.27 -2.35 55.17
N LEU K 34 40.34 -1.49 55.73
CA LEU K 34 39.26 -2.00 56.65
C LEU K 34 38.26 -3.04 56.06
N ALA K 35 37.84 -2.77 54.79
CA ALA K 35 37.06 -3.67 53.92
C ALA K 35 37.17 -3.20 52.54
N VAL K 36 36.69 -4.08 51.63
CA VAL K 36 36.88 -3.86 50.22
C VAL K 36 35.65 -4.51 49.54
N GLY K 37 35.20 -4.06 48.32
CA GLY K 37 33.79 -4.23 47.92
C GLY K 37 33.32 -2.99 47.20
N ASP K 38 32.55 -3.16 46.07
CA ASP K 38 31.97 -2.19 45.17
C ASP K 38 33.11 -1.66 44.22
N GLY K 39 34.26 -2.37 44.29
CA GLY K 39 35.49 -1.91 43.65
C GLY K 39 36.10 -0.73 44.41
N ILE K 40 35.54 -0.36 45.55
CA ILE K 40 35.96 0.75 46.37
C ILE K 40 36.47 0.07 47.63
N ALA K 41 37.84 -0.02 47.76
CA ALA K 41 38.49 -0.35 49.02
C ALA K 41 38.24 0.74 50.03
N ARG K 42 37.57 0.41 51.14
CA ARG K 42 37.35 1.25 52.29
C ARG K 42 38.59 1.20 53.14
N VAL K 43 39.55 2.03 52.86
CA VAL K 43 40.85 2.13 53.55
C VAL K 43 40.76 3.11 54.66
N PHE K 44 40.81 2.56 55.91
CA PHE K 44 41.06 3.26 57.11
C PHE K 44 42.36 4.05 57.03
N GLY K 45 42.39 5.28 57.70
CA GLY K 45 43.68 5.93 58.01
C GLY K 45 43.94 6.77 56.78
N LEU K 46 45.28 7.11 56.60
CA LEU K 46 45.76 8.06 55.57
C LEU K 46 45.28 9.43 55.97
N ASN K 47 45.56 9.79 57.27
CA ASN K 47 45.00 10.93 58.07
C ASN K 47 45.21 12.25 57.43
N ASN K 48 46.46 12.49 56.92
CA ASN K 48 46.91 13.63 56.19
C ASN K 48 47.29 13.00 54.88
N ILE K 49 46.40 13.28 53.86
CA ILE K 49 46.58 12.84 52.50
C ILE K 49 45.88 13.97 51.70
N GLN K 50 46.51 14.29 50.50
CA GLN K 50 46.01 15.13 49.50
C GLN K 50 44.80 14.56 48.93
N ALA K 51 43.82 15.39 48.40
CA ALA K 51 42.65 14.89 47.75
C ALA K 51 42.82 14.40 46.32
N GLU K 52 42.45 13.07 46.17
CA GLU K 52 42.47 12.25 44.94
C GLU K 52 43.80 11.83 44.45
N GLU K 53 44.84 12.10 45.32
CA GLU K 53 46.13 11.51 45.25
C GLU K 53 46.09 10.05 44.93
N LEU K 54 46.95 9.65 43.95
CA LEU K 54 47.36 8.30 43.66
C LEU K 54 47.95 7.60 44.82
N VAL K 55 47.60 6.29 45.03
CA VAL K 55 48.16 5.48 46.14
C VAL K 55 48.61 4.14 45.53
N GLU K 56 49.44 3.33 46.29
CA GLU K 56 49.76 1.97 45.72
C GLU K 56 49.55 1.26 46.90
N PHE K 57 49.40 -0.03 46.68
CA PHE K 57 49.09 -1.02 47.69
C PHE K 57 50.32 -1.82 47.78
N SER K 58 50.63 -2.41 48.87
CA SER K 58 51.87 -3.16 49.00
C SER K 58 51.69 -4.52 48.26
N SER K 59 50.46 -4.96 47.89
CA SER K 59 50.01 -6.00 47.02
C SER K 59 50.62 -5.75 45.67
N GLY K 60 50.42 -4.53 45.11
CA GLY K 60 50.97 -4.07 43.88
C GLY K 60 49.84 -3.47 42.99
N VAL K 61 48.62 -3.45 43.51
CA VAL K 61 47.46 -2.79 42.95
C VAL K 61 47.52 -1.32 43.33
N LYS K 62 47.50 -0.48 42.30
CA LYS K 62 47.43 0.97 42.55
C LYS K 62 46.00 1.39 42.46
N GLY K 63 45.68 2.47 43.17
CA GLY K 63 44.37 3.07 43.08
C GLY K 63 44.61 4.57 43.16
N MET K 64 43.58 5.29 43.65
CA MET K 64 43.70 6.70 44.03
C MET K 64 42.53 7.03 44.91
N ALA K 65 42.67 8.15 45.69
CA ALA K 65 41.87 8.62 46.79
C ALA K 65 40.51 9.26 46.44
N LEU K 66 39.51 8.53 45.75
CA LEU K 66 38.33 9.08 45.22
C LEU K 66 37.36 9.61 46.19
N ASN K 67 37.23 8.89 47.34
CA ASN K 67 36.43 9.40 48.48
C ASN K 67 37.41 9.75 49.56
N LEU K 68 37.18 10.88 50.23
CA LEU K 68 37.92 11.46 51.26
C LEU K 68 36.83 11.68 52.25
N GLU K 69 37.02 11.03 53.42
CA GLU K 69 35.98 11.09 54.56
C GLU K 69 36.72 11.39 55.97
N PRO K 70 36.16 11.64 57.10
CA PRO K 70 36.90 12.15 58.28
C PRO K 70 37.83 11.14 58.96
N GLY K 71 37.61 9.82 58.80
CA GLY K 71 38.19 8.72 59.55
C GLY K 71 38.57 7.61 58.66
N GLN K 72 38.39 7.87 57.35
CA GLN K 72 38.38 6.83 56.33
C GLN K 72 38.74 7.51 55.09
N VAL K 73 39.19 6.79 54.10
CA VAL K 73 39.53 7.28 52.81
C VAL K 73 39.28 6.08 51.93
N GLY K 74 38.08 6.11 51.28
CA GLY K 74 37.83 5.31 50.09
C GLY K 74 38.83 5.53 48.99
N ILE K 75 39.37 4.43 48.57
CA ILE K 75 40.19 4.29 47.40
C ILE K 75 39.43 3.59 46.34
N VAL K 76 39.37 4.22 45.09
CA VAL K 76 39.05 3.54 43.89
C VAL K 76 40.18 2.68 43.47
N LEU K 77 39.96 1.36 43.46
CA LEU K 77 40.90 0.42 42.96
C LEU K 77 40.91 0.48 41.48
N PHE K 78 42.10 0.67 40.87
CA PHE K 78 42.33 0.46 39.45
C PHE K 78 42.47 -1.02 39.10
N GLY K 79 43.21 -1.70 40.04
CA GLY K 79 43.42 -3.15 40.04
C GLY K 79 42.17 -3.83 40.67
N SER K 80 42.39 -5.12 41.03
CA SER K 80 41.32 -6.05 41.28
C SER K 80 41.01 -6.18 42.80
N ASP K 81 39.78 -6.70 43.06
CA ASP K 81 39.39 -7.05 44.41
C ASP K 81 39.97 -8.39 44.72
N ARG K 82 40.44 -9.17 43.77
CA ARG K 82 41.07 -10.47 44.03
C ARG K 82 42.30 -10.36 44.86
N LEU K 83 43.15 -9.34 44.51
CA LEU K 83 44.50 -9.12 45.06
C LEU K 83 44.63 -8.18 46.19
N VAL K 84 43.50 -7.53 46.43
CA VAL K 84 43.23 -6.67 47.58
C VAL K 84 42.52 -7.59 48.46
N LYS K 85 42.76 -7.52 49.79
CA LYS K 85 42.01 -8.15 50.85
C LYS K 85 42.28 -7.34 52.03
N GLU K 86 41.50 -7.55 53.12
CA GLU K 86 41.51 -6.76 54.31
C GLU K 86 42.82 -6.79 55.09
N GLY K 87 43.24 -5.66 55.71
CA GLY K 87 44.47 -5.49 56.55
C GLY K 87 45.37 -4.74 55.70
N GLU K 88 45.64 -5.20 54.48
CA GLU K 88 46.79 -4.78 53.60
C GLU K 88 47.20 -3.31 53.67
N LEU K 89 48.49 -3.03 53.57
CA LEU K 89 48.98 -1.69 53.60
C LEU K 89 48.62 -0.86 52.45
N VAL K 90 48.36 0.46 52.64
CA VAL K 90 48.05 1.21 51.43
C VAL K 90 48.99 2.40 51.65
N LYS K 91 50.14 2.36 50.96
CA LYS K 91 51.28 3.28 50.96
C LYS K 91 50.88 4.52 50.17
N ARG K 92 51.18 5.69 50.83
CA ARG K 92 51.13 7.00 50.22
C ARG K 92 52.17 7.06 49.13
N THR K 93 51.75 7.30 47.87
CA THR K 93 52.66 7.51 46.74
C THR K 93 52.87 8.92 46.50
N GLY K 94 52.06 9.79 47.14
CA GLY K 94 52.36 11.13 47.28
C GLY K 94 51.96 12.02 46.12
N ASN K 95 52.06 11.47 44.83
CA ASN K 95 51.69 12.33 43.65
C ASN K 95 50.20 12.32 43.41
N ILE K 96 49.59 13.46 42.97
CA ILE K 96 48.29 13.39 42.31
C ILE K 96 48.57 13.15 40.89
N VAL K 97 47.66 12.40 40.23
CA VAL K 97 47.77 11.76 38.94
C VAL K 97 48.35 12.76 37.98
N ASP K 98 49.45 12.31 37.40
CA ASP K 98 50.32 13.08 36.49
C ASP K 98 50.62 12.00 35.54
N VAL K 99 51.32 12.36 34.48
CA VAL K 99 51.32 11.56 33.25
C VAL K 99 52.67 11.80 32.68
N PRO K 100 53.35 10.86 32.11
CA PRO K 100 54.52 11.18 31.30
C PRO K 100 54.23 11.95 30.01
N VAL K 101 55.06 12.96 29.66
CA VAL K 101 54.60 13.86 28.57
C VAL K 101 55.78 14.09 27.65
N GLY K 102 55.48 14.62 26.45
CA GLY K 102 56.36 14.91 25.38
C GLY K 102 56.55 13.63 24.56
N PRO K 103 57.25 13.77 23.49
CA PRO K 103 57.66 12.65 22.71
C PRO K 103 58.38 11.48 23.42
N GLY K 104 58.23 10.31 22.84
CA GLY K 104 58.70 9.06 23.30
C GLY K 104 57.46 8.24 23.45
N LEU K 105 56.28 8.83 23.30
CA LEU K 105 55.04 8.23 23.39
C LEU K 105 54.52 8.09 22.01
N LEU K 106 55.31 8.64 21.04
CA LEU K 106 55.05 8.44 19.62
C LEU K 106 55.49 7.01 19.14
N GLY K 107 54.64 6.22 18.35
CA GLY K 107 54.90 4.82 18.03
C GLY K 107 54.41 3.95 19.10
N ARG K 108 53.65 4.51 20.10
CA ARG K 108 53.40 3.76 21.32
C ARG K 108 51.94 3.56 21.36
N VAL K 109 51.54 2.41 21.97
CA VAL K 109 50.21 2.00 22.22
C VAL K 109 50.21 1.97 23.74
N VAL K 110 49.37 2.77 24.43
CA VAL K 110 49.57 3.06 25.80
C VAL K 110 48.18 3.02 26.53
N ASP K 111 48.13 3.19 27.84
CA ASP K 111 46.96 3.04 28.67
C ASP K 111 46.85 4.42 29.42
N ALA K 112 46.18 4.45 30.57
CA ALA K 112 45.98 5.63 31.25
C ALA K 112 47.03 6.11 32.15
N LEU K 113 48.04 5.26 32.51
CA LEU K 113 49.26 5.59 33.30
C LEU K 113 50.35 6.07 32.40
N GLY K 114 50.07 5.94 31.09
CA GLY K 114 50.85 6.30 29.95
C GLY K 114 51.96 5.39 29.83
N ASN K 115 51.74 4.08 30.17
CA ASN K 115 52.77 3.10 30.17
C ASN K 115 52.39 2.05 29.01
N PRO K 116 53.28 1.32 28.35
CA PRO K 116 53.02 0.68 27.07
C PRO K 116 52.42 -0.66 27.31
N ILE K 117 51.47 -1.04 26.47
CA ILE K 117 50.78 -2.27 26.31
C ILE K 117 51.01 -2.80 24.83
N ASP K 118 51.78 -2.01 24.05
CA ASP K 118 52.51 -2.63 22.92
C ASP K 118 53.67 -3.49 23.40
N GLY K 119 54.33 -3.03 24.51
CA GLY K 119 55.52 -3.65 25.04
C GLY K 119 56.80 -3.29 24.38
N LYS K 120 56.76 -2.21 23.53
CA LYS K 120 57.93 -1.80 22.82
C LYS K 120 58.60 -0.71 23.55
N GLY K 121 59.92 -0.95 23.84
CA GLY K 121 60.76 -0.21 24.74
C GLY K 121 60.15 0.10 26.09
N PRO K 122 60.88 0.99 26.86
CA PRO K 122 60.33 1.53 28.12
C PRO K 122 59.63 2.77 27.63
N ILE K 123 58.61 3.38 28.36
CA ILE K 123 58.30 4.79 28.06
C ILE K 123 59.45 5.53 28.74
N ASP K 124 60.19 6.22 27.87
CA ASP K 124 60.93 7.29 28.44
C ASP K 124 60.20 8.51 27.97
N ALA K 125 60.22 9.55 28.81
CA ALA K 125 59.61 10.81 28.47
C ALA K 125 60.24 12.00 29.13
N ALA K 126 60.13 13.26 28.61
CA ALA K 126 60.78 14.41 29.17
C ALA K 126 59.67 15.05 29.95
N GLY K 127 59.71 14.69 31.31
CA GLY K 127 58.93 15.18 32.37
C GLY K 127 57.54 14.63 32.54
N ARG K 128 56.81 15.00 33.57
CA ARG K 128 55.48 14.62 33.76
C ARG K 128 54.73 15.89 34.08
N SER K 129 53.41 15.89 33.75
CA SER K 129 52.48 16.99 33.92
C SER K 129 51.22 16.30 34.46
N ARG K 130 50.53 17.09 35.32
CA ARG K 130 49.18 16.82 35.82
C ARG K 130 48.17 16.45 34.84
N ALA K 131 47.26 15.47 35.21
CA ALA K 131 46.23 14.91 34.39
C ALA K 131 45.01 15.78 34.61
N GLN K 132 44.84 16.51 35.80
CA GLN K 132 43.80 17.46 35.92
C GLN K 132 44.59 18.71 35.81
N VAL K 133 44.28 19.40 34.65
CA VAL K 133 44.72 20.78 34.51
C VAL K 133 43.51 21.49 33.95
N LYS K 134 43.45 22.83 34.21
CA LYS K 134 42.25 23.60 33.97
C LYS K 134 42.48 24.40 32.75
N ALA K 135 41.42 24.92 32.09
CA ALA K 135 41.45 25.70 30.85
C ALA K 135 42.33 27.05 30.83
N PRO K 136 42.96 27.39 29.70
CA PRO K 136 43.55 28.70 29.53
C PRO K 136 42.62 29.90 29.62
N GLY K 137 43.13 31.11 30.01
CA GLY K 137 42.34 32.37 30.12
C GLY K 137 41.73 32.84 28.80
N ILE K 138 40.83 33.83 28.77
CA ILE K 138 40.08 34.46 27.66
C ILE K 138 41.14 35.13 26.76
N LEU K 139 41.97 36.05 27.26
CA LEU K 139 42.91 36.74 26.50
C LEU K 139 44.17 35.94 25.96
N PRO K 140 44.72 35.02 26.63
CA PRO K 140 45.64 33.97 26.16
C PRO K 140 45.06 33.00 25.19
N ARG K 141 44.10 33.40 24.34
CA ARG K 141 43.59 32.71 23.17
C ARG K 141 43.43 33.61 21.97
N ARG K 142 43.13 33.03 20.78
CA ARG K 142 42.76 33.81 19.62
C ARG K 142 41.94 32.90 18.81
N SER K 143 41.07 33.44 17.93
CA SER K 143 40.27 32.72 17.05
C SER K 143 41.00 31.97 15.98
N VAL K 144 40.35 30.91 15.54
CA VAL K 144 40.80 29.98 14.53
C VAL K 144 40.65 30.51 13.13
N HIS K 145 41.63 30.12 12.29
CA HIS K 145 41.92 30.80 11.10
C HIS K 145 42.89 29.92 10.48
N GLU K 146 42.97 28.64 10.97
CA GLU K 146 43.91 27.67 10.47
C GLU K 146 43.27 26.30 10.20
N PRO K 147 43.29 25.78 8.92
CA PRO K 147 42.41 24.68 8.43
C PRO K 147 42.66 23.32 8.98
N VAL K 148 41.83 22.68 9.83
CA VAL K 148 41.81 21.23 9.78
C VAL K 148 41.27 20.66 8.51
N GLN K 149 42.19 20.19 7.66
CA GLN K 149 41.91 19.30 6.53
C GLN K 149 41.93 17.93 7.12
N THR K 150 41.15 17.04 6.50
CA THR K 150 40.78 15.78 7.08
C THR K 150 40.98 14.74 5.98
N GLY K 151 41.13 15.26 4.75
CA GLY K 151 41.34 14.41 3.62
C GLY K 151 40.03 13.88 2.97
N LEU K 152 38.96 14.75 3.05
CA LEU K 152 37.62 14.31 2.75
C LEU K 152 37.04 15.50 1.88
N LYS K 153 36.67 15.18 0.58
CA LYS K 153 36.13 16.03 -0.41
C LYS K 153 34.91 16.78 0.14
N ALA K 154 34.10 15.86 0.75
CA ALA K 154 32.81 16.20 1.37
C ALA K 154 32.94 17.09 2.60
N VAL K 155 33.67 16.63 3.64
CA VAL K 155 33.55 17.06 4.97
C VAL K 155 34.45 18.30 5.13
N ASP K 156 35.45 18.38 4.24
CA ASP K 156 36.22 19.64 4.17
C ASP K 156 35.49 20.78 3.50
N ALA K 157 34.48 20.48 2.66
CA ALA K 157 33.59 21.47 2.09
C ALA K 157 32.64 21.92 3.16
N LEU K 158 31.87 20.98 3.80
CA LEU K 158 30.75 21.35 4.63
C LEU K 158 31.14 22.14 5.85
N VAL K 159 32.12 21.57 6.59
CA VAL K 159 32.61 22.10 7.81
C VAL K 159 33.92 21.48 7.84
N PRO K 160 34.93 22.17 7.34
CA PRO K 160 36.28 21.85 7.91
C PRO K 160 36.35 22.36 9.32
N ILE K 161 37.39 21.92 10.17
CA ILE K 161 37.24 22.23 11.62
C ILE K 161 38.37 23.16 11.92
N GLY K 162 38.12 24.05 12.86
CA GLY K 162 39.16 24.90 13.44
C GLY K 162 40.25 24.11 14.10
N ARG K 163 41.51 24.52 13.96
CA ARG K 163 42.64 24.09 14.73
C ARG K 163 42.55 24.72 16.10
N GLY K 164 41.83 23.97 17.06
CA GLY K 164 41.76 24.39 18.44
C GLY K 164 40.39 24.30 19.01
N GLN K 165 39.41 23.88 18.20
CA GLN K 165 37.99 24.03 18.55
C GLN K 165 37.45 22.69 18.76
N ARG K 166 36.41 22.59 19.66
CA ARG K 166 35.64 21.33 19.85
C ARG K 166 34.47 21.42 18.97
N GLU K 167 34.19 20.37 18.20
CA GLU K 167 33.05 20.26 17.36
C GLU K 167 32.68 18.78 17.45
N LEU K 168 31.40 18.54 17.84
CA LEU K 168 30.84 17.22 18.04
C LEU K 168 30.95 16.39 16.79
N ILE K 169 31.55 15.20 16.95
CA ILE K 169 31.59 14.15 15.96
C ILE K 169 30.63 13.21 16.55
N ILE K 170 29.62 12.88 15.84
CA ILE K 170 28.47 12.05 16.37
C ILE K 170 28.02 11.32 15.18
N GLY K 171 26.87 10.69 15.14
CA GLY K 171 26.53 9.75 13.98
C GLY K 171 26.75 8.34 14.46
N ASP K 172 26.08 7.36 13.75
CA ASP K 172 25.62 6.13 14.44
C ASP K 172 26.73 5.10 14.54
N ARG K 173 26.46 3.93 15.17
CA ARG K 173 27.44 2.88 15.30
C ARG K 173 27.86 2.17 14.07
N GLN K 174 29.18 2.08 13.89
CA GLN K 174 29.93 1.52 12.80
C GLN K 174 29.42 1.99 11.40
N THR K 175 29.25 3.30 11.31
CA THR K 175 28.74 3.90 10.14
C THR K 175 29.93 4.51 9.45
N GLY K 176 31.13 3.92 9.64
CA GLY K 176 32.37 4.44 9.29
C GLY K 176 32.82 5.40 10.38
N LYS K 177 32.39 5.19 11.60
CA LYS K 177 32.88 5.94 12.76
C LYS K 177 34.34 5.63 13.10
N THR K 178 34.71 4.30 13.07
CA THR K 178 36.03 3.85 13.30
C THR K 178 36.83 4.08 12.03
N ALA K 179 36.24 3.82 10.83
CA ALA K 179 36.85 3.80 9.52
C ALA K 179 37.31 5.19 8.97
N VAL K 180 36.44 6.24 9.00
CA VAL K 180 36.48 7.41 8.22
C VAL K 180 37.58 8.21 8.79
N ALA K 181 37.85 8.00 10.09
CA ALA K 181 38.85 8.79 10.81
C ALA K 181 40.28 8.52 10.37
N LEU K 182 40.68 7.30 9.80
CA LEU K 182 42.01 6.96 9.43
C LEU K 182 42.40 7.86 8.30
N ASP K 183 41.41 8.46 7.57
CA ASP K 183 41.61 9.45 6.54
C ASP K 183 42.34 10.67 7.08
N THR K 184 41.90 11.19 8.22
CA THR K 184 42.42 12.37 8.98
C THR K 184 43.85 12.01 9.42
N ILE K 185 44.04 10.78 9.95
CA ILE K 185 45.34 10.26 10.36
C ILE K 185 46.31 10.34 9.19
N LEU K 186 45.93 9.98 7.96
CA LEU K 186 46.68 9.96 6.71
C LEU K 186 46.87 11.37 6.13
N ASN K 187 45.95 12.29 6.46
CA ASN K 187 46.10 13.72 6.15
C ASN K 187 47.32 14.30 6.82
N GLN K 188 47.71 13.78 8.05
CA GLN K 188 48.94 14.27 8.64
C GLN K 188 50.20 13.80 7.97
N LYS K 189 50.06 12.79 7.10
CA LYS K 189 51.00 12.36 6.06
C LYS K 189 51.37 13.47 5.09
N ARG K 190 50.51 14.47 4.81
CA ARG K 190 50.79 15.67 4.11
C ARG K 190 51.49 16.64 5.06
N TRP K 191 51.04 16.84 6.33
CA TRP K 191 51.28 18.09 7.11
C TRP K 191 52.30 17.77 8.26
N ASN K 192 52.02 16.86 9.21
CA ASN K 192 52.90 16.52 10.27
C ASN K 192 54.25 15.99 9.85
N ASN K 193 54.30 15.28 8.70
CA ASN K 193 55.51 15.14 7.90
C ASN K 193 55.67 16.44 7.17
N GLY K 194 56.86 17.12 7.37
CA GLY K 194 57.18 18.49 7.01
C GLY K 194 57.64 19.06 8.30
N SER K 195 58.54 20.08 8.19
CA SER K 195 59.37 20.60 9.25
C SER K 195 58.70 21.79 9.93
N ASP K 196 57.62 22.33 9.28
CA ASP K 196 56.95 23.49 9.74
C ASP K 196 56.05 23.04 10.82
N GLU K 197 56.16 23.74 12.04
CA GLU K 197 55.58 23.39 13.31
C GLU K 197 54.09 23.68 13.55
N SER K 198 53.54 24.59 12.77
CA SER K 198 52.15 24.90 12.66
C SER K 198 51.52 24.08 11.65
N LYS K 199 52.21 22.98 11.14
CA LYS K 199 51.59 22.00 10.31
C LYS K 199 51.81 20.70 10.97
N LYS K 200 52.45 20.66 12.16
CA LYS K 200 52.58 19.48 12.98
C LYS K 200 51.43 19.44 13.90
N LEU K 201 50.62 18.40 13.69
CA LEU K 201 49.67 17.91 14.69
C LEU K 201 49.99 16.50 14.85
N TYR K 202 50.63 16.19 16.05
CA TYR K 202 50.95 14.78 16.47
C TYR K 202 49.69 14.08 16.74
N CYS K 203 49.64 12.85 16.26
CA CYS K 203 48.46 12.02 16.05
C CYS K 203 48.01 11.27 17.29
N VAL K 204 47.65 12.02 18.30
CA VAL K 204 47.19 11.56 19.64
C VAL K 204 45.82 10.95 19.48
N TYR K 205 45.76 9.66 18.91
CA TYR K 205 44.58 8.88 18.72
C TYR K 205 44.36 8.11 20.00
N VAL K 206 43.11 7.70 20.25
CA VAL K 206 42.59 7.10 21.51
C VAL K 206 41.62 6.04 21.22
N ALA K 207 41.50 5.10 22.15
CA ALA K 207 40.70 3.91 22.03
C ALA K 207 40.01 3.51 23.27
N VAL K 208 39.37 4.48 24.05
CA VAL K 208 38.65 4.33 25.30
C VAL K 208 37.58 3.24 25.15
N GLY K 209 37.68 2.04 25.83
CA GLY K 209 36.55 1.16 25.86
C GLY K 209 36.28 0.32 24.62
N GLN K 210 37.38 -0.14 23.93
CA GLN K 210 37.34 -0.87 22.66
C GLN K 210 38.06 -2.14 23.01
N LYS K 211 37.74 -3.25 22.33
CA LYS K 211 38.15 -4.62 22.70
C LYS K 211 39.52 -4.87 22.15
N ARG K 212 40.26 -5.83 22.76
CA ARG K 212 41.67 -6.04 22.59
C ARG K 212 42.00 -6.37 21.19
N SER K 213 41.18 -7.24 20.47
CA SER K 213 41.28 -7.53 19.10
C SER K 213 41.11 -6.33 18.27
N THR K 214 40.09 -5.51 18.52
CA THR K 214 39.90 -4.32 17.70
C THR K 214 41.07 -3.39 17.69
N VAL K 215 41.57 -3.15 18.96
CA VAL K 215 42.74 -2.29 19.26
C VAL K 215 43.94 -2.94 18.51
N ALA K 216 44.17 -4.27 18.57
CA ALA K 216 45.25 -5.00 18.03
C ALA K 216 45.39 -4.81 16.51
N GLN K 217 44.19 -4.92 15.85
CA GLN K 217 44.00 -4.64 14.45
C GLN K 217 44.33 -3.20 14.10
N LEU K 218 43.76 -2.21 14.88
CA LEU K 218 43.92 -0.78 14.74
C LEU K 218 45.37 -0.32 14.65
N VAL K 219 46.26 -0.87 15.54
CA VAL K 219 47.70 -0.55 15.52
C VAL K 219 48.23 -0.84 14.16
N GLN K 220 48.14 -2.08 13.69
CA GLN K 220 48.73 -2.50 12.44
C GLN K 220 48.10 -1.82 11.19
N THR K 221 46.83 -1.29 11.34
CA THR K 221 46.20 -0.50 10.33
C THR K 221 47.08 0.77 10.10
N LEU K 222 47.42 1.47 11.24
CA LEU K 222 48.28 2.63 11.20
C LEU K 222 49.72 2.30 10.77
N GLU K 223 50.26 1.05 10.92
CA GLU K 223 51.57 0.63 10.47
C GLU K 223 51.57 0.36 8.99
N GLN K 224 50.44 -0.21 8.50
CA GLN K 224 50.18 -0.46 7.07
C GLN K 224 50.10 0.82 6.26
N HIS K 225 49.31 1.80 6.73
CA HIS K 225 49.20 3.13 6.10
C HIS K 225 50.43 3.97 6.48
N ASP K 226 51.36 3.49 7.36
CA ASP K 226 52.52 4.15 7.85
C ASP K 226 52.33 5.60 8.27
N ALA K 227 51.35 5.81 9.21
CA ALA K 227 51.26 7.01 9.93
C ALA K 227 51.58 6.71 11.38
N MET K 228 51.84 5.40 11.69
CA MET K 228 51.84 4.88 13.09
C MET K 228 52.91 5.60 13.97
N LYS K 229 54.09 5.81 13.41
CA LYS K 229 55.27 6.32 14.05
C LYS K 229 55.17 7.66 14.66
N TYR K 230 54.16 8.54 14.30
CA TYR K 230 53.85 9.83 14.74
C TYR K 230 52.54 9.92 15.43
N SER K 231 51.99 8.74 15.80
CA SER K 231 50.73 8.56 16.45
C SER K 231 50.90 7.88 17.68
N ILE K 232 49.77 7.79 18.51
CA ILE K 232 49.75 7.17 19.81
C ILE K 232 48.40 6.39 19.78
N ILE K 233 48.29 5.32 20.56
CA ILE K 233 47.01 4.68 20.68
C ILE K 233 46.69 4.65 22.18
N VAL K 234 46.08 5.79 22.69
CA VAL K 234 45.81 6.04 24.09
C VAL K 234 44.62 5.23 24.41
N ALA K 235 44.85 3.93 24.65
CA ALA K 235 43.83 2.91 24.64
C ALA K 235 43.28 2.73 26.05
N ALA K 236 42.13 2.06 26.09
CA ALA K 236 41.44 1.46 27.22
C ALA K 236 40.63 0.34 26.72
N THR K 237 40.43 -0.74 27.57
CA THR K 237 39.83 -2.00 27.19
C THR K 237 38.62 -2.31 28.07
N ALA K 238 37.46 -2.67 27.44
CA ALA K 238 36.12 -2.71 27.97
C ALA K 238 36.10 -3.84 29.04
N SER K 239 37.11 -4.74 29.13
CA SER K 239 37.26 -5.74 30.14
C SER K 239 37.56 -5.29 31.52
N GLU K 240 38.25 -4.10 31.66
CA GLU K 240 38.76 -3.75 32.91
C GLU K 240 38.14 -2.40 33.31
N ALA K 241 37.92 -2.27 34.67
CA ALA K 241 37.31 -1.20 35.44
C ALA K 241 37.27 0.27 34.96
N ALA K 242 36.48 1.12 35.64
CA ALA K 242 36.07 2.51 35.24
C ALA K 242 37.26 3.48 35.28
N PRO K 243 38.22 3.57 36.22
CA PRO K 243 39.28 4.55 36.28
C PRO K 243 40.14 4.70 34.97
N LEU K 244 40.35 3.62 34.15
CA LEU K 244 41.00 3.64 32.87
C LEU K 244 40.18 4.40 31.84
N GLN K 245 38.86 4.00 31.81
CA GLN K 245 37.73 4.54 30.96
C GLN K 245 37.29 5.97 31.49
N TYR K 246 38.19 6.72 32.23
CA TYR K 246 37.86 7.91 32.85
C TYR K 246 39.05 8.80 32.54
N LEU K 247 40.29 8.26 32.89
CA LEU K 247 41.45 9.09 32.95
C LEU K 247 42.16 9.25 31.64
N ALA K 248 41.87 8.31 30.69
CA ALA K 248 42.41 8.22 29.29
C ALA K 248 42.28 9.46 28.47
N PRO K 249 41.18 10.27 28.46
CA PRO K 249 41.24 11.52 27.63
C PRO K 249 42.00 12.65 28.30
N PHE K 250 42.08 12.63 29.57
CA PHE K 250 42.76 13.56 30.35
C PHE K 250 44.30 13.47 30.26
N THR K 251 44.82 12.18 30.31
CA THR K 251 46.05 11.68 29.91
C THR K 251 46.45 12.12 28.51
N ALA K 252 45.53 11.82 27.54
CA ALA K 252 45.68 12.25 26.14
C ALA K 252 45.85 13.73 25.96
N ALA K 253 44.99 14.47 26.72
CA ALA K 253 44.97 15.88 26.74
C ALA K 253 46.22 16.56 27.20
N SER K 254 46.80 16.06 28.37
CA SER K 254 48.08 16.48 29.01
C SER K 254 49.25 16.32 28.00
N ILE K 255 49.24 15.23 27.18
CA ILE K 255 50.10 14.97 26.08
C ILE K 255 50.01 16.12 25.09
N GLY K 256 48.69 16.43 24.75
CA GLY K 256 48.31 17.47 23.83
C GLY K 256 48.73 18.87 24.36
N GLU K 257 48.59 19.13 25.68
CA GLU K 257 49.01 20.37 26.37
C GLU K 257 50.48 20.64 26.27
N TRP K 258 51.32 19.61 26.41
CA TRP K 258 52.79 19.65 26.17
C TRP K 258 53.11 20.15 24.81
N PHE K 259 52.54 19.55 23.70
CA PHE K 259 52.72 19.89 22.30
C PHE K 259 52.16 21.28 22.16
N ARG K 260 50.92 21.46 22.52
CA ARG K 260 50.22 22.67 22.47
C ARG K 260 50.95 23.88 22.97
N ASP K 261 51.59 23.86 24.18
CA ASP K 261 52.36 24.88 24.83
C ASP K 261 53.82 25.04 24.23
N ASN K 262 54.17 24.18 23.25
CA ASN K 262 55.52 24.20 22.65
C ASN K 262 55.40 24.68 21.27
N GLY K 263 54.16 24.90 20.77
CA GLY K 263 53.97 25.52 19.48
C GLY K 263 53.65 24.59 18.44
N LYS K 264 53.95 23.27 18.70
CA LYS K 264 53.40 22.10 17.99
C LYS K 264 51.91 21.95 18.51
N HIS K 265 51.09 21.31 17.70
CA HIS K 265 49.68 21.03 17.99
C HIS K 265 49.48 19.54 18.25
N ALA K 266 48.40 19.10 18.87
CA ALA K 266 47.94 17.68 18.81
C ALA K 266 46.56 17.56 18.07
N LEU K 267 46.53 16.72 16.99
CA LEU K 267 45.37 16.10 16.46
C LEU K 267 44.77 15.04 17.41
N ILE K 268 43.79 15.42 18.33
CA ILE K 268 43.43 14.54 19.46
C ILE K 268 42.10 13.98 19.17
N VAL K 269 42.11 12.60 19.07
CA VAL K 269 41.09 11.82 18.36
C VAL K 269 40.36 10.93 19.51
N TYR K 270 39.44 11.61 20.26
CA TYR K 270 38.76 11.18 21.42
C TYR K 270 37.65 10.11 21.22
N ASP K 271 38.05 8.89 20.86
CA ASP K 271 37.16 7.70 20.72
C ASP K 271 37.29 6.87 21.98
N ASP K 272 36.22 6.40 22.67
CA ASP K 272 34.82 6.64 22.53
C ASP K 272 34.40 7.15 23.81
N LEU K 273 33.96 8.46 23.85
CA LEU K 273 33.36 9.22 24.89
C LEU K 273 32.01 8.64 25.30
N SER K 274 31.20 7.82 24.58
CA SER K 274 29.98 7.17 25.01
C SER K 274 30.33 6.12 26.07
N LYS K 275 31.50 5.35 25.89
CA LYS K 275 32.04 4.35 26.86
C LYS K 275 32.33 4.96 28.15
N GLN K 276 32.94 6.12 28.20
CA GLN K 276 33.30 6.97 29.33
C GLN K 276 32.02 7.33 30.06
N ALA K 277 30.98 7.73 29.34
CA ALA K 277 29.76 8.12 30.05
C ALA K 277 28.97 6.98 30.81
N VAL K 278 29.06 5.83 30.08
CA VAL K 278 28.61 4.51 30.52
C VAL K 278 29.44 4.15 31.75
N ALA K 279 30.85 4.33 31.71
CA ALA K 279 31.69 3.95 32.85
C ALA K 279 31.30 4.78 34.02
N TYR K 280 30.99 6.09 33.83
CA TYR K 280 30.67 7.08 34.77
C TYR K 280 29.45 6.71 35.55
N ARG K 281 28.34 6.37 34.77
CA ARG K 281 26.96 5.85 35.05
C ARG K 281 27.10 4.65 35.92
N GLN K 282 27.92 3.74 35.38
CA GLN K 282 28.14 2.51 36.08
C GLN K 282 28.74 2.70 37.46
N LEU K 283 29.78 3.56 37.60
CA LEU K 283 30.41 3.92 38.85
C LEU K 283 29.59 4.65 39.88
N SER K 284 28.62 5.45 39.32
CA SER K 284 27.55 6.04 40.13
C SER K 284 26.69 5.00 40.75
N LEU K 285 26.15 4.09 39.98
CA LEU K 285 25.25 3.09 40.46
C LEU K 285 25.98 2.00 41.32
N LEU K 286 27.32 1.77 41.03
CA LEU K 286 28.18 0.95 41.91
C LEU K 286 28.27 1.67 43.22
N LEU K 287 28.79 2.93 43.34
CA LEU K 287 29.17 3.54 44.59
C LEU K 287 28.06 4.30 45.38
N ARG K 288 26.82 4.13 44.84
CA ARG K 288 25.47 4.64 45.37
C ARG K 288 25.43 6.21 45.12
N ARG K 289 25.97 6.70 44.02
CA ARG K 289 25.99 8.13 43.73
C ARG K 289 24.64 8.33 42.99
N PRO K 290 23.75 9.20 43.31
CA PRO K 290 22.32 8.96 43.08
C PRO K 290 21.99 9.21 41.62
N PRO K 291 21.02 8.47 40.97
CA PRO K 291 20.85 8.34 39.56
C PRO K 291 20.26 9.67 39.13
N GLY K 292 20.93 10.47 38.27
CA GLY K 292 20.54 11.76 37.84
C GLY K 292 19.63 11.58 36.66
N ARG K 293 19.75 12.49 35.67
CA ARG K 293 18.96 12.64 34.53
C ARG K 293 19.13 11.47 33.73
N GLU K 294 17.97 10.73 33.59
CA GLU K 294 17.84 9.46 32.90
C GLU K 294 18.62 8.34 33.50
N ALA K 295 18.85 8.50 34.82
CA ALA K 295 19.84 7.66 35.56
C ALA K 295 21.32 7.75 35.11
N TYR K 296 21.70 8.88 34.43
CA TYR K 296 23.09 9.10 33.99
C TYR K 296 23.56 10.08 34.94
N PRO K 297 24.82 10.11 35.35
CA PRO K 297 25.38 10.99 36.39
C PRO K 297 24.93 12.39 36.28
N GLY K 298 24.99 13.12 37.40
CA GLY K 298 24.71 14.52 37.44
C GLY K 298 25.79 15.37 36.84
N ASP K 299 26.99 14.77 36.90
CA ASP K 299 28.27 15.45 36.75
C ASP K 299 29.04 15.02 35.50
N VAL K 300 28.43 14.12 34.71
CA VAL K 300 28.91 13.66 33.45
C VAL K 300 28.96 14.89 32.55
N PHE K 301 28.05 15.96 32.75
CA PHE K 301 28.14 17.35 32.15
C PHE K 301 29.50 17.93 32.39
N TYR K 302 29.85 18.00 33.71
CA TYR K 302 31.05 18.61 34.14
C TYR K 302 32.30 17.89 33.63
N LEU K 303 32.21 16.54 33.59
CA LEU K 303 33.22 15.64 32.98
C LEU K 303 33.50 15.91 31.53
N HIS K 304 32.48 16.08 30.69
CA HIS K 304 32.77 16.38 29.27
C HIS K 304 33.30 17.80 28.99
N SER K 305 32.73 18.86 29.63
CA SER K 305 33.21 20.21 29.57
C SER K 305 34.56 20.48 30.17
N ARG K 306 34.91 19.81 31.33
CA ARG K 306 36.19 19.91 31.93
C ARG K 306 37.38 19.55 31.05
N LEU K 307 37.07 18.57 30.17
CA LEU K 307 37.96 18.09 29.11
C LEU K 307 37.97 18.94 27.89
N LEU K 308 36.83 19.18 27.27
CA LEU K 308 36.70 19.92 26.02
C LEU K 308 36.97 21.44 26.08
N GLU K 309 36.79 22.19 27.20
CA GLU K 309 37.19 23.60 27.40
C GLU K 309 38.70 23.90 27.52
N ARG K 310 39.47 22.84 27.69
CA ARG K 310 40.94 22.79 27.58
C ARG K 310 41.29 23.27 26.20
N ALA K 311 40.51 22.89 25.18
CA ALA K 311 40.80 23.11 23.80
C ALA K 311 40.78 24.59 23.54
N ALA K 312 41.84 25.14 22.87
CA ALA K 312 41.77 26.44 22.30
C ALA K 312 42.82 26.43 21.25
N LYS K 313 42.69 27.41 20.35
CA LYS K 313 43.75 28.10 19.70
C LYS K 313 44.38 29.06 20.66
N LEU K 314 45.76 28.88 21.01
CA LEU K 314 46.48 29.77 21.93
C LEU K 314 46.86 30.84 21.05
N SER K 315 46.97 32.13 21.56
CA SER K 315 47.58 33.29 20.80
C SER K 315 49.06 33.17 20.63
N GLU K 316 49.88 34.03 21.26
CA GLU K 316 51.26 33.85 21.47
C GLU K 316 51.68 34.17 22.83
N LYS K 317 50.80 33.96 23.80
CA LYS K 317 51.12 34.26 25.23
C LYS K 317 51.34 33.03 25.98
N GLU K 318 51.38 31.83 25.33
CA GLU K 318 51.44 30.53 26.02
C GLU K 318 51.95 29.51 25.00
N GLY K 319 52.42 30.00 23.77
CA GLY K 319 52.70 29.25 22.56
C GLY K 319 51.73 29.43 21.49
N SER K 320 51.77 28.45 20.46
CA SER K 320 51.23 28.67 19.18
C SER K 320 50.57 27.43 18.76
N GLY K 321 50.50 26.40 19.63
CA GLY K 321 49.83 25.20 19.28
C GLY K 321 48.40 25.24 19.37
N SER K 322 47.82 24.05 19.26
CA SER K 322 46.41 23.95 19.50
C SER K 322 46.11 22.52 19.90
N LEU K 323 45.06 22.39 20.65
CA LEU K 323 44.40 21.13 20.90
C LEU K 323 43.22 20.92 19.94
N THR K 324 43.51 20.24 18.82
CA THR K 324 42.53 19.92 17.78
C THR K 324 41.63 18.87 18.21
N ALA K 325 40.51 19.29 18.89
CA ALA K 325 39.82 18.40 19.80
C ALA K 325 38.60 17.88 19.05
N LEU K 326 38.40 16.54 19.08
CA LEU K 326 37.46 15.76 18.23
C LEU K 326 36.71 14.88 19.20
N PRO K 327 35.72 15.43 19.92
CA PRO K 327 34.86 14.73 20.88
C PRO K 327 34.01 13.60 20.25
N VAL K 328 34.55 12.43 19.92
CA VAL K 328 33.81 11.41 19.23
C VAL K 328 32.88 10.83 20.22
N ILE K 329 31.55 11.02 20.00
CA ILE K 329 30.50 10.20 20.52
C ILE K 329 30.06 9.21 19.42
N GLU K 330 29.77 7.92 19.79
CA GLU K 330 29.27 6.89 19.01
C GLU K 330 27.98 6.52 19.59
N THR K 331 26.90 6.92 18.95
CA THR K 331 25.57 6.77 19.39
C THR K 331 25.11 5.29 19.24
N GLN K 332 24.32 4.78 20.27
CA GLN K 332 23.71 3.43 20.24
C GLN K 332 22.40 3.65 19.67
N GLY K 333 22.30 3.42 18.31
CA GLY K 333 21.07 3.48 17.56
C GLY K 333 20.32 4.83 17.58
N GLY K 334 21.07 5.96 17.41
CA GLY K 334 20.40 7.18 17.43
C GLY K 334 20.19 7.60 18.89
N ASP K 335 19.19 8.54 19.15
CA ASP K 335 18.70 8.99 20.37
C ASP K 335 19.62 10.04 20.87
N VAL K 336 19.43 11.20 20.21
CA VAL K 336 20.33 12.30 20.33
C VAL K 336 19.76 13.33 21.27
N SER K 337 18.51 13.14 21.74
CA SER K 337 17.77 13.89 22.75
C SER K 337 17.78 13.24 24.14
N ALA K 338 18.65 12.15 24.21
CA ALA K 338 19.24 11.68 25.45
C ALA K 338 20.18 12.71 25.99
N TYR K 339 20.28 12.63 27.32
CA TYR K 339 21.03 13.56 28.18
C TYR K 339 22.51 13.71 27.75
N ILE K 340 23.31 12.56 27.57
CA ILE K 340 24.77 12.57 27.21
C ILE K 340 24.88 13.38 25.94
N PRO K 341 24.22 13.14 24.72
CA PRO K 341 24.54 13.85 23.52
C PRO K 341 23.89 15.26 23.54
N THR K 342 22.70 15.58 24.12
CA THR K 342 22.24 16.95 24.32
C THR K 342 23.26 17.83 25.01
N ASN K 343 23.97 17.32 26.06
CA ASN K 343 24.96 18.06 26.86
C ASN K 343 26.17 18.44 26.00
N VAL K 344 26.65 17.40 25.30
CA VAL K 344 27.77 17.44 24.42
C VAL K 344 27.52 18.48 23.30
N ILE K 345 26.26 18.47 22.69
CA ILE K 345 25.83 19.43 21.65
C ILE K 345 26.01 20.78 22.04
N SER K 346 25.73 21.17 23.30
CA SER K 346 25.85 22.51 23.91
C SER K 346 27.25 22.88 24.19
N ILE K 347 28.04 21.91 24.59
CA ILE K 347 29.47 22.01 24.91
C ILE K 347 30.27 22.17 23.61
N THR K 348 29.66 21.83 22.48
CA THR K 348 30.39 21.94 21.24
C THR K 348 29.70 23.02 20.45
N ASP K 349 30.32 23.44 19.32
CA ASP K 349 29.64 24.34 18.35
C ASP K 349 28.85 23.52 17.36
N GLY K 350 29.34 23.46 16.11
CA GLY K 350 28.81 22.66 15.04
C GLY K 350 29.16 21.19 15.20
N GLN K 351 28.83 20.48 14.09
CA GLN K 351 28.61 19.03 14.22
C GLN K 351 28.82 18.26 12.99
N ILE K 352 28.92 16.88 13.08
CA ILE K 352 29.27 15.96 11.97
C ILE K 352 28.58 14.70 12.39
N PHE K 353 27.84 13.97 11.48
CA PHE K 353 27.00 12.82 11.75
C PHE K 353 27.10 12.06 10.43
N LEU K 354 27.14 10.71 10.70
CA LEU K 354 27.25 9.71 9.64
C LEU K 354 26.19 8.75 9.96
N GLU K 355 25.62 8.02 8.90
CA GLU K 355 24.26 7.56 9.01
C GLU K 355 24.15 6.14 8.73
N ALA K 356 23.37 5.41 9.54
CA ALA K 356 23.00 4.03 9.31
C ALA K 356 22.15 3.83 8.05
N GLU K 357 21.51 4.93 7.59
CA GLU K 357 20.89 5.07 6.27
C GLU K 357 22.01 4.89 5.29
N LEU K 358 22.79 5.99 5.04
CA LEU K 358 23.65 6.15 3.86
C LEU K 358 24.73 5.14 3.80
N PHE K 359 25.38 4.86 4.91
CA PHE K 359 26.58 4.06 4.92
C PHE K 359 26.25 2.64 4.41
N TYR K 360 25.12 1.99 4.90
CA TYR K 360 24.63 0.70 4.49
C TYR K 360 23.78 0.70 3.27
N LYS K 361 23.38 1.91 2.85
CA LYS K 361 22.81 2.08 1.51
C LYS K 361 23.84 2.14 0.35
N GLY K 362 25.12 2.13 0.77
CA GLY K 362 26.29 2.09 -0.04
C GLY K 362 26.82 3.42 -0.56
N ILE K 363 26.47 4.51 0.17
CA ILE K 363 27.02 5.85 -0.01
C ILE K 363 27.74 6.09 1.27
N ARG K 364 29.08 6.19 1.19
CA ARG K 364 29.95 6.57 2.29
C ARG K 364 30.95 7.52 1.83
N PRO K 365 31.39 8.48 2.61
CA PRO K 365 30.85 9.06 3.91
C PRO K 365 29.37 9.31 3.76
N ALA K 366 28.71 9.07 4.96
CA ALA K 366 27.32 8.83 5.04
C ALA K 366 26.65 10.10 5.52
N ILE K 367 27.27 11.28 5.27
CA ILE K 367 26.91 12.51 5.96
C ILE K 367 25.51 13.05 5.50
N ASN K 368 24.74 13.70 6.49
CA ASN K 368 23.55 14.48 6.21
C ASN K 368 23.78 15.95 6.65
N VAL K 369 23.48 16.97 5.83
CA VAL K 369 24.00 18.33 6.05
C VAL K 369 23.26 18.96 7.21
N GLY K 370 21.96 18.59 7.36
CA GLY K 370 21.11 19.09 8.36
C GLY K 370 21.57 18.82 9.70
N LEU K 371 21.96 17.56 9.93
CA LEU K 371 22.47 17.04 11.22
C LEU K 371 23.97 17.30 11.45
N SER K 372 24.54 18.25 10.61
CA SER K 372 25.88 18.63 10.66
C SER K 372 26.16 20.08 10.76
N VAL K 373 25.18 20.81 11.27
CA VAL K 373 25.18 22.33 11.32
C VAL K 373 26.51 23.07 11.26
N SER K 374 26.66 23.73 10.15
CA SER K 374 27.69 24.76 9.98
C SER K 374 27.43 25.96 10.88
N ARG K 375 28.54 26.42 11.52
CA ARG K 375 28.58 27.47 12.51
C ARG K 375 29.97 27.96 12.48
N VAL K 376 30.70 28.19 13.65
CA VAL K 376 32.07 28.67 13.69
C VAL K 376 32.95 27.51 13.40
N GLY K 377 33.89 27.65 12.38
CA GLY K 377 34.86 26.61 12.12
C GLY K 377 35.13 26.57 10.63
N SER K 378 34.21 27.10 9.75
CA SER K 378 34.30 27.11 8.34
C SER K 378 34.80 28.41 8.00
N ALA K 379 35.35 29.21 8.93
CA ALA K 379 36.06 30.41 8.65
C ALA K 379 37.57 30.09 8.62
N ALA K 380 38.01 28.95 9.20
CA ALA K 380 39.28 28.36 9.14
C ALA K 380 39.54 27.73 7.73
N GLN K 381 38.49 27.51 6.82
CA GLN K 381 38.54 27.05 5.45
C GLN K 381 39.42 27.97 4.62
N VAL K 382 40.21 27.45 3.64
CA VAL K 382 41.02 28.28 2.82
C VAL K 382 40.25 28.59 1.68
N LYS K 383 40.56 29.66 1.06
CA LYS K 383 39.75 30.39 0.14
C LYS K 383 39.20 29.59 -0.99
N ALA K 384 40.11 28.83 -1.67
CA ALA K 384 39.74 28.10 -2.92
C ALA K 384 38.59 27.16 -2.69
N LEU K 385 38.62 26.46 -1.59
CA LEU K 385 37.60 25.51 -1.22
C LEU K 385 36.25 26.16 -0.83
N LYS K 386 36.38 27.21 0.08
CA LYS K 386 35.28 28.07 0.60
C LYS K 386 34.46 28.67 -0.48
N GLN K 387 35.10 29.11 -1.60
CA GLN K 387 34.45 29.76 -2.72
C GLN K 387 33.39 28.90 -3.43
N VAL K 388 33.50 27.50 -3.27
CA VAL K 388 32.75 26.58 -4.06
C VAL K 388 32.00 25.67 -3.06
N ALA K 389 32.47 25.55 -1.80
CA ALA K 389 31.77 24.88 -0.68
C ALA K 389 30.54 25.72 -0.19
N GLY K 390 30.66 27.06 -0.22
CA GLY K 390 29.51 27.93 0.03
C GLY K 390 28.44 27.66 -0.94
N SER K 391 28.78 27.55 -2.28
CA SER K 391 27.86 27.31 -3.39
C SER K 391 27.19 25.94 -3.17
N LEU K 392 28.07 24.90 -2.86
CA LEU K 392 27.69 23.51 -2.55
C LEU K 392 26.65 23.34 -1.50
N LYS K 393 26.89 24.01 -0.36
CA LYS K 393 25.97 23.99 0.75
C LYS K 393 24.62 24.53 0.43
N LEU K 394 24.53 25.59 -0.47
CA LEU K 394 23.21 26.04 -1.01
C LEU K 394 22.49 25.07 -1.94
N PHE K 395 23.33 24.50 -2.90
CA PHE K 395 22.91 23.56 -3.92
C PHE K 395 22.34 22.25 -3.29
N LEU K 396 22.87 21.86 -2.11
CA LEU K 396 22.53 20.69 -1.40
C LEU K 396 21.41 20.98 -0.51
N ALA K 397 21.34 22.26 0.03
CA ALA K 397 20.10 22.71 0.70
C ALA K 397 18.90 22.66 -0.25
N GLN K 398 19.04 23.10 -1.52
CA GLN K 398 18.21 22.83 -2.67
C GLN K 398 17.98 21.37 -2.94
N TYR K 399 18.99 20.47 -3.19
CA TYR K 399 18.81 19.06 -3.43
C TYR K 399 17.90 18.38 -2.41
N ARG K 400 18.12 18.72 -1.16
CA ARG K 400 17.26 18.36 -0.01
C ARG K 400 15.78 18.81 -0.21
N GLU K 401 15.54 20.17 -0.30
CA GLU K 401 14.25 20.73 -0.63
C GLU K 401 13.60 20.27 -1.87
N VAL K 402 14.33 19.61 -2.83
CA VAL K 402 13.97 19.33 -4.16
C VAL K 402 13.70 17.85 -4.18
N ALA K 403 14.53 17.00 -3.48
CA ALA K 403 14.17 15.65 -3.06
C ALA K 403 12.81 15.57 -2.30
N ALA K 404 12.54 16.45 -1.29
CA ALA K 404 11.37 16.59 -0.42
C ALA K 404 10.22 17.26 -1.11
N PHE K 405 10.13 17.41 -2.44
CA PHE K 405 8.98 17.76 -3.15
C PHE K 405 8.23 16.57 -3.62
N ALA K 406 7.02 16.26 -3.03
CA ALA K 406 6.04 15.32 -3.55
C ALA K 406 4.75 15.86 -2.89
N GLN K 407 4.89 16.50 -1.70
CA GLN K 407 3.94 17.48 -1.22
C GLN K 407 4.68 18.83 -1.31
N SER K 410 6.67 17.06 -10.34
CA SER K 410 7.61 17.97 -11.00
C SER K 410 6.89 19.02 -11.86
N ASP K 411 7.58 20.23 -11.84
CA ASP K 411 7.11 21.38 -12.53
C ASP K 411 8.05 21.47 -13.70
N LEU K 412 9.22 20.70 -13.64
CA LEU K 412 10.28 20.81 -14.62
C LEU K 412 10.90 22.16 -14.60
N ASP K 413 11.49 22.59 -13.41
CA ASP K 413 12.12 23.94 -13.31
C ASP K 413 13.46 23.91 -12.69
N ALA K 414 13.91 25.08 -12.20
CA ALA K 414 15.14 25.24 -11.48
C ALA K 414 15.25 24.44 -10.23
N SER K 415 14.08 24.26 -9.49
CA SER K 415 13.97 23.34 -8.39
C SER K 415 14.12 21.92 -8.85
N THR K 416 13.07 21.38 -9.49
CA THR K 416 12.75 19.98 -9.60
C THR K 416 13.57 19.22 -10.62
N LYS K 417 14.30 19.86 -11.59
CA LYS K 417 15.27 19.15 -12.39
C LYS K 417 16.72 19.55 -12.14
N GLN K 418 17.03 20.82 -12.06
CA GLN K 418 18.35 21.33 -12.11
C GLN K 418 19.14 20.95 -10.91
N THR K 419 18.65 21.22 -9.67
CA THR K 419 19.29 20.83 -8.47
C THR K 419 18.82 19.46 -7.97
N LEU K 420 18.11 18.74 -8.86
CA LEU K 420 17.92 17.32 -8.71
C LEU K 420 19.14 16.64 -9.30
N VAL K 421 19.42 16.94 -10.58
CA VAL K 421 20.58 16.54 -11.36
C VAL K 421 21.86 16.87 -10.70
N ARG K 422 22.29 18.18 -10.64
CA ARG K 422 23.39 18.72 -9.89
C ARG K 422 23.56 18.21 -8.50
N GLY K 423 22.42 17.98 -7.79
CA GLY K 423 22.23 17.21 -6.64
C GLY K 423 22.75 15.84 -6.70
N GLU K 424 22.07 14.90 -7.37
CA GLU K 424 22.45 13.49 -7.54
C GLU K 424 23.92 13.28 -7.91
N ARG K 425 24.36 14.13 -8.90
CA ARG K 425 25.64 14.22 -9.49
C ARG K 425 26.72 14.46 -8.47
N LEU K 426 26.65 15.58 -7.72
CA LEU K 426 27.63 15.87 -6.68
C LEU K 426 27.51 14.80 -5.56
N THR K 427 26.33 14.25 -5.26
CA THR K 427 26.13 13.23 -4.18
C THR K 427 26.87 12.03 -4.45
N GLN K 428 26.86 11.54 -5.70
CA GLN K 428 27.70 10.43 -6.15
C GLN K 428 29.12 10.85 -6.18
N LEU K 429 29.49 12.09 -6.56
CA LEU K 429 30.91 12.48 -6.72
C LEU K 429 31.77 12.30 -5.45
N LEU K 430 31.10 12.74 -4.36
CA LEU K 430 31.52 12.73 -2.98
C LEU K 430 31.76 11.45 -2.26
N LYS K 431 31.13 10.35 -2.78
CA LYS K 431 31.31 9.02 -2.27
C LYS K 431 32.76 8.68 -2.58
N GLN K 432 33.47 8.27 -1.46
CA GLN K 432 34.85 8.04 -1.37
C GLN K 432 35.00 6.74 -0.75
N ASN K 433 35.79 5.88 -1.53
CA ASN K 433 36.46 4.73 -0.88
C ASN K 433 37.55 5.26 0.09
N GLN K 434 37.65 4.62 1.21
CA GLN K 434 38.39 5.12 2.33
C GLN K 434 39.80 4.69 2.17
N TYR K 435 40.60 5.21 3.12
CA TYR K 435 42.01 4.99 3.35
C TYR K 435 42.80 5.72 2.29
N SER K 436 42.39 7.05 2.01
CA SER K 436 42.95 7.85 0.99
C SER K 436 42.92 9.19 1.69
N PRO K 437 44.03 9.92 1.74
CA PRO K 437 44.08 11.34 1.94
C PRO K 437 43.73 11.95 0.58
N LEU K 438 42.98 13.11 0.59
CA LEU K 438 42.86 13.96 -0.57
C LEU K 438 43.32 15.29 -0.11
N ALA K 439 44.43 15.79 -0.85
CA ALA K 439 44.99 17.10 -0.61
C ALA K 439 44.05 18.15 -1.11
N THR K 440 44.36 19.44 -0.84
CA THR K 440 43.32 20.51 -0.86
C THR K 440 42.93 20.91 -2.32
N GLU K 441 43.77 20.61 -3.31
CA GLU K 441 43.74 20.86 -4.73
C GLU K 441 43.17 19.66 -5.42
N GLU K 442 42.70 18.66 -4.70
CA GLU K 442 42.07 17.52 -5.30
C GLU K 442 40.68 17.43 -4.68
N GLN K 443 40.09 18.60 -4.38
CA GLN K 443 38.74 18.66 -3.74
C GLN K 443 38.03 19.72 -4.61
N VAL K 444 38.56 20.93 -4.54
CA VAL K 444 37.87 22.08 -5.13
C VAL K 444 37.74 21.82 -6.68
N PRO K 445 38.67 21.44 -7.57
CA PRO K 445 38.46 21.47 -9.01
C PRO K 445 37.32 20.50 -9.40
N LEU K 446 37.03 19.51 -8.58
CA LEU K 446 36.10 18.47 -8.80
C LEU K 446 34.71 18.94 -8.50
N ILE K 447 34.60 19.52 -7.26
CA ILE K 447 33.46 20.11 -6.62
C ILE K 447 32.95 21.34 -7.42
N TYR K 448 33.88 22.29 -7.84
CA TYR K 448 33.84 23.37 -8.75
C TYR K 448 33.14 22.96 -10.06
N ALA K 449 33.46 21.74 -10.56
CA ALA K 449 32.88 21.25 -11.79
C ALA K 449 31.39 21.04 -11.59
N GLY K 450 30.93 20.51 -10.38
CA GLY K 450 29.48 20.37 -10.08
C GLY K 450 28.80 21.69 -9.90
N VAL K 451 29.54 22.63 -9.27
CA VAL K 451 29.12 24.03 -9.01
C VAL K 451 28.82 24.79 -10.28
N ASN K 452 29.61 24.63 -11.39
CA ASN K 452 29.33 25.20 -12.72
C ASN K 452 28.39 24.27 -13.44
N GLY K 453 28.03 23.11 -12.84
CA GLY K 453 27.15 22.21 -13.50
C GLY K 453 27.78 21.52 -14.72
N HIS K 454 29.09 21.26 -14.62
CA HIS K 454 29.93 20.53 -15.60
C HIS K 454 29.96 19.04 -15.20
N LEU K 455 29.08 18.68 -14.23
CA LEU K 455 28.75 17.26 -14.10
C LEU K 455 27.33 16.92 -14.55
N ASP K 456 26.64 17.95 -15.06
CA ASP K 456 25.32 17.79 -15.54
C ASP K 456 25.27 17.07 -16.90
N GLY K 457 26.36 17.11 -17.69
CA GLY K 457 26.56 16.39 -18.95
C GLY K 457 26.99 14.96 -18.63
N ILE K 458 27.90 14.88 -17.71
CA ILE K 458 28.36 13.67 -17.08
C ILE K 458 27.12 12.89 -16.52
N GLU K 459 27.02 11.57 -16.68
CA GLU K 459 25.96 10.71 -16.14
C GLU K 459 26.43 10.02 -14.85
N LEU K 460 25.41 9.47 -14.08
CA LEU K 460 25.58 8.97 -12.70
C LEU K 460 26.66 7.86 -12.56
N SER K 461 26.98 7.15 -13.63
CA SER K 461 28.17 6.29 -13.84
C SER K 461 29.44 7.15 -13.91
N ARG K 462 29.49 7.98 -15.00
CA ARG K 462 30.62 8.61 -15.50
C ARG K 462 31.37 9.62 -14.61
N ILE K 463 30.67 10.03 -13.52
CA ILE K 463 31.14 10.90 -12.43
C ILE K 463 32.60 10.71 -12.13
N GLY K 464 33.05 9.46 -11.81
CA GLY K 464 34.43 9.25 -11.45
C GLY K 464 35.27 9.05 -12.60
N GLU K 465 34.77 8.67 -13.79
CA GLU K 465 35.50 8.48 -15.00
C GLU K 465 35.99 9.84 -15.45
N PHE K 466 35.04 10.79 -15.51
CA PHE K 466 35.20 12.25 -15.45
C PHE K 466 36.27 12.69 -14.43
N GLU K 467 35.98 12.42 -13.11
CA GLU K 467 36.76 13.00 -12.05
C GLU K 467 38.22 12.55 -12.09
N SER K 468 38.43 11.28 -12.55
CA SER K 468 39.71 10.65 -12.49
C SER K 468 40.54 10.99 -13.72
N SER K 469 39.92 10.93 -14.89
CA SER K 469 40.54 11.35 -16.14
C SER K 469 40.81 12.81 -16.14
N PHE K 470 39.95 13.71 -15.51
CA PHE K 470 40.11 15.10 -15.34
C PHE K 470 41.33 15.35 -14.45
N LEU K 471 41.44 14.66 -13.27
CA LEU K 471 42.59 14.74 -12.30
C LEU K 471 43.94 14.40 -12.98
N SER K 472 43.97 13.34 -13.88
CA SER K 472 45.17 12.93 -14.68
C SER K 472 45.51 14.05 -15.69
N TYR K 473 44.47 14.58 -16.36
CA TYR K 473 44.69 15.58 -17.37
C TYR K 473 45.11 16.87 -16.73
N LEU K 474 44.62 17.08 -15.48
CA LEU K 474 45.02 18.20 -14.67
C LEU K 474 46.50 18.00 -14.28
N LYS K 475 46.89 16.90 -13.61
CA LYS K 475 48.23 16.57 -13.22
C LYS K 475 49.07 16.20 -14.44
N SER K 476 49.05 16.99 -15.51
CA SER K 476 50.05 16.80 -16.59
C SER K 476 50.30 18.17 -17.12
N ASN K 477 49.33 19.12 -17.10
CA ASN K 477 49.29 20.32 -17.97
C ASN K 477 48.91 21.52 -17.12
N HIS K 478 48.66 21.31 -15.80
CA HIS K 478 48.01 22.32 -14.94
C HIS K 478 48.51 22.04 -13.58
N ASN K 479 49.70 21.37 -13.40
CA ASN K 479 50.34 20.95 -12.16
C ASN K 479 50.68 22.15 -11.34
N GLU K 480 51.13 23.21 -12.04
CA GLU K 480 51.28 24.51 -11.48
C GLU K 480 49.96 25.11 -10.91
N LEU K 481 48.83 24.96 -11.57
CA LEU K 481 47.57 25.49 -11.10
C LEU K 481 47.14 24.71 -9.84
N LEU K 482 47.47 23.35 -9.81
CA LEU K 482 47.11 22.57 -8.66
C LEU K 482 47.82 23.03 -7.39
N THR K 483 49.17 23.27 -7.60
CA THR K 483 50.05 23.90 -6.65
C THR K 483 49.49 25.27 -6.19
N GLU K 484 49.07 26.12 -7.12
CA GLU K 484 48.57 27.40 -6.61
C GLU K 484 47.26 27.29 -5.75
N ILE K 485 46.30 26.41 -6.21
CA ILE K 485 45.14 26.06 -5.44
C ILE K 485 45.30 25.57 -4.00
N ARG K 486 46.38 24.72 -3.78
CA ARG K 486 46.64 24.30 -2.41
C ARG K 486 47.67 25.21 -1.66
N GLU K 487 48.59 25.91 -2.38
CA GLU K 487 49.73 26.52 -1.67
C GLU K 487 49.61 28.09 -1.56
N LYS K 488 49.04 28.73 -2.62
CA LYS K 488 48.40 29.99 -2.27
C LYS K 488 47.15 29.76 -1.37
N GLY K 489 46.56 28.56 -1.34
CA GLY K 489 45.28 28.28 -0.72
C GLY K 489 44.12 29.07 -1.31
N GLU K 490 44.23 29.45 -2.66
CA GLU K 490 43.35 30.45 -3.18
C GLU K 490 42.85 30.01 -4.48
N LEU K 491 41.73 30.74 -4.87
CA LEU K 491 41.11 30.66 -6.15
C LEU K 491 41.34 32.04 -6.76
N SER K 492 42.08 32.06 -7.89
CA SER K 492 42.74 33.22 -8.50
C SER K 492 42.17 33.30 -9.80
N LYS K 493 42.34 34.46 -10.52
CA LYS K 493 41.79 34.92 -11.73
C LYS K 493 42.22 34.01 -12.88
N GLU K 494 43.50 33.50 -12.89
CA GLU K 494 44.20 32.60 -13.74
C GLU K 494 43.53 31.20 -13.76
N LEU K 495 42.75 30.86 -12.75
CA LEU K 495 41.87 29.71 -12.73
C LEU K 495 40.50 29.86 -13.34
N LEU K 496 39.92 30.98 -12.96
CA LEU K 496 38.64 31.47 -13.50
C LEU K 496 38.71 31.60 -15.07
N ALA K 497 39.97 31.76 -15.62
CA ALA K 497 40.33 31.31 -16.96
C ALA K 497 40.64 29.80 -17.05
N SER K 498 41.97 29.39 -16.96
CA SER K 498 42.42 28.12 -17.43
C SER K 498 41.85 26.93 -16.66
N LEU K 499 41.62 27.03 -15.35
CA LEU K 499 41.07 25.86 -14.60
C LEU K 499 39.65 25.62 -14.96
N LYS K 500 38.87 26.74 -15.24
CA LYS K 500 37.52 26.62 -15.75
C LYS K 500 37.56 26.14 -17.17
N SER K 501 38.49 26.71 -18.03
CA SER K 501 38.65 26.24 -19.42
C SER K 501 38.97 24.79 -19.54
N ALA K 502 39.84 24.25 -18.60
CA ALA K 502 40.16 22.85 -18.37
C ALA K 502 38.98 22.01 -18.21
N THR K 503 38.12 22.39 -17.24
CA THR K 503 36.94 21.73 -16.79
C THR K 503 36.04 21.59 -18.02
N GLU K 504 35.79 22.76 -18.73
CA GLU K 504 34.84 22.88 -19.85
C GLU K 504 35.29 21.94 -20.99
N SER K 505 36.61 21.99 -21.38
CA SER K 505 37.28 21.19 -22.47
C SER K 505 37.04 19.69 -22.10
N PHE K 506 37.27 19.27 -20.79
CA PHE K 506 37.24 17.91 -20.42
C PHE K 506 35.82 17.31 -20.36
N VAL K 507 34.69 18.05 -20.47
CA VAL K 507 33.34 17.48 -20.36
C VAL K 507 33.04 16.45 -21.43
N ALA K 508 33.53 16.69 -22.62
CA ALA K 508 33.27 15.88 -23.80
C ALA K 508 34.29 14.84 -23.96
N THR K 509 35.57 15.17 -23.78
CA THR K 509 36.73 14.45 -24.23
C THR K 509 37.66 14.17 -23.06
N THR L 3 26.56 0.80 68.16
CA THR L 3 25.84 1.27 66.96
C THR L 3 25.37 2.74 67.21
N LYS L 4 24.95 3.47 66.13
CA LYS L 4 24.55 4.80 66.02
C LYS L 4 23.18 5.01 66.72
N ALA L 5 23.17 6.13 67.47
CA ALA L 5 21.93 6.48 68.18
C ALA L 5 21.73 7.96 67.89
N GLN L 6 20.44 8.45 68.08
CA GLN L 6 20.07 9.84 67.85
C GLN L 6 21.06 10.90 68.49
N PRO L 7 21.09 12.12 67.96
CA PRO L 7 22.10 13.21 68.37
C PRO L 7 21.85 13.87 69.69
N THR L 8 20.82 13.50 70.48
CA THR L 8 20.40 14.17 71.71
C THR L 8 20.85 13.20 72.75
N GLU L 9 21.14 11.90 72.32
CA GLU L 9 21.57 10.87 73.15
C GLU L 9 23.07 10.77 73.10
N VAL L 10 23.72 11.73 72.31
CA VAL L 10 25.13 11.79 72.17
C VAL L 10 25.77 12.13 73.52
N SER L 11 26.93 11.50 73.69
CA SER L 11 27.64 11.24 74.98
C SER L 11 28.13 12.53 75.56
N SER L 12 28.55 13.56 74.75
CA SER L 12 28.91 14.86 75.32
C SER L 12 27.78 15.73 75.83
N ILE L 13 26.71 15.89 75.04
CA ILE L 13 25.52 16.67 75.41
C ILE L 13 24.80 16.05 76.63
N LEU L 14 24.64 14.70 76.58
CA LEU L 14 23.93 13.96 77.66
C LEU L 14 24.66 13.99 78.96
N GLU L 15 26.02 14.00 79.05
CA GLU L 15 26.62 13.84 80.37
C GLU L 15 26.50 15.14 81.17
N GLU L 16 26.57 16.26 80.53
CA GLU L 16 26.48 17.57 81.14
C GLU L 16 25.14 17.82 81.67
N ARG L 17 24.10 17.29 80.99
CA ARG L 17 22.75 17.54 81.38
C ARG L 17 22.54 16.91 82.71
N ILE L 18 23.03 15.67 82.98
CA ILE L 18 22.90 14.94 84.20
C ILE L 18 23.50 15.85 85.25
N LYS L 19 24.54 16.70 84.98
CA LYS L 19 25.26 17.38 86.06
C LYS L 19 24.98 18.84 86.23
N GLY L 20 24.02 19.29 85.46
CA GLY L 20 23.57 20.71 85.47
C GLY L 20 22.10 20.70 85.41
N VAL L 21 21.51 21.20 84.25
CA VAL L 21 20.10 21.17 84.07
C VAL L 21 19.82 20.19 82.96
N SER L 22 18.58 19.58 83.03
CA SER L 22 18.25 18.66 81.99
C SER L 22 16.75 19.01 81.69
N ASP L 23 15.76 18.18 82.07
CA ASP L 23 14.33 18.38 81.80
C ASP L 23 13.88 19.55 82.58
N GLU L 24 13.06 20.40 82.04
CA GLU L 24 12.21 21.41 82.68
C GLU L 24 12.81 22.81 82.51
N ALA L 25 12.24 23.52 81.53
CA ALA L 25 12.33 24.87 81.17
C ALA L 25 13.59 25.13 80.40
N ASN L 26 14.24 24.03 79.86
CA ASN L 26 15.50 24.22 79.19
C ASN L 26 15.45 23.22 78.10
N LEU L 27 14.66 22.14 78.24
CA LEU L 27 14.51 21.09 77.27
C LEU L 27 13.06 20.80 77.29
N ASN L 28 12.25 21.62 77.99
CA ASN L 28 10.81 21.41 78.04
C ASN L 28 10.08 22.65 77.44
N GLU L 29 10.52 23.90 77.83
CA GLU L 29 9.81 25.09 77.32
C GLU L 29 10.76 25.70 76.21
N THR L 30 11.93 25.21 76.27
CA THR L 30 13.09 25.73 75.55
C THR L 30 13.66 24.45 74.94
N GLY L 31 14.62 24.57 73.95
CA GLY L 31 15.49 23.50 73.54
C GLY L 31 16.51 24.24 72.73
N ARG L 32 17.65 23.61 72.61
CA ARG L 32 18.86 24.25 72.15
C ARG L 32 19.14 23.70 70.83
N VAL L 33 19.39 24.61 69.85
CA VAL L 33 19.48 24.25 68.47
C VAL L 33 20.75 23.46 68.37
N LEU L 34 20.78 22.55 67.34
CA LEU L 34 21.92 21.68 67.16
C LEU L 34 22.14 21.47 65.67
N ALA L 35 21.28 22.03 64.77
CA ALA L 35 21.56 21.86 63.34
C ALA L 35 20.72 22.86 62.58
N VAL L 36 21.10 23.17 61.33
CA VAL L 36 20.45 24.26 60.64
C VAL L 36 21.10 24.39 59.29
N GLY L 37 20.26 24.44 58.18
CA GLY L 37 20.66 24.69 56.86
C GLY L 37 19.47 24.45 56.02
N ASP L 38 19.28 25.20 54.90
CA ASP L 38 18.29 25.04 53.86
C ASP L 38 17.08 25.83 54.21
N GLY L 39 17.28 26.80 55.14
CA GLY L 39 16.23 27.61 55.75
C GLY L 39 15.35 26.74 56.63
N ILE L 40 15.98 25.72 57.23
CA ILE L 40 15.32 24.69 57.98
C ILE L 40 16.28 24.35 59.09
N ALA L 41 15.77 24.22 60.30
CA ALA L 41 16.65 23.89 61.44
C ALA L 41 16.03 22.74 62.16
N ARG L 42 16.75 22.15 63.18
CA ARG L 42 16.09 21.12 64.03
C ARG L 42 16.80 21.30 65.29
N VAL L 43 16.07 21.33 66.42
CA VAL L 43 16.45 21.70 67.71
C VAL L 43 16.19 20.49 68.64
N PHE L 44 16.95 20.37 69.76
CA PHE L 44 16.80 19.30 70.72
C PHE L 44 16.19 19.90 71.97
N GLY L 45 15.04 19.27 72.36
CA GLY L 45 14.29 19.68 73.55
C GLY L 45 12.93 19.76 73.08
N LEU L 46 12.18 20.66 73.66
CA LEU L 46 10.79 20.92 73.32
C LEU L 46 9.93 19.72 73.59
N ASN L 47 10.15 19.09 74.81
CA ASN L 47 9.54 17.86 75.23
C ASN L 47 8.08 18.04 75.51
N ASN L 48 7.67 19.29 75.66
CA ASN L 48 6.27 19.63 75.80
C ASN L 48 6.31 20.75 74.78
N ILE L 49 5.22 20.85 73.95
CA ILE L 49 5.07 21.84 72.87
C ILE L 49 3.70 21.45 72.27
N GLN L 50 2.86 22.41 71.87
CA GLN L 50 1.69 22.13 71.00
C GLN L 50 2.03 21.60 69.63
N ALA L 51 1.07 20.83 69.05
CA ALA L 51 1.26 20.50 67.65
C ALA L 51 0.74 21.54 66.66
N GLU L 52 1.63 21.99 65.71
CA GLU L 52 1.59 22.98 64.64
C GLU L 52 1.92 24.30 65.27
N GLU L 53 2.59 24.28 66.39
CA GLU L 53 2.86 25.50 67.15
C GLU L 53 4.01 26.25 66.57
N LEU L 54 4.18 27.50 66.97
CA LEU L 54 5.10 28.46 66.43
C LEU L 54 6.09 28.64 67.55
N VAL L 55 7.39 28.47 67.14
CA VAL L 55 8.50 28.50 68.00
C VAL L 55 9.27 29.62 67.48
N GLU L 56 9.54 30.69 68.32
CA GLU L 56 10.32 31.84 67.97
C GLU L 56 11.75 31.66 68.40
N PHE L 57 12.68 31.53 67.43
CA PHE L 57 14.13 31.41 67.62
C PHE L 57 14.67 32.75 68.04
N SER L 58 15.72 32.60 68.82
CA SER L 58 16.35 33.83 69.39
C SER L 58 17.32 34.20 68.37
N SER L 59 16.85 34.79 67.24
CA SER L 59 17.63 35.36 66.04
C SER L 59 16.71 36.36 65.43
N GLY L 60 15.42 36.39 65.90
CA GLY L 60 14.42 37.20 65.33
C GLY L 60 13.92 36.53 64.12
N VAL L 61 13.76 35.18 64.20
CA VAL L 61 13.16 34.32 63.19
C VAL L 61 12.10 33.57 63.94
N LYS L 62 10.95 33.29 63.25
CA LYS L 62 9.90 32.40 63.84
C LYS L 62 9.70 31.34 62.71
N GLY L 63 9.49 30.08 63.23
CA GLY L 63 9.23 28.92 62.41
C GLY L 63 8.29 27.96 63.14
N MET L 64 7.24 27.45 62.48
CA MET L 64 6.31 26.61 63.08
C MET L 64 6.93 25.18 62.94
N ALA L 65 6.50 24.19 63.70
CA ALA L 65 6.99 22.90 63.79
C ALA L 65 5.82 22.03 63.52
N LEU L 66 5.93 21.09 62.62
CA LEU L 66 4.96 20.25 62.14
C LEU L 66 5.32 18.81 62.33
N ASN L 67 6.63 18.59 62.52
CA ASN L 67 7.18 17.22 62.76
C ASN L 67 7.99 17.43 64.01
N LEU L 68 7.74 16.51 64.96
CA LEU L 68 8.34 16.44 66.27
C LEU L 68 9.02 15.14 66.40
N GLU L 69 10.20 15.12 67.00
CA GLU L 69 10.88 13.86 67.16
C GLU L 69 11.54 13.93 68.54
N PRO L 70 11.77 12.86 69.33
CA PRO L 70 12.30 12.97 70.71
C PRO L 70 13.77 13.11 70.53
N GLY L 71 14.27 12.90 69.24
CA GLY L 71 15.65 13.16 68.85
C GLY L 71 15.73 14.63 68.51
N GLN L 72 15.35 15.06 67.27
CA GLN L 72 15.56 16.45 66.77
C GLN L 72 14.18 16.84 66.19
N VAL L 73 13.60 17.90 66.75
CA VAL L 73 12.27 18.44 66.47
C VAL L 73 12.57 19.32 65.27
N GLY L 74 11.82 19.10 64.16
CA GLY L 74 12.18 19.72 62.96
C GLY L 74 11.40 20.91 62.70
N ILE L 75 12.06 22.06 62.90
CA ILE L 75 11.45 23.35 62.85
C ILE L 75 11.67 24.12 61.51
N VAL L 76 10.64 24.46 60.61
CA VAL L 76 10.75 25.12 59.40
C VAL L 76 10.82 26.54 59.66
N LEU L 77 11.94 27.14 59.29
CA LEU L 77 12.15 28.54 59.50
C LEU L 77 11.39 29.32 58.48
N PHE L 78 10.85 30.52 58.81
CA PHE L 78 10.23 31.47 57.80
C PHE L 78 11.28 32.44 57.31
N GLY L 79 12.57 32.13 57.71
CA GLY L 79 13.68 32.94 57.28
C GLY L 79 14.87 32.26 56.83
N SER L 80 15.85 33.08 56.42
CA SER L 80 17.12 32.69 56.09
C SER L 80 17.91 32.30 57.29
N ASP L 81 18.94 31.50 57.05
CA ASP L 81 19.73 30.77 58.01
C ASP L 81 20.98 31.51 58.24
N ARG L 82 21.13 32.73 57.72
CA ARG L 82 22.38 33.45 57.79
C ARG L 82 22.33 34.37 58.95
N LEU L 83 21.49 34.02 60.00
CA LEU L 83 21.32 34.79 61.19
C LEU L 83 20.86 33.73 62.20
N VAL L 84 20.56 32.49 61.73
CA VAL L 84 20.16 31.44 62.64
C VAL L 84 21.36 30.57 62.81
N LYS L 85 21.66 30.23 64.08
CA LYS L 85 22.82 29.56 64.51
C LYS L 85 22.53 28.48 65.50
N GLU L 86 23.63 27.68 65.62
CA GLU L 86 23.76 26.45 66.32
C GLU L 86 24.19 26.93 67.64
N GLY L 87 23.47 26.67 68.73
CA GLY L 87 23.78 27.17 70.09
C GLY L 87 22.89 28.34 70.42
N GLU L 88 21.90 28.68 69.52
CA GLU L 88 20.82 29.55 69.91
C GLU L 88 19.77 28.75 70.77
N LEU L 89 18.96 29.48 71.55
CA LEU L 89 17.88 28.88 72.32
C LEU L 89 16.64 29.23 71.49
N VAL L 90 15.58 28.45 71.61
CA VAL L 90 14.34 28.79 70.96
C VAL L 90 13.31 28.82 71.97
N LYS L 91 12.44 29.86 71.92
CA LYS L 91 11.42 30.08 72.93
C LYS L 91 10.09 29.90 72.22
N ARG L 92 9.23 29.00 72.83
CA ARG L 92 7.93 28.70 72.43
C ARG L 92 6.92 29.92 72.50
N THR L 93 6.20 30.28 71.47
CA THR L 93 5.22 31.37 71.39
C THR L 93 4.11 30.95 72.32
N GLY L 94 3.74 29.64 72.15
CA GLY L 94 2.74 29.00 72.86
C GLY L 94 1.52 29.23 72.16
N ASN L 95 1.53 29.71 70.91
CA ASN L 95 0.35 30.02 70.24
C ASN L 95 0.47 29.48 68.79
N ILE L 96 -0.55 28.77 68.39
CA ILE L 96 -0.60 28.20 67.01
C ILE L 96 -0.81 29.37 66.02
N VAL L 97 -0.31 29.26 64.73
CA VAL L 97 -0.10 30.25 63.65
C VAL L 97 -1.52 30.73 63.28
N ASP L 98 -1.69 32.02 63.15
CA ASP L 98 -3.00 32.66 63.18
C ASP L 98 -2.84 33.93 62.41
N VAL L 99 -4.00 34.37 61.93
CA VAL L 99 -4.06 35.44 61.01
C VAL L 99 -5.10 36.46 61.50
N PRO L 100 -5.00 37.75 61.22
CA PRO L 100 -6.05 38.74 61.38
C PRO L 100 -7.05 38.58 60.26
N VAL L 101 -8.37 38.68 60.56
CA VAL L 101 -9.52 38.55 59.71
C VAL L 101 -10.34 39.81 59.97
N GLY L 102 -10.83 40.44 58.87
CA GLY L 102 -11.59 41.67 59.13
C GLY L 102 -12.04 42.18 57.81
N PRO L 103 -12.85 43.18 57.87
CA PRO L 103 -13.18 43.93 56.66
C PRO L 103 -12.23 45.06 56.49
N GLY L 104 -11.03 44.83 57.06
CA GLY L 104 -9.98 45.86 56.99
C GLY L 104 -8.76 45.17 56.50
N LEU L 105 -8.95 44.24 55.55
CA LEU L 105 -7.98 43.53 54.66
C LEU L 105 -8.42 43.87 53.21
N LEU L 106 -9.31 44.92 53.07
CA LEU L 106 -9.94 45.18 51.79
C LEU L 106 -9.29 46.30 50.98
N GLY L 107 -8.79 46.01 49.75
CA GLY L 107 -8.05 47.02 48.98
C GLY L 107 -6.59 47.11 49.47
N ARG L 108 -6.04 45.98 49.97
CA ARG L 108 -4.80 45.89 50.70
C ARG L 108 -4.11 44.56 50.19
N VAL L 109 -2.74 44.54 49.99
CA VAL L 109 -2.03 43.29 49.69
C VAL L 109 -1.43 42.80 51.03
N VAL L 110 -1.51 41.46 51.31
CA VAL L 110 -1.04 40.89 52.59
C VAL L 110 -0.38 39.58 52.21
N ASP L 111 0.68 39.18 52.97
CA ASP L 111 1.46 37.96 52.79
C ASP L 111 0.81 36.98 53.78
N ALA L 112 1.44 35.83 54.11
CA ALA L 112 0.72 34.76 54.79
C ALA L 112 0.69 35.02 56.25
N LEU L 113 1.30 36.14 56.73
CA LEU L 113 1.36 36.55 58.12
C LEU L 113 0.52 37.79 58.25
N GLY L 114 -0.26 38.19 57.21
CA GLY L 114 -1.41 39.06 57.35
C GLY L 114 -0.88 40.44 57.71
N ASN L 115 0.36 40.72 57.30
CA ASN L 115 0.99 42.06 57.43
C ASN L 115 1.03 42.71 56.05
N PRO L 116 0.59 43.97 55.76
CA PRO L 116 0.76 44.72 54.52
C PRO L 116 2.13 44.66 53.88
N ILE L 117 2.17 44.43 52.57
CA ILE L 117 3.40 44.34 51.79
C ILE L 117 3.36 45.30 50.67
N ASP L 118 2.64 46.39 50.90
CA ASP L 118 2.49 47.43 49.87
C ASP L 118 2.25 48.80 50.64
N GLY L 119 2.63 48.84 51.89
CA GLY L 119 2.55 49.99 52.70
C GLY L 119 1.19 50.61 52.82
N LYS L 120 0.07 49.89 52.79
CA LYS L 120 -1.24 50.47 52.99
C LYS L 120 -1.64 50.44 54.42
N GLY L 121 -0.71 49.98 55.30
CA GLY L 121 -0.73 50.11 56.70
C GLY L 121 -1.78 49.22 57.34
N PRO L 122 -1.95 49.43 58.64
CA PRO L 122 -2.58 48.58 59.63
C PRO L 122 -3.78 47.83 59.11
N ILE L 123 -4.00 46.61 59.54
CA ILE L 123 -5.15 45.70 59.21
C ILE L 123 -6.06 45.90 60.38
N ASP L 124 -7.27 46.40 60.11
CA ASP L 124 -8.29 46.56 61.14
C ASP L 124 -9.03 45.18 61.03
N ALA L 125 -8.91 44.44 62.15
CA ALA L 125 -9.29 43.06 62.22
C ALA L 125 -10.33 42.92 63.29
N ALA L 126 -11.43 42.10 63.03
CA ALA L 126 -12.53 41.93 63.93
C ALA L 126 -12.47 40.63 64.61
N GLY L 127 -11.47 39.77 64.26
CA GLY L 127 -11.34 38.54 64.94
C GLY L 127 -9.98 38.02 64.47
N ARG L 128 -9.59 36.92 65.03
CA ARG L 128 -8.52 36.13 64.50
C ARG L 128 -9.09 34.75 64.43
N SER L 129 -8.48 33.95 63.56
CA SER L 129 -9.03 32.66 63.20
C SER L 129 -7.87 31.80 63.06
N ARG L 130 -8.02 30.58 62.52
CA ARG L 130 -7.03 29.47 62.67
C ARG L 130 -6.61 29.15 61.26
N ALA L 131 -5.29 28.71 61.13
CA ALA L 131 -4.64 28.41 59.85
C ALA L 131 -5.06 27.01 59.35
N GLN L 132 -5.40 26.08 60.26
CA GLN L 132 -5.80 24.73 59.96
C GLN L 132 -7.13 24.66 60.62
N VAL L 133 -8.25 24.30 59.87
CA VAL L 133 -9.58 24.35 60.37
C VAL L 133 -10.18 23.26 59.44
N LYS L 134 -10.90 22.37 60.20
CA LYS L 134 -11.66 21.28 59.60
C LYS L 134 -12.88 21.73 58.76
N ALA L 135 -13.19 20.93 57.75
CA ALA L 135 -14.34 21.16 56.85
C ALA L 135 -15.68 21.18 57.58
N PRO L 136 -16.71 21.95 57.30
CA PRO L 136 -18.06 21.84 57.94
C PRO L 136 -18.73 20.51 57.76
N GLY L 137 -19.56 20.07 58.75
CA GLY L 137 -20.23 18.76 58.60
C GLY L 137 -21.35 18.60 57.65
N ILE L 138 -22.15 17.56 57.95
CA ILE L 138 -23.45 17.23 57.28
C ILE L 138 -24.50 18.30 57.73
N LEU L 139 -24.66 18.69 59.04
CA LEU L 139 -25.66 19.65 59.49
C LEU L 139 -25.51 21.04 59.02
N PRO L 140 -24.32 21.67 58.99
CA PRO L 140 -24.24 22.99 58.41
C PRO L 140 -24.02 22.83 56.89
N ARG L 141 -25.09 22.49 56.14
CA ARG L 141 -24.93 22.29 54.72
C ARG L 141 -26.20 22.49 54.05
N ARG L 142 -26.13 23.18 52.89
CA ARG L 142 -27.32 23.58 52.12
C ARG L 142 -27.04 23.38 50.71
N SER L 143 -28.04 22.93 49.91
CA SER L 143 -27.82 22.71 48.53
C SER L 143 -27.64 24.08 47.88
N VAL L 144 -26.86 23.97 46.76
CA VAL L 144 -26.23 25.08 46.08
C VAL L 144 -27.06 25.28 44.81
N HIS L 145 -27.39 26.52 44.60
CA HIS L 145 -28.37 26.84 43.65
C HIS L 145 -28.20 28.32 43.30
N GLU L 146 -27.06 28.90 43.72
CA GLU L 146 -26.84 30.27 43.66
C GLU L 146 -26.03 30.49 42.41
N PRO L 147 -26.36 31.36 41.49
CA PRO L 147 -25.54 31.64 40.35
C PRO L 147 -24.35 32.51 40.62
N VAL L 148 -23.40 32.35 39.68
CA VAL L 148 -22.19 33.06 39.60
C VAL L 148 -22.08 33.42 38.11
N GLN L 149 -21.80 34.78 37.82
CA GLN L 149 -21.77 35.38 36.46
C GLN L 149 -20.34 35.24 36.02
N THR L 150 -20.13 34.87 34.71
CA THR L 150 -18.81 34.74 34.13
C THR L 150 -18.98 35.27 32.72
N GLY L 151 -17.89 35.80 32.11
CA GLY L 151 -17.92 36.51 30.82
C GLY L 151 -17.97 35.56 29.70
N LEU L 152 -17.99 34.21 29.97
CA LEU L 152 -17.94 33.27 28.92
C LEU L 152 -19.16 32.43 29.14
N LYS L 153 -20.06 32.53 28.19
CA LYS L 153 -21.38 32.05 28.24
C LYS L 153 -21.60 30.59 28.20
N ALA L 154 -20.84 29.91 27.38
CA ALA L 154 -20.80 28.51 27.35
C ALA L 154 -20.35 27.85 28.68
N VAL L 155 -19.35 28.44 29.36
CA VAL L 155 -18.89 27.92 30.67
C VAL L 155 -19.90 28.07 31.76
N ASP L 156 -20.59 29.26 31.85
CA ASP L 156 -21.56 29.46 32.87
C ASP L 156 -22.79 28.61 32.74
N ALA L 157 -23.39 28.50 31.56
CA ALA L 157 -24.51 27.66 31.19
C ALA L 157 -24.36 26.14 31.25
N LEU L 158 -23.23 25.52 30.83
CA LEU L 158 -23.15 24.09 30.75
C LEU L 158 -22.54 23.63 31.99
N VAL L 159 -21.53 24.39 32.44
CA VAL L 159 -20.78 24.04 33.63
C VAL L 159 -21.31 24.98 34.82
N PRO L 160 -22.01 24.41 35.77
CA PRO L 160 -22.84 25.30 36.60
C PRO L 160 -21.97 25.85 37.66
N ILE L 161 -21.76 27.15 37.69
CA ILE L 161 -20.82 27.84 38.55
C ILE L 161 -21.62 28.42 39.68
N GLY L 162 -21.50 27.70 40.88
CA GLY L 162 -22.27 28.00 42.04
C GLY L 162 -21.46 28.63 43.13
N ARG L 163 -22.02 28.54 44.44
CA ARG L 163 -21.40 29.10 45.57
C ARG L 163 -21.47 28.05 46.60
N GLY L 164 -20.34 27.52 46.94
CA GLY L 164 -20.18 26.44 47.91
C GLY L 164 -19.77 25.24 47.15
N GLN L 165 -19.11 25.35 45.99
CA GLN L 165 -18.76 24.19 45.18
C GLN L 165 -17.41 24.39 44.56
N ARG L 166 -16.67 23.26 44.16
CA ARG L 166 -15.33 23.34 43.71
C ARG L 166 -15.23 22.77 42.38
N GLU L 167 -14.80 23.62 41.38
CA GLU L 167 -14.61 23.32 40.01
C GLU L 167 -13.21 23.75 39.53
N LEU L 168 -12.44 22.81 38.86
CA LEU L 168 -11.03 22.83 38.62
C LEU L 168 -10.72 23.32 37.20
N ILE L 169 -9.89 24.44 37.15
CA ILE L 169 -9.61 25.13 35.93
C ILE L 169 -8.26 24.53 35.74
N ILE L 170 -8.02 23.91 34.58
CA ILE L 170 -6.79 23.15 34.46
C ILE L 170 -6.29 23.35 33.07
N GLY L 171 -4.92 23.36 32.92
CA GLY L 171 -4.29 23.64 31.69
C GLY L 171 -2.95 24.14 31.84
N ASP L 172 -2.31 24.46 30.70
CA ASP L 172 -0.88 24.84 30.65
C ASP L 172 -0.77 26.35 30.85
N ARG L 173 0.49 26.82 30.81
CA ARG L 173 0.77 28.22 31.15
C ARG L 173 0.49 29.04 29.90
N GLN L 174 -0.10 30.20 30.11
CA GLN L 174 -0.31 31.16 29.07
C GLN L 174 -1.39 30.71 28.14
N THR L 175 -2.41 29.90 28.64
CA THR L 175 -3.50 29.32 27.96
C THR L 175 -4.71 30.02 28.60
N GLY L 176 -4.45 31.13 29.38
CA GLY L 176 -5.51 31.93 29.95
C GLY L 176 -6.02 31.24 31.13
N LYS L 177 -5.09 30.66 31.98
CA LYS L 177 -5.41 29.97 33.22
C LYS L 177 -5.98 31.02 34.14
N THR L 178 -5.26 32.17 34.12
CA THR L 178 -5.52 33.36 34.85
C THR L 178 -6.83 33.93 34.31
N ALA L 179 -7.09 33.94 32.97
CA ALA L 179 -8.22 34.72 32.36
C ALA L 179 -9.60 34.36 32.70
N VAL L 180 -9.92 33.04 32.95
CA VAL L 180 -11.21 32.47 33.26
C VAL L 180 -11.64 33.08 34.63
N ALA L 181 -10.64 33.09 35.57
CA ALA L 181 -10.97 33.56 36.87
C ALA L 181 -11.30 35.03 36.89
N LEU L 182 -10.48 35.80 36.11
CA LEU L 182 -10.55 37.24 36.00
C LEU L 182 -11.88 37.62 35.37
N ASP L 183 -12.48 36.84 34.45
CA ASP L 183 -13.87 37.14 33.93
C ASP L 183 -14.94 37.13 35.02
N THR L 184 -14.79 36.12 35.91
CA THR L 184 -15.69 35.99 37.01
C THR L 184 -15.69 37.26 37.90
N ILE L 185 -14.43 37.73 38.20
CA ILE L 185 -14.17 38.78 39.19
C ILE L 185 -14.74 40.10 38.76
N LEU L 186 -14.49 40.29 37.37
CA LEU L 186 -14.88 41.47 36.70
C LEU L 186 -16.41 41.65 36.70
N ASN L 187 -17.27 40.57 36.54
CA ASN L 187 -18.75 40.67 36.49
C ASN L 187 -19.30 40.91 37.82
N GLN L 188 -18.55 40.65 38.85
CA GLN L 188 -18.86 40.85 40.18
C GLN L 188 -18.66 42.36 40.62
N LYS L 189 -18.29 43.31 39.71
CA LYS L 189 -18.30 44.72 39.94
C LYS L 189 -19.78 45.12 40.09
N ARG L 190 -20.59 44.54 39.23
CA ARG L 190 -22.00 44.74 39.03
C ARG L 190 -22.86 44.31 40.15
N TRP L 191 -22.64 43.12 40.77
CA TRP L 191 -23.29 42.71 41.98
C TRP L 191 -22.83 43.42 43.23
N ASN L 192 -21.56 43.80 43.28
CA ASN L 192 -20.86 44.51 44.35
C ASN L 192 -21.37 45.92 44.63
N ASN L 193 -21.55 46.64 43.52
CA ASN L 193 -22.26 47.93 43.35
C ASN L 193 -23.73 47.74 43.68
N GLY L 194 -24.27 46.61 43.28
CA GLY L 194 -25.69 46.44 43.15
C GLY L 194 -26.39 46.10 44.43
N SER L 195 -27.66 45.66 44.27
CA SER L 195 -28.47 45.30 45.37
C SER L 195 -28.30 43.82 45.58
N ASP L 196 -28.86 43.37 46.76
CA ASP L 196 -28.92 42.12 47.33
C ASP L 196 -27.58 41.65 47.84
N GLU L 197 -27.49 41.45 49.21
CA GLU L 197 -26.27 41.13 49.97
C GLU L 197 -25.72 39.74 49.56
N SER L 198 -26.65 38.83 49.09
CA SER L 198 -26.27 37.44 48.94
C SER L 198 -25.76 37.04 47.56
N LYS L 199 -25.65 38.08 46.68
CA LYS L 199 -25.17 38.16 45.34
C LYS L 199 -23.84 38.81 45.47
N LYS L 200 -23.25 39.00 46.65
CA LYS L 200 -22.04 39.69 46.79
C LYS L 200 -20.94 38.72 47.18
N LEU L 201 -19.81 38.71 46.36
CA LEU L 201 -18.53 38.05 46.57
C LEU L 201 -17.55 39.17 46.90
N TYR L 202 -16.80 39.01 48.01
CA TYR L 202 -15.63 39.70 48.43
C TYR L 202 -14.58 38.73 48.00
N CYS L 203 -13.96 38.88 46.83
CA CYS L 203 -13.20 37.85 46.14
C CYS L 203 -11.87 37.89 46.75
N VAL L 204 -11.20 36.72 46.91
CA VAL L 204 -9.93 36.58 47.57
C VAL L 204 -9.04 35.91 46.52
N TYR L 205 -7.89 36.53 46.22
CA TYR L 205 -7.00 36.13 45.15
C TYR L 205 -5.76 35.57 45.80
N VAL L 206 -5.35 34.27 45.49
CA VAL L 206 -4.22 33.65 46.18
C VAL L 206 -3.22 33.40 45.05
N ALA L 207 -1.92 33.77 45.28
CA ALA L 207 -0.95 33.66 44.22
C ALA L 207 0.23 33.05 44.89
N VAL L 208 0.64 31.78 44.54
CA VAL L 208 1.68 31.00 45.28
C VAL L 208 2.60 30.67 44.16
N GLY L 209 3.92 30.94 44.35
CA GLY L 209 5.05 30.60 43.47
C GLY L 209 5.08 31.47 42.30
N GLN L 210 4.64 32.73 42.48
CA GLN L 210 4.52 33.71 41.37
C GLN L 210 5.26 34.81 42.01
N LYS L 211 6.29 35.31 41.28
CA LYS L 211 7.20 36.32 41.75
C LYS L 211 6.53 37.61 42.07
N ARG L 212 7.19 38.59 42.73
CA ARG L 212 6.65 39.83 43.23
C ARG L 212 6.22 40.70 42.05
N SER L 213 7.07 40.66 40.98
CA SER L 213 6.84 41.57 39.85
C SER L 213 5.55 41.30 39.05
N THR L 214 5.21 39.96 38.88
CA THR L 214 4.08 39.60 38.12
C THR L 214 2.72 39.97 38.78
N VAL L 215 2.59 39.70 40.10
CA VAL L 215 1.44 39.93 40.92
C VAL L 215 1.09 41.43 41.16
N ALA L 216 2.17 42.23 41.35
CA ALA L 216 1.96 43.65 41.58
C ALA L 216 1.29 44.33 40.33
N GLN L 217 1.64 43.94 39.05
CA GLN L 217 1.04 44.45 37.75
C GLN L 217 -0.47 44.14 37.74
N LEU L 218 -0.87 42.96 38.24
CA LEU L 218 -2.16 42.33 38.26
C LEU L 218 -3.24 43.06 39.06
N VAL L 219 -2.83 43.49 40.28
CA VAL L 219 -3.70 44.16 41.18
C VAL L 219 -4.10 45.55 40.71
N GLN L 220 -3.10 46.21 40.05
CA GLN L 220 -3.29 47.48 39.39
C GLN L 220 -4.33 47.26 38.32
N THR L 221 -4.34 46.12 37.64
CA THR L 221 -5.35 45.83 36.64
C THR L 221 -6.70 45.71 37.18
N LEU L 222 -6.90 45.02 38.30
CA LEU L 222 -8.18 44.84 38.98
C LEU L 222 -8.71 46.19 39.57
N GLU L 223 -7.80 47.10 40.02
CA GLU L 223 -8.14 48.46 40.50
C GLU L 223 -8.68 49.34 39.29
N GLN L 224 -8.18 49.13 38.01
CA GLN L 224 -8.81 49.81 36.86
C GLN L 224 -10.29 49.52 36.63
N HIS L 225 -10.64 48.28 36.66
CA HIS L 225 -11.92 47.71 36.31
C HIS L 225 -12.82 47.79 37.53
N ASP L 226 -12.38 48.45 38.63
CA ASP L 226 -13.12 48.48 39.88
C ASP L 226 -13.62 47.15 40.29
N ALA L 227 -12.60 46.21 40.41
CA ALA L 227 -12.76 44.90 40.95
C ALA L 227 -11.71 44.73 42.07
N MET L 228 -11.05 45.80 42.40
CA MET L 228 -10.25 45.77 43.65
C MET L 228 -10.62 47.07 44.39
N LYS L 229 -11.28 46.98 45.55
CA LYS L 229 -11.58 48.02 46.54
C LYS L 229 -12.53 47.34 47.55
N TYR L 230 -12.64 45.97 47.41
CA TYR L 230 -13.44 45.11 48.21
C TYR L 230 -12.83 43.77 48.20
N SER L 231 -11.84 43.54 47.37
CA SER L 231 -11.21 42.25 47.33
C SER L 231 -9.97 42.31 48.14
N ILE L 232 -9.48 41.09 48.40
CA ILE L 232 -8.40 40.77 49.24
C ILE L 232 -7.37 40.10 48.32
N ILE L 233 -6.04 40.46 48.50
CA ILE L 233 -4.96 39.89 47.68
C ILE L 233 -4.06 39.20 48.68
N VAL L 234 -3.86 37.87 48.57
CA VAL L 234 -2.94 37.12 49.37
C VAL L 234 -1.81 36.69 48.55
N ALA L 235 -0.51 36.80 49.01
CA ALA L 235 0.63 36.53 48.23
C ALA L 235 1.54 35.71 49.05
N ALA L 236 2.34 34.88 48.33
CA ALA L 236 3.41 34.08 48.74
C ALA L 236 4.32 33.92 47.57
N THR L 237 5.32 34.79 47.47
CA THR L 237 6.08 34.88 46.22
C THR L 237 7.05 33.76 46.33
N ALA L 238 7.73 33.51 45.17
CA ALA L 238 8.62 32.36 44.91
C ALA L 238 9.92 32.56 45.79
N SER L 239 10.45 33.81 45.80
CA SER L 239 11.71 34.13 46.47
C SER L 239 11.55 33.84 48.00
N GLU L 240 10.36 34.00 48.58
CA GLU L 240 9.99 33.69 49.99
C GLU L 240 9.95 32.20 50.16
N ALA L 241 10.28 31.83 51.41
CA ALA L 241 10.66 30.50 51.87
C ALA L 241 9.50 29.51 51.57
N ALA L 242 9.80 28.14 51.47
CA ALA L 242 8.77 27.12 51.22
C ALA L 242 7.75 27.01 52.36
N PRO L 243 8.04 27.21 53.66
CA PRO L 243 6.90 27.16 54.65
C PRO L 243 5.96 28.20 54.41
N LEU L 244 6.45 29.37 54.08
CA LEU L 244 5.60 30.48 53.69
C LEU L 244 4.79 30.21 52.42
N GLN L 245 5.24 29.52 51.35
CA GLN L 245 4.43 29.22 50.14
C GLN L 245 3.35 28.27 50.43
N TYR L 246 3.63 27.28 51.29
CA TYR L 246 2.62 26.34 51.82
C TYR L 246 1.56 26.91 52.69
N LEU L 247 1.94 27.92 53.57
CA LEU L 247 0.94 28.53 54.44
C LEU L 247 0.00 29.53 53.84
N ALA L 248 0.29 30.06 52.60
CA ALA L 248 -0.55 31.11 52.01
C ALA L 248 -1.98 30.67 51.70
N PRO L 249 -2.35 29.51 51.11
CA PRO L 249 -3.72 29.11 50.79
C PRO L 249 -4.56 28.86 52.02
N PHE L 250 -3.95 28.26 53.07
CA PHE L 250 -4.60 27.94 54.35
C PHE L 250 -4.88 29.16 55.23
N THR L 251 -4.13 30.32 55.13
CA THR L 251 -4.48 31.52 55.81
C THR L 251 -5.37 32.48 55.02
N ALA L 252 -5.46 32.35 53.66
CA ALA L 252 -6.33 33.04 52.79
C ALA L 252 -7.76 32.54 53.12
N ALA L 253 -7.82 31.19 53.46
CA ALA L 253 -9.05 30.46 53.71
C ALA L 253 -9.82 31.09 54.81
N SER L 254 -9.09 31.51 55.86
CA SER L 254 -9.73 32.14 57.02
C SER L 254 -10.36 33.41 56.61
N ILE L 255 -9.72 34.24 55.72
CA ILE L 255 -10.30 35.54 55.31
C ILE L 255 -11.57 35.36 54.55
N GLY L 256 -11.77 34.33 53.70
CA GLY L 256 -13.04 34.06 53.10
C GLY L 256 -14.10 33.50 54.02
N GLU L 257 -13.69 32.64 54.99
CA GLU L 257 -14.44 31.92 55.99
C GLU L 257 -15.19 32.91 56.93
N TRP L 258 -14.60 34.06 57.24
CA TRP L 258 -15.31 35.10 58.05
C TRP L 258 -16.56 35.73 57.35
N PHE L 259 -16.54 36.09 56.05
CA PHE L 259 -17.72 36.48 55.33
C PHE L 259 -18.86 35.41 55.29
N ARG L 260 -18.47 34.13 55.12
CA ARG L 260 -19.29 32.96 55.13
C ARG L 260 -19.96 32.83 56.42
N ASP L 261 -19.24 33.08 57.52
CA ASP L 261 -19.73 32.95 58.83
C ASP L 261 -20.85 33.93 59.13
N ASN L 262 -20.70 35.21 58.65
CA ASN L 262 -21.53 36.40 58.95
C ASN L 262 -22.79 36.42 58.07
N GLY L 263 -22.85 35.51 57.04
CA GLY L 263 -23.94 35.32 56.09
C GLY L 263 -23.83 36.03 54.65
N LYS L 264 -22.60 36.54 54.43
CA LYS L 264 -22.14 37.05 53.22
C LYS L 264 -21.40 35.86 52.56
N HIS L 265 -20.81 36.11 51.36
CA HIS L 265 -20.38 35.03 50.53
C HIS L 265 -19.08 35.49 49.95
N ALA L 266 -18.17 34.67 49.49
CA ALA L 266 -16.90 35.06 48.94
C ALA L 266 -16.51 33.95 48.05
N LEU L 267 -15.40 34.19 47.26
CA LEU L 267 -14.92 33.23 46.35
C LEU L 267 -13.35 33.37 46.36
N ILE L 268 -12.69 32.21 46.44
CA ILE L 268 -11.25 32.00 46.68
C ILE L 268 -10.69 31.38 45.39
N VAL L 269 -9.57 32.00 44.77
CA VAL L 269 -8.92 31.50 43.63
C VAL L 269 -7.65 30.95 44.24
N TYR L 270 -7.28 29.63 44.01
CA TYR L 270 -6.11 29.03 44.55
C TYR L 270 -5.20 28.78 43.42
N ASP L 271 -4.24 29.75 43.17
CA ASP L 271 -3.29 29.77 42.21
C ASP L 271 -2.00 29.86 43.06
N ASP L 272 -0.88 29.04 42.90
CA ASP L 272 -0.88 27.80 42.16
C ASP L 272 -0.86 26.71 43.07
N LEU L 273 -1.84 25.72 43.02
CA LEU L 273 -1.91 24.59 43.90
C LEU L 273 -0.84 23.62 43.71
N SER L 274 -0.31 23.58 42.44
CA SER L 274 0.93 22.83 42.05
C SER L 274 2.28 23.24 42.69
N LYS L 275 2.44 24.59 42.85
CA LYS L 275 3.61 25.12 43.57
C LYS L 275 3.41 24.86 45.05
N GLN L 276 2.22 24.68 45.65
CA GLN L 276 2.09 24.44 47.13
C GLN L 276 2.67 23.08 47.45
N ALA L 277 2.37 22.20 46.50
CA ALA L 277 2.76 20.85 46.42
C ALA L 277 4.26 20.82 46.24
N VAL L 278 4.97 21.67 45.44
CA VAL L 278 6.35 21.76 45.35
C VAL L 278 7.08 22.19 46.64
N ALA L 279 6.49 23.21 47.40
CA ALA L 279 6.87 23.70 48.66
C ALA L 279 6.78 22.56 49.65
N TYR L 280 5.70 21.77 49.63
CA TYR L 280 5.50 20.71 50.50
C TYR L 280 6.47 19.62 50.31
N ARG L 281 6.95 19.36 49.09
CA ARG L 281 7.88 18.34 48.81
C ARG L 281 9.24 18.60 49.49
N GLN L 282 9.76 19.88 49.39
CA GLN L 282 10.97 20.42 49.93
C GLN L 282 10.82 20.28 51.41
N LEU L 283 9.67 20.60 51.96
CA LEU L 283 9.38 20.68 53.38
C LEU L 283 9.48 19.29 54.03
N SER L 284 8.81 18.28 53.48
CA SER L 284 8.76 16.97 54.01
C SER L 284 10.12 16.24 53.76
N LEU L 285 10.81 16.46 52.60
CA LEU L 285 12.07 15.70 52.33
C LEU L 285 13.30 16.24 53.03
N LEU L 286 13.19 17.46 53.64
CA LEU L 286 14.31 17.96 54.44
C LEU L 286 13.99 17.76 55.98
N LEU L 287 12.83 17.20 56.24
CA LEU L 287 12.39 16.75 57.55
C LEU L 287 12.36 15.26 57.49
N ARG L 288 12.55 14.62 56.35
CA ARG L 288 12.70 13.23 56.05
C ARG L 288 11.44 12.43 56.16
N ARG L 289 10.59 12.54 55.22
CA ARG L 289 9.39 11.74 55.09
C ARG L 289 9.37 10.95 53.83
N PRO L 290 9.36 9.63 53.74
CA PRO L 290 9.40 8.89 52.54
C PRO L 290 8.25 9.32 51.69
N PRO L 291 8.40 9.60 50.39
CA PRO L 291 7.44 10.18 49.56
C PRO L 291 6.79 8.98 48.85
N GLY L 292 5.80 9.35 47.94
CA GLY L 292 5.23 8.47 46.98
C GLY L 292 5.86 8.87 45.63
N ARG L 293 5.25 8.43 44.53
CA ARG L 293 5.68 8.85 43.14
C ARG L 293 5.81 10.32 42.92
N GLU L 294 6.93 10.67 42.17
CA GLU L 294 7.18 11.88 41.57
C GLU L 294 7.90 12.69 42.58
N ALA L 295 8.06 12.21 43.77
CA ALA L 295 8.89 12.70 44.89
C ALA L 295 7.95 13.52 45.80
N TYR L 296 6.70 13.82 45.41
CA TYR L 296 5.69 14.51 46.24
C TYR L 296 5.24 13.52 47.29
N PRO L 297 5.18 13.96 48.59
CA PRO L 297 4.92 13.11 49.79
C PRO L 297 3.62 12.46 49.69
N GLY L 298 3.39 11.65 50.76
CA GLY L 298 2.30 10.71 50.85
C GLY L 298 1.08 11.43 51.21
N ASP L 299 1.19 12.43 52.16
CA ASP L 299 0.15 13.19 52.75
C ASP L 299 -0.04 14.49 52.06
N VAL L 300 0.37 14.68 50.81
CA VAL L 300 0.16 15.83 49.93
C VAL L 300 -1.30 15.94 49.65
N PHE L 301 -2.00 14.83 49.42
CA PHE L 301 -3.40 14.70 49.11
C PHE L 301 -4.17 15.09 50.35
N TYR L 302 -3.73 14.77 51.53
CA TYR L 302 -4.46 15.01 52.75
C TYR L 302 -4.56 16.54 52.97
N LEU L 303 -3.48 17.27 52.67
CA LEU L 303 -3.38 18.73 52.73
C LEU L 303 -4.39 19.38 51.75
N HIS L 304 -4.39 18.92 50.49
CA HIS L 304 -5.15 19.42 49.38
C HIS L 304 -6.63 19.14 49.63
N SER L 305 -7.01 17.97 50.13
CA SER L 305 -8.39 17.68 50.47
C SER L 305 -8.91 18.46 51.53
N ARG L 306 -8.13 18.71 52.65
CA ARG L 306 -8.61 19.48 53.71
C ARG L 306 -8.87 20.94 53.36
N LEU L 307 -8.00 21.59 52.51
CA LEU L 307 -7.93 23.00 52.12
C LEU L 307 -9.17 23.32 51.30
N LEU L 308 -9.41 22.39 50.29
CA LEU L 308 -10.48 22.62 49.38
C LEU L 308 -11.83 22.54 50.04
N GLU L 309 -12.00 21.76 51.16
CA GLU L 309 -13.18 21.50 51.80
C GLU L 309 -13.50 22.64 52.81
N ARG L 310 -12.72 23.77 52.83
CA ARG L 310 -12.94 24.97 53.64
C ARG L 310 -13.76 25.85 52.83
N ALA L 311 -14.05 25.45 51.57
CA ALA L 311 -15.06 26.16 50.79
C ALA L 311 -16.24 25.25 50.48
N ALA L 312 -17.38 25.53 51.22
CA ALA L 312 -18.62 24.83 51.11
C ALA L 312 -19.67 25.77 51.68
N LYS L 313 -20.91 25.42 51.34
CA LYS L 313 -22.12 26.22 51.75
C LYS L 313 -22.68 25.70 53.03
N LEU L 314 -23.31 26.65 53.80
CA LEU L 314 -23.77 26.41 55.21
C LEU L 314 -25.24 26.58 55.30
N SER L 315 -25.81 26.32 56.46
CA SER L 315 -27.16 26.42 56.76
C SER L 315 -27.45 27.85 57.01
N GLU L 316 -28.77 28.23 57.31
CA GLU L 316 -29.28 29.61 57.49
C GLU L 316 -28.95 30.11 58.86
N LYS L 317 -28.54 29.23 59.79
CA LYS L 317 -27.99 29.59 61.12
C LYS L 317 -26.73 30.36 61.09
N GLU L 318 -25.90 29.97 60.04
CA GLU L 318 -24.64 30.64 59.76
C GLU L 318 -24.74 31.58 58.56
N GLY L 319 -26.06 31.97 58.28
CA GLY L 319 -26.37 33.05 57.39
C GLY L 319 -26.68 32.66 55.94
N SER L 320 -26.68 31.34 55.61
CA SER L 320 -26.83 30.86 54.27
C SER L 320 -25.54 31.06 53.50
N GLY L 321 -24.51 31.44 54.22
CA GLY L 321 -23.17 31.86 53.76
C GLY L 321 -22.48 30.78 52.97
N SER L 322 -21.58 31.16 52.03
CA SER L 322 -20.73 30.15 51.48
C SER L 322 -19.44 30.90 51.18
N LEU L 323 -18.33 30.18 51.53
CA LEU L 323 -17.08 30.40 50.85
C LEU L 323 -17.16 29.43 49.74
N THR L 324 -16.75 29.86 48.53
CA THR L 324 -16.73 29.13 47.23
C THR L 324 -15.31 29.04 46.80
N ALA L 325 -14.89 27.90 46.14
CA ALA L 325 -13.50 27.71 45.75
C ALA L 325 -13.47 27.42 44.25
N LEU L 326 -12.35 27.92 43.55
CA LEU L 326 -11.99 27.57 42.24
C LEU L 326 -10.51 27.25 42.27
N PRO L 327 -10.12 25.95 42.30
CA PRO L 327 -8.69 25.58 42.27
C PRO L 327 -8.20 25.87 40.90
N VAL L 328 -6.86 26.11 40.76
CA VAL L 328 -6.16 26.38 39.60
C VAL L 328 -4.94 25.49 39.64
N ILE L 329 -4.80 24.70 38.53
CA ILE L 329 -3.76 23.68 38.41
C ILE L 329 -3.08 23.80 37.04
N GLU L 330 -1.72 23.93 37.11
CA GLU L 330 -0.87 24.11 36.05
C GLU L 330 -0.26 22.74 35.70
N THR L 331 -0.89 22.07 34.66
CA THR L 331 -0.41 20.74 34.36
C THR L 331 0.85 20.92 33.57
N GLN L 332 1.80 19.97 33.64
CA GLN L 332 3.12 20.09 32.98
C GLN L 332 2.95 20.31 31.48
N GLY L 333 2.10 19.42 30.83
CA GLY L 333 2.01 19.45 29.43
C GLY L 333 0.71 19.02 29.00
N GLY L 334 -0.34 19.16 29.87
CA GLY L 334 -1.57 18.54 29.68
C GLY L 334 -1.45 17.23 30.39
N ASP L 335 -0.52 17.11 31.35
CA ASP L 335 -0.30 15.93 32.16
C ASP L 335 -1.35 15.79 33.27
N VAL L 336 -2.41 14.97 33.07
CA VAL L 336 -3.57 14.95 33.94
C VAL L 336 -3.65 13.61 34.55
N SER L 337 -2.68 12.78 34.20
CA SER L 337 -2.34 11.49 34.69
C SER L 337 -1.22 11.56 35.67
N ALA L 338 -0.63 12.72 35.92
CA ALA L 338 0.29 12.96 37.00
C ALA L 338 -0.38 12.84 38.37
N TYR L 339 0.42 12.58 39.43
CA TYR L 339 -0.21 12.31 40.75
C TYR L 339 -1.03 13.38 41.34
N ILE L 340 -0.52 14.66 41.44
CA ILE L 340 -1.14 15.84 42.06
C ILE L 340 -2.42 16.20 41.29
N PRO L 341 -2.50 16.19 39.94
CA PRO L 341 -3.71 16.44 39.18
C PRO L 341 -4.69 15.39 39.42
N THR L 342 -4.41 14.05 39.62
CA THR L 342 -5.34 12.98 39.87
C THR L 342 -6.04 13.18 41.23
N ASN L 343 -5.31 13.61 42.27
CA ASN L 343 -5.94 13.95 43.55
C ASN L 343 -6.93 15.02 43.50
N VAL L 344 -6.60 16.20 42.82
CA VAL L 344 -7.39 17.47 42.84
C VAL L 344 -8.67 17.16 42.23
N ILE L 345 -8.52 16.31 41.17
CA ILE L 345 -9.57 15.94 40.21
C ILE L 345 -10.70 15.30 40.96
N SER L 346 -10.37 14.41 41.96
CA SER L 346 -11.18 13.60 42.78
C SER L 346 -12.11 14.41 43.66
N ILE L 347 -11.55 15.47 44.28
CA ILE L 347 -12.14 16.49 45.10
C ILE L 347 -13.15 17.29 44.37
N THR L 348 -12.88 17.56 43.05
CA THR L 348 -13.66 18.54 42.35
C THR L 348 -14.73 18.01 41.46
N ASP L 349 -16.00 18.37 41.61
CA ASP L 349 -17.09 17.77 40.92
C ASP L 349 -17.45 18.46 39.66
N GLY L 350 -16.52 19.25 39.09
CA GLY L 350 -16.65 19.80 37.76
C GLY L 350 -15.31 20.11 37.24
N GLN L 351 -15.19 20.33 35.95
CA GLN L 351 -14.00 20.68 35.31
C GLN L 351 -14.30 21.82 34.42
N ILE L 352 -13.35 22.75 34.30
CA ILE L 352 -13.38 23.87 33.48
C ILE L 352 -12.18 23.61 32.68
N PHE L 353 -12.22 22.63 31.85
CA PHE L 353 -11.18 22.06 31.01
C PHE L 353 -10.80 23.14 30.01
N LEU L 354 -9.49 23.43 29.85
CA LEU L 354 -8.99 24.20 28.74
C LEU L 354 -8.08 23.31 27.84
N GLU L 355 -8.06 23.61 26.52
CA GLU L 355 -7.21 23.03 25.56
C GLU L 355 -6.28 24.08 24.99
N ALA L 356 -5.02 23.64 24.87
CA ALA L 356 -3.97 24.43 24.26
C ALA L 356 -4.17 24.68 22.75
N GLU L 357 -4.59 23.63 21.97
CA GLU L 357 -4.70 23.79 20.51
C GLU L 357 -5.74 24.84 20.15
N LEU L 358 -6.81 24.85 20.94
CA LEU L 358 -7.89 25.79 20.75
C LEU L 358 -7.56 27.26 21.04
N PHE L 359 -6.53 27.53 21.84
CA PHE L 359 -6.05 28.86 22.20
C PHE L 359 -5.53 29.55 21.01
N TYR L 360 -4.71 28.79 20.25
CA TYR L 360 -4.09 29.05 18.97
C TYR L 360 -5.09 29.22 17.90
N LYS L 361 -6.15 28.47 17.96
CA LYS L 361 -7.19 28.55 16.88
C LYS L 361 -7.95 29.93 16.87
N GLY L 362 -7.99 30.60 18.00
CA GLY L 362 -8.41 32.00 18.11
C GLY L 362 -9.47 32.19 19.21
N ILE L 363 -9.92 31.06 19.80
CA ILE L 363 -10.74 30.94 20.95
C ILE L 363 -9.87 31.30 22.19
N ARG L 364 -9.59 32.68 22.44
CA ARG L 364 -8.70 33.15 23.41
C ARG L 364 -9.64 33.90 24.29
N PRO L 365 -9.92 33.44 25.51
CA PRO L 365 -9.38 32.31 26.23
C PRO L 365 -10.24 31.12 25.89
N ALA L 366 -9.44 30.07 25.60
CA ALA L 366 -9.76 28.71 25.15
C ALA L 366 -10.96 28.10 25.87
N ILE L 367 -11.87 27.40 25.10
CA ILE L 367 -13.10 26.96 25.74
C ILE L 367 -13.32 25.56 25.29
N ASN L 368 -13.39 24.57 26.23
CA ASN L 368 -13.53 23.19 25.93
C ASN L 368 -14.58 22.61 26.91
N VAL L 369 -15.81 22.43 26.39
CA VAL L 369 -16.88 21.97 27.20
C VAL L 369 -17.28 20.56 26.87
N GLY L 370 -16.44 19.95 25.98
CA GLY L 370 -16.63 18.57 25.60
C GLY L 370 -15.76 17.72 26.57
N LEU L 371 -14.69 18.23 27.21
CA LEU L 371 -13.92 17.55 28.22
C LEU L 371 -14.20 18.14 29.64
N SER L 372 -15.14 19.12 29.68
CA SER L 372 -15.69 19.64 30.89
C SER L 372 -16.65 18.63 31.40
N VAL L 373 -16.91 18.52 32.74
CA VAL L 373 -17.83 17.55 33.24
C VAL L 373 -18.53 18.30 34.34
N SER L 374 -19.70 17.74 34.68
CA SER L 374 -20.56 18.11 35.76
C SER L 374 -21.10 16.81 36.32
N ARG L 375 -20.61 16.39 37.54
CA ARG L 375 -20.86 15.17 38.21
C ARG L 375 -22.17 15.39 38.93
N VAL L 376 -22.44 16.65 39.37
CA VAL L 376 -23.61 16.88 40.12
C VAL L 376 -24.57 17.54 39.24
N GLY L 377 -25.87 17.57 39.62
CA GLY L 377 -26.92 18.26 38.93
C GLY L 377 -26.59 19.69 38.90
N SER L 378 -27.06 20.27 37.77
CA SER L 378 -26.99 21.61 37.31
C SER L 378 -28.28 22.34 37.60
N ALA L 379 -28.10 23.33 38.51
CA ALA L 379 -29.18 24.21 38.99
C ALA L 379 -28.64 25.30 39.90
N ALA L 380 -27.33 25.54 39.83
CA ALA L 380 -26.61 26.63 40.54
C ALA L 380 -26.10 27.72 39.63
N GLN L 381 -26.85 27.96 38.51
CA GLN L 381 -26.61 28.98 37.50
C GLN L 381 -28.05 29.52 37.31
N VAL L 382 -28.02 30.61 36.51
CA VAL L 382 -29.22 31.38 36.09
C VAL L 382 -30.04 30.44 35.31
N LYS L 383 -31.35 30.14 35.72
CA LYS L 383 -32.24 29.12 35.17
C LYS L 383 -32.43 29.37 33.69
N ALA L 384 -32.53 30.72 33.33
CA ALA L 384 -32.68 31.23 32.01
C ALA L 384 -31.61 31.01 31.03
N LEU L 385 -30.33 31.19 31.48
CA LEU L 385 -29.20 30.97 30.57
C LEU L 385 -29.08 29.52 30.19
N LYS L 386 -29.51 28.60 31.14
CA LYS L 386 -29.51 27.15 30.98
C LYS L 386 -30.58 26.73 29.97
N GLN L 387 -31.74 27.36 29.99
CA GLN L 387 -32.79 27.00 29.11
C GLN L 387 -32.48 27.28 27.66
N VAL L 388 -31.93 28.48 27.37
CA VAL L 388 -31.60 28.89 26.03
C VAL L 388 -30.49 28.09 25.46
N ALA L 389 -29.56 27.72 26.33
CA ALA L 389 -28.40 27.01 26.03
C ALA L 389 -28.69 25.49 26.16
N GLY L 390 -29.97 25.06 25.98
CA GLY L 390 -30.46 23.71 26.22
C GLY L 390 -30.04 22.80 25.08
N SER L 391 -29.84 23.31 23.80
CA SER L 391 -29.46 22.44 22.63
C SER L 391 -28.04 22.79 22.29
N LEU L 392 -27.40 23.61 23.12
CA LEU L 392 -26.08 24.03 22.87
C LEU L 392 -25.18 22.79 23.04
N LYS L 393 -25.53 21.85 24.04
CA LYS L 393 -24.76 20.65 24.29
C LYS L 393 -24.83 19.79 23.10
N LEU L 394 -26.11 19.59 22.59
CA LEU L 394 -26.34 18.63 21.58
C LEU L 394 -25.65 19.13 20.25
N PHE L 395 -25.73 20.46 19.88
CA PHE L 395 -25.10 20.85 18.63
C PHE L 395 -23.62 20.71 18.78
N LEU L 396 -22.92 21.19 19.87
CA LEU L 396 -21.48 21.21 19.99
C LEU L 396 -20.98 19.80 20.07
N ALA L 397 -21.68 18.89 20.76
CA ALA L 397 -21.15 17.45 20.83
C ALA L 397 -21.35 16.61 19.54
N GLN L 398 -22.49 16.83 18.78
CA GLN L 398 -22.70 16.24 17.50
C GLN L 398 -21.77 16.74 16.42
N TYR L 399 -21.47 18.08 16.50
CA TYR L 399 -20.58 18.78 15.61
C TYR L 399 -19.13 18.20 15.52
N ARG L 400 -18.59 17.76 16.73
CA ARG L 400 -17.28 17.28 16.88
C ARG L 400 -17.05 16.02 16.04
N GLU L 401 -18.08 15.15 16.06
CA GLU L 401 -18.04 13.89 15.28
C GLU L 401 -18.09 14.05 13.77
N VAL L 402 -19.04 14.85 13.24
CA VAL L 402 -19.14 15.17 11.83
C VAL L 402 -17.91 15.92 11.40
N ALA L 403 -17.34 16.90 12.16
CA ALA L 403 -16.10 17.64 11.77
C ALA L 403 -14.90 16.77 11.72
N ALA L 404 -14.67 15.68 12.54
CA ALA L 404 -13.63 14.78 12.56
C ALA L 404 -13.65 13.98 11.25
N PHE L 405 -14.90 13.51 10.89
CA PHE L 405 -15.15 12.58 9.80
C PHE L 405 -14.81 13.19 8.50
N ALA L 406 -15.15 14.45 8.41
CA ALA L 406 -15.06 15.29 7.18
C ALA L 406 -13.60 15.52 6.67
N GLN L 407 -12.64 15.35 7.68
CA GLN L 407 -11.26 15.54 7.46
C GLN L 407 -10.53 14.25 7.03
N PHE L 408 -11.27 13.18 6.62
CA PHE L 408 -10.72 11.90 6.08
C PHE L 408 -11.12 11.75 4.64
N GLY L 409 -11.99 12.71 4.06
CA GLY L 409 -12.26 12.63 2.63
C GLY L 409 -13.32 11.54 2.36
N SER L 410 -14.25 11.41 3.26
CA SER L 410 -15.41 10.49 3.09
C SER L 410 -16.61 11.37 3.15
N ASP L 411 -17.62 11.25 2.30
CA ASP L 411 -18.70 12.23 2.25
C ASP L 411 -19.83 11.69 3.12
N LEU L 412 -20.97 12.57 3.23
CA LEU L 412 -22.14 12.33 4.02
C LEU L 412 -23.28 13.11 3.48
N ASP L 413 -24.51 12.77 3.95
CA ASP L 413 -25.77 13.24 3.52
C ASP L 413 -25.95 14.71 3.79
N ALA L 414 -26.95 15.50 3.21
CA ALA L 414 -27.16 16.86 3.44
C ALA L 414 -27.52 17.17 4.94
N SER L 415 -28.33 16.36 5.65
CA SER L 415 -28.68 16.65 7.05
C SER L 415 -27.54 16.76 8.00
N THR L 416 -26.50 15.87 7.90
CA THR L 416 -25.29 15.96 8.68
C THR L 416 -24.45 17.21 8.37
N LYS L 417 -24.45 17.68 7.06
CA LYS L 417 -23.79 18.90 6.76
C LYS L 417 -24.56 20.12 7.26
N GLN L 418 -25.92 20.03 7.52
CA GLN L 418 -26.67 21.11 8.20
C GLN L 418 -26.21 21.23 9.63
N THR L 419 -25.97 20.05 10.26
CA THR L 419 -25.42 20.05 11.62
C THR L 419 -24.09 20.65 11.69
N LEU L 420 -23.22 20.20 10.75
CA LEU L 420 -21.84 20.59 10.68
C LEU L 420 -21.58 22.09 10.51
N VAL L 421 -22.38 22.65 9.59
CA VAL L 421 -22.44 24.06 9.25
C VAL L 421 -22.86 24.94 10.39
N ARG L 422 -23.90 24.51 11.15
CA ARG L 422 -24.39 25.15 12.31
C ARG L 422 -23.29 25.14 13.38
N GLY L 423 -22.53 24.03 13.56
CA GLY L 423 -21.55 23.78 14.59
C GLY L 423 -20.38 24.78 14.38
N GLU L 424 -19.95 25.10 13.15
CA GLU L 424 -19.08 26.21 12.78
C GLU L 424 -19.63 27.53 13.16
N ARG L 425 -20.91 27.91 13.00
CA ARG L 425 -21.48 29.28 13.22
C ARG L 425 -21.34 29.59 14.68
N LEU L 426 -21.67 28.56 15.50
CA LEU L 426 -21.58 28.50 16.95
C LEU L 426 -20.21 28.69 17.50
N THR L 427 -19.19 28.07 16.91
CA THR L 427 -17.82 28.05 17.33
C THR L 427 -17.29 29.51 17.34
N GLN L 428 -17.63 30.30 16.31
CA GLN L 428 -17.23 31.68 16.23
C GLN L 428 -17.77 32.53 17.36
N LEU L 429 -18.97 32.17 17.86
CA LEU L 429 -19.69 32.95 18.89
C LEU L 429 -18.93 33.17 20.15
N LEU L 430 -18.21 32.09 20.61
CA LEU L 430 -17.48 31.92 21.80
C LEU L 430 -16.39 32.88 21.91
N LYS L 431 -15.80 33.23 20.76
CA LYS L 431 -14.57 34.03 20.81
C LYS L 431 -14.91 35.50 21.33
N GLN L 432 -13.94 36.09 22.03
CA GLN L 432 -13.97 37.30 22.79
C GLN L 432 -12.70 37.35 23.61
N ASN L 433 -11.96 38.43 23.58
CA ASN L 433 -10.70 38.64 24.21
C ASN L 433 -10.78 38.65 25.72
N GLN L 434 -9.61 38.17 26.32
CA GLN L 434 -9.32 38.01 27.73
C GLN L 434 -9.51 39.33 28.38
N TYR L 435 -9.92 39.35 29.66
CA TYR L 435 -10.03 40.47 30.53
C TYR L 435 -11.18 41.39 30.11
N SER L 436 -12.40 40.83 29.81
CA SER L 436 -13.47 41.52 29.23
C SER L 436 -14.71 41.02 30.00
N PRO L 437 -15.68 41.78 30.49
CA PRO L 437 -16.91 41.27 31.02
C PRO L 437 -18.08 41.09 29.96
N LEU L 438 -19.13 40.37 30.32
CA LEU L 438 -20.21 39.93 29.49
C LEU L 438 -21.14 39.43 30.53
N ALA L 439 -22.20 40.27 30.75
CA ALA L 439 -23.16 40.02 31.82
C ALA L 439 -24.01 38.96 31.21
N THR L 440 -24.75 38.20 32.16
CA THR L 440 -25.75 37.22 31.88
C THR L 440 -26.98 37.65 31.09
N GLU L 441 -27.37 38.90 31.35
CA GLU L 441 -28.52 39.62 30.78
C GLU L 441 -28.38 39.66 29.25
N GLU L 442 -27.14 39.76 28.68
CA GLU L 442 -26.89 39.73 27.25
C GLU L 442 -26.23 38.41 26.89
N GLN L 443 -26.39 37.40 27.73
CA GLN L 443 -25.87 36.04 27.35
C GLN L 443 -27.02 35.16 27.15
N VAL L 444 -28.26 35.54 27.71
CA VAL L 444 -29.50 34.88 27.24
C VAL L 444 -29.92 35.19 25.81
N PRO L 445 -29.81 36.38 25.20
CA PRO L 445 -30.21 36.52 23.81
C PRO L 445 -29.43 35.72 22.82
N LEU L 446 -28.06 35.73 22.88
CA LEU L 446 -27.24 35.22 21.84
C LEU L 446 -27.33 33.74 21.64
N ILE L 447 -27.41 32.93 22.77
CA ILE L 447 -27.57 31.53 22.87
C ILE L 447 -28.97 31.18 22.43
N TYR L 448 -30.04 31.99 22.60
CA TYR L 448 -31.39 31.73 22.02
C TYR L 448 -31.30 31.72 20.51
N ALA L 449 -30.58 32.74 19.99
CA ALA L 449 -30.35 33.11 18.63
C ALA L 449 -29.57 32.10 17.83
N GLY L 450 -28.55 31.53 18.48
CA GLY L 450 -27.72 30.47 17.94
C GLY L 450 -28.56 29.23 17.81
N VAL L 451 -29.31 28.82 18.91
CA VAL L 451 -30.10 27.56 18.99
C VAL L 451 -31.28 27.58 18.04
N ASN L 452 -31.91 28.73 17.78
CA ASN L 452 -33.00 28.82 16.84
C ASN L 452 -32.63 29.20 15.41
N GLY L 453 -31.35 29.11 15.03
CA GLY L 453 -30.98 29.06 13.61
C GLY L 453 -30.96 30.46 13.07
N HIS L 454 -30.69 31.44 13.96
CA HIS L 454 -30.66 32.84 13.66
C HIS L 454 -29.23 33.25 13.47
N LEU L 455 -28.31 32.30 13.83
CA LEU L 455 -26.92 32.43 13.40
C LEU L 455 -26.61 31.66 12.20
N ASP L 456 -27.65 30.88 11.74
CA ASP L 456 -27.73 30.05 10.57
C ASP L 456 -28.36 30.81 9.40
N GLY L 457 -28.70 32.10 9.60
CA GLY L 457 -29.22 32.94 8.56
C GLY L 457 -28.09 33.69 8.09
N ILE L 458 -26.85 33.63 8.76
CA ILE L 458 -25.78 34.55 8.43
C ILE L 458 -24.67 33.62 8.02
N GLU L 459 -23.54 34.14 7.50
CA GLU L 459 -22.34 33.41 7.09
C GLU L 459 -21.33 33.42 8.18
N LEU L 460 -20.13 32.82 8.02
CA LEU L 460 -19.23 32.35 9.03
C LEU L 460 -18.50 33.48 9.72
N SER L 461 -18.49 34.62 9.06
CA SER L 461 -17.67 35.81 9.55
C SER L 461 -18.64 36.94 9.74
N ARG L 462 -19.95 36.64 9.61
CA ARG L 462 -20.94 37.74 9.76
C ARG L 462 -21.55 37.53 11.14
N ILE L 463 -20.89 36.68 11.95
CA ILE L 463 -21.33 36.50 13.31
C ILE L 463 -21.14 37.72 14.19
N GLY L 464 -20.04 38.43 14.01
CA GLY L 464 -19.75 39.63 14.72
C GLY L 464 -20.61 40.83 14.32
N GLU L 465 -20.90 41.00 13.03
CA GLU L 465 -21.79 42.02 12.56
C GLU L 465 -23.24 41.78 13.05
N PHE L 466 -23.77 40.56 13.06
CA PHE L 466 -25.14 40.25 13.61
C PHE L 466 -25.28 40.63 15.04
N GLU L 467 -24.25 40.24 15.84
CA GLU L 467 -24.15 40.47 17.30
C GLU L 467 -24.28 41.98 17.60
N SER L 468 -23.60 42.84 16.78
CA SER L 468 -23.58 44.25 17.02
C SER L 468 -25.03 44.84 16.87
N SER L 469 -25.81 44.53 15.81
CA SER L 469 -27.17 44.98 15.50
C SER L 469 -28.20 44.45 16.50
N PHE L 470 -28.17 43.15 16.88
CA PHE L 470 -29.11 42.47 17.77
C PHE L 470 -29.08 43.07 19.13
N LEU L 471 -27.82 43.28 19.73
CA LEU L 471 -27.72 43.93 21.02
C LEU L 471 -28.26 45.33 20.87
N SER L 472 -28.02 46.03 19.71
CA SER L 472 -28.58 47.40 19.53
C SER L 472 -30.08 47.43 19.51
N TYR L 473 -30.77 46.45 18.91
CA TYR L 473 -32.19 46.31 18.74
C TYR L 473 -32.79 46.03 20.13
N LEU L 474 -32.11 45.15 20.96
CA LEU L 474 -32.66 44.77 22.20
C LEU L 474 -32.59 46.00 23.13
N LYS L 475 -31.48 46.86 22.97
CA LYS L 475 -31.32 48.04 23.77
C LYS L 475 -32.40 48.99 23.54
N SER L 476 -32.93 49.28 22.31
CA SER L 476 -34.10 50.12 22.08
C SER L 476 -35.41 49.56 22.54
N ASN L 477 -35.76 48.31 22.15
CA ASN L 477 -37.09 47.92 22.22
C ASN L 477 -37.31 47.06 23.47
N HIS L 478 -36.48 45.96 23.58
CA HIS L 478 -36.52 44.91 24.60
C HIS L 478 -35.45 45.02 25.75
N ASN L 479 -35.35 46.20 26.44
CA ASN L 479 -34.37 46.42 27.45
C ASN L 479 -35.14 45.99 28.68
N GLU L 480 -36.50 46.02 28.72
CA GLU L 480 -37.30 45.42 29.79
C GLU L 480 -37.04 43.95 29.90
N LEU L 481 -36.89 43.23 28.68
CA LEU L 481 -36.58 41.88 28.45
C LEU L 481 -35.20 41.55 29.07
N LEU L 482 -34.27 42.47 28.90
CA LEU L 482 -32.94 42.35 29.46
C LEU L 482 -33.03 42.34 31.01
N THR L 483 -33.79 43.28 31.61
CA THR L 483 -33.97 43.42 33.03
C THR L 483 -34.59 42.22 33.80
N GLU L 484 -35.70 41.62 33.27
CA GLU L 484 -36.41 40.48 33.75
C GLU L 484 -35.49 39.31 33.73
N ILE L 485 -34.64 39.14 32.71
CA ILE L 485 -33.73 38.03 32.53
C ILE L 485 -32.75 38.01 33.66
N ARG L 486 -32.16 39.24 34.06
CA ARG L 486 -31.17 39.31 35.07
C ARG L 486 -31.75 39.11 36.48
N GLU L 487 -32.87 39.89 36.73
CA GLU L 487 -33.40 39.87 38.08
C GLU L 487 -34.10 38.59 38.44
N LYS L 488 -34.89 38.03 37.47
CA LYS L 488 -35.80 36.99 37.82
C LYS L 488 -35.45 35.70 37.30
N GLY L 489 -34.71 35.75 36.19
CA GLY L 489 -34.06 34.65 35.51
C GLY L 489 -35.12 33.52 35.08
N GLU L 490 -36.15 33.81 34.28
CA GLU L 490 -37.03 32.72 33.90
C GLU L 490 -37.71 33.26 32.72
N LEU L 491 -37.84 32.40 31.67
CA LEU L 491 -38.36 32.81 30.32
C LEU L 491 -39.73 32.15 30.32
N SER L 492 -40.74 32.78 29.67
CA SER L 492 -42.09 32.25 29.54
C SER L 492 -42.35 32.37 28.07
N LYS L 493 -43.52 32.01 27.61
CA LYS L 493 -43.85 32.17 26.18
C LYS L 493 -43.81 33.54 25.71
N GLU L 494 -44.23 34.58 26.54
CA GLU L 494 -44.29 35.96 26.27
C GLU L 494 -42.92 36.53 26.08
N LEU L 495 -42.02 36.15 27.00
CA LEU L 495 -40.65 36.64 26.95
C LEU L 495 -39.88 36.14 25.69
N LEU L 496 -39.98 34.80 25.37
CA LEU L 496 -39.49 34.03 24.24
C LEU L 496 -40.08 34.51 22.99
N ALA L 497 -41.37 34.92 22.94
CA ALA L 497 -41.96 35.53 21.75
C ALA L 497 -41.38 36.90 21.32
N SER L 498 -41.08 37.82 22.24
CA SER L 498 -40.41 39.10 22.12
C SER L 498 -39.03 38.83 21.64
N LEU L 499 -38.36 37.78 22.22
CA LEU L 499 -36.96 37.48 21.85
C LEU L 499 -36.85 37.10 20.40
N LYS L 500 -37.85 36.34 19.94
CA LYS L 500 -38.06 35.92 18.58
C LYS L 500 -38.19 37.09 17.66
N SER L 501 -38.99 38.17 17.99
CA SER L 501 -39.14 39.34 17.11
C SER L 501 -37.82 40.01 16.88
N ALA L 502 -37.04 40.12 18.00
CA ALA L 502 -35.78 40.74 18.01
C ALA L 502 -34.80 40.08 17.02
N THR L 503 -34.69 38.72 17.01
CA THR L 503 -33.75 37.89 16.21
C THR L 503 -34.14 37.98 14.68
N GLU L 504 -35.44 37.88 14.37
CA GLU L 504 -35.91 38.02 13.00
C GLU L 504 -35.61 39.31 12.31
N SER L 505 -35.63 40.44 13.10
CA SER L 505 -35.44 41.74 12.63
C SER L 505 -34.02 41.98 11.94
N PHE L 506 -33.01 41.20 12.42
CA PHE L 506 -31.70 41.44 11.75
C PHE L 506 -31.12 40.08 11.49
N VAL L 507 -31.92 39.18 10.87
CA VAL L 507 -31.61 37.85 10.58
C VAL L 507 -30.61 37.71 9.48
N ALA L 508 -30.49 38.79 8.67
CA ALA L 508 -29.60 38.91 7.54
C ALA L 508 -28.65 40.02 7.80
N THR L 509 -27.32 39.88 7.50
CA THR L 509 -26.20 40.78 8.02
C THR L 509 -25.90 40.31 9.49
N SER M 12 29.63 -13.58 96.15
CA SER M 12 29.70 -12.09 96.47
C SER M 12 28.35 -11.42 96.42
N ILE M 13 28.13 -10.22 97.05
CA ILE M 13 26.94 -9.53 96.93
C ILE M 13 26.70 -8.99 95.51
N LEU M 14 27.81 -8.66 94.75
CA LEU M 14 27.75 -8.26 93.35
C LEU M 14 27.24 -9.34 92.44
N GLU M 15 27.77 -10.57 92.74
CA GLU M 15 27.38 -11.72 92.04
C GLU M 15 25.96 -12.01 92.21
N GLU M 16 25.40 -11.88 93.43
CA GLU M 16 23.97 -12.14 93.80
C GLU M 16 23.10 -11.16 93.10
N ARG M 17 23.54 -9.92 93.08
CA ARG M 17 22.89 -8.96 92.30
C ARG M 17 22.93 -9.15 90.78
N ILE M 18 24.06 -9.62 90.19
CA ILE M 18 24.20 -9.90 88.75
C ILE M 18 23.24 -11.03 88.30
N LYS M 19 23.17 -12.10 89.11
CA LYS M 19 22.30 -13.20 88.97
C LYS M 19 20.85 -12.85 89.04
N GLY M 20 20.52 -11.97 90.00
CA GLY M 20 19.22 -11.39 90.29
C GLY M 20 18.51 -10.67 89.15
N VAL M 21 19.23 -9.88 88.33
CA VAL M 21 18.79 -9.08 87.25
C VAL M 21 18.85 -9.67 85.89
N SER M 22 19.30 -10.97 85.77
CA SER M 22 19.51 -11.62 84.48
C SER M 22 18.27 -12.37 84.12
N ASP M 23 17.80 -12.03 82.91
CA ASP M 23 16.59 -12.61 82.36
C ASP M 23 16.77 -14.12 82.10
N GLU M 24 17.89 -14.53 81.38
CA GLU M 24 18.32 -15.86 81.12
C GLU M 24 17.47 -16.71 80.21
N ALA M 25 16.96 -16.08 79.11
CA ALA M 25 16.34 -16.74 77.99
C ALA M 25 17.40 -17.58 77.24
N ASN M 26 17.00 -18.78 76.68
CA ASN M 26 17.96 -19.68 76.11
C ASN M 26 18.55 -19.19 74.79
N LEU M 27 17.74 -18.45 73.93
CA LEU M 27 18.24 -17.74 72.79
C LEU M 27 18.72 -18.67 71.67
N ASN M 28 18.28 -20.00 71.68
CA ASN M 28 18.58 -20.80 70.55
C ASN M 28 17.62 -21.96 70.58
N GLU M 29 16.57 -21.92 71.47
CA GLU M 29 15.68 -23.01 71.51
C GLU M 29 14.35 -22.70 70.89
N THR M 30 13.51 -21.72 71.40
CA THR M 30 13.60 -20.59 72.30
C THR M 30 14.17 -19.30 71.64
N GLY M 31 13.24 -18.33 71.37
CA GLY M 31 13.50 -16.88 71.15
C GLY M 31 12.37 -16.25 71.87
N ARG M 32 12.50 -14.92 71.98
CA ARG M 32 11.40 -14.06 72.45
C ARG M 32 11.47 -12.90 71.52
N VAL M 33 10.29 -12.50 71.02
CA VAL M 33 10.14 -11.38 70.13
C VAL M 33 10.72 -10.12 70.65
N LEU M 34 11.48 -9.45 69.78
CA LEU M 34 12.04 -8.12 69.97
C LEU M 34 11.08 -6.97 69.48
N ALA M 35 10.50 -7.08 68.17
CA ALA M 35 9.49 -6.16 67.62
C ALA M 35 8.69 -6.88 66.62
N VAL M 36 7.40 -6.59 66.49
CA VAL M 36 6.63 -7.13 65.35
C VAL M 36 5.77 -6.03 64.78
N GLY M 37 5.92 -5.72 63.54
CA GLY M 37 5.07 -4.78 62.92
C GLY M 37 5.03 -5.24 61.48
N ASP M 38 3.79 -5.07 60.97
CA ASP M 38 3.33 -5.37 59.56
C ASP M 38 3.27 -6.84 59.36
N GLY M 39 3.16 -7.56 60.50
CA GLY M 39 3.18 -9.00 60.72
C GLY M 39 4.54 -9.50 60.41
N ILE M 40 5.61 -8.81 60.86
CA ILE M 40 6.97 -9.09 60.60
C ILE M 40 7.59 -9.25 61.99
N ALA M 41 7.52 -10.44 62.61
CA ALA M 41 8.22 -10.64 63.85
C ALA M 41 9.66 -10.75 63.61
N ARG M 42 10.45 -10.20 64.48
CA ARG M 42 11.94 -10.30 64.48
C ARG M 42 12.15 -10.89 65.79
N VAL M 43 12.73 -12.05 65.97
CA VAL M 43 12.64 -12.85 67.18
C VAL M 43 14.03 -12.90 67.62
N PHE M 44 14.26 -12.73 68.98
CA PHE M 44 15.62 -12.65 69.45
C PHE M 44 15.94 -13.90 70.15
N GLY M 45 16.92 -14.63 69.52
CA GLY M 45 17.27 -16.02 69.78
C GLY M 45 17.33 -16.88 68.50
N LEU M 46 17.08 -18.20 68.57
CA LEU M 46 16.96 -19.06 67.45
C LEU M 46 18.17 -19.07 66.54
N ASN M 47 19.40 -19.31 67.16
CA ASN M 47 20.67 -19.40 66.47
C ASN M 47 20.75 -20.53 65.49
N ASN M 48 20.14 -21.71 65.84
CA ASN M 48 19.96 -22.86 64.92
C ASN M 48 18.54 -22.90 64.41
N ILE M 49 18.42 -22.75 63.05
CA ILE M 49 17.18 -22.60 62.37
C ILE M 49 17.52 -22.52 60.90
N GLN M 50 16.67 -23.27 60.12
CA GLN M 50 16.78 -23.41 58.73
C GLN M 50 15.96 -22.33 58.12
N ALA M 51 16.17 -22.08 56.74
CA ALA M 51 15.32 -21.14 56.05
C ALA M 51 13.93 -21.74 55.77
N GLU M 52 12.87 -20.95 56.14
CA GLU M 52 11.51 -21.27 55.99
C GLU M 52 11.00 -22.33 56.91
N GLU M 53 11.70 -22.51 58.04
CA GLU M 53 11.55 -23.59 58.91
C GLU M 53 10.22 -23.36 59.62
N LEU M 54 9.49 -24.41 60.09
CA LEU M 54 8.20 -24.07 60.74
C LEU M 54 8.49 -23.81 62.21
N VAL M 55 7.99 -22.65 62.68
CA VAL M 55 8.11 -22.14 64.04
C VAL M 55 6.67 -21.95 64.46
N GLU M 56 6.35 -22.18 65.70
CA GLU M 56 5.00 -22.06 66.20
C GLU M 56 5.03 -21.13 67.40
N PHE M 57 4.15 -20.13 67.47
CA PHE M 57 4.18 -19.12 68.45
C PHE M 57 3.34 -19.66 69.62
N SER M 58 3.44 -18.95 70.79
CA SER M 58 2.62 -19.08 71.96
C SER M 58 1.39 -18.20 71.80
N SER M 59 1.42 -17.37 70.78
CA SER M 59 0.39 -16.44 70.48
C SER M 59 -0.70 -17.31 69.85
N GLY M 60 -0.33 -18.41 69.18
CA GLY M 60 -1.25 -19.35 68.67
C GLY M 60 -1.12 -19.47 67.19
N VAL M 61 -0.21 -18.67 66.57
CA VAL M 61 -0.07 -18.43 65.14
C VAL M 61 1.20 -19.13 64.70
N LYS M 62 1.32 -19.32 63.37
CA LYS M 62 2.39 -20.05 62.79
C LYS M 62 3.15 -19.12 61.90
N GLY M 63 4.43 -19.41 61.67
CA GLY M 63 5.40 -18.62 60.85
C GLY M 63 6.46 -19.44 60.22
N MET M 64 7.25 -18.73 59.35
CA MET M 64 8.36 -19.27 58.68
C MET M 64 9.46 -18.26 58.80
N ALA M 65 10.71 -18.67 58.45
CA ALA M 65 11.82 -17.81 58.80
C ALA M 65 12.64 -17.67 57.53
N LEU M 66 12.21 -16.93 56.55
CA LEU M 66 12.95 -16.82 55.34
C LEU M 66 14.31 -16.06 55.61
N ASN M 67 14.30 -14.97 56.40
CA ASN M 67 15.45 -14.16 56.49
C ASN M 67 15.97 -14.46 57.83
N LEU M 68 17.19 -15.02 57.77
CA LEU M 68 17.85 -15.37 58.96
C LEU M 68 18.92 -14.26 58.99
N GLU M 69 19.13 -13.48 60.10
CA GLU M 69 20.08 -12.49 60.17
C GLU M 69 20.87 -12.94 61.47
N PRO M 70 21.90 -12.24 61.91
CA PRO M 70 22.77 -12.80 62.90
C PRO M 70 22.20 -12.76 64.32
N GLY M 71 21.64 -11.62 64.79
CA GLY M 71 21.12 -11.45 66.16
C GLY M 71 19.61 -11.57 66.22
N GLN M 72 18.91 -11.63 65.04
CA GLN M 72 17.43 -11.67 65.02
C GLN M 72 17.12 -12.48 63.79
N VAL M 73 15.99 -13.15 63.77
CA VAL M 73 15.53 -13.94 62.64
C VAL M 73 14.22 -13.25 62.35
N GLY M 74 14.06 -12.75 61.14
CA GLY M 74 12.83 -11.98 60.79
C GLY M 74 11.91 -12.97 60.18
N ILE M 75 11.04 -13.47 61.10
CA ILE M 75 9.95 -14.40 60.82
C ILE M 75 8.84 -13.59 60.14
N VAL M 76 8.06 -14.20 59.20
CA VAL M 76 6.90 -13.68 58.45
C VAL M 76 5.80 -14.65 58.88
N LEU M 77 4.72 -14.05 59.35
CA LEU M 77 3.65 -14.78 59.96
C LEU M 77 2.62 -15.32 58.86
N PHE M 78 2.00 -16.47 59.06
CA PHE M 78 1.11 -17.03 58.07
C PHE M 78 -0.31 -16.55 58.27
N GLY M 79 -0.61 -16.15 59.57
CA GLY M 79 -1.90 -15.68 59.96
C GLY M 79 -1.85 -14.40 60.72
N SER M 80 -2.94 -14.25 61.56
CA SER M 80 -3.31 -13.07 62.36
C SER M 80 -2.33 -12.38 63.18
N ASP M 81 -2.53 -11.00 63.27
CA ASP M 81 -1.47 -10.08 63.74
C ASP M 81 -1.89 -9.67 65.13
N ARG M 82 -3.10 -10.08 65.46
CA ARG M 82 -3.90 -9.34 66.44
C ARG M 82 -3.50 -9.62 67.90
N LEU M 83 -3.02 -10.85 68.17
CA LEU M 83 -2.68 -11.38 69.49
C LEU M 83 -1.15 -11.54 69.54
N VAL M 84 -0.49 -11.24 68.39
CA VAL M 84 0.93 -11.32 68.30
C VAL M 84 1.42 -9.99 68.72
N LYS M 85 2.41 -9.95 69.61
CA LYS M 85 2.94 -8.77 70.20
C LYS M 85 4.31 -9.16 70.67
N GLU M 86 5.17 -8.23 71.13
CA GLU M 86 6.61 -8.47 71.42
C GLU M 86 6.69 -9.39 72.67
N GLY M 87 7.95 -9.87 72.87
CA GLY M 87 8.49 -10.67 74.01
C GLY M 87 8.01 -12.08 73.97
N GLU M 88 7.13 -12.45 72.94
CA GLU M 88 6.41 -13.65 73.05
C GLU M 88 7.29 -14.80 72.69
N LEU M 89 7.23 -15.79 73.58
CA LEU M 89 7.91 -17.06 73.39
C LEU M 89 7.48 -17.66 72.05
N VAL M 90 8.47 -18.05 71.16
CA VAL M 90 8.28 -18.65 69.84
C VAL M 90 9.16 -19.84 69.73
N LYS M 91 8.56 -21.07 69.90
CA LYS M 91 9.27 -22.29 69.80
C LYS M 91 9.41 -22.73 68.36
N ARG M 92 10.49 -23.53 68.15
CA ARG M 92 11.02 -24.01 66.83
C ARG M 92 10.66 -25.46 66.70
N THR M 93 9.83 -25.84 65.75
CA THR M 93 9.31 -27.15 65.50
C THR M 93 10.52 -27.93 64.96
N GLY M 94 11.37 -27.31 64.09
CA GLY M 94 12.57 -27.94 63.63
C GLY M 94 12.35 -28.88 62.46
N ASN M 95 11.28 -28.68 61.66
CA ASN M 95 10.92 -29.32 60.48
C ASN M 95 10.44 -28.39 59.50
N ILE M 96 11.16 -28.37 58.32
CA ILE M 96 10.88 -27.37 57.20
C ILE M 96 9.65 -27.79 56.49
N VAL M 97 8.89 -26.83 55.81
CA VAL M 97 7.58 -27.12 55.24
C VAL M 97 7.41 -28.47 54.55
N ASP M 98 6.39 -29.29 54.85
CA ASP M 98 6.20 -30.52 54.19
C ASP M 98 4.71 -30.68 54.23
N VAL M 99 4.08 -31.39 53.25
CA VAL M 99 2.64 -31.52 53.08
C VAL M 99 2.41 -32.97 52.81
N PRO M 100 1.26 -33.60 53.17
CA PRO M 100 0.93 -34.95 52.95
C PRO M 100 0.80 -35.24 51.45
N VAL M 101 1.35 -36.39 50.99
CA VAL M 101 1.29 -36.69 49.59
C VAL M 101 0.76 -38.09 49.42
N GLY M 102 -0.05 -38.31 48.34
CA GLY M 102 -0.52 -39.65 47.86
C GLY M 102 -1.95 -39.78 48.15
N PRO M 103 -2.61 -40.92 47.90
CA PRO M 103 -4.09 -41.17 48.17
C PRO M 103 -4.60 -40.92 49.59
N GLY M 104 -5.67 -40.08 49.59
CA GLY M 104 -6.34 -39.72 50.75
C GLY M 104 -6.48 -38.25 50.71
N LEU M 105 -6.23 -37.63 49.57
CA LEU M 105 -6.36 -36.28 49.25
C LEU M 105 -7.35 -36.11 48.13
N LEU M 106 -7.72 -37.19 47.45
CA LEU M 106 -8.68 -37.17 46.32
C LEU M 106 -10.05 -36.82 46.91
N GLY M 107 -10.75 -35.76 46.42
CA GLY M 107 -12.06 -35.25 47.00
C GLY M 107 -11.82 -34.44 48.22
N ARG M 108 -10.66 -33.77 48.37
CA ARG M 108 -10.40 -33.00 49.55
C ARG M 108 -10.08 -31.65 48.98
N VAL M 109 -10.77 -30.65 49.56
CA VAL M 109 -10.38 -29.32 49.47
C VAL M 109 -9.60 -28.99 50.72
N VAL M 110 -8.35 -28.53 50.52
CA VAL M 110 -7.33 -28.20 51.48
C VAL M 110 -6.88 -26.72 51.24
N ASP M 111 -6.33 -26.08 52.27
CA ASP M 111 -5.58 -24.82 52.15
C ASP M 111 -4.09 -25.25 51.96
N ALA M 112 -3.15 -24.24 52.23
CA ALA M 112 -1.79 -24.25 51.93
C ALA M 112 -0.87 -24.84 52.97
N LEU M 113 -1.49 -25.25 54.10
CA LEU M 113 -0.81 -25.90 55.16
C LEU M 113 -1.21 -27.38 55.01
N GLY M 114 -2.12 -27.65 54.03
CA GLY M 114 -2.46 -28.98 53.60
C GLY M 114 -3.43 -29.52 54.61
N ASN M 115 -4.24 -28.65 55.20
CA ASN M 115 -5.12 -28.99 56.30
C ASN M 115 -6.51 -28.75 55.79
N PRO M 116 -7.49 -29.53 56.29
CA PRO M 116 -8.78 -29.54 55.68
C PRO M 116 -9.49 -28.30 56.21
N ILE M 117 -10.24 -27.75 55.26
CA ILE M 117 -10.88 -26.48 55.48
C ILE M 117 -12.32 -26.65 55.30
N ASP M 118 -12.71 -27.85 54.97
CA ASP M 118 -14.05 -28.24 54.72
C ASP M 118 -13.96 -29.60 54.16
N GLY M 119 -12.78 -30.33 54.37
CA GLY M 119 -12.62 -31.70 53.95
C GLY M 119 -13.47 -32.72 54.63
N LYS M 120 -13.17 -33.95 54.35
CA LYS M 120 -13.72 -35.14 54.90
C LYS M 120 -12.71 -35.78 55.88
N GLY M 121 -12.81 -35.38 57.14
CA GLY M 121 -12.07 -35.88 58.24
C GLY M 121 -10.63 -35.62 58.13
N PRO M 122 -9.84 -36.26 58.97
CA PRO M 122 -8.39 -36.10 59.07
C PRO M 122 -7.78 -36.53 57.77
N ILE M 123 -6.62 -36.01 57.40
CA ILE M 123 -6.05 -36.07 56.06
C ILE M 123 -5.36 -37.38 56.00
N ASP M 124 -5.65 -38.17 54.95
CA ASP M 124 -4.98 -39.49 54.77
C ASP M 124 -3.83 -39.33 53.84
N ALA M 125 -2.73 -40.05 54.04
CA ALA M 125 -1.45 -39.74 53.41
C ALA M 125 -0.83 -41.10 53.25
N ALA M 126 0.22 -41.23 52.40
CA ALA M 126 0.96 -42.38 52.08
C ALA M 126 2.36 -42.07 52.48
N GLY M 127 2.80 -40.79 52.34
CA GLY M 127 4.11 -40.33 52.75
C GLY M 127 3.89 -38.89 52.94
N ARG M 128 4.87 -38.18 53.55
CA ARG M 128 4.89 -36.75 53.75
C ARG M 128 6.21 -36.22 53.13
N SER M 129 5.99 -35.20 52.18
CA SER M 129 7.09 -34.74 51.35
C SER M 129 7.28 -33.24 51.44
N ARG M 130 8.51 -32.74 51.42
CA ARG M 130 9.01 -31.38 51.59
C ARG M 130 8.73 -30.50 50.46
N ALA M 131 8.65 -29.17 50.77
CA ALA M 131 8.37 -28.26 49.64
C ALA M 131 9.54 -27.54 49.18
N GLN M 132 10.76 -27.90 49.74
CA GLN M 132 12.02 -27.22 49.39
C GLN M 132 12.83 -27.90 48.22
N VAL M 133 12.39 -29.11 47.71
CA VAL M 133 13.18 -29.81 46.79
C VAL M 133 13.10 -29.21 45.39
N LYS M 134 14.11 -29.63 44.54
CA LYS M 134 14.50 -29.17 43.24
C LYS M 134 13.85 -30.16 42.30
N ALA M 135 14.27 -30.06 40.97
CA ALA M 135 13.57 -30.84 39.92
C ALA M 135 14.53 -31.99 39.57
N PRO M 136 14.15 -33.13 38.94
CA PRO M 136 15.09 -34.17 38.51
C PRO M 136 16.14 -33.73 37.50
N GLY M 137 17.30 -34.52 37.30
CA GLY M 137 18.33 -34.23 36.31
C GLY M 137 17.81 -34.45 34.95
N ILE M 138 18.77 -34.24 33.96
CA ILE M 138 18.54 -34.38 32.51
C ILE M 138 18.22 -35.80 32.13
N LEU M 139 19.06 -36.86 32.53
CA LEU M 139 18.85 -38.21 32.23
C LEU M 139 17.62 -38.81 32.80
N PRO M 140 17.07 -38.60 34.04
CA PRO M 140 15.74 -39.11 34.44
C PRO M 140 14.61 -38.34 33.85
N ARG M 141 14.49 -38.23 32.50
CA ARG M 141 13.54 -37.44 31.70
C ARG M 141 13.37 -38.12 30.40
N ARG M 142 12.20 -37.93 29.77
CA ARG M 142 12.02 -38.61 28.51
C ARG M 142 11.10 -37.71 27.82
N SER M 143 11.22 -37.52 26.49
CA SER M 143 10.37 -36.79 25.53
C SER M 143 8.91 -37.02 25.73
N VAL M 144 8.12 -36.01 25.25
CA VAL M 144 6.68 -36.04 25.37
C VAL M 144 6.23 -36.68 24.06
N HIS M 145 5.16 -37.59 24.23
CA HIS M 145 4.71 -38.42 23.16
C HIS M 145 3.40 -39.00 23.50
N GLU M 146 2.82 -38.69 24.72
CA GLU M 146 1.55 -39.26 25.08
C GLU M 146 0.40 -38.21 25.04
N PRO M 147 -0.65 -38.34 24.38
CA PRO M 147 -1.73 -37.38 24.33
C PRO M 147 -2.47 -37.18 25.61
N VAL M 148 -3.16 -36.05 25.70
CA VAL M 148 -4.25 -35.88 26.64
C VAL M 148 -5.12 -34.80 25.94
N GLN M 149 -6.44 -34.95 26.17
CA GLN M 149 -7.47 -34.27 25.47
C GLN M 149 -8.19 -33.36 26.53
N THR M 150 -8.37 -32.09 26.20
CA THR M 150 -9.05 -31.09 27.00
C THR M 150 -10.51 -31.26 26.80
N GLY M 151 -10.92 -31.78 25.62
CA GLY M 151 -12.24 -31.96 25.25
C GLY M 151 -12.78 -30.89 24.41
N LEU M 152 -11.85 -29.93 24.00
CA LEU M 152 -12.20 -28.79 23.19
C LEU M 152 -11.47 -29.13 21.96
N LYS M 153 -12.23 -29.23 20.83
CA LYS M 153 -11.66 -29.73 19.61
C LYS M 153 -10.55 -28.97 19.05
N ALA M 154 -10.75 -27.68 19.02
CA ALA M 154 -9.81 -26.75 18.44
C ALA M 154 -8.46 -26.73 19.15
N VAL M 155 -8.51 -26.83 20.53
CA VAL M 155 -7.28 -26.90 21.37
C VAL M 155 -6.50 -28.23 21.06
N ASP M 156 -7.17 -29.39 20.98
CA ASP M 156 -6.51 -30.68 20.82
C ASP M 156 -5.82 -30.90 19.47
N ALA M 157 -6.29 -30.13 18.44
CA ALA M 157 -5.78 -30.30 17.08
C ALA M 157 -4.89 -29.13 16.67
N LEU M 158 -5.30 -27.85 16.84
CA LEU M 158 -4.40 -26.71 16.56
C LEU M 158 -3.21 -26.69 17.45
N VAL M 159 -3.36 -27.02 18.81
CA VAL M 159 -2.30 -26.79 19.71
C VAL M 159 -2.32 -27.94 20.73
N PRO M 160 -1.97 -29.20 20.26
CA PRO M 160 -2.27 -30.47 20.98
C PRO M 160 -1.67 -30.46 22.35
N ILE M 161 -2.25 -31.23 23.32
CA ILE M 161 -1.81 -31.26 24.72
C ILE M 161 -1.16 -32.61 24.98
N GLY M 162 -0.03 -32.52 25.77
CA GLY M 162 0.66 -33.77 26.17
C GLY M 162 0.62 -34.06 27.62
N ARG M 163 1.49 -35.00 28.03
CA ARG M 163 1.53 -35.47 29.41
C ARG M 163 2.98 -35.28 29.64
N GLY M 164 3.20 -34.38 30.62
CA GLY M 164 4.39 -33.59 30.84
C GLY M 164 4.31 -32.41 29.89
N GLN M 165 3.64 -31.28 30.31
CA GLN M 165 3.45 -30.12 29.48
C GLN M 165 3.41 -28.87 30.27
N ARG M 166 3.42 -27.67 29.63
CA ARG M 166 3.62 -26.43 30.36
C ARG M 166 3.05 -25.31 29.52
N GLU M 167 2.31 -25.59 28.49
CA GLU M 167 1.63 -24.64 27.57
C GLU M 167 0.66 -23.76 28.37
N LEU M 168 0.65 -22.44 28.26
CA LEU M 168 0.04 -21.42 29.09
C LEU M 168 -1.43 -21.30 28.72
N ILE M 169 -2.27 -20.64 29.57
CA ILE M 169 -3.67 -20.31 29.29
C ILE M 169 -3.64 -18.90 29.73
N ILE M 170 -3.10 -18.06 28.93
CA ILE M 170 -2.72 -16.69 29.32
C ILE M 170 -3.76 -15.74 28.69
N GLY M 171 -4.38 -14.77 29.42
CA GLY M 171 -5.29 -13.94 28.78
C GLY M 171 -5.55 -12.79 29.68
N ASP M 172 -6.53 -11.94 29.21
CA ASP M 172 -6.97 -10.77 29.95
C ASP M 172 -7.89 -11.21 31.02
N ARG M 173 -8.26 -10.28 31.87
CA ARG M 173 -9.10 -10.55 32.97
C ARG M 173 -10.54 -10.80 32.61
N GLN M 174 -11.21 -11.87 33.22
CA GLN M 174 -12.59 -12.28 33.08
C GLN M 174 -12.94 -12.60 31.70
N THR M 175 -12.09 -13.33 30.97
CA THR M 175 -12.27 -13.90 29.60
C THR M 175 -12.61 -15.38 29.65
N GLY M 176 -12.52 -16.13 30.77
CA GLY M 176 -12.90 -17.46 30.84
C GLY M 176 -11.69 -18.35 30.71
N LYS M 177 -10.52 -17.88 31.25
CA LYS M 177 -9.30 -18.63 31.31
C LYS M 177 -9.49 -19.89 32.16
N THR M 178 -10.20 -19.65 33.34
CA THR M 178 -10.51 -20.65 34.35
C THR M 178 -11.39 -21.63 33.66
N ALA M 179 -12.26 -21.23 32.70
CA ALA M 179 -13.21 -22.10 32.02
C ALA M 179 -12.56 -23.19 31.18
N VAL M 180 -11.46 -22.90 30.42
CA VAL M 180 -10.53 -23.76 29.68
C VAL M 180 -9.96 -24.79 30.57
N ALA M 181 -9.56 -24.33 31.79
CA ALA M 181 -8.88 -25.19 32.74
C ALA M 181 -9.83 -26.22 33.22
N LEU M 182 -11.09 -25.79 33.56
CA LEU M 182 -12.10 -26.58 34.12
C LEU M 182 -12.66 -27.58 33.19
N ASP M 183 -12.71 -27.20 31.92
CA ASP M 183 -13.17 -27.99 30.83
C ASP M 183 -12.21 -29.20 30.61
N THR M 184 -10.92 -28.96 30.79
CA THR M 184 -9.86 -29.97 30.61
C THR M 184 -10.01 -31.07 31.58
N ILE M 185 -10.21 -30.64 32.88
CA ILE M 185 -10.31 -31.48 34.06
C ILE M 185 -11.50 -32.44 33.90
N LEU M 186 -12.66 -31.90 33.38
CA LEU M 186 -13.90 -32.66 33.27
C LEU M 186 -13.70 -33.78 32.31
N ASN M 187 -12.83 -33.56 31.24
CA ASN M 187 -12.64 -34.51 30.16
C ASN M 187 -11.71 -35.74 30.62
N GLN M 188 -10.89 -35.44 31.68
CA GLN M 188 -10.07 -36.44 32.34
C GLN M 188 -10.85 -37.47 33.15
N LYS M 189 -12.18 -37.28 33.33
CA LYS M 189 -13.03 -38.18 34.04
C LYS M 189 -13.04 -39.50 33.30
N ARG M 190 -13.11 -39.45 31.95
CA ARG M 190 -13.26 -40.56 31.04
C ARG M 190 -12.11 -41.44 31.03
N TRP M 191 -10.92 -40.78 30.95
CA TRP M 191 -9.62 -41.47 30.92
C TRP M 191 -9.17 -42.10 32.16
N ASN M 192 -9.55 -41.49 33.26
CA ASN M 192 -9.31 -41.90 34.63
C ASN M 192 -9.99 -43.15 34.94
N ASN M 193 -11.23 -43.34 34.42
CA ASN M 193 -12.11 -44.49 34.60
C ASN M 193 -11.41 -45.71 33.99
N GLY M 194 -10.67 -45.42 32.88
CA GLY M 194 -10.08 -46.20 31.89
C GLY M 194 -9.00 -47.08 32.52
N SER M 195 -8.44 -48.02 31.70
CA SER M 195 -7.69 -49.15 32.23
C SER M 195 -6.22 -48.90 32.54
N ASP M 196 -5.62 -47.88 31.88
CA ASP M 196 -4.18 -47.65 32.02
C ASP M 196 -3.89 -46.60 32.97
N GLU M 197 -2.73 -46.63 33.67
CA GLU M 197 -2.39 -45.80 34.81
C GLU M 197 -1.73 -44.42 34.43
N SER M 198 -1.52 -44.18 33.10
CA SER M 198 -1.01 -42.95 32.62
C SER M 198 -2.16 -42.09 32.20
N LYS M 199 -3.34 -42.73 32.07
CA LYS M 199 -4.56 -42.12 31.74
C LYS M 199 -5.30 -41.59 33.03
N LYS M 200 -4.81 -41.97 34.18
CA LYS M 200 -5.44 -41.62 35.44
C LYS M 200 -4.76 -40.38 35.93
N LEU M 201 -5.28 -39.18 35.48
CA LEU M 201 -4.76 -37.92 35.86
C LEU M 201 -5.46 -37.49 37.12
N TYR M 202 -4.72 -37.29 38.27
CA TYR M 202 -5.34 -36.93 39.57
C TYR M 202 -5.02 -35.51 39.67
N CYS M 203 -6.05 -34.71 39.36
CA CYS M 203 -5.85 -33.35 39.03
C CYS M 203 -5.84 -32.56 40.32
N VAL M 204 -5.22 -31.40 40.26
CA VAL M 204 -4.88 -30.45 41.24
C VAL M 204 -5.29 -29.05 40.68
N TYR M 205 -6.15 -28.22 41.42
CA TYR M 205 -6.51 -26.91 40.86
C TYR M 205 -5.91 -25.98 41.97
N VAL M 206 -5.18 -24.95 41.59
CA VAL M 206 -4.50 -24.21 42.64
C VAL M 206 -5.10 -22.83 42.56
N ALA M 207 -5.89 -22.33 43.54
CA ALA M 207 -6.57 -21.09 43.54
C ALA M 207 -5.70 -20.04 44.14
N VAL M 208 -5.00 -19.18 43.49
CA VAL M 208 -3.97 -18.25 44.07
C VAL M 208 -4.51 -16.83 43.92
N GLY M 209 -4.50 -16.17 45.09
CA GLY M 209 -5.17 -14.88 45.40
C GLY M 209 -6.69 -14.89 45.21
N GLN M 210 -7.39 -16.04 45.45
CA GLN M 210 -8.75 -16.15 44.91
C GLN M 210 -9.61 -16.22 46.12
N LYS M 211 -10.68 -15.42 46.15
CA LYS M 211 -11.55 -15.38 47.26
C LYS M 211 -12.30 -16.73 47.46
N ARG M 212 -12.74 -17.14 48.73
CA ARG M 212 -13.45 -18.38 49.03
C ARG M 212 -14.76 -18.44 48.33
N SER M 213 -15.49 -17.27 48.14
CA SER M 213 -16.76 -17.40 47.36
C SER M 213 -16.65 -17.88 45.92
N THR M 214 -15.68 -17.41 45.14
CA THR M 214 -15.47 -17.76 43.70
C THR M 214 -15.15 -19.23 43.56
N VAL M 215 -14.33 -19.71 44.49
CA VAL M 215 -13.80 -21.05 44.60
C VAL M 215 -14.81 -22.11 45.15
N ALA M 216 -15.76 -21.62 45.92
CA ALA M 216 -16.99 -22.28 46.29
C ALA M 216 -17.78 -22.55 45.10
N GLN M 217 -17.81 -21.60 44.14
CA GLN M 217 -18.58 -21.81 42.96
C GLN M 217 -17.97 -22.92 42.17
N LEU M 218 -16.60 -22.97 42.08
CA LEU M 218 -15.85 -24.06 41.38
C LEU M 218 -16.15 -25.38 42.07
N VAL M 219 -16.21 -25.48 43.50
CA VAL M 219 -16.32 -26.60 44.31
C VAL M 219 -17.62 -27.31 44.01
N GLN M 220 -18.74 -26.50 43.86
CA GLN M 220 -20.04 -27.07 43.52
C GLN M 220 -20.06 -27.65 42.15
N THR M 221 -19.43 -26.93 41.18
CA THR M 221 -19.53 -27.32 39.80
C THR M 221 -18.93 -28.77 39.58
N LEU M 222 -17.79 -29.08 40.24
CA LEU M 222 -16.92 -30.26 40.26
C LEU M 222 -17.71 -31.41 40.92
N GLU M 223 -18.53 -31.11 41.94
CA GLU M 223 -19.40 -32.04 42.56
C GLU M 223 -20.52 -32.52 41.61
N GLN M 224 -21.14 -31.67 40.86
CA GLN M 224 -22.27 -31.85 39.94
C GLN M 224 -21.93 -32.84 38.85
N HIS M 225 -20.60 -32.78 38.34
CA HIS M 225 -20.10 -33.63 37.33
C HIS M 225 -19.38 -34.78 37.97
N ASP M 226 -19.38 -34.89 39.34
CA ASP M 226 -18.79 -36.02 40.13
C ASP M 226 -17.26 -36.18 39.79
N ALA M 227 -16.61 -35.02 39.98
CA ALA M 227 -15.26 -34.83 39.58
C ALA M 227 -14.42 -34.64 40.74
N MET M 228 -15.00 -34.38 41.96
CA MET M 228 -14.33 -34.50 43.22
C MET M 228 -14.27 -35.96 43.64
N LYS M 229 -13.30 -36.66 42.99
CA LYS M 229 -13.07 -38.07 43.46
C LYS M 229 -11.72 -38.30 42.90
N TYR M 230 -11.15 -37.30 42.08
CA TYR M 230 -9.76 -37.36 41.67
C TYR M 230 -9.36 -35.95 41.64
N SER M 231 -10.20 -34.91 42.20
CA SER M 231 -9.88 -33.52 42.25
C SER M 231 -9.46 -33.20 43.60
N ILE M 232 -8.46 -32.35 43.66
CA ILE M 232 -7.88 -31.85 44.90
C ILE M 232 -7.87 -30.37 44.42
N ILE M 233 -8.15 -29.47 45.47
CA ILE M 233 -8.07 -28.07 45.32
C ILE M 233 -7.14 -27.44 46.35
N VAL M 234 -5.96 -26.91 45.88
CA VAL M 234 -5.11 -26.23 46.86
C VAL M 234 -5.65 -24.78 46.75
N ALA M 235 -6.01 -24.18 47.90
CA ALA M 235 -6.58 -22.85 47.90
C ALA M 235 -5.78 -21.97 48.90
N ALA M 236 -5.14 -20.92 48.36
CA ALA M 236 -4.50 -19.93 49.12
C ALA M 236 -5.16 -18.74 48.59
N THR M 237 -6.06 -18.19 49.45
CA THR M 237 -7.02 -17.21 49.33
C THR M 237 -6.46 -15.84 49.47
N ALA M 238 -7.26 -14.85 48.95
CA ALA M 238 -6.92 -13.45 48.91
C ALA M 238 -6.71 -12.99 50.37
N SER M 239 -7.51 -13.53 51.30
CA SER M 239 -7.38 -13.19 52.73
C SER M 239 -6.02 -13.66 53.36
N GLU M 240 -5.72 -14.98 53.03
CA GLU M 240 -4.52 -15.68 53.51
C GLU M 240 -3.32 -14.98 52.98
N ALA M 241 -2.33 -14.88 53.94
CA ALA M 241 -1.22 -13.97 53.94
C ALA M 241 -0.22 -14.25 52.90
N ALA M 242 0.71 -13.36 52.56
CA ALA M 242 1.66 -13.44 51.50
C ALA M 242 2.69 -14.56 51.61
N PRO M 243 3.17 -15.18 52.65
CA PRO M 243 3.80 -16.48 52.62
C PRO M 243 2.96 -17.62 52.09
N LEU M 244 1.64 -17.69 52.49
CA LEU M 244 0.80 -18.75 52.10
C LEU M 244 0.61 -18.74 50.63
N GLN M 245 0.34 -17.54 50.05
CA GLN M 245 0.23 -17.31 48.62
C GLN M 245 1.50 -17.65 47.88
N TYR M 246 2.69 -17.29 48.47
CA TYR M 246 4.01 -17.49 47.94
C TYR M 246 4.33 -18.95 47.77
N LEU M 247 4.03 -19.75 48.80
CA LEU M 247 4.16 -21.17 48.91
C LEU M 247 2.95 -21.92 48.39
N ALA M 248 1.95 -21.21 47.79
CA ALA M 248 0.83 -21.90 47.22
C ALA M 248 1.24 -22.92 46.08
N PRO M 249 2.06 -22.62 45.09
CA PRO M 249 2.52 -23.63 44.03
C PRO M 249 3.45 -24.66 44.52
N PHE M 250 4.23 -24.19 45.53
CA PHE M 250 5.30 -24.96 46.14
C PHE M 250 4.78 -26.20 46.86
N THR M 251 3.65 -25.92 47.64
CA THR M 251 2.89 -26.85 48.42
C THR M 251 2.12 -27.81 47.55
N ALA M 252 1.47 -27.25 46.48
CA ALA M 252 0.63 -27.90 45.49
C ALA M 252 1.51 -28.85 44.64
N ALA M 253 2.77 -28.43 44.38
CA ALA M 253 3.79 -29.12 43.62
C ALA M 253 4.19 -30.45 44.20
N SER M 254 4.24 -30.55 45.51
CA SER M 254 4.62 -31.78 46.18
C SER M 254 3.56 -32.89 45.90
N ILE M 255 2.25 -32.46 45.83
CA ILE M 255 1.03 -33.28 45.59
C ILE M 255 1.15 -33.94 44.20
N GLY M 256 1.57 -33.13 43.19
CA GLY M 256 1.88 -33.63 41.88
C GLY M 256 3.07 -34.43 41.87
N GLU M 257 4.07 -34.05 42.69
CA GLU M 257 5.35 -34.73 42.66
C GLU M 257 5.32 -36.25 42.99
N TRP M 258 4.51 -36.69 43.96
CA TRP M 258 4.38 -38.03 44.29
C TRP M 258 3.88 -38.91 43.19
N PHE M 259 2.81 -38.42 42.45
CA PHE M 259 2.16 -39.09 41.32
C PHE M 259 3.18 -39.29 40.22
N ARG M 260 3.97 -38.18 39.90
CA ARG M 260 4.97 -38.23 38.84
C ARG M 260 6.11 -39.25 38.99
N ASP M 261 6.70 -39.40 40.27
CA ASP M 261 7.81 -40.22 40.66
C ASP M 261 7.50 -41.68 40.69
N ASN M 262 6.23 -42.00 41.12
CA ASN M 262 5.81 -43.34 41.28
C ASN M 262 5.48 -44.05 39.94
N GLY M 263 5.36 -43.37 38.77
CA GLY M 263 5.03 -43.94 37.47
C GLY M 263 3.70 -43.58 36.94
N LYS M 264 3.02 -42.52 37.55
CA LYS M 264 1.61 -42.15 37.39
C LYS M 264 1.54 -40.69 36.96
N HIS M 265 0.36 -40.17 36.81
CA HIS M 265 0.23 -38.90 36.25
C HIS M 265 -0.63 -37.97 37.11
N ALA M 266 -0.57 -36.63 36.89
CA ALA M 266 -1.33 -35.57 37.55
C ALA M 266 -1.17 -34.35 36.69
N LEU M 267 -2.01 -33.36 36.99
CA LEU M 267 -2.25 -32.14 36.23
C LEU M 267 -2.43 -31.08 37.19
N ILE M 268 -1.63 -30.03 37.02
CA ILE M 268 -1.53 -28.94 37.97
C ILE M 268 -1.79 -27.68 37.25
N VAL M 269 -2.79 -26.90 37.67
CA VAL M 269 -3.21 -25.73 36.99
C VAL M 269 -3.08 -24.62 37.93
N TYR M 270 -2.19 -23.67 37.66
CA TYR M 270 -1.79 -22.65 38.60
C TYR M 270 -2.64 -21.58 38.13
N ASP M 271 -3.54 -21.05 39.01
CA ASP M 271 -4.34 -19.90 38.61
C ASP M 271 -4.36 -19.01 39.86
N ASP M 272 -3.71 -17.84 39.91
CA ASP M 272 -2.93 -17.17 38.93
C ASP M 272 -1.56 -17.05 39.55
N LEU M 273 -0.58 -17.30 38.63
CA LEU M 273 0.77 -17.06 39.00
C LEU M 273 1.03 -15.56 39.03
N SER M 274 0.15 -14.78 38.38
CA SER M 274 0.22 -13.28 38.29
C SER M 274 0.14 -12.73 39.71
N LYS M 275 -0.71 -13.29 40.55
CA LYS M 275 -0.87 -13.01 42.02
C LYS M 275 0.12 -13.59 42.92
N GLN M 276 0.80 -14.65 42.50
CA GLN M 276 1.96 -15.20 43.18
C GLN M 276 3.11 -14.16 43.17
N ALA M 277 3.26 -13.43 42.03
CA ALA M 277 4.17 -12.36 41.74
C ALA M 277 3.95 -11.22 42.67
N VAL M 278 2.66 -10.84 42.94
CA VAL M 278 2.24 -9.84 43.97
C VAL M 278 2.64 -10.23 45.38
N ALA M 279 2.52 -11.52 45.80
CA ALA M 279 2.82 -11.99 47.11
C ALA M 279 4.26 -11.93 47.48
N TYR M 280 5.12 -12.19 46.47
CA TYR M 280 6.48 -12.00 46.55
C TYR M 280 6.88 -10.54 46.64
N ARG M 281 6.20 -9.63 45.91
CA ARG M 281 6.46 -8.15 46.07
C ARG M 281 6.24 -7.72 47.54
N GLN M 282 5.15 -8.23 48.16
CA GLN M 282 4.79 -7.89 49.54
C GLN M 282 5.81 -8.40 50.57
N LEU M 283 6.36 -9.67 50.34
CA LEU M 283 7.32 -10.24 51.23
C LEU M 283 8.58 -9.49 51.28
N SER M 284 9.05 -9.17 50.01
CA SER M 284 10.36 -8.50 49.85
C SER M 284 10.37 -7.15 50.50
N LEU M 285 9.27 -6.31 50.25
CA LEU M 285 9.21 -5.01 50.80
C LEU M 285 9.20 -4.97 52.32
N LEU M 286 8.40 -5.89 52.90
CA LEU M 286 8.21 -6.02 54.32
C LEU M 286 9.49 -6.59 54.95
N LEU M 287 10.31 -7.28 54.19
CA LEU M 287 11.56 -7.73 54.67
C LEU M 287 12.63 -6.73 54.26
N ARG M 288 12.30 -5.62 53.60
CA ARG M 288 13.22 -4.56 53.26
C ARG M 288 14.24 -5.02 52.24
N ARG M 289 13.73 -5.34 51.02
CA ARG M 289 14.54 -5.77 49.90
C ARG M 289 13.88 -4.99 48.76
N PRO M 290 14.61 -4.31 47.85
CA PRO M 290 13.91 -3.47 46.92
C PRO M 290 13.49 -4.30 45.70
N PRO M 291 12.46 -4.07 44.96
CA PRO M 291 12.14 -4.87 43.87
C PRO M 291 12.72 -4.23 42.61
N GLY M 292 12.98 -5.09 41.60
CA GLY M 292 13.57 -4.69 40.43
C GLY M 292 12.54 -4.27 39.40
N ARG M 293 12.60 -4.76 38.09
CA ARG M 293 11.85 -4.32 36.98
C ARG M 293 10.39 -4.38 37.17
N GLU M 294 9.72 -3.22 36.80
CA GLU M 294 8.31 -3.06 36.84
C GLU M 294 7.74 -3.22 38.23
N ALA M 295 8.47 -2.97 39.33
CA ALA M 295 8.01 -3.08 40.73
C ALA M 295 7.55 -4.44 41.26
N TYR M 296 8.20 -5.45 40.71
CA TYR M 296 8.03 -6.78 41.19
C TYR M 296 9.42 -7.30 41.41
N PRO M 297 9.68 -8.37 42.20
CA PRO M 297 11.05 -8.66 42.53
C PRO M 297 11.84 -9.12 41.33
N GLY M 298 13.19 -8.80 41.24
CA GLY M 298 13.99 -9.04 40.05
C GLY M 298 14.34 -10.50 40.06
N ASP M 299 14.26 -11.13 41.24
CA ASP M 299 14.59 -12.44 41.57
C ASP M 299 13.36 -13.35 41.61
N VAL M 300 12.22 -12.84 40.88
CA VAL M 300 11.04 -13.62 40.53
C VAL M 300 11.28 -14.60 39.42
N PHE M 301 12.33 -14.31 38.57
CA PHE M 301 12.67 -15.15 37.46
C PHE M 301 13.17 -16.53 37.96
N TYR M 302 13.98 -16.49 39.03
CA TYR M 302 14.43 -17.65 39.77
C TYR M 302 13.25 -18.48 40.42
N LEU M 303 12.27 -17.78 41.11
CA LEU M 303 11.13 -18.32 41.84
C LEU M 303 10.17 -19.05 40.89
N HIS M 304 9.71 -18.47 39.75
CA HIS M 304 8.75 -19.09 38.87
C HIS M 304 9.45 -20.18 38.13
N SER M 305 10.72 -19.97 37.74
CA SER M 305 11.45 -20.81 36.82
C SER M 305 11.72 -22.18 37.44
N ARG M 306 12.03 -22.14 38.75
CA ARG M 306 12.36 -23.26 39.56
C ARG M 306 11.17 -24.23 39.67
N LEU M 307 9.94 -23.60 39.76
CA LEU M 307 8.66 -24.24 39.81
C LEU M 307 8.20 -24.98 38.52
N LEU M 308 8.31 -24.43 37.27
CA LEU M 308 7.80 -25.03 36.06
C LEU M 308 8.72 -26.06 35.54
N GLU M 309 9.93 -26.16 36.08
CA GLU M 309 10.90 -27.18 35.69
C GLU M 309 10.60 -28.49 36.38
N ARG M 310 9.77 -28.56 37.51
CA ARG M 310 9.29 -29.67 38.24
C ARG M 310 8.33 -30.49 37.38
N ALA M 311 7.42 -29.83 36.66
CA ALA M 311 6.50 -30.44 35.68
C ALA M 311 7.36 -30.83 34.45
N ALA M 312 7.03 -32.05 33.91
CA ALA M 312 7.94 -32.71 32.93
C ALA M 312 7.66 -34.12 32.97
N LYS M 313 7.89 -34.75 31.84
CA LYS M 313 7.62 -36.14 31.56
C LYS M 313 8.79 -36.93 31.76
N LEU M 314 8.75 -37.84 32.76
CA LEU M 314 9.85 -38.64 33.19
C LEU M 314 10.03 -39.88 32.46
N SER M 315 11.30 -40.43 32.52
CA SER M 315 11.65 -41.73 31.88
C SER M 315 11.27 -42.82 32.77
N GLU M 316 11.50 -44.05 32.26
CA GLU M 316 11.07 -45.39 32.76
C GLU M 316 11.77 -45.71 34.04
N LYS M 317 12.94 -45.07 34.26
CA LYS M 317 13.81 -44.96 35.43
C LYS M 317 13.01 -44.51 36.66
N GLU M 318 12.01 -43.63 36.50
CA GLU M 318 11.22 -43.01 37.56
C GLU M 318 9.79 -43.52 37.32
N GLY M 319 9.66 -44.72 36.76
CA GLY M 319 8.45 -45.44 36.55
C GLY M 319 7.58 -45.03 35.45
N SER M 320 8.03 -44.17 34.55
CA SER M 320 7.25 -43.76 33.48
C SER M 320 6.02 -42.99 33.96
N GLY M 321 6.25 -41.79 34.47
CA GLY M 321 5.15 -40.91 34.91
C GLY M 321 5.49 -39.45 34.66
N SER M 322 4.60 -38.48 35.02
CA SER M 322 4.86 -37.14 34.63
C SER M 322 4.05 -36.13 35.43
N LEU M 323 4.24 -34.83 35.19
CA LEU M 323 3.38 -33.83 35.75
C LEU M 323 3.18 -32.94 34.57
N THR M 324 1.95 -33.09 34.04
CA THR M 324 1.39 -32.12 33.10
C THR M 324 1.18 -30.87 33.87
N ALA M 325 1.27 -29.72 33.21
CA ALA M 325 0.94 -28.49 33.83
C ALA M 325 0.28 -27.64 32.75
N LEU M 326 -0.57 -26.66 33.17
CA LEU M 326 -1.10 -25.72 32.29
C LEU M 326 -1.20 -24.41 32.99
N PRO M 327 -0.18 -23.63 33.14
CA PRO M 327 -0.12 -22.47 34.03
C PRO M 327 -1.08 -21.34 33.50
N VAL M 328 -1.73 -20.55 34.36
CA VAL M 328 -2.61 -19.50 34.01
C VAL M 328 -2.01 -18.16 34.43
N ILE M 329 -1.93 -17.17 33.52
CA ILE M 329 -1.33 -15.97 33.70
C ILE M 329 -2.40 -14.98 33.45
N GLU M 330 -2.47 -13.92 34.30
CA GLU M 330 -3.51 -12.93 34.22
C GLU M 330 -2.81 -11.71 33.73
N THR M 331 -3.24 -11.25 32.55
CA THR M 331 -2.53 -10.19 31.89
C THR M 331 -3.38 -9.01 31.94
N GLN M 332 -2.68 -7.81 32.14
CA GLN M 332 -3.16 -6.47 32.41
C GLN M 332 -4.23 -6.03 31.49
N GLY M 333 -3.98 -5.86 30.22
CA GLY M 333 -5.05 -5.42 29.27
C GLY M 333 -5.06 -6.32 28.03
N GLY M 334 -4.01 -7.20 28.01
CA GLY M 334 -3.74 -8.20 26.99
C GLY M 334 -2.25 -8.09 26.79
N ASP M 335 -1.57 -7.35 27.75
CA ASP M 335 -0.21 -6.97 27.50
C ASP M 335 0.69 -8.05 28.02
N VAL M 336 1.47 -8.54 27.03
CA VAL M 336 2.34 -9.72 27.20
C VAL M 336 3.77 -9.22 27.22
N SER M 337 3.99 -7.88 27.17
CA SER M 337 5.35 -7.29 27.11
C SER M 337 5.78 -6.75 28.50
N ALA M 338 5.01 -6.97 29.57
CA ALA M 338 5.26 -6.50 30.83
C ALA M 338 6.13 -7.57 31.44
N TYR M 339 6.94 -7.25 32.54
CA TYR M 339 7.99 -8.09 32.99
C TYR M 339 7.55 -9.48 33.40
N ILE M 340 6.45 -9.64 34.10
CA ILE M 340 5.99 -10.90 34.53
C ILE M 340 5.49 -11.76 33.34
N PRO M 341 4.76 -11.35 32.34
CA PRO M 341 4.47 -12.21 31.23
C PRO M 341 5.72 -12.63 30.37
N THR M 342 6.65 -11.61 30.16
CA THR M 342 7.73 -11.80 29.14
C THR M 342 8.57 -12.93 29.58
N ASN M 343 8.89 -12.92 30.90
CA ASN M 343 9.74 -13.92 31.52
C ASN M 343 9.05 -15.32 31.40
N VAL M 344 7.73 -15.45 31.68
CA VAL M 344 7.03 -16.74 31.74
C VAL M 344 6.91 -17.36 30.36
N ILE M 345 6.76 -16.53 29.30
CA ILE M 345 6.64 -16.93 27.90
C ILE M 345 8.00 -17.54 27.49
N SER M 346 9.18 -16.97 27.92
CA SER M 346 10.54 -17.45 27.57
C SER M 346 10.76 -18.79 28.26
N ILE M 347 10.47 -18.91 29.60
CA ILE M 347 10.64 -20.08 30.42
C ILE M 347 9.84 -21.31 29.94
N THR M 348 8.55 -21.12 29.56
CA THR M 348 7.62 -22.24 29.23
C THR M 348 7.77 -22.39 27.74
N ASP M 349 7.19 -23.45 27.17
CA ASP M 349 7.05 -23.78 25.83
C ASP M 349 5.58 -24.01 25.56
N GLY M 350 4.97 -23.31 24.54
CA GLY M 350 3.52 -23.31 24.24
C GLY M 350 2.78 -22.21 24.91
N GLN M 351 1.72 -21.63 24.24
CA GLN M 351 0.78 -20.71 24.83
C GLN M 351 -0.53 -20.97 24.18
N ILE M 352 -1.62 -20.62 24.98
CA ILE M 352 -2.98 -20.54 24.47
C ILE M 352 -3.35 -19.10 24.91
N PHE M 353 -3.90 -18.26 24.08
CA PHE M 353 -4.01 -16.80 24.25
C PHE M 353 -5.49 -16.59 24.00
N LEU M 354 -6.23 -16.25 25.12
CA LEU M 354 -7.66 -15.94 25.05
C LEU M 354 -7.68 -14.47 24.73
N GLU M 355 -8.51 -14.03 23.73
CA GLU M 355 -8.51 -12.72 23.11
C GLU M 355 -9.74 -12.02 23.43
N ALA M 356 -9.56 -10.70 23.73
CA ALA M 356 -10.69 -9.89 24.23
C ALA M 356 -11.87 -9.73 23.20
N GLU M 357 -11.56 -9.57 21.91
CA GLU M 357 -12.55 -9.15 20.94
C GLU M 357 -13.68 -10.24 20.84
N LEU M 358 -13.35 -11.56 20.86
CA LEU M 358 -14.18 -12.76 20.76
C LEU M 358 -15.19 -12.98 21.88
N PHE M 359 -14.80 -12.58 23.15
CA PHE M 359 -15.47 -12.72 24.42
C PHE M 359 -16.75 -11.96 24.27
N TYR M 360 -16.61 -10.75 23.66
CA TYR M 360 -17.64 -9.77 23.34
C TYR M 360 -18.62 -10.28 22.26
N LYS M 361 -18.10 -11.11 21.37
CA LYS M 361 -18.73 -11.62 20.21
C LYS M 361 -19.54 -12.88 20.47
N GLY M 362 -19.75 -13.15 21.77
CA GLY M 362 -20.52 -14.19 22.46
C GLY M 362 -19.94 -15.54 22.18
N ILE M 363 -18.62 -15.56 22.28
CA ILE M 363 -17.80 -16.69 22.00
C ILE M 363 -17.08 -17.01 23.30
N ARG M 364 -17.52 -17.97 24.14
CA ARG M 364 -16.98 -18.32 25.43
C ARG M 364 -16.77 -19.82 25.47
N PRO M 365 -15.50 -20.35 25.56
CA PRO M 365 -14.28 -19.67 25.88
C PRO M 365 -13.86 -18.87 24.67
N ALA M 366 -13.07 -17.77 24.82
CA ALA M 366 -12.82 -16.87 23.73
C ALA M 366 -11.35 -16.99 23.28
N ILE M 367 -10.96 -18.25 22.96
CA ILE M 367 -9.65 -18.61 22.55
C ILE M 367 -9.47 -18.02 21.18
N ASN M 368 -8.39 -17.25 20.90
CA ASN M 368 -7.96 -16.95 19.59
C ASN M 368 -6.75 -17.82 19.25
N VAL M 369 -6.83 -18.37 18.01
CA VAL M 369 -5.98 -19.43 17.59
C VAL M 369 -4.79 -18.90 16.76
N GLY M 370 -4.82 -17.58 16.41
CA GLY M 370 -3.84 -16.99 15.62
C GLY M 370 -2.61 -16.79 16.51
N LEU M 371 -2.86 -16.65 17.81
CA LEU M 371 -1.90 -16.29 18.82
C LEU M 371 -1.63 -17.34 19.82
N SER M 372 -2.27 -18.54 19.68
CA SER M 372 -2.01 -19.70 20.47
C SER M 372 -1.20 -20.65 19.68
N VAL M 373 -0.03 -21.08 20.20
CA VAL M 373 0.94 -21.92 19.45
C VAL M 373 1.55 -22.96 20.37
N SER M 374 2.15 -24.01 19.81
CA SER M 374 2.85 -24.92 20.63
C SER M 374 3.96 -25.40 19.77
N ARG M 375 5.12 -25.93 20.28
CA ARG M 375 6.24 -26.30 19.44
C ARG M 375 6.37 -27.77 19.65
N VAL M 376 6.18 -28.41 20.83
CA VAL M 376 6.04 -29.79 21.13
C VAL M 376 4.86 -30.31 20.32
N GLY M 377 3.71 -29.55 20.32
CA GLY M 377 2.61 -29.58 19.37
C GLY M 377 2.18 -31.00 19.06
N SER M 378 2.32 -31.34 17.79
CA SER M 378 1.91 -32.64 17.24
C SER M 378 2.59 -33.89 17.75
N ALA M 379 3.69 -33.71 18.53
CA ALA M 379 4.35 -34.86 19.20
C ALA M 379 3.44 -35.56 20.24
N ALA M 380 2.67 -34.67 20.88
CA ALA M 380 1.60 -35.02 21.76
C ALA M 380 0.28 -35.08 21.08
N GLN M 381 0.16 -35.59 19.83
CA GLN M 381 -1.13 -35.65 19.11
C GLN M 381 -1.37 -37.10 18.69
N VAL M 382 -2.66 -37.58 18.83
CA VAL M 382 -3.25 -38.79 18.27
C VAL M 382 -3.11 -38.71 16.77
N LYS M 383 -2.79 -39.89 16.14
CA LYS M 383 -2.49 -39.98 14.69
C LYS M 383 -3.60 -39.53 13.86
N ALA M 384 -4.89 -39.94 14.31
CA ALA M 384 -6.17 -39.71 13.61
C ALA M 384 -6.44 -38.22 13.50
N LEU M 385 -6.29 -37.50 14.60
CA LEU M 385 -6.41 -36.09 14.68
C LEU M 385 -5.35 -35.29 13.95
N LYS M 386 -4.15 -35.95 13.80
CA LYS M 386 -3.10 -35.31 13.16
C LYS M 386 -3.21 -35.17 11.72
N GLN M 387 -3.59 -36.30 11.06
CA GLN M 387 -3.74 -36.36 9.59
C GLN M 387 -4.74 -35.29 9.18
N VAL M 388 -5.84 -35.08 9.93
CA VAL M 388 -6.83 -34.19 9.41
C VAL M 388 -6.62 -32.77 10.04
N ALA M 389 -5.41 -32.46 10.60
CA ALA M 389 -5.12 -31.16 11.13
C ALA M 389 -3.83 -30.45 10.80
N GLY M 390 -3.11 -31.01 9.76
CA GLY M 390 -2.13 -30.27 8.93
C GLY M 390 -2.89 -29.38 7.96
N SER M 391 -3.99 -29.86 7.35
CA SER M 391 -4.90 -29.10 6.44
C SER M 391 -5.53 -27.99 7.20
N LEU M 392 -5.91 -28.30 8.43
CA LEU M 392 -6.68 -27.37 9.18
C LEU M 392 -6.03 -26.06 9.55
N LYS M 393 -4.78 -26.21 9.95
CA LYS M 393 -3.92 -25.17 10.37
C LYS M 393 -3.64 -24.22 9.22
N LEU M 394 -3.45 -24.84 8.09
CA LEU M 394 -3.14 -24.07 6.88
C LEU M 394 -4.31 -23.25 6.42
N PHE M 395 -5.55 -23.82 6.42
CA PHE M 395 -6.68 -23.18 5.84
C PHE M 395 -7.02 -21.91 6.49
N LEU M 396 -7.03 -22.03 7.89
CA LEU M 396 -7.33 -20.98 8.79
C LEU M 396 -6.21 -19.86 8.69
N ALA M 397 -4.87 -20.17 8.36
CA ALA M 397 -3.74 -19.31 8.31
C ALA M 397 -3.97 -18.35 7.17
N GLN M 398 -4.33 -18.97 6.01
CA GLN M 398 -4.74 -18.13 4.85
C GLN M 398 -5.97 -17.29 5.12
N TYR M 399 -7.00 -17.84 5.83
CA TYR M 399 -8.38 -17.29 5.96
C TYR M 399 -8.42 -15.93 6.64
N ARG M 400 -7.58 -15.83 7.67
CA ARG M 400 -7.39 -14.64 8.50
C ARG M 400 -6.82 -13.50 7.65
N GLU M 401 -5.80 -13.77 6.82
CA GLU M 401 -5.08 -12.87 6.01
C GLU M 401 -6.00 -12.28 4.93
N VAL M 402 -6.83 -13.17 4.35
CA VAL M 402 -7.76 -13.00 3.31
C VAL M 402 -9.18 -12.61 3.81
N ALA M 403 -9.38 -12.40 5.15
CA ALA M 403 -10.57 -11.88 5.72
C ALA M 403 -10.30 -10.44 5.94
N ALA M 404 -9.04 -9.94 5.64
CA ALA M 404 -8.56 -8.64 5.78
C ALA M 404 -8.15 -8.09 4.45
N PHE M 405 -8.40 -8.83 3.33
CA PHE M 405 -8.34 -8.29 1.98
C PHE M 405 -9.86 -8.12 1.42
N ALA M 406 -10.89 -8.52 2.23
CA ALA M 406 -12.29 -8.43 1.83
C ALA M 406 -12.92 -7.32 2.60
N GLN M 407 -14.02 -6.74 2.04
CA GLN M 407 -14.73 -5.60 2.54
C GLN M 407 -16.18 -5.98 2.94
N SER M 410 -14.77 -6.91 -1.48
CA SER M 410 -15.57 -6.22 -2.54
C SER M 410 -15.30 -7.00 -3.85
N ASP M 411 -14.51 -6.41 -4.82
CA ASP M 411 -14.32 -7.06 -6.12
C ASP M 411 -13.08 -7.96 -5.87
N LEU M 412 -13.35 -9.29 -5.74
CA LEU M 412 -12.30 -10.14 -5.27
C LEU M 412 -12.13 -11.24 -6.22
N ASP M 413 -10.92 -11.79 -6.19
CA ASP M 413 -10.40 -12.83 -7.03
C ASP M 413 -11.01 -14.12 -6.62
N ALA M 414 -11.11 -15.06 -7.55
CA ALA M 414 -11.57 -16.45 -7.35
C ALA M 414 -10.93 -17.26 -6.24
N SER M 415 -9.54 -17.20 -6.14
CA SER M 415 -8.74 -17.92 -5.13
C SER M 415 -9.03 -17.46 -3.71
N THR M 416 -9.22 -16.09 -3.60
CA THR M 416 -9.58 -15.44 -2.31
C THR M 416 -10.95 -15.89 -1.90
N LYS M 417 -11.93 -15.99 -2.75
CA LYS M 417 -13.38 -16.26 -2.42
C LYS M 417 -13.52 -17.68 -1.92
N GLN M 418 -12.69 -18.60 -2.43
CA GLN M 418 -12.67 -19.96 -1.98
C GLN M 418 -12.24 -20.08 -0.55
N THR M 419 -11.21 -19.25 -0.26
CA THR M 419 -10.53 -19.21 0.98
C THR M 419 -11.52 -18.73 2.03
N LEU M 420 -12.34 -17.67 1.79
CA LEU M 420 -13.32 -17.09 2.65
C LEU M 420 -14.49 -18.08 2.92
N VAL M 421 -15.00 -18.83 1.97
CA VAL M 421 -16.04 -19.86 2.14
C VAL M 421 -15.63 -21.08 2.99
N ARG M 422 -14.40 -21.59 2.77
CA ARG M 422 -13.84 -22.72 3.45
C ARG M 422 -13.55 -22.35 4.90
N GLY M 423 -13.05 -21.05 5.06
CA GLY M 423 -12.68 -20.44 6.29
C GLY M 423 -13.78 -20.17 7.23
N GLU M 424 -14.87 -19.62 6.68
CA GLU M 424 -16.02 -19.25 7.40
C GLU M 424 -16.75 -20.46 8.07
N ARG M 425 -16.84 -21.57 7.33
CA ARG M 425 -17.60 -22.80 7.69
C ARG M 425 -16.94 -23.50 8.87
N LEU M 426 -15.57 -23.58 8.76
CA LEU M 426 -14.69 -23.99 9.82
C LEU M 426 -14.72 -23.11 11.12
N THR M 427 -14.62 -21.80 11.04
CA THR M 427 -14.59 -20.93 12.20
C THR M 427 -15.89 -21.18 12.99
N GLN M 428 -17.10 -21.36 12.41
CA GLN M 428 -18.38 -21.57 13.09
C GLN M 428 -18.38 -22.87 13.79
N LEU M 429 -17.83 -23.95 13.18
CA LEU M 429 -17.79 -25.21 13.82
C LEU M 429 -16.91 -25.24 15.06
N LEU M 430 -15.77 -24.51 15.03
CA LEU M 430 -14.71 -24.52 15.94
C LEU M 430 -14.94 -23.59 17.08
N LYS M 431 -16.09 -22.83 16.98
CA LYS M 431 -16.61 -22.19 18.16
C LYS M 431 -16.88 -23.23 19.20
N GLN M 432 -16.63 -22.84 20.51
CA GLN M 432 -16.69 -23.63 21.70
C GLN M 432 -17.59 -23.09 22.75
N ASN M 433 -18.33 -23.96 23.51
CA ASN M 433 -19.21 -23.51 24.59
C ASN M 433 -18.82 -24.23 25.89
N GLN M 434 -18.84 -23.44 27.00
CA GLN M 434 -18.32 -23.82 28.28
C GLN M 434 -19.04 -25.13 28.72
N TYR M 435 -18.37 -26.15 29.31
CA TYR M 435 -18.93 -27.37 29.96
C TYR M 435 -19.12 -28.41 28.91
N SER M 436 -18.23 -28.49 27.97
CA SER M 436 -18.32 -29.45 26.93
C SER M 436 -17.00 -30.22 26.85
N PRO M 437 -17.00 -31.37 27.52
CA PRO M 437 -15.93 -32.36 27.30
C PRO M 437 -16.30 -33.14 26.09
N LEU M 438 -15.32 -33.47 25.18
CA LEU M 438 -15.55 -34.23 23.96
C LEU M 438 -14.39 -35.13 23.69
N ALA M 439 -14.60 -36.10 22.74
CA ALA M 439 -13.70 -37.15 22.67
C ALA M 439 -13.21 -37.11 21.23
N THR M 440 -12.08 -37.77 20.96
CA THR M 440 -11.34 -37.73 19.67
C THR M 440 -12.23 -38.32 18.61
N GLU M 441 -13.06 -39.32 18.94
CA GLU M 441 -13.99 -40.09 18.15
C GLU M 441 -15.13 -39.29 17.67
N GLU M 442 -15.28 -38.05 18.15
CA GLU M 442 -16.25 -37.12 17.67
C GLU M 442 -15.52 -35.93 17.21
N GLN M 443 -14.22 -35.86 17.56
CA GLN M 443 -13.41 -34.78 16.93
C GLN M 443 -13.16 -34.96 15.46
N VAL M 444 -12.70 -36.19 15.13
CA VAL M 444 -12.31 -36.51 13.73
C VAL M 444 -13.43 -36.48 12.68
N PRO M 445 -14.69 -36.83 12.85
CA PRO M 445 -15.66 -36.83 11.78
C PRO M 445 -15.97 -35.42 11.30
N LEU M 446 -16.16 -34.50 12.28
CA LEU M 446 -16.65 -33.14 12.04
C LEU M 446 -15.59 -32.34 11.27
N ILE M 447 -14.28 -32.45 11.72
CA ILE M 447 -13.13 -31.71 11.22
C ILE M 447 -12.67 -32.16 9.87
N TYR M 448 -12.73 -33.44 9.62
CA TYR M 448 -12.44 -34.12 8.34
C TYR M 448 -13.45 -33.69 7.37
N ALA M 449 -14.63 -33.58 7.89
CA ALA M 449 -15.83 -33.16 7.06
C ALA M 449 -15.64 -31.67 6.54
N GLY M 450 -15.30 -30.74 7.46
CA GLY M 450 -15.04 -29.37 7.18
C GLY M 450 -13.92 -29.24 6.21
N VAL M 451 -12.86 -30.05 6.32
CA VAL M 451 -11.57 -30.03 5.57
C VAL M 451 -11.82 -30.34 4.16
N ASN M 452 -12.80 -31.25 3.91
CA ASN M 452 -13.06 -31.72 2.57
C ASN M 452 -14.03 -30.77 1.85
N GLY M 453 -14.46 -29.74 2.62
CA GLY M 453 -15.50 -28.82 2.23
C GLY M 453 -16.81 -29.45 2.10
N HIS M 454 -17.24 -30.35 3.01
CA HIS M 454 -18.55 -30.87 3.14
C HIS M 454 -19.30 -30.03 4.09
N LEU M 455 -18.60 -29.10 4.77
CA LEU M 455 -19.18 -28.06 5.58
C LEU M 455 -19.38 -26.83 4.72
N ASP M 456 -18.90 -26.89 3.44
CA ASP M 456 -19.22 -25.82 2.44
C ASP M 456 -20.45 -26.31 1.66
N GLY M 457 -20.88 -27.61 1.91
CA GLY M 457 -22.06 -28.19 1.30
C GLY M 457 -23.27 -27.75 2.10
N ILE M 458 -23.15 -26.99 3.19
CA ILE M 458 -24.07 -26.71 4.26
C ILE M 458 -23.90 -25.29 4.55
N GLU M 459 -25.02 -24.59 4.87
CA GLU M 459 -25.07 -23.16 5.24
C GLU M 459 -24.37 -22.84 6.46
N LEU M 460 -23.95 -21.52 6.61
CA LEU M 460 -23.31 -21.09 7.85
C LEU M 460 -24.31 -21.23 9.04
N SER M 461 -25.60 -20.89 8.80
CA SER M 461 -26.61 -20.94 9.87
C SER M 461 -26.78 -22.39 10.37
N ARG M 462 -26.78 -23.35 9.45
CA ARG M 462 -27.01 -24.80 9.70
C ARG M 462 -25.80 -25.61 10.14
N ILE M 463 -24.61 -25.02 10.35
CA ILE M 463 -23.48 -25.74 10.90
C ILE M 463 -23.70 -26.20 12.33
N GLY M 464 -24.36 -25.29 13.06
CA GLY M 464 -24.71 -25.38 14.46
C GLY M 464 -25.56 -26.61 14.74
N GLU M 465 -26.60 -26.76 13.88
CA GLU M 465 -27.50 -27.90 13.83
C GLU M 465 -26.84 -29.16 13.30
N PHE M 466 -26.02 -29.06 12.27
CA PHE M 466 -25.31 -30.06 11.47
C PHE M 466 -24.56 -31.08 12.31
N GLU M 467 -23.85 -30.53 13.30
CA GLU M 467 -22.79 -31.22 13.99
C GLU M 467 -23.27 -32.36 14.82
N SER M 468 -24.32 -31.98 15.56
CA SER M 468 -24.90 -32.80 16.54
C SER M 468 -25.69 -33.86 15.84
N SER M 469 -26.40 -33.58 14.71
CA SER M 469 -27.14 -34.49 13.91
C SER M 469 -26.14 -35.48 13.22
N PHE M 470 -24.99 -35.00 12.64
CA PHE M 470 -24.10 -35.89 11.92
C PHE M 470 -23.63 -36.97 12.93
N LEU M 471 -23.32 -36.56 14.23
CA LEU M 471 -22.88 -37.48 15.23
C LEU M 471 -23.93 -38.50 15.53
N SER M 472 -25.20 -38.11 15.73
CA SER M 472 -26.17 -39.12 16.02
C SER M 472 -26.35 -40.15 14.87
N TYR M 473 -26.36 -39.72 13.63
CA TYR M 473 -26.58 -40.64 12.50
C TYR M 473 -25.50 -41.66 12.42
N LEU M 474 -24.20 -41.28 12.54
CA LEU M 474 -23.05 -42.09 12.59
C LEU M 474 -23.11 -42.97 13.76
N LYS M 475 -23.56 -42.60 14.99
CA LYS M 475 -23.66 -43.48 16.10
C LYS M 475 -24.64 -44.64 15.87
N SER M 476 -25.86 -44.44 15.34
CA SER M 476 -26.71 -45.54 15.03
C SER M 476 -26.22 -46.36 13.86
N ASN M 477 -26.04 -45.86 12.67
CA ASN M 477 -25.73 -46.54 11.43
C ASN M 477 -24.30 -47.09 11.29
N HIS M 478 -23.23 -46.29 11.63
CA HIS M 478 -21.87 -46.36 11.25
C HIS M 478 -21.04 -46.16 12.46
N ASN M 479 -21.31 -46.92 13.59
CA ASN M 479 -20.47 -46.87 14.76
C ASN M 479 -19.48 -47.93 14.54
N GLU M 480 -19.48 -48.75 13.46
CA GLU M 480 -18.37 -49.62 13.23
C GLU M 480 -17.16 -48.78 13.03
N LEU M 481 -17.36 -47.70 12.19
CA LEU M 481 -16.32 -46.70 11.83
C LEU M 481 -15.79 -46.04 13.13
N LEU M 482 -16.74 -45.66 14.05
CA LEU M 482 -16.46 -44.91 15.26
C LEU M 482 -15.63 -45.80 16.18
N THR M 483 -16.01 -47.06 16.28
CA THR M 483 -15.46 -48.05 17.15
C THR M 483 -13.96 -48.31 16.65
N GLU M 484 -13.84 -48.39 15.31
CA GLU M 484 -12.63 -48.55 14.58
C GLU M 484 -11.70 -47.33 14.79
N ILE M 485 -12.20 -46.12 14.84
CA ILE M 485 -11.46 -44.94 15.19
C ILE M 485 -10.87 -44.99 16.56
N ARG M 486 -11.69 -45.42 17.56
CA ARG M 486 -11.31 -45.32 18.95
C ARG M 486 -10.14 -46.21 19.32
N GLU M 487 -10.25 -47.46 18.78
CA GLU M 487 -9.43 -48.67 19.11
C GLU M 487 -8.20 -48.80 18.27
N LYS M 488 -8.29 -48.50 16.96
CA LYS M 488 -7.12 -48.21 16.14
C LYS M 488 -6.46 -46.87 16.49
N GLY M 489 -7.21 -45.78 16.76
CA GLY M 489 -6.66 -44.47 17.21
C GLY M 489 -5.88 -43.75 16.16
N GLU M 490 -6.13 -44.14 14.83
CA GLU M 490 -5.54 -43.75 13.61
C GLU M 490 -6.68 -43.75 12.58
N LEU M 491 -6.24 -43.39 11.38
CA LEU M 491 -7.05 -43.39 10.21
C LEU M 491 -6.26 -44.08 9.10
N SER M 492 -7.03 -44.81 8.20
CA SER M 492 -6.44 -45.52 7.10
C SER M 492 -7.40 -45.10 5.95
N LYS M 493 -6.86 -45.22 4.73
CA LYS M 493 -7.31 -44.67 3.43
C LYS M 493 -8.55 -45.39 3.10
N GLU M 494 -8.59 -46.71 3.41
CA GLU M 494 -9.62 -47.68 3.21
C GLU M 494 -10.84 -47.18 4.05
N LEU M 495 -10.60 -46.70 5.30
CA LEU M 495 -11.50 -46.14 6.25
C LEU M 495 -11.96 -44.79 5.94
N LEU M 496 -11.06 -43.91 5.38
CA LEU M 496 -11.43 -42.59 4.92
C LEU M 496 -12.37 -42.71 3.80
N ALA M 497 -12.31 -43.81 3.03
CA ALA M 497 -13.24 -43.99 1.85
C ALA M 497 -14.65 -44.01 2.35
N SER M 498 -14.82 -44.84 3.35
CA SER M 498 -16.06 -45.06 3.96
C SER M 498 -16.58 -43.94 4.82
N LEU M 499 -15.60 -43.17 5.53
CA LEU M 499 -15.96 -42.02 6.33
C LEU M 499 -16.47 -40.86 5.55
N LYS M 500 -15.89 -40.65 4.34
CA LYS M 500 -16.21 -39.64 3.38
C LYS M 500 -17.56 -39.94 2.71
N SER M 501 -17.78 -41.27 2.51
CA SER M 501 -19.04 -41.81 2.05
C SER M 501 -20.11 -41.46 3.05
N ALA M 502 -19.87 -41.56 4.37
CA ALA M 502 -20.94 -41.20 5.41
C ALA M 502 -21.40 -39.74 5.41
N THR M 503 -20.37 -38.91 5.25
CA THR M 503 -20.49 -37.49 5.31
C THR M 503 -21.31 -37.00 4.22
N GLU M 504 -21.12 -37.69 3.02
CA GLU M 504 -21.87 -37.45 1.76
C GLU M 504 -23.29 -37.80 1.83
N SER M 505 -23.64 -38.96 2.42
CA SER M 505 -25.02 -39.30 2.63
C SER M 505 -25.78 -38.38 3.49
N PHE M 506 -25.18 -37.96 4.62
CA PHE M 506 -25.75 -37.04 5.61
C PHE M 506 -25.85 -35.63 5.01
N VAL M 507 -24.91 -35.09 4.17
CA VAL M 507 -24.98 -33.71 3.69
C VAL M 507 -26.14 -33.49 2.89
N ALA M 508 -26.48 -34.48 2.02
CA ALA M 508 -27.76 -34.47 1.26
C ALA M 508 -28.97 -34.55 2.10
N THR M 509 -28.91 -35.23 3.23
CA THR M 509 -30.11 -35.32 4.08
C THR M 509 -30.26 -34.02 4.83
N PRO N 8 44.12 -22.17 60.24
CA PRO N 8 43.07 -22.38 59.19
C PRO N 8 42.16 -21.19 59.11
N ILE N 9 41.43 -21.08 58.00
CA ILE N 9 40.51 -20.07 57.70
C ILE N 9 39.22 -20.84 57.67
N THR N 10 38.43 -20.66 58.72
CA THR N 10 37.23 -21.42 58.92
C THR N 10 36.31 -20.46 59.57
N GLY N 11 35.06 -20.58 59.31
CA GLY N 11 34.20 -19.63 60.01
C GLY N 11 32.87 -20.32 59.98
N LYS N 12 31.96 -19.94 60.90
CA LYS N 12 30.61 -20.47 61.08
C LYS N 12 29.72 -19.50 60.42
N VAL N 13 28.63 -20.05 59.81
CA VAL N 13 27.59 -19.20 59.12
C VAL N 13 26.84 -18.33 60.09
N THR N 14 26.69 -16.92 59.84
CA THR N 14 26.08 -16.02 60.74
C THR N 14 24.91 -15.29 60.02
N ALA N 15 24.58 -15.65 58.75
CA ALA N 15 23.33 -15.12 58.29
C ALA N 15 22.90 -15.84 57.06
N VAL N 16 21.62 -15.78 56.68
CA VAL N 16 21.19 -16.31 55.39
C VAL N 16 19.93 -15.45 54.96
N ILE N 17 20.25 -14.18 54.45
CA ILE N 17 19.32 -13.25 53.97
C ILE N 17 19.29 -13.68 52.51
N GLY N 18 18.16 -14.02 51.91
CA GLY N 18 18.16 -14.57 50.61
C GLY N 18 18.85 -15.89 50.56
N ALA N 19 19.72 -16.00 49.46
CA ALA N 19 20.74 -17.05 49.29
C ALA N 19 22.13 -16.38 49.41
N ILE N 20 22.19 -15.28 50.23
CA ILE N 20 23.30 -14.40 50.34
C ILE N 20 23.79 -14.69 51.76
N VAL N 21 24.90 -15.39 51.90
CA VAL N 21 25.28 -16.12 53.08
C VAL N 21 26.48 -15.38 53.57
N ASP N 22 26.42 -14.94 54.85
CA ASP N 22 27.43 -14.13 55.53
C ASP N 22 28.05 -15.10 56.49
N VAL N 23 29.38 -15.26 56.54
CA VAL N 23 30.08 -16.35 57.27
C VAL N 23 31.16 -15.54 57.99
N HIS N 24 31.37 -15.91 59.33
CA HIS N 24 32.13 -15.08 60.23
C HIS N 24 33.31 -15.93 60.48
N PHE N 25 34.58 -15.43 60.23
CA PHE N 25 35.82 -16.17 60.22
C PHE N 25 36.64 -15.64 61.35
N GLU N 26 37.56 -16.58 61.81
CA GLU N 26 38.54 -16.53 62.91
C GLU N 26 39.43 -15.31 62.79
N GLN N 27 39.95 -14.77 63.91
CA GLN N 27 40.46 -13.43 63.96
C GLN N 27 41.78 -13.33 63.22
N SER N 28 41.81 -12.55 62.11
CA SER N 28 42.99 -12.13 61.41
C SER N 28 43.17 -12.88 60.12
N GLU N 29 42.20 -13.68 59.66
CA GLU N 29 42.23 -14.57 58.56
C GLU N 29 40.85 -14.49 57.97
N LEU N 30 40.82 -14.18 56.68
CA LEU N 30 39.52 -14.18 56.01
C LEU N 30 39.87 -14.50 54.54
N PRO N 31 38.97 -14.99 53.68
CA PRO N 31 39.16 -15.23 52.26
C PRO N 31 39.52 -13.94 51.48
N ALA N 32 39.82 -14.07 50.18
CA ALA N 32 39.89 -12.99 49.19
C ALA N 32 38.58 -12.85 48.40
N ILE N 33 38.35 -11.80 47.60
CA ILE N 33 37.13 -11.76 46.82
C ILE N 33 37.35 -12.73 45.63
N LEU N 34 36.22 -13.33 45.13
CA LEU N 34 36.10 -14.28 44.02
C LEU N 34 36.49 -15.70 44.44
N ASN N 35 36.73 -15.98 45.72
CA ASN N 35 37.05 -17.30 46.29
C ASN N 35 35.85 -18.13 46.26
N ALA N 36 36.04 -19.44 46.47
CA ALA N 36 35.10 -20.55 46.52
C ALA N 36 35.23 -21.03 47.96
N LEU N 37 34.03 -21.18 48.59
CA LEU N 37 33.79 -21.57 49.95
C LEU N 37 33.00 -22.84 49.69
N GLU N 38 33.26 -23.83 50.61
CA GLU N 38 32.65 -25.14 50.61
C GLU N 38 32.01 -25.27 51.99
N ILE N 39 30.71 -25.55 52.05
CA ILE N 39 29.89 -25.65 53.25
C ILE N 39 29.36 -27.02 53.40
N LYS N 40 29.73 -27.73 54.51
CA LYS N 40 29.34 -29.09 54.78
C LYS N 40 27.81 -29.08 55.15
N THR N 41 27.08 -30.06 54.61
CA THR N 41 25.68 -30.10 54.82
C THR N 41 25.21 -31.52 54.61
N PRO N 42 23.95 -31.83 55.04
CA PRO N 42 23.32 -33.14 54.73
C PRO N 42 22.93 -33.15 53.23
N GLN N 43 23.28 -32.16 52.39
CA GLN N 43 23.00 -32.17 51.00
C GLN N 43 24.27 -32.30 50.18
N GLY N 44 25.46 -32.63 50.77
CA GLY N 44 26.71 -32.55 50.06
C GLY N 44 27.55 -31.32 50.44
N LYS N 45 27.60 -30.34 49.51
CA LYS N 45 28.32 -29.09 49.74
C LYS N 45 27.52 -28.03 49.09
N LEU N 46 27.82 -26.78 49.38
CA LEU N 46 27.29 -25.65 48.66
C LEU N 46 28.52 -24.95 48.36
N VAL N 47 28.65 -24.51 47.04
CA VAL N 47 29.86 -23.86 46.62
C VAL N 47 29.33 -22.43 46.45
N LEU N 48 29.81 -21.55 47.31
CA LEU N 48 29.39 -20.24 47.37
C LEU N 48 30.61 -19.50 46.99
N GLU N 49 30.51 -18.36 46.22
CA GLU N 49 31.61 -17.61 45.71
C GLU N 49 31.63 -16.25 46.38
N VAL N 50 32.65 -15.74 47.00
CA VAL N 50 32.69 -14.50 47.81
C VAL N 50 32.70 -13.34 46.85
N ALA N 51 31.82 -12.37 47.08
CA ALA N 51 31.85 -11.22 46.17
C ALA N 51 32.15 -9.90 46.87
N GLN N 52 31.95 -9.80 48.21
CA GLN N 52 32.50 -8.66 48.94
C GLN N 52 32.95 -9.17 50.26
N HIS N 53 33.89 -8.46 50.94
CA HIS N 53 34.05 -8.47 52.41
C HIS N 53 33.15 -7.40 52.99
N LEU N 54 32.60 -7.75 54.16
CA LEU N 54 31.90 -6.84 55.04
C LEU N 54 32.94 -6.37 56.11
N GLY N 55 34.07 -7.14 56.29
CA GLY N 55 35.09 -6.86 57.21
C GLY N 55 35.00 -7.48 58.61
N GLU N 56 36.07 -7.24 59.52
CA GLU N 56 36.19 -7.86 60.87
C GLU N 56 35.96 -9.39 60.66
N ASN N 57 36.59 -9.85 59.56
CA ASN N 57 36.74 -11.24 59.21
C ASN N 57 35.47 -11.86 58.85
N THR N 58 34.51 -11.06 58.32
CA THR N 58 33.14 -11.51 57.79
C THR N 58 33.23 -11.20 56.28
N VAL N 59 32.40 -11.94 55.52
CA VAL N 59 32.34 -11.97 54.11
C VAL N 59 30.88 -11.90 53.85
N ARG N 60 30.64 -11.63 52.56
CA ARG N 60 29.28 -11.75 51.93
C ARG N 60 29.44 -12.45 50.56
N THR N 61 28.67 -13.52 50.34
CA THR N 61 28.95 -14.47 49.24
C THR N 61 27.66 -14.54 48.47
N ILE N 62 27.79 -15.22 47.32
CA ILE N 62 26.64 -15.62 46.44
C ILE N 62 26.62 -17.13 46.31
N ALA N 63 25.44 -17.66 45.92
CA ALA N 63 25.31 -19.11 45.91
C ALA N 63 25.37 -19.59 44.46
N MET N 64 25.67 -20.92 44.41
CA MET N 64 25.80 -21.47 43.10
C MET N 64 25.08 -22.76 43.05
N ASP N 65 25.03 -23.39 44.22
CA ASP N 65 24.30 -24.60 44.37
C ASP N 65 23.14 -24.20 45.24
N GLY N 66 21.94 -24.79 45.03
CA GLY N 66 20.71 -24.29 45.64
C GLY N 66 20.61 -24.26 47.14
N THR N 67 19.59 -23.60 47.72
CA THR N 67 19.54 -23.36 49.16
C THR N 67 18.16 -23.80 49.61
N GLU N 68 18.09 -24.84 50.49
CA GLU N 68 16.84 -25.41 50.84
C GLU N 68 16.65 -25.05 52.28
N GLY N 69 17.66 -24.33 52.89
CA GLY N 69 17.58 -23.98 54.28
C GLY N 69 19.01 -24.48 54.75
N LEU N 70 19.51 -23.71 55.71
CA LEU N 70 20.74 -23.88 56.23
C LEU N 70 20.66 -23.53 57.68
N VAL N 71 21.25 -24.42 58.56
CA VAL N 71 21.31 -24.21 59.98
C VAL N 71 22.50 -23.21 60.18
N ARG N 72 22.32 -22.08 60.88
CA ARG N 72 23.36 -21.12 61.11
C ARG N 72 24.19 -21.62 62.26
N GLY N 73 25.54 -21.90 62.05
CA GLY N 73 26.52 -22.54 62.97
C GLY N 73 27.26 -23.64 62.22
N GLU N 74 27.11 -23.74 60.87
CA GLU N 74 27.80 -24.66 60.03
C GLU N 74 29.24 -24.21 59.69
N LYS N 75 30.15 -25.20 59.70
CA LYS N 75 31.56 -25.04 59.39
C LYS N 75 31.81 -24.70 57.99
N VAL N 76 32.77 -23.84 57.74
CA VAL N 76 33.06 -23.49 56.34
C VAL N 76 34.52 -23.70 56.09
N LEU N 77 34.92 -23.94 54.78
CA LEU N 77 36.27 -24.17 54.46
C LEU N 77 36.47 -23.33 53.29
N ASP N 78 37.69 -22.64 53.26
CA ASP N 78 38.04 -21.67 52.25
C ASP N 78 39.05 -22.47 51.44
N THR N 79 38.83 -22.63 50.09
CA THR N 79 39.76 -23.36 49.15
C THR N 79 40.91 -22.49 48.72
N GLY N 80 40.74 -21.16 48.80
CA GLY N 80 41.85 -20.27 48.76
C GLY N 80 41.83 -19.55 47.50
N GLY N 81 40.95 -19.94 46.54
CA GLY N 81 40.91 -19.36 45.22
C GLY N 81 39.61 -19.84 44.62
N PRO N 82 39.39 -19.36 43.33
CA PRO N 82 38.14 -19.65 42.51
C PRO N 82 37.93 -21.09 42.19
N ILE N 83 36.66 -21.44 41.88
CA ILE N 83 36.15 -22.78 41.61
C ILE N 83 36.84 -23.24 40.35
N SER N 84 37.43 -24.48 40.25
CA SER N 84 38.25 -24.88 39.07
C SER N 84 37.70 -26.13 38.42
N VAL N 85 37.40 -25.98 37.13
CA VAL N 85 36.62 -26.99 36.31
C VAL N 85 37.58 -27.78 35.51
N PRO N 86 37.32 -29.03 35.21
CA PRO N 86 38.27 -29.94 34.58
C PRO N 86 38.50 -29.57 33.17
N VAL N 87 39.63 -29.99 32.58
CA VAL N 87 39.99 -29.83 31.18
C VAL N 87 40.73 -31.03 30.67
N GLY N 88 40.84 -31.19 29.32
CA GLY N 88 41.42 -32.41 28.74
C GLY N 88 40.41 -32.80 27.63
N ARG N 89 40.77 -33.88 26.87
CA ARG N 89 39.88 -34.64 26.05
C ARG N 89 39.33 -35.82 26.79
N GLU N 90 38.97 -35.67 28.14
CA GLU N 90 38.26 -36.70 28.93
C GLU N 90 36.95 -36.13 29.41
N THR N 91 36.44 -35.03 28.72
CA THR N 91 35.28 -34.37 29.31
C THR N 91 34.45 -34.19 28.10
N LEU N 92 34.97 -34.40 26.89
CA LEU N 92 34.19 -34.26 25.61
C LEU N 92 33.10 -35.28 25.53
N GLY N 93 31.92 -34.73 25.28
CA GLY N 93 30.64 -35.45 25.18
C GLY N 93 29.97 -35.75 26.43
N ARG N 94 30.13 -34.91 27.43
CA ARG N 94 29.51 -35.14 28.76
C ARG N 94 28.96 -33.86 29.21
N ILE N 95 27.75 -33.85 29.81
CA ILE N 95 27.06 -32.65 30.29
C ILE N 95 27.63 -32.36 31.65
N ILE N 96 28.14 -31.12 31.91
CA ILE N 96 28.84 -30.74 33.11
C ILE N 96 28.15 -29.48 33.59
N ASN N 97 27.93 -29.40 34.93
CA ASN N 97 27.42 -28.23 35.66
C ASN N 97 28.56 -27.27 35.98
N VAL N 98 28.20 -26.06 36.62
CA VAL N 98 28.98 -24.84 36.85
C VAL N 98 30.31 -25.08 37.61
N ILE N 99 30.35 -26.08 38.49
CA ILE N 99 31.46 -26.44 39.34
C ILE N 99 32.20 -27.67 38.73
N GLY N 100 31.69 -28.12 37.55
CA GLY N 100 32.41 -29.06 36.73
C GLY N 100 32.10 -30.50 37.01
N GLU N 101 30.87 -30.87 37.40
CA GLU N 101 30.51 -32.23 37.84
C GLU N 101 29.45 -32.68 36.93
N PRO N 102 29.37 -34.01 36.63
CA PRO N 102 28.38 -34.58 35.73
C PRO N 102 26.95 -34.37 36.14
N ILE N 103 26.19 -33.99 35.16
CA ILE N 103 24.77 -33.84 35.28
C ILE N 103 24.09 -34.59 34.17
N ASP N 104 24.92 -35.44 33.44
CA ASP N 104 24.45 -36.38 32.37
C ASP N 104 24.31 -37.74 33.03
N GLU N 105 24.73 -37.94 34.30
CA GLU N 105 24.47 -39.10 35.07
C GLU N 105 25.11 -40.41 34.54
N ARG N 106 26.21 -40.26 33.79
CA ARG N 106 27.00 -41.34 33.38
C ARG N 106 28.09 -41.69 34.42
N GLY N 107 27.94 -40.96 35.59
CA GLY N 107 28.61 -41.04 36.82
C GLY N 107 29.98 -40.42 36.69
N PRO N 108 30.80 -40.36 37.69
CA PRO N 108 31.99 -39.59 37.70
C PRO N 108 32.83 -39.68 36.46
N ILE N 109 33.50 -38.56 36.10
CA ILE N 109 34.26 -38.55 34.89
C ILE N 109 35.70 -38.21 35.17
N LYS N 110 36.56 -38.67 34.25
CA LYS N 110 38.04 -38.61 34.43
C LYS N 110 38.32 -37.23 33.94
N SER N 111 39.63 -36.86 34.21
CA SER N 111 40.08 -35.48 34.02
C SER N 111 41.56 -35.49 33.91
N LYS N 112 42.23 -34.34 33.65
CA LYS N 112 43.67 -34.32 33.56
C LYS N 112 44.06 -33.26 34.53
N LEU N 113 43.74 -32.01 34.31
CA LEU N 113 44.13 -30.83 35.08
C LEU N 113 42.83 -30.11 35.37
N ARG N 114 42.82 -29.13 36.37
CA ARG N 114 41.66 -28.34 36.72
C ARG N 114 42.19 -26.92 36.50
N LYS N 115 41.35 -25.95 36.14
CA LYS N 115 41.85 -24.62 35.84
C LYS N 115 40.72 -23.67 36.22
N PRO N 116 41.03 -22.49 36.85
CA PRO N 116 39.98 -21.58 37.48
C PRO N 116 39.11 -21.02 36.40
N ILE N 117 37.81 -20.72 36.71
CA ILE N 117 36.93 -20.33 35.66
C ILE N 117 37.10 -18.88 35.34
N HIS N 118 37.82 -18.05 36.18
CA HIS N 118 38.15 -16.72 35.99
C HIS N 118 39.63 -16.80 35.60
N ALA N 119 39.92 -16.37 34.43
CA ALA N 119 41.22 -16.20 33.81
C ALA N 119 41.18 -14.81 33.17
N ASP N 120 42.37 -14.28 32.70
CA ASP N 120 42.39 -12.93 32.38
C ASP N 120 42.43 -12.83 30.94
N PRO N 121 41.99 -11.80 30.27
CA PRO N 121 42.10 -11.68 28.78
C PRO N 121 43.45 -11.91 28.23
N PRO N 122 43.77 -12.53 27.13
CA PRO N 122 45.18 -12.86 26.75
C PRO N 122 45.91 -11.52 26.56
N SER N 123 47.27 -11.58 26.69
CA SER N 123 48.09 -10.42 26.35
C SER N 123 47.82 -9.73 25.06
N PHE N 124 48.32 -8.53 24.95
CA PHE N 124 48.21 -7.77 23.74
C PHE N 124 49.09 -8.29 22.61
N ALA N 125 50.11 -9.12 22.97
CA ALA N 125 50.89 -9.92 22.06
C ALA N 125 50.09 -11.03 21.41
N GLU N 126 49.24 -11.79 22.16
CA GLU N 126 48.56 -12.93 21.72
C GLU N 126 47.21 -12.43 21.41
N GLN N 127 46.98 -11.79 20.22
CA GLN N 127 45.75 -11.21 19.79
C GLN N 127 45.47 -11.69 18.34
N SER N 128 44.25 -11.32 17.77
CA SER N 128 43.89 -11.32 16.39
C SER N 128 44.36 -9.96 16.02
N THR N 129 45.52 -9.92 15.34
CA THR N 129 46.16 -8.75 14.82
C THR N 129 45.79 -8.67 13.38
N SER N 130 45.12 -9.72 12.80
CA SER N 130 44.79 -9.81 11.37
C SER N 130 43.49 -10.63 11.32
N ALA N 131 42.49 -10.12 10.56
CA ALA N 131 41.25 -10.83 10.34
C ALA N 131 41.63 -11.84 9.28
N GLU N 132 41.14 -13.11 9.42
CA GLU N 132 41.37 -14.14 8.43
C GLU N 132 40.24 -15.04 8.42
N ILE N 133 40.02 -15.76 7.34
CA ILE N 133 38.74 -16.52 7.16
C ILE N 133 38.88 -17.98 7.52
N LEU N 134 37.95 -18.30 8.49
CA LEU N 134 37.65 -19.58 8.99
C LEU N 134 36.61 -20.11 8.13
N GLU N 135 36.86 -21.19 7.36
CA GLU N 135 36.01 -21.81 6.39
C GLU N 135 34.89 -22.58 7.13
N THR N 136 33.66 -22.64 6.57
CA THR N 136 32.48 -23.17 7.18
C THR N 136 32.01 -24.04 6.12
N GLY N 137 31.30 -25.20 6.44
CA GLY N 137 30.75 -26.16 5.51
C GLY N 137 29.58 -25.60 4.77
N ILE N 138 29.02 -24.46 5.17
CA ILE N 138 27.79 -23.88 4.60
C ILE N 138 28.23 -22.74 3.61
N LYS N 139 27.89 -22.83 2.31
CA LYS N 139 28.28 -21.86 1.24
C LYS N 139 27.69 -20.50 1.47
N VAL N 140 26.44 -20.46 2.01
CA VAL N 140 25.68 -19.27 2.32
C VAL N 140 26.36 -18.40 3.33
N VAL N 141 26.99 -19.05 4.42
CA VAL N 141 27.68 -18.39 5.48
C VAL N 141 28.87 -17.71 4.90
N ASP N 142 29.57 -18.50 4.04
CA ASP N 142 30.89 -18.14 3.55
C ASP N 142 30.72 -17.03 2.58
N LEU N 143 29.52 -16.70 2.05
CA LEU N 143 29.45 -15.60 1.16
C LEU N 143 29.09 -14.32 1.89
N LEU N 144 27.89 -14.32 2.46
CA LEU N 144 27.20 -13.14 2.91
C LEU N 144 27.49 -12.70 4.32
N ALA N 145 28.25 -13.52 5.09
CA ALA N 145 28.76 -13.18 6.31
C ALA N 145 29.81 -14.20 6.69
N PRO N 146 30.99 -14.36 5.99
CA PRO N 146 32.04 -15.33 6.16
C PRO N 146 32.70 -15.13 7.58
N TYR N 147 32.91 -16.23 8.28
CA TYR N 147 33.37 -16.39 9.66
C TYR N 147 34.84 -16.00 9.85
N ALA N 148 35.29 -15.46 11.03
CA ALA N 148 36.72 -15.12 11.15
C ALA N 148 37.33 -15.93 12.29
N ARG N 149 38.61 -15.59 12.64
CA ARG N 149 39.35 -16.27 13.70
C ARG N 149 39.58 -15.27 14.79
N GLY N 150 39.13 -15.60 16.04
CA GLY N 150 38.87 -14.69 17.13
C GLY N 150 37.72 -13.72 16.87
N GLY N 151 36.57 -14.23 16.40
CA GLY N 151 35.44 -13.41 15.91
C GLY N 151 34.21 -13.81 16.73
N LYS N 152 33.32 -12.78 16.95
CA LYS N 152 31.95 -12.89 17.41
C LYS N 152 30.98 -12.61 16.31
N ILE N 153 30.16 -13.66 16.05
CA ILE N 153 29.20 -13.74 15.00
C ILE N 153 27.85 -13.93 15.70
N GLY N 154 26.89 -12.91 15.67
CA GLY N 154 25.73 -12.98 16.49
C GLY N 154 24.52 -13.46 15.71
N LEU N 155 24.05 -14.62 16.09
CA LEU N 155 22.96 -15.37 15.55
C LEU N 155 21.74 -14.63 15.96
N PHE N 156 20.71 -14.67 15.17
CA PHE N 156 19.48 -13.90 15.51
C PHE N 156 18.32 -14.91 15.33
N GLY N 157 17.23 -14.64 16.03
CA GLY N 157 16.03 -15.38 15.97
C GLY N 157 16.01 -16.30 17.25
N GLY N 158 14.98 -17.18 17.41
CA GLY N 158 14.70 -17.91 18.62
C GLY N 158 15.24 -19.32 18.48
N ALA N 159 14.37 -20.25 18.91
CA ALA N 159 14.61 -21.68 18.92
C ALA N 159 13.47 -22.27 18.12
N GLY N 160 13.73 -23.00 17.01
CA GLY N 160 12.83 -23.66 16.19
C GLY N 160 12.63 -22.94 14.92
N VAL N 161 13.48 -21.93 14.68
CA VAL N 161 13.41 -20.94 13.65
C VAL N 161 14.33 -21.37 12.58
N GLY N 162 14.93 -22.64 12.71
CA GLY N 162 16.03 -23.11 11.93
C GLY N 162 17.23 -23.20 12.81
N LYS N 163 17.06 -22.87 14.09
CA LYS N 163 18.10 -22.84 15.06
C LYS N 163 18.93 -24.13 15.29
N THR N 164 18.20 -25.24 15.56
CA THR N 164 18.76 -26.47 15.93
C THR N 164 19.63 -27.04 14.83
N VAL N 165 19.27 -26.99 13.53
CA VAL N 165 20.03 -27.48 12.42
C VAL N 165 21.29 -26.66 12.12
N PHE N 166 21.26 -25.33 12.31
CA PHE N 166 22.40 -24.45 12.04
C PHE N 166 23.55 -24.79 13.00
N ILE N 167 23.15 -24.94 14.29
CA ILE N 167 24.01 -25.41 15.30
C ILE N 167 24.56 -26.80 15.14
N GLN N 168 23.79 -27.78 14.68
CA GLN N 168 24.33 -29.14 14.48
C GLN N 168 25.38 -29.25 13.40
N GLU N 169 25.20 -28.45 12.31
CA GLU N 169 26.13 -28.45 11.19
C GLU N 169 27.51 -27.98 11.51
N LEU N 170 27.60 -26.89 12.28
CA LEU N 170 28.81 -26.25 12.64
C LEU N 170 29.77 -27.10 13.35
N ILE N 171 29.26 -27.98 14.25
CA ILE N 171 30.03 -28.82 15.11
C ILE N 171 30.76 -29.83 14.16
N ASN N 172 30.07 -30.30 13.12
CA ASN N 172 30.67 -31.20 12.13
C ASN N 172 31.85 -30.54 11.34
N ASN N 173 31.65 -29.27 10.90
CA ASN N 173 32.52 -28.52 9.97
C ASN N 173 33.86 -28.31 10.56
N ILE N 174 33.86 -27.92 11.89
CA ILE N 174 35.09 -27.54 12.48
C ILE N 174 36.13 -28.63 12.57
N ALA N 175 35.56 -29.81 12.85
CA ALA N 175 36.32 -31.07 13.00
C ALA N 175 36.96 -31.59 11.79
N LYS N 176 36.14 -31.51 10.70
CA LYS N 176 36.64 -31.83 9.40
C LYS N 176 37.73 -30.83 8.94
N ALA N 177 37.39 -29.59 9.25
CA ALA N 177 38.24 -28.44 8.85
C ALA N 177 39.66 -28.46 9.43
N HIS N 178 39.76 -28.72 10.69
CA HIS N 178 41.02 -28.82 11.43
C HIS N 178 41.22 -30.10 12.20
N GLY N 179 40.22 -30.46 13.04
CA GLY N 179 40.32 -31.58 13.96
C GLY N 179 39.89 -31.06 15.28
N GLY N 180 39.22 -29.96 15.28
CA GLY N 180 38.81 -29.07 16.31
C GLY N 180 37.63 -29.69 17.02
N PHE N 181 37.12 -28.87 17.99
CA PHE N 181 36.08 -29.28 19.00
C PHE N 181 35.20 -28.13 19.14
N SER N 182 34.30 -28.21 20.14
CA SER N 182 33.26 -27.26 20.42
C SER N 182 32.90 -27.50 21.83
N VAL N 183 32.28 -26.52 22.46
CA VAL N 183 31.64 -26.64 23.76
C VAL N 183 30.37 -25.76 23.58
N PHE N 184 29.15 -26.32 23.67
CA PHE N 184 27.87 -25.67 23.38
C PHE N 184 27.42 -25.44 24.75
N THR N 185 27.18 -24.15 25.06
CA THR N 185 26.66 -23.70 26.38
C THR N 185 25.28 -23.13 26.19
N GLY N 186 24.45 -23.55 27.08
CA GLY N 186 23.06 -23.17 27.17
C GLY N 186 22.75 -22.52 28.49
N VAL N 187 22.17 -21.26 28.41
CA VAL N 187 21.89 -20.40 29.58
C VAL N 187 20.46 -20.11 29.51
N GLY N 188 19.78 -20.60 30.56
CA GLY N 188 18.34 -20.72 30.56
C GLY N 188 17.88 -21.92 29.63
N GLU N 189 18.72 -22.98 29.48
CA GLU N 189 18.33 -24.21 28.86
C GLU N 189 17.42 -24.92 29.80
N ARG N 190 16.20 -25.27 29.33
CA ARG N 190 15.23 -25.97 30.01
C ARG N 190 15.59 -27.40 30.18
N THR N 191 15.36 -27.97 31.40
CA THR N 191 15.96 -29.25 31.74
C THR N 191 15.29 -30.35 30.92
N ARG N 192 14.00 -30.20 30.66
CA ARG N 192 13.28 -31.16 29.84
C ARG N 192 13.79 -31.19 28.43
N GLU N 193 13.92 -30.04 27.76
CA GLU N 193 14.38 -29.88 26.38
C GLU N 193 15.82 -30.34 26.13
N GLY N 194 16.77 -30.12 27.08
CA GLY N 194 18.18 -30.43 27.00
C GLY N 194 18.36 -31.90 26.85
N ASN N 195 17.53 -32.77 27.45
CA ASN N 195 17.49 -34.23 27.28
C ASN N 195 17.21 -34.71 25.89
N ASP N 196 16.24 -34.04 25.26
CA ASP N 196 15.83 -34.25 23.87
C ASP N 196 16.98 -33.99 22.85
N LEU N 197 17.68 -32.83 22.98
CA LEU N 197 18.76 -32.43 22.29
C LEU N 197 19.96 -33.39 22.43
N TYR N 198 20.19 -33.84 23.70
CA TYR N 198 21.36 -34.71 24.03
C TYR N 198 21.30 -36.06 23.39
N ARG N 199 20.02 -36.65 23.40
CA ARG N 199 19.61 -37.88 22.73
C ARG N 199 19.80 -37.79 21.19
N GLU N 200 19.39 -36.66 20.50
CA GLU N 200 19.63 -36.37 19.10
C GLU N 200 21.11 -36.18 18.72
N MET N 201 21.89 -35.44 19.56
CA MET N 201 23.31 -35.16 19.40
C MET N 201 24.14 -36.41 19.46
N LYS N 202 23.71 -37.37 20.29
CA LYS N 202 24.29 -38.66 20.42
C LYS N 202 24.00 -39.50 19.18
N GLU N 203 22.71 -39.40 18.72
CA GLU N 203 22.42 -40.16 17.53
C GLU N 203 23.22 -39.67 16.31
N THR N 204 23.52 -38.29 16.20
CA THR N 204 23.93 -37.76 14.95
C THR N 204 25.46 -37.61 14.81
N GLY N 205 26.16 -38.08 15.83
CA GLY N 205 27.55 -38.27 15.69
C GLY N 205 28.31 -37.02 16.09
N VAL N 206 27.64 -35.99 16.75
CA VAL N 206 28.35 -34.82 17.20
C VAL N 206 28.72 -35.05 18.70
N ILE N 207 28.02 -36.06 19.35
CA ILE N 207 28.39 -36.61 20.65
C ILE N 207 28.51 -38.11 20.42
N ASN N 208 29.77 -38.63 20.60
CA ASN N 208 29.99 -40.07 20.48
C ASN N 208 30.31 -40.51 21.91
N LEU N 209 30.14 -41.82 22.26
CA LEU N 209 30.27 -42.17 23.62
C LEU N 209 31.61 -42.54 23.97
N GLU N 210 32.62 -42.33 23.08
CA GLU N 210 34.04 -42.47 23.43
C GLU N 210 34.44 -41.31 24.31
N GLY N 211 35.72 -41.23 24.65
CA GLY N 211 36.24 -40.14 25.52
C GLY N 211 36.37 -38.86 24.66
N GLU N 212 36.51 -39.07 23.31
CA GLU N 212 36.64 -38.01 22.39
C GLU N 212 35.34 -37.92 21.60
N SER N 213 34.95 -36.69 21.38
CA SER N 213 33.69 -36.43 20.72
C SER N 213 34.05 -35.20 20.06
N LYS N 214 33.04 -34.45 19.67
CA LYS N 214 33.22 -33.12 19.09
C LYS N 214 32.73 -32.20 20.22
N VAL N 215 31.38 -31.81 20.17
CA VAL N 215 30.73 -30.86 21.11
C VAL N 215 30.72 -31.37 22.60
N ALA N 216 31.02 -30.53 23.64
CA ALA N 216 31.01 -30.80 25.09
C ALA N 216 29.87 -29.97 25.46
N LEU N 217 29.05 -30.37 26.50
CA LEU N 217 27.85 -29.71 26.72
C LEU N 217 28.03 -29.10 28.17
N VAL N 218 27.60 -27.87 28.29
CA VAL N 218 27.61 -27.18 29.54
C VAL N 218 26.20 -26.55 29.67
N PHE N 219 25.38 -26.85 30.67
CA PHE N 219 24.03 -26.41 30.76
C PHE N 219 23.72 -25.71 32.09
N GLY N 220 22.94 -24.66 31.89
CA GLY N 220 22.35 -23.74 32.80
C GLY N 220 21.04 -24.18 33.37
N GLN N 221 21.12 -24.52 34.62
CA GLN N 221 20.06 -25.14 35.35
C GLN N 221 19.41 -23.96 36.02
N MET N 222 18.11 -23.78 35.76
CA MET N 222 17.28 -22.55 36.07
C MET N 222 16.73 -22.85 37.48
N ASN N 223 16.86 -24.05 38.02
CA ASN N 223 16.39 -24.37 39.33
C ASN N 223 17.39 -24.16 40.41
N GLU N 224 18.54 -23.62 39.97
CA GLU N 224 19.76 -23.37 40.71
C GLU N 224 20.01 -21.84 40.68
N PRO N 225 20.78 -21.26 41.57
CA PRO N 225 20.87 -19.79 41.67
C PRO N 225 21.30 -19.06 40.46
N PRO N 226 20.98 -17.72 40.57
CA PRO N 226 21.32 -16.82 39.48
C PRO N 226 22.82 -16.80 39.22
N GLY N 227 23.72 -16.92 40.31
CA GLY N 227 25.19 -16.82 40.19
C GLY N 227 25.76 -17.82 39.26
N ALA N 228 25.17 -19.01 39.36
CA ALA N 228 25.50 -20.21 38.52
C ALA N 228 24.93 -20.09 37.04
N ARG N 229 23.93 -19.35 36.73
CA ARG N 229 23.58 -19.05 35.39
C ARG N 229 24.55 -18.20 34.59
N ALA N 230 25.09 -17.18 35.28
CA ALA N 230 26.07 -16.29 34.83
C ALA N 230 27.46 -16.96 34.67
N ARG N 231 27.85 -17.85 35.66
CA ARG N 231 29.15 -18.45 35.63
C ARG N 231 29.28 -19.63 34.73
N VAL N 232 28.16 -20.31 34.22
CA VAL N 232 28.21 -21.44 33.23
C VAL N 232 28.94 -21.06 31.91
N ALA N 233 28.74 -19.82 31.53
CA ALA N 233 29.41 -19.27 30.37
C ALA N 233 30.90 -19.40 30.49
N LEU N 234 31.52 -19.04 31.65
CA LEU N 234 32.95 -19.06 31.96
C LEU N 234 33.42 -20.49 32.17
N THR N 235 32.55 -21.40 32.64
CA THR N 235 32.90 -22.76 32.82
C THR N 235 33.30 -23.44 31.46
N GLY N 236 32.50 -23.16 30.42
CA GLY N 236 32.73 -23.64 29.04
C GLY N 236 33.94 -23.01 28.37
N LEU N 237 34.15 -21.69 28.62
CA LEU N 237 35.20 -20.89 28.00
C LEU N 237 36.57 -21.40 28.33
N THR N 238 36.69 -21.84 29.59
CA THR N 238 37.82 -22.49 30.12
C THR N 238 38.17 -23.85 29.42
N ILE N 239 37.15 -24.73 29.12
CA ILE N 239 37.54 -25.96 28.49
C ILE N 239 38.13 -25.70 27.06
N ALA N 240 37.53 -24.71 26.35
CA ALA N 240 37.92 -24.30 25.00
C ALA N 240 39.32 -23.77 24.94
N GLU N 241 39.61 -22.94 26.00
CA GLU N 241 40.90 -22.30 26.16
C GLU N 241 42.04 -23.27 26.40
N TYR N 242 41.79 -24.43 27.02
CA TYR N 242 42.86 -25.43 27.18
C TYR N 242 43.28 -26.03 25.93
N PHE N 243 42.27 -26.32 25.06
CA PHE N 243 42.48 -26.87 23.78
C PHE N 243 43.24 -25.84 23.05
N ARG N 244 42.91 -24.55 23.09
CA ARG N 244 43.51 -23.49 22.38
C ARG N 244 45.02 -23.23 22.76
N ASP N 245 45.33 -23.09 24.09
CA ASP N 245 46.65 -22.94 24.68
C ASP N 245 47.63 -24.02 24.56
N GLU N 246 47.18 -25.31 24.73
CA GLU N 246 48.15 -26.33 24.79
C GLU N 246 48.03 -27.39 23.74
N GLU N 247 47.07 -27.27 22.82
CA GLU N 247 47.09 -28.18 21.66
C GLU N 247 46.74 -27.40 20.40
N GLY N 248 46.50 -26.07 20.57
CA GLY N 248 46.36 -25.25 19.35
C GLY N 248 45.23 -25.59 18.42
N GLN N 249 44.10 -25.94 19.01
CA GLN N 249 42.94 -26.44 18.37
C GLN N 249 42.12 -25.18 18.32
N ASP N 250 41.26 -25.08 17.32
CA ASP N 250 40.27 -24.07 17.09
C ASP N 250 38.97 -24.76 17.43
N VAL N 251 38.13 -23.92 18.18
CA VAL N 251 37.06 -24.43 18.95
C VAL N 251 35.93 -23.51 18.55
N LEU N 252 34.67 -23.85 18.99
CA LEU N 252 33.54 -23.06 18.80
C LEU N 252 32.79 -23.12 20.01
N LEU N 253 32.48 -21.98 20.55
CA LEU N 253 31.78 -21.87 21.76
C LEU N 253 30.52 -21.19 21.30
N PHE N 254 29.42 -21.92 21.59
CA PHE N 254 28.09 -21.52 21.19
C PHE N 254 27.53 -20.97 22.51
N ILE N 255 26.65 -19.94 22.44
CA ILE N 255 25.79 -19.65 23.60
C ILE N 255 24.39 -19.76 22.99
N ASP N 256 23.47 -20.06 23.93
CA ASP N 256 22.07 -20.02 23.76
C ASP N 256 21.83 -18.55 24.13
N ASN N 257 20.86 -18.37 25.05
CA ASN N 257 20.37 -17.08 25.49
C ASN N 257 21.39 -16.35 26.18
N ILE N 258 21.63 -15.10 25.70
CA ILE N 258 22.56 -14.09 26.20
C ILE N 258 21.63 -13.15 26.91
N PHE N 259 20.31 -13.41 26.74
CA PHE N 259 19.29 -12.84 27.51
C PHE N 259 19.38 -13.30 28.92
N ARG N 260 19.59 -14.60 29.18
CA ARG N 260 19.64 -15.16 30.53
C ARG N 260 20.99 -14.93 31.22
N PHE N 261 22.01 -14.61 30.40
CA PHE N 261 23.28 -14.21 30.91
C PHE N 261 23.05 -12.85 31.66
N THR N 262 22.39 -11.90 31.00
CA THR N 262 22.12 -10.57 31.53
C THR N 262 21.16 -10.61 32.71
N GLN N 263 20.05 -11.39 32.61
CA GLN N 263 19.09 -11.54 33.70
C GLN N 263 19.69 -12.03 34.97
N ALA N 264 20.60 -13.10 34.85
CA ALA N 264 21.31 -13.76 35.88
C ALA N 264 22.26 -12.86 36.58
N GLY N 265 22.99 -12.02 35.71
CA GLY N 265 23.90 -11.13 36.25
C GLY N 265 23.40 -9.95 37.05
N SER N 266 22.21 -9.51 36.64
CA SER N 266 21.45 -8.46 37.34
C SER N 266 20.86 -8.75 38.68
N GLU N 267 20.38 -10.00 38.73
CA GLU N 267 19.80 -10.56 39.95
C GLU N 267 20.90 -10.54 40.99
N VAL N 268 22.17 -10.93 40.71
CA VAL N 268 23.25 -11.00 41.61
C VAL N 268 23.69 -9.56 42.04
N SER N 269 23.67 -8.49 41.22
CA SER N 269 23.96 -7.10 41.55
C SER N 269 22.91 -6.64 42.54
N ALA N 270 21.66 -6.98 42.27
CA ALA N 270 20.54 -6.51 42.98
C ALA N 270 20.57 -6.95 44.40
N LEU N 271 21.01 -8.20 44.51
CA LEU N 271 21.29 -8.95 45.74
C LEU N 271 22.51 -8.40 46.47
N LEU N 272 23.55 -7.97 45.73
CA LEU N 272 24.68 -7.26 46.29
C LEU N 272 24.41 -5.75 46.54
N GLY N 273 23.21 -5.20 46.31
CA GLY N 273 22.83 -3.84 46.73
C GLY N 273 23.12 -2.87 45.64
N ARG N 274 23.85 -3.19 44.54
CA ARG N 274 24.27 -2.27 43.48
C ARG N 274 23.03 -2.03 42.64
N ILE N 275 22.65 -0.72 42.54
CA ILE N 275 21.44 -0.19 42.04
C ILE N 275 21.12 -0.56 40.66
N PRO N 276 19.98 -1.27 40.40
CA PRO N 276 19.59 -1.57 39.09
C PRO N 276 18.61 -0.56 38.53
N SER N 277 19.13 0.42 37.78
CA SER N 277 18.42 1.47 37.16
C SER N 277 19.09 1.68 35.85
N ALA N 278 18.25 2.03 34.88
CA ALA N 278 18.51 2.09 33.44
C ALA N 278 17.94 0.85 32.85
N VAL N 279 16.58 0.87 32.91
CA VAL N 279 15.80 -0.10 32.24
C VAL N 279 15.94 -1.53 32.85
N GLY N 280 16.07 -1.58 34.21
CA GLY N 280 16.15 -2.88 34.94
C GLY N 280 17.44 -3.68 34.59
N TYR N 281 18.53 -3.05 34.26
CA TYR N 281 19.76 -3.78 33.88
C TYR N 281 20.78 -3.22 34.80
N GLN N 282 21.85 -4.09 35.01
CA GLN N 282 22.91 -3.87 35.92
C GLN N 282 23.90 -2.79 35.40
N PRO N 283 24.59 -2.08 36.28
CA PRO N 283 25.54 -1.06 35.85
C PRO N 283 26.80 -1.75 35.30
N THR N 284 27.04 -3.02 35.60
CA THR N 284 28.32 -3.62 35.27
C THR N 284 28.25 -4.32 33.94
N LEU N 285 27.20 -4.02 33.15
CA LEU N 285 26.86 -4.60 31.92
C LEU N 285 27.96 -4.64 30.89
N ALA N 286 28.68 -3.50 30.70
CA ALA N 286 29.77 -3.38 29.78
C ALA N 286 30.94 -4.24 30.05
N THR N 287 31.37 -4.27 31.33
CA THR N 287 32.56 -5.03 31.81
C THR N 287 32.33 -6.56 31.86
N ASP N 288 31.11 -7.05 32.24
CA ASP N 288 30.70 -8.45 32.25
C ASP N 288 30.78 -9.13 30.87
N MET N 289 30.40 -8.29 29.86
CA MET N 289 30.63 -8.63 28.45
C MET N 289 32.06 -8.60 28.06
N GLY N 290 32.73 -7.52 28.47
CA GLY N 290 34.08 -7.21 28.06
C GLY N 290 35.12 -8.29 28.39
N LEU N 291 35.06 -8.87 29.57
CA LEU N 291 35.71 -10.04 30.10
C LEU N 291 35.47 -11.36 29.33
N LEU N 292 34.18 -11.70 29.09
CA LEU N 292 33.79 -12.84 28.34
C LEU N 292 34.30 -12.87 26.88
N GLN N 293 34.25 -11.68 26.24
CA GLN N 293 34.41 -11.56 24.82
C GLN N 293 35.82 -11.24 24.40
N GLU N 294 36.58 -10.65 25.31
CA GLU N 294 38.02 -10.50 25.05
C GLU N 294 38.77 -11.70 25.31
N ARG N 295 38.15 -12.77 25.81
CA ARG N 295 38.83 -14.07 25.98
C ARG N 295 38.56 -14.91 24.75
N ILE N 296 37.93 -14.25 23.70
CA ILE N 296 37.69 -14.92 22.43
C ILE N 296 38.63 -14.22 21.58
N THR N 297 39.76 -14.89 21.18
CA THR N 297 40.83 -14.23 20.45
C THR N 297 41.71 -15.33 19.92
N THR N 298 42.63 -14.95 18.97
CA THR N 298 43.69 -15.79 18.43
C THR N 298 44.96 -15.63 19.26
N THR N 299 45.61 -16.76 19.65
CA THR N 299 46.78 -16.71 20.43
C THR N 299 47.87 -17.19 19.50
N LYS N 300 48.80 -18.04 19.87
CA LYS N 300 49.93 -18.34 19.02
C LYS N 300 49.85 -19.75 18.59
N LYS N 301 48.72 -20.45 18.94
CA LYS N 301 48.67 -21.81 18.65
C LYS N 301 47.32 -22.11 18.21
N GLY N 302 46.33 -21.58 18.96
CA GLY N 302 44.89 -21.82 18.85
C GLY N 302 44.10 -20.53 18.50
N SER N 303 42.80 -20.56 18.24
CA SER N 303 41.89 -19.39 18.10
C SER N 303 40.52 -19.96 18.36
N VAL N 304 39.83 -19.44 19.39
CA VAL N 304 38.42 -19.68 19.59
C VAL N 304 37.65 -18.83 18.67
N THR N 305 36.39 -19.11 18.33
CA THR N 305 35.60 -18.39 17.48
C THR N 305 34.23 -18.69 18.09
N SER N 306 33.29 -17.69 17.98
CA SER N 306 32.14 -17.79 18.84
C SER N 306 30.85 -17.50 18.12
N VAL N 307 29.83 -18.37 18.36
CA VAL N 307 28.52 -18.06 17.82
C VAL N 307 27.74 -17.78 19.09
N GLN N 308 27.03 -16.62 19.20
CA GLN N 308 26.25 -16.30 20.44
C GLN N 308 24.92 -16.10 19.83
N ALA N 309 23.80 -16.16 20.59
CA ALA N 309 22.51 -16.02 20.08
C ALA N 309 21.84 -14.87 20.70
N VAL N 310 21.17 -13.95 20.03
CA VAL N 310 20.53 -12.82 20.61
C VAL N 310 19.09 -13.09 20.60
N TYR N 311 18.52 -12.96 21.74
CA TYR N 311 17.12 -13.24 21.96
C TYR N 311 16.63 -12.05 22.70
N VAL N 312 15.50 -11.48 22.22
CA VAL N 312 14.96 -10.28 22.65
C VAL N 312 14.54 -10.11 24.10
N PRO N 313 14.68 -8.93 24.67
CA PRO N 313 14.44 -8.76 26.11
C PRO N 313 13.20 -8.13 26.57
N ALA N 314 12.39 -7.44 25.64
CA ALA N 314 11.04 -6.97 25.97
C ALA N 314 10.35 -6.53 24.63
N ASP N 315 10.72 -7.29 23.48
CA ASP N 315 10.18 -7.17 22.18
C ASP N 315 10.67 -5.93 21.59
N ASP N 316 12.08 -5.80 21.55
CA ASP N 316 12.76 -4.61 21.12
C ASP N 316 14.23 -4.96 21.08
N LEU N 317 15.01 -4.02 20.39
CA LEU N 317 16.45 -4.17 20.37
C LEU N 317 17.11 -2.91 20.87
N THR N 318 16.29 -1.95 21.51
CA THR N 318 16.85 -0.62 21.85
C THR N 318 17.21 -0.58 23.31
N ASP N 319 16.73 -1.62 24.06
CA ASP N 319 17.05 -1.93 25.40
C ASP N 319 18.52 -2.18 25.66
N PRO N 320 19.10 -1.91 26.89
CA PRO N 320 20.54 -1.85 27.25
C PRO N 320 21.28 -3.10 26.94
N ALA N 321 20.72 -4.26 27.26
CA ALA N 321 21.24 -5.57 26.98
C ALA N 321 21.48 -5.85 25.45
N PRO N 322 20.56 -5.58 24.53
CA PRO N 322 20.98 -5.82 23.12
C PRO N 322 22.17 -4.94 22.65
N ALA N 323 22.11 -3.66 22.90
CA ALA N 323 23.00 -2.64 22.38
C ALA N 323 24.40 -3.02 22.71
N THR N 324 24.64 -3.35 24.03
CA THR N 324 25.97 -3.67 24.59
C THR N 324 26.49 -4.89 23.98
N THR N 325 25.70 -5.98 23.68
CA THR N 325 26.04 -7.22 22.95
C THR N 325 26.56 -6.94 21.55
N PHE N 326 25.83 -6.10 20.81
CA PHE N 326 25.98 -5.64 19.45
C PHE N 326 27.21 -4.92 19.21
N ALA N 327 27.65 -4.12 20.20
CA ALA N 327 28.75 -3.25 19.98
C ALA N 327 30.01 -4.02 19.65
N HIS N 328 30.16 -5.20 20.39
CA HIS N 328 31.27 -6.05 20.32
C HIS N 328 31.24 -6.90 19.07
N LEU N 329 29.97 -7.00 18.55
CA LEU N 329 29.87 -7.82 17.35
C LEU N 329 30.55 -7.33 16.10
N ASP N 330 30.82 -8.31 15.22
CA ASP N 330 31.50 -8.10 13.94
C ASP N 330 30.75 -8.72 12.77
N ALA N 331 29.89 -9.72 12.98
CA ALA N 331 28.96 -10.25 11.93
C ALA N 331 27.61 -10.42 12.53
N THR N 332 26.56 -10.58 11.71
CA THR N 332 25.26 -11.08 12.10
C THR N 332 24.89 -12.16 11.14
N THR N 333 24.38 -13.26 11.75
CA THR N 333 23.69 -14.24 10.90
C THR N 333 22.23 -14.32 11.34
N VAL N 334 21.27 -14.18 10.43
CA VAL N 334 19.89 -13.81 10.74
C VAL N 334 18.92 -14.88 10.26
N LEU N 335 18.70 -15.87 11.19
CA LEU N 335 17.85 -17.07 10.93
C LEU N 335 16.43 -16.70 11.07
N SER N 336 15.61 -17.09 10.05
CA SER N 336 14.25 -16.65 10.12
C SER N 336 13.37 -17.83 9.86
N ARG N 337 12.40 -17.95 10.74
CA ARG N 337 11.44 -18.98 10.86
C ARG N 337 10.62 -19.13 9.59
N GLY N 338 10.24 -17.98 8.91
CA GLY N 338 9.50 -17.90 7.73
C GLY N 338 10.21 -18.59 6.61
N ILE N 339 11.52 -18.33 6.47
CA ILE N 339 12.43 -18.85 5.51
C ILE N 339 12.64 -20.29 5.70
N SER N 340 12.68 -20.76 7.01
CA SER N 340 12.74 -22.24 7.35
C SER N 340 11.45 -22.97 6.90
N GLU N 341 10.28 -22.28 6.98
CA GLU N 341 8.99 -22.84 6.53
C GLU N 341 8.87 -22.98 5.08
N LEU N 342 9.76 -22.29 4.27
CA LEU N 342 9.76 -22.39 2.85
C LEU N 342 10.72 -23.46 2.36
N GLY N 343 11.43 -24.09 3.31
CA GLY N 343 12.31 -25.26 3.32
C GLY N 343 13.74 -25.01 2.87
N ILE N 344 14.25 -23.85 3.35
CA ILE N 344 15.60 -23.40 3.11
C ILE N 344 16.37 -23.85 4.29
N TYR N 345 17.46 -24.66 4.12
CA TYR N 345 18.39 -25.02 5.17
C TYR N 345 19.69 -24.58 4.59
N PRO N 346 20.45 -23.58 5.10
CA PRO N 346 20.19 -22.74 6.26
C PRO N 346 19.01 -21.84 6.06
N ALA N 347 18.43 -21.35 7.15
CA ALA N 347 17.20 -20.59 7.33
C ALA N 347 17.61 -19.11 7.31
N VAL N 348 18.86 -18.81 6.99
CA VAL N 348 19.48 -17.48 7.00
C VAL N 348 18.71 -16.63 5.94
N ASP N 349 18.43 -15.39 6.34
CA ASP N 349 17.78 -14.39 5.56
C ASP N 349 18.89 -13.72 4.85
N PRO N 350 18.89 -13.79 3.49
CA PRO N 350 20.12 -13.54 2.80
C PRO N 350 20.35 -12.07 2.64
N LEU N 351 19.51 -11.14 3.14
CA LEU N 351 19.69 -9.75 3.05
C LEU N 351 19.93 -9.14 4.42
N ASP N 352 19.91 -10.00 5.47
CA ASP N 352 20.19 -9.55 6.83
C ASP N 352 21.39 -10.28 7.33
N SER N 353 22.09 -11.05 6.52
CA SER N 353 23.35 -11.74 6.88
C SER N 353 24.36 -10.72 6.46
N LYS N 354 25.25 -10.29 7.33
CA LYS N 354 26.14 -9.18 7.14
C LYS N 354 27.41 -9.56 7.93
N SER N 355 28.52 -8.96 7.47
CA SER N 355 29.84 -9.08 8.10
C SER N 355 30.48 -7.71 7.85
N ARG N 356 31.35 -7.22 8.79
CA ARG N 356 32.21 -6.04 8.51
C ARG N 356 33.66 -6.46 8.32
N LEU N 357 33.91 -7.75 8.18
CA LEU N 357 35.10 -8.40 7.69
C LEU N 357 34.92 -8.82 6.25
N LEU N 358 33.87 -8.23 5.55
CA LEU N 358 33.61 -8.44 4.13
C LEU N 358 34.21 -7.22 3.41
N ASP N 359 35.50 -6.94 3.53
CA ASP N 359 36.24 -5.82 3.02
C ASP N 359 36.69 -6.28 1.66
N ALA N 360 38.02 -6.45 1.42
CA ALA N 360 38.37 -6.75 0.04
C ALA N 360 39.86 -7.19 0.02
N ALA N 361 40.46 -7.30 1.24
CA ALA N 361 41.91 -7.51 1.47
C ALA N 361 41.94 -8.42 2.68
N VAL N 362 40.79 -8.91 3.11
CA VAL N 362 40.56 -9.73 4.26
C VAL N 362 40.01 -10.94 3.56
N VAL N 363 38.99 -10.74 2.61
CA VAL N 363 38.16 -11.75 2.03
C VAL N 363 38.61 -11.92 0.62
N GLY N 364 39.45 -11.01 0.04
CA GLY N 364 39.80 -10.99 -1.35
C GLY N 364 38.89 -10.18 -2.19
N GLN N 365 39.51 -9.62 -3.21
CA GLN N 365 38.93 -8.59 -4.03
C GLN N 365 37.77 -9.24 -4.83
N GLU N 366 37.97 -10.46 -5.32
CA GLU N 366 37.06 -11.30 -6.06
C GLU N 366 35.85 -11.73 -5.32
N HIS N 367 36.10 -12.18 -4.03
CA HIS N 367 35.06 -12.64 -3.14
C HIS N 367 34.09 -11.50 -2.80
N TYR N 368 34.66 -10.29 -2.61
CA TYR N 368 33.83 -9.09 -2.45
C TYR N 368 32.97 -8.89 -3.67
N ASP N 369 33.49 -8.99 -4.93
CA ASP N 369 32.69 -8.72 -6.10
C ASP N 369 31.54 -9.60 -6.33
N VAL N 370 31.71 -10.95 -6.11
CA VAL N 370 30.67 -11.93 -6.19
C VAL N 370 29.63 -11.73 -5.20
N ALA N 371 30.07 -11.54 -3.96
CA ALA N 371 29.12 -11.36 -2.85
C ALA N 371 28.19 -10.12 -3.03
N SER N 372 28.71 -8.94 -3.47
CA SER N 372 27.93 -7.69 -3.67
C SER N 372 26.91 -7.79 -4.79
N LYS N 373 27.25 -8.49 -5.85
CA LYS N 373 26.25 -8.79 -6.84
C LYS N 373 25.13 -9.75 -6.35
N VAL N 374 25.49 -10.71 -5.49
CA VAL N 374 24.48 -11.65 -4.95
C VAL N 374 23.45 -10.93 -4.19
N GLN N 375 23.89 -9.95 -3.39
CA GLN N 375 23.03 -9.08 -2.58
C GLN N 375 22.21 -8.18 -3.41
N GLU N 376 22.89 -7.64 -4.42
CA GLU N 376 22.21 -6.77 -5.32
C GLU N 376 21.14 -7.46 -6.11
N THR N 377 21.41 -8.64 -6.63
CA THR N 377 20.40 -9.34 -7.43
C THR N 377 19.12 -9.71 -6.75
N LEU N 378 19.31 -10.22 -5.53
CA LEU N 378 18.11 -10.54 -4.67
C LEU N 378 17.42 -9.30 -4.23
N GLN N 379 18.15 -8.18 -3.88
CA GLN N 379 17.55 -6.96 -3.44
C GLN N 379 16.69 -6.40 -4.52
N THR N 380 17.13 -6.36 -5.83
CA THR N 380 16.36 -5.89 -7.06
C THR N 380 15.25 -6.78 -7.31
N TYR N 381 15.38 -8.13 -7.14
CA TYR N 381 14.36 -9.09 -7.33
C TYR N 381 13.20 -8.88 -6.42
N LYS N 382 13.39 -8.71 -5.09
CA LYS N 382 12.34 -8.65 -4.10
C LYS N 382 11.51 -7.44 -4.24
N SER N 383 12.21 -6.29 -4.51
CA SER N 383 11.48 -5.05 -4.75
C SER N 383 10.63 -5.03 -5.97
N LEU N 384 11.10 -5.56 -7.14
CA LEU N 384 10.28 -5.63 -8.37
C LEU N 384 9.10 -6.57 -8.25
N GLN N 385 9.26 -7.65 -7.45
CA GLN N 385 8.29 -8.61 -7.36
C GLN N 385 7.07 -8.13 -6.67
N ASP N 386 7.18 -7.05 -5.84
CA ASP N 386 6.09 -6.54 -5.12
C ASP N 386 4.95 -6.08 -5.96
N ILE N 387 5.24 -5.28 -7.01
CA ILE N 387 4.25 -4.71 -7.80
C ILE N 387 4.08 -5.47 -9.07
N ILE N 388 5.10 -6.36 -9.45
CA ILE N 388 5.01 -7.16 -10.58
C ILE N 388 3.97 -8.25 -10.39
N ALA N 389 3.84 -8.80 -9.20
CA ALA N 389 2.95 -9.90 -8.94
C ALA N 389 1.49 -9.56 -9.23
N ILE N 390 1.00 -8.41 -8.70
CA ILE N 390 -0.22 -7.69 -8.72
C ILE N 390 -0.50 -7.22 -10.13
N LEU N 391 0.41 -6.52 -10.83
CA LEU N 391 0.14 -5.92 -12.13
C LEU N 391 0.07 -6.96 -13.18
N GLY N 392 0.96 -8.01 -13.00
CA GLY N 392 1.07 -9.04 -14.04
C GLY N 392 2.51 -9.34 -14.33
N MET N 393 2.89 -10.59 -14.73
CA MET N 393 4.24 -10.96 -14.94
C MET N 393 4.53 -10.95 -16.42
N ASP N 394 3.66 -10.30 -17.25
CA ASP N 394 3.84 -10.09 -18.67
C ASP N 394 4.22 -8.59 -18.87
N GLU N 395 4.50 -7.87 -17.73
CA GLU N 395 4.80 -6.39 -17.66
C GLU N 395 6.27 -6.14 -17.43
N LEU N 396 6.98 -7.28 -17.39
CA LEU N 396 8.43 -7.44 -17.33
C LEU N 396 9.07 -6.89 -18.56
N SER N 397 10.24 -6.30 -18.36
CA SER N 397 11.17 -5.87 -19.39
C SER N 397 12.16 -6.93 -19.67
N GLU N 398 12.99 -6.72 -20.69
CA GLU N 398 14.14 -7.60 -20.95
C GLU N 398 15.16 -7.61 -19.84
N GLN N 399 15.49 -6.49 -19.20
CA GLN N 399 16.37 -6.20 -18.08
C GLN N 399 15.82 -6.89 -16.93
N ASP N 400 14.50 -6.77 -16.67
CA ASP N 400 13.86 -7.36 -15.48
C ASP N 400 13.90 -8.85 -15.40
N LYS N 401 13.61 -9.55 -16.54
CA LYS N 401 13.44 -11.01 -16.51
C LYS N 401 14.79 -11.80 -16.44
N LEU N 402 15.94 -11.16 -16.79
CA LEU N 402 17.25 -11.67 -16.51
C LEU N 402 17.51 -11.74 -15.04
N THR N 403 17.13 -10.74 -14.20
CA THR N 403 17.15 -10.63 -12.82
C THR N 403 16.21 -11.69 -12.24
N VAL N 404 14.97 -11.91 -12.77
CA VAL N 404 13.98 -12.85 -12.16
C VAL N 404 14.58 -14.16 -12.28
N GLU N 405 15.19 -14.41 -13.48
CA GLU N 405 15.78 -15.70 -13.71
C GLU N 405 16.90 -16.03 -12.72
N ARG N 406 17.87 -15.08 -12.57
CA ARG N 406 19.05 -15.25 -11.74
C ARG N 406 18.74 -15.41 -10.26
N ALA N 407 17.80 -14.61 -9.73
CA ALA N 407 17.42 -14.59 -8.36
C ALA N 407 16.75 -15.89 -7.85
N ARG N 408 15.75 -16.42 -8.59
CA ARG N 408 14.97 -17.56 -8.19
C ARG N 408 15.86 -18.79 -8.24
N LYS N 409 16.85 -18.81 -9.17
CA LYS N 409 17.70 -19.94 -9.27
C LYS N 409 18.75 -19.97 -8.17
N ILE N 410 19.24 -18.76 -7.74
CA ILE N 410 20.09 -18.58 -6.59
C ILE N 410 19.49 -18.98 -5.28
N GLN N 411 18.23 -18.66 -5.07
CA GLN N 411 17.40 -18.87 -3.87
C GLN N 411 17.25 -20.29 -3.51
N ARG N 412 17.05 -21.19 -4.51
CA ARG N 412 16.88 -22.61 -4.44
C ARG N 412 18.15 -23.23 -4.10
N PHE N 413 19.24 -22.68 -4.68
CA PHE N 413 20.61 -23.13 -4.62
C PHE N 413 21.15 -23.01 -3.24
N LEU N 414 20.56 -22.11 -2.40
CA LEU N 414 20.80 -21.88 -1.02
C LEU N 414 20.61 -23.08 -0.17
N SER N 415 19.52 -23.89 -0.56
CA SER N 415 19.25 -25.16 0.10
C SER N 415 20.29 -26.15 -0.23
N GLN N 416 21.03 -26.60 0.82
CA GLN N 416 22.22 -27.43 0.87
C GLN N 416 21.71 -28.36 2.01
N PRO N 417 21.55 -29.67 1.81
CA PRO N 417 21.31 -30.55 2.96
C PRO N 417 22.59 -30.54 3.75
N PHE N 418 22.48 -30.92 5.03
CA PHE N 418 23.68 -31.10 5.81
C PHE N 418 23.56 -32.52 6.23
N ALA N 419 24.74 -33.17 6.55
CA ALA N 419 24.95 -34.59 6.89
C ALA N 419 24.21 -34.93 8.11
N VAL N 420 24.25 -33.95 9.07
CA VAL N 420 23.55 -34.01 10.34
C VAL N 420 22.04 -33.98 10.21
N ALA N 421 21.56 -33.16 9.24
CA ALA N 421 20.12 -32.96 8.94
C ALA N 421 19.74 -33.83 7.78
N GLU N 422 20.43 -34.98 7.53
CA GLU N 422 20.21 -35.90 6.50
C GLU N 422 18.79 -36.43 6.58
N VAL N 423 18.34 -36.76 7.77
CA VAL N 423 16.98 -37.25 8.02
C VAL N 423 15.89 -36.23 7.62
N PHE N 424 16.21 -35.02 8.03
CA PHE N 424 15.37 -33.82 7.90
C PHE N 424 15.10 -33.20 6.59
N THR N 425 16.18 -33.14 5.81
CA THR N 425 16.09 -32.53 4.52
C THR N 425 15.82 -33.58 3.46
N GLY N 426 16.37 -34.79 3.72
CA GLY N 426 16.08 -36.04 3.00
C GLY N 426 17.23 -36.48 2.18
N ILE N 427 18.29 -35.69 2.02
CA ILE N 427 19.40 -35.96 1.13
C ILE N 427 20.58 -35.98 2.10
N PRO N 428 21.61 -36.85 1.83
CA PRO N 428 22.99 -36.86 2.48
C PRO N 428 23.58 -35.49 2.27
N GLY N 429 24.27 -34.99 3.30
CA GLY N 429 24.81 -33.66 3.33
C GLY N 429 25.89 -33.41 2.41
N LYS N 430 26.23 -32.09 2.20
CA LYS N 430 27.29 -31.58 1.37
C LYS N 430 28.11 -30.76 2.28
N LEU N 431 29.31 -30.42 1.82
CA LEU N 431 30.13 -29.46 2.51
C LEU N 431 30.72 -28.75 1.39
N VAL N 432 30.81 -27.43 1.51
CA VAL N 432 31.15 -26.54 0.42
C VAL N 432 32.09 -25.57 1.11
N ARG N 433 33.23 -25.22 0.46
CA ARG N 433 34.30 -24.49 1.18
C ARG N 433 34.52 -23.20 0.43
N LEU N 434 35.56 -22.41 0.84
CA LEU N 434 35.72 -21.05 0.38
C LEU N 434 35.92 -20.95 -1.10
N LYS N 435 36.62 -21.90 -1.77
CA LYS N 435 36.75 -21.80 -3.23
C LYS N 435 35.43 -21.96 -3.93
N ASP N 436 34.66 -22.97 -3.45
CA ASP N 436 33.45 -23.35 -4.03
C ASP N 436 32.30 -22.55 -3.85
N THR N 437 32.20 -21.71 -2.76
CA THR N 437 31.23 -20.67 -2.68
C THR N 437 31.40 -19.61 -3.77
N VAL N 438 32.63 -19.07 -4.01
CA VAL N 438 32.83 -17.99 -5.06
C VAL N 438 32.49 -18.57 -6.39
N ALA N 439 32.99 -19.75 -6.83
CA ALA N 439 32.89 -20.30 -8.13
C ALA N 439 31.51 -20.58 -8.45
N SER N 440 30.75 -21.15 -7.51
CA SER N 440 29.37 -21.48 -7.83
C SER N 440 28.42 -20.35 -8.13
N PHE N 441 28.51 -19.28 -7.22
CA PHE N 441 27.61 -18.09 -7.23
C PHE N 441 28.00 -17.13 -8.34
N LYS N 442 29.30 -17.18 -8.68
CA LYS N 442 29.87 -16.41 -9.77
C LYS N 442 29.28 -16.78 -11.13
N ALA N 443 29.12 -18.12 -11.33
CA ALA N 443 28.62 -18.67 -12.58
C ALA N 443 27.19 -18.31 -12.94
N VAL N 444 26.28 -18.23 -11.95
CA VAL N 444 24.91 -17.83 -12.02
C VAL N 444 24.82 -16.34 -12.48
N LEU N 445 25.79 -15.55 -12.03
CA LEU N 445 26.02 -14.13 -12.35
C LEU N 445 26.38 -13.94 -13.83
N GLU N 446 27.16 -14.78 -14.41
CA GLU N 446 27.56 -14.69 -15.81
C GLU N 446 26.47 -15.46 -16.61
N GLY N 447 25.42 -16.05 -15.94
CA GLY N 447 24.29 -16.72 -16.48
C GLY N 447 24.67 -17.83 -17.36
N LYS N 448 25.59 -18.73 -16.87
CA LYS N 448 25.90 -19.90 -17.58
C LYS N 448 25.03 -21.10 -17.06
N TYR N 449 24.21 -20.83 -16.05
CA TYR N 449 23.46 -21.78 -15.35
C TYR N 449 22.10 -21.23 -15.09
N ASP N 450 21.56 -20.58 -16.14
CA ASP N 450 20.27 -20.02 -16.22
C ASP N 450 19.49 -20.85 -17.23
N ASN N 451 20.12 -21.83 -17.86
CA ASN N 451 19.50 -22.79 -18.79
C ASN N 451 19.32 -24.10 -17.96
N ILE N 452 19.26 -24.08 -16.63
CA ILE N 452 19.37 -25.19 -15.68
C ILE N 452 18.19 -25.07 -14.72
N PRO N 453 17.38 -26.06 -14.47
CA PRO N 453 16.13 -25.86 -13.75
C PRO N 453 16.42 -25.55 -12.34
N GLU N 454 15.36 -25.14 -11.64
CA GLU N 454 15.39 -24.78 -10.26
C GLU N 454 15.40 -26.03 -9.40
N HIS N 455 14.96 -27.20 -9.97
CA HIS N 455 14.85 -28.42 -9.17
C HIS N 455 16.26 -29.05 -9.25
N ALA N 456 17.16 -28.46 -10.02
CA ALA N 456 18.53 -28.77 -10.22
C ALA N 456 19.37 -27.81 -9.44
N PHE N 457 18.84 -26.85 -8.62
CA PHE N 457 19.59 -26.05 -7.67
C PHE N 457 19.10 -26.41 -6.24
N TYR N 458 18.01 -27.12 -6.09
CA TYR N 458 17.51 -27.60 -4.89
C TYR N 458 18.42 -28.72 -4.32
N MET N 459 18.80 -28.54 -3.04
CA MET N 459 19.58 -29.51 -2.26
C MET N 459 20.88 -29.79 -2.94
N VAL N 460 21.63 -28.78 -3.37
CA VAL N 460 22.97 -28.98 -3.91
C VAL N 460 23.93 -27.92 -3.40
N GLY N 461 25.25 -28.26 -3.43
CA GLY N 461 26.34 -27.45 -2.89
C GLY N 461 27.02 -26.72 -4.07
N GLY N 462 28.39 -26.54 -4.07
CA GLY N 462 29.10 -25.75 -5.05
C GLY N 462 29.08 -26.19 -6.45
N ILE N 463 30.01 -25.58 -7.24
CA ILE N 463 29.95 -25.73 -8.66
C ILE N 463 30.00 -27.17 -9.17
N GLU N 464 30.83 -28.06 -8.52
CA GLU N 464 31.00 -29.37 -8.98
C GLU N 464 29.76 -30.19 -8.94
N ASP N 465 28.99 -30.07 -7.77
CA ASP N 465 27.82 -30.83 -7.44
C ASP N 465 26.73 -30.60 -8.47
N VAL N 466 26.50 -29.31 -8.94
CA VAL N 466 25.35 -28.98 -9.71
C VAL N 466 25.40 -29.39 -11.15
N VAL N 467 26.59 -29.87 -11.59
CA VAL N 467 26.73 -30.46 -12.86
C VAL N 467 25.92 -31.65 -13.06
N ALA N 468 25.82 -32.47 -12.06
CA ALA N 468 25.05 -33.69 -12.14
C ALA N 468 23.58 -33.63 -12.39
N LYS N 469 22.93 -32.63 -11.66
CA LYS N 469 21.52 -32.35 -11.63
C LYS N 469 20.85 -31.92 -12.90
N ALA N 470 21.56 -31.11 -13.71
CA ALA N 470 21.17 -30.56 -14.97
C ALA N 470 20.94 -31.65 -15.98
N GLU N 471 21.84 -32.75 -15.95
CA GLU N 471 21.68 -33.91 -16.71
C GLU N 471 20.49 -34.80 -16.32
N LYS N 472 20.35 -35.04 -14.99
CA LYS N 472 19.30 -35.83 -14.44
C LYS N 472 17.86 -35.36 -14.55
N LEU N 473 17.73 -33.99 -14.57
CA LEU N 473 16.36 -33.42 -14.67
C LEU N 473 15.70 -33.78 -15.97
N ALA N 474 16.56 -33.62 -16.96
CA ALA N 474 16.22 -33.96 -18.34
C ALA N 474 15.97 -35.44 -18.52
N ALA N 475 16.77 -36.25 -17.77
CA ALA N 475 16.69 -37.74 -17.68
C ALA N 475 15.75 -38.17 -16.57
N THR O 7 35.85 37.72 62.80
CA THR O 7 36.82 37.23 63.75
C THR O 7 37.44 36.02 63.15
N PRO O 8 38.76 35.78 63.31
CA PRO O 8 39.53 34.69 62.71
C PRO O 8 39.29 33.49 63.54
N ILE O 9 38.87 32.44 62.87
CA ILE O 9 38.52 31.24 63.65
C ILE O 9 39.39 30.22 63.05
N THR O 10 40.38 29.67 63.83
CA THR O 10 41.28 28.68 63.37
C THR O 10 40.64 27.30 63.48
N GLY O 11 40.78 26.52 62.40
CA GLY O 11 40.17 25.22 62.34
C GLY O 11 40.93 24.33 61.32
N LYS O 12 40.45 23.09 61.04
CA LYS O 12 41.18 22.13 60.23
C LYS O 12 40.17 21.59 59.25
N VAL O 13 40.59 20.98 58.16
CA VAL O 13 39.67 20.55 57.14
C VAL O 13 39.58 19.08 57.43
N THR O 14 38.49 18.65 58.00
CA THR O 14 38.24 17.29 58.31
C THR O 14 38.01 16.44 57.05
N ALA O 15 37.22 16.90 56.08
CA ALA O 15 36.72 16.02 55.02
C ALA O 15 36.74 16.75 53.70
N VAL O 16 37.01 16.03 52.63
CA VAL O 16 36.99 16.43 51.26
C VAL O 16 36.04 15.47 50.66
N ILE O 17 34.78 15.56 51.14
CA ILE O 17 33.67 14.73 50.61
C ILE O 17 33.28 15.39 49.38
N GLY O 18 33.71 14.82 48.19
CA GLY O 18 33.58 15.43 46.87
C GLY O 18 34.04 16.84 46.81
N ALA O 19 33.27 17.72 46.18
CA ALA O 19 33.59 19.11 46.01
C ALA O 19 32.91 19.97 47.04
N ILE O 20 32.47 19.46 48.21
CA ILE O 20 31.66 20.18 49.22
C ILE O 20 32.27 19.78 50.54
N VAL O 21 33.46 20.43 50.66
CA VAL O 21 34.50 20.15 51.61
C VAL O 21 33.92 20.52 52.95
N ASP O 22 34.35 19.86 54.10
CA ASP O 22 33.87 20.14 55.44
C ASP O 22 35.00 20.45 56.34
N VAL O 23 34.84 21.39 57.29
CA VAL O 23 35.83 21.99 58.12
C VAL O 23 35.29 21.58 59.45
N HIS O 24 36.22 21.36 60.45
CA HIS O 24 35.92 21.17 61.78
C HIS O 24 36.85 22.04 62.55
N PHE O 25 36.26 23.09 63.15
CA PHE O 25 37.06 24.05 63.86
C PHE O 25 37.41 23.49 65.28
N GLU O 26 38.49 24.03 65.91
CA GLU O 26 38.97 23.44 67.13
C GLU O 26 38.67 24.56 68.17
N GLN O 27 37.61 25.37 67.87
CA GLN O 27 37.16 26.52 68.65
C GLN O 27 35.64 26.30 68.72
N SER O 28 35.07 26.81 69.78
CA SER O 28 33.73 26.62 70.20
C SER O 28 32.83 27.66 69.56
N GLU O 29 33.44 28.60 68.80
CA GLU O 29 32.72 29.55 67.99
C GLU O 29 32.51 29.10 66.66
N LEU O 30 31.57 29.67 65.95
CA LEU O 30 31.10 29.30 64.70
C LEU O 30 30.70 30.58 64.00
N PRO O 31 30.82 30.65 62.75
CA PRO O 31 30.23 31.77 62.00
C PRO O 31 28.88 31.47 61.51
N ALA O 32 28.07 32.55 61.17
CA ALA O 32 26.77 32.40 60.49
C ALA O 32 26.89 31.89 59.05
N ILE O 33 25.76 31.20 58.65
CA ILE O 33 25.68 30.58 57.36
C ILE O 33 25.76 31.70 56.28
N LEU O 34 26.45 31.44 55.17
CA LEU O 34 26.60 32.33 54.03
C LEU O 34 27.79 33.33 54.26
N ASN O 35 28.69 33.01 55.21
CA ASN O 35 29.96 33.68 55.56
C ASN O 35 31.10 33.10 54.68
N ALA O 36 32.38 33.56 54.83
CA ALA O 36 33.44 33.04 54.02
C ALA O 36 34.62 32.47 54.79
N LEU O 37 35.35 31.43 54.23
CA LEU O 37 36.47 30.75 54.86
C LEU O 37 37.49 30.60 53.86
N GLU O 38 38.78 30.63 54.33
CA GLU O 38 39.93 30.58 53.48
C GLU O 38 40.70 29.43 53.97
N ILE O 39 41.12 28.43 53.12
CA ILE O 39 41.87 27.28 53.37
C ILE O 39 43.22 27.73 52.89
N LYS O 40 44.19 27.60 53.84
CA LYS O 40 45.57 28.02 53.78
C LYS O 40 46.35 26.88 53.15
N THR O 41 46.41 26.79 51.80
CA THR O 41 47.03 25.72 51.02
C THR O 41 48.28 26.43 50.32
N PRO O 42 49.36 25.71 50.10
CA PRO O 42 50.55 26.26 49.48
C PRO O 42 50.47 26.41 47.96
N GLN O 43 49.25 26.35 47.39
CA GLN O 43 49.07 26.59 45.95
C GLN O 43 48.08 27.80 45.77
N GLY O 44 47.77 28.49 46.81
CA GLY O 44 47.04 29.73 46.77
C GLY O 44 46.08 29.69 47.92
N LYS O 45 44.77 29.84 47.60
CA LYS O 45 43.71 29.80 48.53
C LYS O 45 42.55 29.27 47.76
N LEU O 46 41.58 28.84 48.53
CA LEU O 46 40.29 28.51 48.24
C LEU O 46 39.45 29.44 49.06
N VAL O 47 38.44 30.01 48.38
CA VAL O 47 37.43 30.79 49.04
C VAL O 47 36.16 29.91 49.00
N LEU O 48 35.66 29.57 50.16
CA LEU O 48 34.52 28.72 50.38
C LEU O 48 33.42 29.49 51.22
N GLU O 49 32.10 29.08 51.14
CA GLU O 49 30.95 29.70 51.83
C GLU O 49 30.14 28.62 52.50
N VAL O 50 29.87 28.84 53.79
CA VAL O 50 29.16 27.96 54.68
C VAL O 50 27.74 27.78 54.21
N ALA O 51 27.28 26.50 54.22
CA ALA O 51 25.90 26.23 53.92
C ALA O 51 25.23 25.45 54.97
N GLN O 52 25.95 24.65 55.78
CA GLN O 52 25.22 23.88 56.83
C GLN O 52 26.04 24.04 58.12
N HIS O 53 25.26 23.92 59.27
CA HIS O 53 25.74 23.64 60.56
C HIS O 53 25.11 22.36 60.82
N LEU O 54 25.98 21.37 61.20
CA LEU O 54 25.63 19.95 61.42
C LEU O 54 25.72 19.73 62.97
N GLY O 55 26.69 20.43 63.60
CA GLY O 55 26.84 20.71 65.02
C GLY O 55 28.10 20.11 65.64
N GLU O 56 28.43 20.50 66.90
CA GLU O 56 29.69 20.17 67.58
C GLU O 56 30.93 20.88 67.01
N ASN O 57 30.68 21.85 66.19
CA ASN O 57 31.66 22.76 65.62
C ASN O 57 32.26 22.27 64.31
N THR O 58 31.40 21.57 63.53
CA THR O 58 31.70 21.02 62.27
C THR O 58 30.56 21.44 61.35
N VAL O 59 30.90 22.35 60.47
CA VAL O 59 30.22 22.79 59.32
C VAL O 59 30.56 22.03 58.05
N ARG O 60 29.72 22.31 56.97
CA ARG O 60 29.88 21.81 55.62
C ARG O 60 29.81 23.07 54.83
N THR O 61 30.84 23.23 53.90
CA THR O 61 30.97 24.49 53.18
C THR O 61 31.04 24.07 51.76
N ILE O 62 30.37 24.90 50.94
CA ILE O 62 30.41 24.70 49.55
C ILE O 62 31.75 25.26 49.03
N ALA O 63 32.40 24.61 48.06
CA ALA O 63 33.79 24.97 47.73
C ALA O 63 33.70 25.60 46.37
N MET O 64 34.27 26.77 46.08
CA MET O 64 34.10 27.51 44.90
C MET O 64 35.40 27.50 44.23
N ASP O 65 36.45 26.78 44.74
CA ASP O 65 37.75 26.80 44.12
C ASP O 65 38.20 25.43 44.19
N GLY O 66 39.08 25.09 43.24
CA GLY O 66 39.57 23.70 43.05
C GLY O 66 40.04 23.01 44.29
N THR O 67 39.65 21.74 44.34
CA THR O 67 39.50 20.95 45.58
C THR O 67 40.42 19.80 45.56
N GLU O 68 41.47 19.78 44.65
CA GLU O 68 42.51 18.75 44.71
C GLU O 68 43.68 19.28 45.35
N GLY O 69 44.29 18.50 46.27
CA GLY O 69 45.50 18.80 46.95
C GLY O 69 45.30 19.33 48.34
N LEU O 70 44.10 19.11 48.84
CA LEU O 70 43.71 19.47 50.15
C LEU O 70 44.17 18.41 51.10
N VAL O 71 45.06 18.79 52.07
CA VAL O 71 45.50 17.85 53.09
C VAL O 71 44.47 17.90 54.12
N ARG O 72 43.92 16.75 54.58
CA ARG O 72 43.14 16.70 55.70
C ARG O 72 44.01 16.89 56.95
N GLY O 73 43.73 18.00 57.73
CA GLY O 73 44.46 18.44 58.86
C GLY O 73 45.06 19.79 58.57
N GLU O 74 44.50 20.61 57.64
CA GLU O 74 45.17 21.85 57.11
C GLU O 74 44.32 22.98 57.55
N LYS O 75 45.07 24.08 57.93
CA LYS O 75 44.54 25.24 58.58
C LYS O 75 43.49 25.87 57.72
N VAL O 76 42.45 26.43 58.46
CA VAL O 76 41.35 27.18 57.89
C VAL O 76 41.38 28.41 58.73
N LEU O 77 40.88 29.52 58.22
CA LEU O 77 40.75 30.83 58.90
C LEU O 77 39.33 31.34 58.52
N ASP O 78 38.65 32.14 59.43
CA ASP O 78 37.35 32.64 59.26
C ASP O 78 37.52 34.06 58.89
N THR O 79 37.12 34.51 57.61
CA THR O 79 37.43 35.90 57.29
C THR O 79 36.35 36.84 57.65
N GLY O 80 35.16 36.23 57.70
CA GLY O 80 33.83 36.65 57.98
C GLY O 80 33.16 37.24 56.78
N GLY O 81 31.88 36.75 56.65
CA GLY O 81 30.85 37.29 55.71
C GLY O 81 31.08 36.93 54.24
N PRO O 82 30.11 37.11 53.32
CA PRO O 82 30.17 36.84 51.93
C PRO O 82 31.40 37.25 51.18
N ILE O 83 31.66 36.64 50.02
CA ILE O 83 32.67 36.98 49.05
C ILE O 83 32.25 38.27 48.44
N SER O 84 33.21 39.13 48.22
CA SER O 84 32.99 40.44 47.71
C SER O 84 33.60 40.64 46.29
N VAL O 85 32.64 41.01 45.36
CA VAL O 85 32.92 41.38 43.94
C VAL O 85 33.29 42.90 43.84
N PRO O 86 33.71 43.33 42.63
CA PRO O 86 34.02 44.74 42.45
C PRO O 86 32.97 45.37 41.53
N VAL O 87 32.46 46.57 41.91
CA VAL O 87 31.44 47.23 41.16
C VAL O 87 31.88 48.69 41.04
N GLY O 88 31.18 49.47 40.16
CA GLY O 88 31.52 50.81 39.80
C GLY O 88 31.53 51.04 38.30
N ARG O 89 31.98 52.26 37.90
CA ARG O 89 32.17 52.72 36.50
C ARG O 89 33.52 52.27 35.93
N GLU O 90 34.25 51.54 36.72
CA GLU O 90 35.66 51.20 36.42
C GLU O 90 35.78 49.70 36.30
N THR O 91 34.61 48.99 36.41
CA THR O 91 34.46 47.58 36.28
C THR O 91 33.88 47.36 34.91
N LEU O 92 33.96 48.46 34.08
CA LEU O 92 33.27 48.53 32.78
C LEU O 92 34.29 48.07 31.67
N GLY O 93 33.87 47.09 30.83
CA GLY O 93 34.77 46.46 29.85
C GLY O 93 35.57 45.29 30.35
N ARG O 94 35.36 45.02 31.64
CA ARG O 94 36.16 44.09 32.36
C ARG O 94 35.44 42.72 32.22
N ILE O 95 36.22 41.66 32.47
CA ILE O 95 35.69 40.34 32.65
C ILE O 95 35.93 39.86 34.07
N ILE O 96 34.98 39.21 34.73
CA ILE O 96 34.97 38.92 36.16
C ILE O 96 34.65 37.48 36.12
N ASN O 97 35.30 36.68 37.01
CA ASN O 97 35.18 35.18 37.12
C ASN O 97 34.09 34.88 38.11
N VAL O 98 34.33 34.84 39.46
CA VAL O 98 33.31 34.40 40.45
C VAL O 98 33.79 34.85 41.77
N ILE O 99 34.98 35.39 41.80
CA ILE O 99 35.78 35.73 42.99
C ILE O 99 36.30 37.15 42.93
N GLY O 100 35.90 37.91 41.90
CA GLY O 100 36.24 39.29 41.68
C GLY O 100 37.56 39.44 40.87
N GLU O 101 37.89 38.34 40.19
CA GLU O 101 39.19 38.16 39.66
C GLU O 101 38.95 38.29 38.19
N PRO O 102 39.76 38.86 37.36
CA PRO O 102 39.57 38.88 35.87
C PRO O 102 40.17 37.66 35.24
N ILE O 103 39.60 37.33 34.05
CA ILE O 103 40.12 36.24 33.20
C ILE O 103 40.72 36.79 31.93
N ASP O 104 40.78 38.15 31.73
CA ASP O 104 41.53 38.71 30.63
C ASP O 104 42.66 39.54 31.12
N GLU O 105 42.84 39.61 32.44
CA GLU O 105 44.01 40.26 33.01
C GLU O 105 44.01 41.74 32.77
N ARG O 106 45.20 42.38 32.59
CA ARG O 106 45.41 43.81 32.26
C ARG O 106 45.66 44.45 33.52
N GLY O 107 45.97 43.68 34.66
CA GLY O 107 46.11 44.10 36.03
C GLY O 107 44.73 43.81 36.60
N PRO O 108 44.29 44.39 37.72
CA PRO O 108 43.08 43.97 38.45
C PRO O 108 41.95 44.84 37.93
N ILE O 109 40.71 44.59 38.56
CA ILE O 109 39.49 45.37 38.29
C ILE O 109 39.66 46.49 39.27
N LYS O 110 39.44 47.71 38.77
CA LYS O 110 39.50 48.98 39.47
C LYS O 110 38.12 49.17 39.93
N SER O 111 37.92 49.56 41.16
CA SER O 111 36.62 49.52 41.80
C SER O 111 36.59 50.49 42.89
N LYS O 112 35.36 50.78 43.50
CA LYS O 112 35.24 51.71 44.55
C LYS O 112 34.62 50.96 45.66
N LEU O 113 33.58 50.18 45.32
CA LEU O 113 32.65 49.49 46.24
C LEU O 113 32.88 48.07 46.01
N ARG O 114 32.96 47.24 47.04
CA ARG O 114 32.90 45.81 46.98
C ARG O 114 31.75 45.48 47.84
N LYS O 115 30.79 44.69 47.25
CA LYS O 115 29.47 44.51 47.78
C LYS O 115 29.32 43.00 48.03
N PRO O 116 28.58 42.46 48.97
CA PRO O 116 28.44 41.04 49.22
C PRO O 116 27.69 40.50 48.12
N ILE O 117 27.95 39.19 47.65
CA ILE O 117 27.26 38.58 46.62
C ILE O 117 25.98 38.03 47.13
N HIS O 118 25.82 37.89 48.49
CA HIS O 118 24.55 37.40 49.06
C HIS O 118 23.86 38.67 49.51
N ALA O 119 22.66 38.94 48.94
CA ALA O 119 21.88 40.21 49.08
C ALA O 119 20.48 39.81 49.10
N ASP O 120 19.65 40.86 49.47
CA ASP O 120 18.23 40.88 49.64
C ASP O 120 17.66 41.36 48.28
N PRO O 121 16.52 40.87 47.80
CA PRO O 121 15.89 41.26 46.63
C PRO O 121 14.82 42.31 46.92
N PRO O 122 14.75 43.36 46.12
CA PRO O 122 13.81 44.47 46.28
C PRO O 122 12.32 44.09 46.38
N SER O 123 11.55 44.80 47.18
CA SER O 123 10.31 44.23 47.59
C SER O 123 9.22 44.50 46.54
N PHE O 124 8.04 44.07 46.88
CA PHE O 124 6.79 44.19 46.09
C PHE O 124 6.36 45.57 45.84
N ALA O 125 6.56 46.45 46.77
CA ALA O 125 6.21 47.84 46.62
C ALA O 125 7.11 48.55 45.61
N GLU O 126 8.27 47.96 45.39
CA GLU O 126 9.40 48.40 44.66
C GLU O 126 9.62 47.68 43.36
N GLN O 127 8.63 46.87 42.83
CA GLN O 127 8.81 46.09 41.63
C GLN O 127 7.42 45.87 41.03
N SER O 128 7.25 46.30 39.75
CA SER O 128 6.08 46.15 38.95
C SER O 128 6.59 45.99 37.57
N THR O 129 5.97 45.11 36.82
CA THR O 129 6.39 44.69 35.45
C THR O 129 5.91 45.72 34.54
N SER O 130 6.58 45.87 33.36
CA SER O 130 6.27 46.87 32.36
C SER O 130 6.38 46.34 31.02
N ALA O 131 6.04 47.17 30.00
CA ALA O 131 6.11 46.77 28.61
C ALA O 131 5.80 48.03 27.93
N GLU O 132 6.82 48.52 27.11
CA GLU O 132 6.83 49.88 26.54
C GLU O 132 7.33 49.80 25.08
N ILE O 133 7.54 48.58 24.56
CA ILE O 133 7.76 48.31 23.15
C ILE O 133 9.05 48.78 22.59
N LEU O 134 10.04 47.83 22.53
CA LEU O 134 11.29 47.89 21.83
C LEU O 134 10.96 47.12 20.59
N GLU O 135 11.85 47.34 19.64
CA GLU O 135 11.83 46.86 18.30
C GLU O 135 12.99 45.90 18.22
N THR O 136 12.72 44.81 17.48
CA THR O 136 13.71 43.84 17.25
C THR O 136 13.73 43.82 15.73
N GLY O 137 14.90 43.67 15.13
CA GLY O 137 15.01 43.80 13.71
C GLY O 137 14.59 42.47 13.12
N ILE O 138 14.21 41.51 13.96
CA ILE O 138 13.87 40.08 13.79
C ILE O 138 12.32 40.08 13.76
N LYS O 139 11.78 39.74 12.52
CA LYS O 139 10.32 39.72 12.32
C LYS O 139 9.52 38.78 13.17
N VAL O 140 10.04 37.54 13.37
CA VAL O 140 9.35 36.41 13.99
C VAL O 140 9.06 36.76 15.48
N VAL O 141 9.99 37.40 16.21
CA VAL O 141 9.75 37.88 17.52
C VAL O 141 8.67 38.87 17.57
N ASP O 142 8.59 39.89 16.60
CA ASP O 142 7.67 41.00 16.64
C ASP O 142 6.30 40.49 16.54
N LEU O 143 6.08 39.52 15.61
CA LEU O 143 4.79 39.00 15.32
C LEU O 143 4.17 38.22 16.51
N LEU O 144 5.01 37.33 17.03
CA LEU O 144 4.47 36.30 17.90
C LEU O 144 4.58 36.58 19.35
N ALA O 145 5.55 37.38 19.71
CA ALA O 145 5.84 37.62 21.13
C ALA O 145 6.63 38.88 21.34
N PRO O 146 6.10 40.04 20.95
CA PRO O 146 6.81 41.31 20.83
C PRO O 146 7.47 41.70 22.19
N TYR O 147 8.77 42.02 22.13
CA TYR O 147 9.64 42.40 23.20
C TYR O 147 9.33 43.79 23.66
N ALA O 148 9.60 44.03 24.94
CA ALA O 148 9.28 45.35 25.42
C ALA O 148 10.07 45.61 26.68
N ARG O 149 10.15 46.89 27.12
CA ARG O 149 11.04 47.37 28.14
C ARG O 149 10.35 47.06 29.45
N GLY O 150 11.10 46.30 30.22
CA GLY O 150 10.61 45.84 31.42
C GLY O 150 10.32 44.37 31.31
N GLY O 151 10.10 43.94 30.04
CA GLY O 151 9.71 42.63 29.70
C GLY O 151 10.65 41.58 30.10
N LYS O 152 10.14 40.35 30.30
CA LYS O 152 10.93 39.26 30.78
C LYS O 152 10.79 38.28 29.64
N ILE O 153 11.97 38.01 29.02
CA ILE O 153 11.98 37.15 27.82
C ILE O 153 12.65 35.85 28.23
N GLY O 154 12.25 34.73 27.55
CA GLY O 154 12.84 33.49 27.83
C GLY O 154 12.95 32.64 26.53
N LEU O 155 14.05 31.85 26.40
CA LEU O 155 14.35 31.03 25.30
C LEU O 155 14.44 29.75 25.96
N PHE O 156 14.14 28.72 25.13
CA PHE O 156 14.10 27.36 25.63
C PHE O 156 14.75 26.52 24.48
N GLY O 157 14.56 25.16 24.62
CA GLY O 157 15.17 24.07 23.78
C GLY O 157 16.61 24.06 23.83
N GLY O 158 17.23 23.33 22.97
CA GLY O 158 18.66 23.13 23.03
C GLY O 158 19.57 24.36 22.81
N ALA O 159 20.86 24.20 23.12
CA ALA O 159 21.94 25.15 22.94
C ALA O 159 22.96 24.62 21.99
N GLY O 160 23.51 25.52 21.13
CA GLY O 160 24.48 25.30 20.10
C GLY O 160 23.82 24.99 18.83
N VAL O 161 22.51 25.35 18.71
CA VAL O 161 21.58 25.01 17.60
C VAL O 161 21.35 26.36 16.89
N GLY O 162 22.01 27.48 17.38
CA GLY O 162 21.67 28.80 16.94
C GLY O 162 21.44 29.76 18.07
N LYS O 163 21.49 29.28 19.31
CA LYS O 163 21.37 30.16 20.48
C LYS O 163 22.09 31.42 20.48
N THR O 164 23.43 31.27 20.29
CA THR O 164 24.43 32.31 20.41
C THR O 164 24.15 33.32 19.33
N VAL O 165 23.78 32.83 18.13
CA VAL O 165 23.53 33.75 17.04
C VAL O 165 22.41 34.80 17.26
N PHE O 166 21.36 34.26 17.93
CA PHE O 166 20.19 34.96 18.31
C PHE O 166 20.41 36.02 19.40
N ILE O 167 21.22 35.70 20.50
CA ILE O 167 21.54 36.67 21.56
C ILE O 167 22.32 37.80 20.98
N GLN O 168 23.33 37.58 20.07
CA GLN O 168 24.10 38.54 19.44
C GLN O 168 23.28 39.52 18.59
N GLU O 169 22.23 39.02 17.87
CA GLU O 169 21.29 39.86 17.10
C GLU O 169 20.57 40.82 17.99
N LEU O 170 20.11 40.40 19.21
CA LEU O 170 19.53 41.24 20.18
C LEU O 170 20.47 42.36 20.68
N ILE O 171 21.81 42.02 20.92
CA ILE O 171 22.83 42.93 21.40
C ILE O 171 23.03 43.96 20.35
N ASN O 172 23.02 43.48 19.02
CA ASN O 172 23.24 44.28 17.85
C ASN O 172 22.30 45.38 17.62
N ASN O 173 20.97 45.13 17.77
CA ASN O 173 19.99 46.18 17.57
C ASN O 173 19.75 46.93 18.90
N ILE O 174 19.08 46.29 19.96
CA ILE O 174 18.54 46.96 21.16
C ILE O 174 19.70 47.46 22.05
N ALA O 175 20.89 46.78 22.22
CA ALA O 175 21.88 47.16 23.24
C ALA O 175 22.95 48.11 22.83
N LYS O 176 23.02 48.59 21.51
CA LYS O 176 23.83 49.50 20.87
C LYS O 176 22.99 50.77 20.63
N ALA O 177 21.65 50.70 20.93
CA ALA O 177 20.74 51.75 21.02
C ALA O 177 20.15 51.96 22.35
N HIS O 178 20.73 51.27 23.29
CA HIS O 178 20.52 51.50 24.70
C HIS O 178 21.55 52.41 25.27
N GLY O 179 21.14 53.44 26.01
CA GLY O 179 21.99 54.54 26.46
C GLY O 179 22.43 54.25 27.88
N GLY O 180 21.90 53.29 28.60
CA GLY O 180 22.35 52.83 29.84
C GLY O 180 23.49 51.92 29.68
N PHE O 181 23.97 51.19 30.66
CA PHE O 181 25.01 50.09 30.62
C PHE O 181 24.24 48.91 30.23
N SER O 182 25.04 47.86 29.85
CA SER O 182 24.39 46.62 29.50
C SER O 182 25.30 45.57 30.05
N VAL O 183 24.70 44.44 30.54
CA VAL O 183 25.42 43.46 31.28
C VAL O 183 25.24 42.20 30.59
N PHE O 184 26.29 41.35 30.32
CA PHE O 184 26.25 40.05 29.71
C PHE O 184 26.75 39.19 30.83
N THR O 185 26.06 38.10 31.11
CA THR O 185 26.48 37.23 32.22
C THR O 185 26.21 35.93 31.55
N GLY O 186 27.25 35.06 31.38
CA GLY O 186 26.91 33.75 30.83
C GLY O 186 27.42 32.79 31.86
N VAL O 187 26.48 32.11 32.53
CA VAL O 187 26.87 31.30 33.70
C VAL O 187 27.40 29.96 33.23
N GLY O 188 28.72 29.80 33.36
CA GLY O 188 29.41 28.61 32.90
C GLY O 188 29.38 28.47 31.40
N GLU O 189 29.52 29.57 30.66
CA GLU O 189 29.57 29.57 29.24
C GLU O 189 30.78 28.97 28.61
N ARG O 190 30.77 28.45 27.38
CA ARG O 190 31.87 27.77 26.73
C ARG O 190 32.80 28.67 26.12
N THR O 191 33.94 28.66 26.81
CA THR O 191 35.02 29.67 26.84
C THR O 191 35.48 30.07 25.46
N ARG O 192 35.46 29.19 24.40
CA ARG O 192 35.75 29.54 22.99
C ARG O 192 34.95 30.73 22.50
N GLU O 193 33.60 30.67 22.64
CA GLU O 193 32.55 31.55 22.23
C GLU O 193 32.72 32.82 22.96
N GLY O 194 33.25 32.67 24.23
CA GLY O 194 33.50 33.81 25.08
C GLY O 194 34.57 34.73 24.49
N ASN O 195 35.67 34.07 24.04
CA ASN O 195 36.79 34.77 23.45
C ASN O 195 36.45 35.50 22.26
N ASP O 196 35.51 34.85 21.46
CA ASP O 196 34.97 35.41 20.17
C ASP O 196 34.12 36.65 20.45
N LEU O 197 33.24 36.52 21.46
CA LEU O 197 32.40 37.62 21.86
C LEU O 197 33.25 38.85 22.37
N TYR O 198 34.27 38.65 23.27
CA TYR O 198 35.06 39.73 23.79
C TYR O 198 35.70 40.54 22.73
N ARG O 199 36.38 39.91 21.78
CA ARG O 199 37.01 40.58 20.68
C ARG O 199 36.12 41.45 19.78
N GLU O 200 35.00 40.85 19.26
CA GLU O 200 34.10 41.44 18.38
C GLU O 200 33.43 42.68 18.97
N MET O 201 33.00 42.64 20.27
CA MET O 201 32.47 43.73 21.02
C MET O 201 33.43 44.95 21.17
N LYS O 202 34.70 44.65 21.53
CA LYS O 202 35.77 45.62 21.55
C LYS O 202 36.11 46.24 20.21
N GLU O 203 36.13 45.47 19.12
CA GLU O 203 36.18 45.99 17.78
C GLU O 203 35.06 46.93 17.28
N THR O 204 33.81 46.61 17.69
CA THR O 204 32.58 47.27 17.24
C THR O 204 32.29 48.30 18.35
N GLY O 205 33.28 48.59 19.24
CA GLY O 205 33.49 49.69 19.99
C GLY O 205 32.80 49.81 21.35
N VAL O 206 32.15 48.71 21.81
CA VAL O 206 31.20 48.89 22.85
C VAL O 206 31.88 48.49 24.14
N ILE O 207 33.15 48.00 24.02
CA ILE O 207 34.12 47.92 25.05
C ILE O 207 35.28 48.78 24.41
N ASN O 208 35.95 49.57 25.36
CA ASN O 208 37.14 50.31 25.00
C ASN O 208 37.95 50.33 26.22
N LEU O 209 39.14 49.72 26.01
CA LEU O 209 40.16 49.57 27.09
C LEU O 209 39.52 48.95 28.41
N GLU O 210 40.08 49.39 29.56
CA GLU O 210 39.44 49.10 30.82
C GLU O 210 38.47 50.17 31.29
N GLY O 211 38.42 51.23 30.53
CA GLY O 211 37.75 52.53 30.83
C GLY O 211 36.29 52.41 30.52
N GLU O 212 35.57 53.49 30.46
CA GLU O 212 34.10 53.59 30.15
C GLU O 212 33.68 52.89 28.86
N SER O 213 32.42 52.35 28.92
CA SER O 213 31.94 51.33 28.04
C SER O 213 30.38 51.45 28.01
N LYS O 214 29.84 50.89 26.90
CA LYS O 214 28.44 50.60 26.92
C LYS O 214 28.23 49.14 27.14
N VAL O 215 29.28 48.29 27.12
CA VAL O 215 29.14 46.86 27.42
C VAL O 215 30.19 46.46 28.43
N ALA O 216 29.76 45.69 29.40
CA ALA O 216 30.57 45.08 30.43
C ALA O 216 30.23 43.59 30.28
N LEU O 217 31.12 42.68 30.81
CA LEU O 217 31.01 41.25 30.61
C LEU O 217 31.33 40.55 31.87
N VAL O 218 30.74 39.35 32.13
CA VAL O 218 30.98 38.43 33.22
C VAL O 218 30.83 37.07 32.53
N PHE O 219 31.84 36.18 32.80
CA PHE O 219 31.85 34.81 32.31
C PHE O 219 32.20 33.91 33.39
N GLY O 220 31.38 32.83 33.49
CA GLY O 220 31.71 31.71 34.26
C GLY O 220 32.51 30.90 33.33
N GLN O 221 33.43 30.19 33.97
CA GLN O 221 34.24 29.13 33.43
C GLN O 221 33.57 27.89 33.88
N MET O 222 33.35 26.85 32.98
CA MET O 222 32.57 25.69 33.33
C MET O 222 33.42 24.48 33.60
N ASN O 223 34.76 24.71 33.55
CA ASN O 223 35.77 23.75 33.92
C ASN O 223 36.04 23.86 35.42
N GLU O 224 35.39 24.78 36.12
CA GLU O 224 35.53 24.86 37.53
C GLU O 224 34.59 23.91 38.27
N PRO O 225 34.76 23.66 39.56
CA PRO O 225 33.97 22.78 40.37
C PRO O 225 32.51 23.21 40.49
N PRO O 226 31.50 22.29 40.72
CA PRO O 226 30.10 22.56 40.88
C PRO O 226 29.75 23.75 41.71
N GLY O 227 30.43 23.93 42.83
CA GLY O 227 30.01 25.07 43.69
C GLY O 227 30.29 26.35 43.02
N ALA O 228 31.42 26.58 42.29
CA ALA O 228 31.79 27.81 41.65
C ALA O 228 30.74 28.20 40.59
N ARG O 229 30.16 27.19 39.82
CA ARG O 229 29.24 27.33 38.74
C ARG O 229 27.94 27.88 39.23
N ALA O 230 27.52 27.36 40.40
CA ALA O 230 26.35 27.87 41.09
C ALA O 230 26.42 29.33 41.41
N ARG O 231 27.57 29.82 41.80
CA ARG O 231 27.62 31.18 42.34
C ARG O 231 28.23 32.04 41.31
N VAL O 232 28.36 31.63 40.00
CA VAL O 232 28.68 32.58 38.93
C VAL O 232 27.48 33.51 38.78
N ALA O 233 26.31 32.88 38.87
CA ALA O 233 24.97 33.40 38.75
C ALA O 233 24.78 34.41 39.78
N LEU O 234 25.21 34.17 40.99
CA LEU O 234 25.17 35.11 42.06
C LEU O 234 26.05 36.35 41.89
N THR O 235 27.22 36.13 41.24
CA THR O 235 28.17 37.20 41.01
C THR O 235 27.64 38.24 40.04
N GLY O 236 27.09 37.73 38.90
CA GLY O 236 26.62 38.53 37.86
C GLY O 236 25.43 39.38 38.24
N LEU O 237 24.47 38.93 39.07
CA LEU O 237 23.34 39.56 39.65
C LEU O 237 23.81 40.77 40.49
N THR O 238 24.94 40.66 41.27
CA THR O 238 25.48 41.74 42.12
C THR O 238 25.83 42.97 41.32
N ILE O 239 26.52 42.76 40.13
CA ILE O 239 26.87 43.80 39.25
C ILE O 239 25.57 44.52 38.72
N ALA O 240 24.53 43.77 38.35
CA ALA O 240 23.34 44.31 37.76
C ALA O 240 22.55 45.16 38.74
N GLU O 241 22.57 44.71 40.01
CA GLU O 241 21.90 45.33 41.15
C GLU O 241 22.41 46.69 41.37
N TYR O 242 23.77 46.79 41.27
CA TYR O 242 24.45 48.04 41.46
C TYR O 242 24.06 49.06 40.46
N PHE O 243 24.07 48.76 39.17
CA PHE O 243 23.73 49.75 38.19
C PHE O 243 22.23 50.18 38.33
N ARG O 244 21.33 49.23 38.46
CA ARG O 244 19.87 49.35 38.43
C ARG O 244 19.33 50.07 39.65
N ASP O 245 19.95 49.79 40.78
CA ASP O 245 19.41 50.01 42.08
C ASP O 245 20.10 51.20 42.58
N GLU O 246 21.34 51.17 43.04
CA GLU O 246 22.02 52.27 43.68
C GLU O 246 22.07 53.50 42.85
N GLU O 247 22.70 53.40 41.63
CA GLU O 247 22.72 54.46 40.73
C GLU O 247 21.40 54.94 40.18
N GLY O 248 20.53 53.92 39.81
CA GLY O 248 19.23 54.13 39.38
C GLY O 248 19.15 54.26 37.90
N GLN O 249 20.24 53.86 37.12
CA GLN O 249 20.40 53.94 35.67
C GLN O 249 19.85 52.69 35.12
N ASP O 250 19.38 52.74 33.90
CA ASP O 250 18.79 51.65 33.18
C ASP O 250 19.90 50.68 32.67
N VAL O 251 19.45 49.39 32.48
CA VAL O 251 20.35 48.28 32.20
C VAL O 251 19.69 47.32 31.16
N LEU O 252 20.39 46.22 30.83
CA LEU O 252 19.83 45.09 30.10
C LEU O 252 20.60 43.92 30.67
N LEU O 253 20.16 42.66 30.38
CA LEU O 253 20.81 41.52 30.86
C LEU O 253 20.48 40.36 29.95
N PHE O 254 21.56 39.54 29.64
CA PHE O 254 21.44 38.47 28.60
C PHE O 254 22.14 37.32 29.34
N ILE O 255 21.57 36.05 29.22
CA ILE O 255 22.11 34.94 29.99
C ILE O 255 21.95 33.74 29.00
N ASP O 256 23.09 32.88 28.91
CA ASP O 256 23.16 31.70 28.10
C ASP O 256 24.14 30.79 28.84
N ASN O 257 23.76 29.93 29.84
CA ASN O 257 22.44 29.40 30.06
C ASN O 257 22.36 29.54 31.49
N ILE O 258 21.11 29.63 31.95
CA ILE O 258 20.74 29.67 33.35
C ILE O 258 20.34 28.36 33.82
N PHE O 259 20.31 27.38 32.88
CA PHE O 259 20.03 25.97 33.21
C PHE O 259 21.15 25.47 34.02
N ARG O 260 22.37 25.94 33.55
CA ARG O 260 23.59 25.65 34.27
C ARG O 260 23.54 25.91 35.77
N PHE O 261 22.79 26.98 36.15
CA PHE O 261 22.69 27.33 37.57
C PHE O 261 21.94 26.32 38.44
N THR O 262 20.83 25.85 37.80
CA THR O 262 19.92 24.93 38.39
C THR O 262 20.61 23.54 38.49
N GLN O 263 21.25 23.22 37.34
CA GLN O 263 21.98 21.98 37.06
C GLN O 263 23.03 21.72 38.15
N ALA O 264 23.84 22.80 38.50
CA ALA O 264 24.92 22.79 39.51
C ALA O 264 24.32 22.42 40.78
N GLY O 265 23.13 22.98 41.14
CA GLY O 265 22.39 22.80 42.43
C GLY O 265 22.05 21.30 42.74
N SER O 266 21.66 20.58 41.67
CA SER O 266 21.28 19.18 41.81
C SER O 266 22.39 18.30 42.20
N GLU O 267 23.64 18.61 41.69
CA GLU O 267 24.83 17.91 41.99
C GLU O 267 25.26 18.03 43.45
N VAL O 268 25.19 19.30 44.05
CA VAL O 268 25.62 19.66 45.34
C VAL O 268 24.67 19.23 46.41
N SER O 269 23.40 18.99 46.01
CA SER O 269 22.24 18.59 46.84
C SER O 269 22.51 17.28 47.63
N ALA O 270 23.06 16.30 46.85
CA ALA O 270 23.46 15.04 47.29
C ALA O 270 24.51 15.02 48.34
N LEU O 271 25.53 15.83 48.13
CA LEU O 271 26.63 16.07 49.03
C LEU O 271 26.33 16.78 50.33
N LEU O 272 25.38 17.75 50.35
CA LEU O 272 25.03 18.63 51.52
C LEU O 272 24.35 17.87 52.63
N GLY O 273 23.53 16.91 52.34
CA GLY O 273 22.80 16.21 53.39
C GLY O 273 21.34 16.01 52.94
N ARG O 274 20.90 16.64 51.82
CA ARG O 274 19.61 16.52 51.33
C ARG O 274 19.46 15.23 50.47
N ILE O 275 18.17 14.81 50.35
CA ILE O 275 17.81 13.85 49.36
C ILE O 275 17.51 14.65 48.08
N PRO O 276 18.13 14.23 46.96
CA PRO O 276 17.78 14.88 45.72
C PRO O 276 16.46 14.37 45.20
N SER O 277 15.51 15.26 44.92
CA SER O 277 14.18 15.10 44.23
C SER O 277 14.40 14.39 42.97
N ALA O 278 13.35 13.72 42.55
CA ALA O 278 13.46 12.59 41.65
C ALA O 278 13.80 13.02 40.19
N VAL O 279 14.46 12.07 39.51
CA VAL O 279 15.08 12.09 38.18
C VAL O 279 16.12 13.20 38.12
N GLY O 280 16.89 13.43 39.18
CA GLY O 280 18.10 14.25 39.12
C GLY O 280 17.98 15.75 39.06
N TYR O 281 17.25 16.21 40.15
CA TYR O 281 17.04 17.62 40.43
C TYR O 281 17.17 17.87 41.91
N GLN O 282 16.83 19.05 42.37
CA GLN O 282 17.05 19.41 43.78
C GLN O 282 15.61 19.59 44.38
N PRO O 283 15.34 19.44 45.65
CA PRO O 283 14.03 19.73 46.17
C PRO O 283 13.92 21.15 46.50
N THR O 284 15.06 21.92 46.49
CA THR O 284 15.10 23.36 46.79
C THR O 284 15.11 24.01 45.41
N LEU O 285 14.43 23.44 44.46
CA LEU O 285 14.42 23.88 43.05
C LEU O 285 13.67 25.23 42.91
N ALA O 286 12.47 25.33 43.54
CA ALA O 286 11.64 26.49 43.44
C ALA O 286 12.23 27.74 44.08
N THR O 287 12.76 27.51 45.25
CA THR O 287 13.32 28.53 46.10
C THR O 287 14.46 29.26 45.48
N ASP O 288 15.47 28.56 44.85
CA ASP O 288 16.64 29.15 44.29
C ASP O 288 16.27 29.88 43.04
N MET O 289 15.37 29.25 42.23
CA MET O 289 14.97 29.77 40.95
C MET O 289 14.27 31.12 41.07
N GLY O 290 13.40 31.37 42.11
CA GLY O 290 12.68 32.55 42.38
C GLY O 290 13.59 33.64 42.77
N LEU O 291 14.55 33.35 43.63
CA LEU O 291 15.41 34.30 44.25
C LEU O 291 16.28 34.90 43.26
N LEU O 292 16.83 34.14 42.31
CA LEU O 292 17.73 34.66 41.23
C LEU O 292 16.85 35.58 40.31
N GLN O 293 15.60 35.20 39.89
CA GLN O 293 14.83 36.00 38.93
C GLN O 293 14.12 37.19 39.54
N GLU O 294 14.25 37.37 40.89
CA GLU O 294 13.60 38.44 41.64
C GLU O 294 14.62 39.60 41.87
N ARG O 295 15.97 39.42 41.46
CA ARG O 295 17.06 40.30 41.86
C ARG O 295 17.48 41.09 40.68
N ILE O 296 16.79 40.76 39.52
CA ILE O 296 17.10 41.42 38.35
C ILE O 296 15.89 41.96 37.66
N THR O 297 14.67 41.53 38.06
CA THR O 297 13.39 41.92 37.43
C THR O 297 13.21 43.37 37.83
N THR O 298 12.44 44.12 36.95
CA THR O 298 12.04 45.54 36.98
C THR O 298 11.69 46.05 38.35
N THR O 299 12.55 46.97 38.88
CA THR O 299 12.32 47.68 40.09
C THR O 299 11.63 49.04 39.75
N LYS O 300 11.91 50.16 40.55
CA LYS O 300 11.30 51.44 40.45
C LYS O 300 12.41 52.46 40.47
N LYS O 301 13.64 51.99 40.91
CA LYS O 301 14.85 52.67 40.94
C LYS O 301 15.47 52.54 39.59
N GLY O 302 15.20 51.40 38.89
CA GLY O 302 15.55 51.25 37.43
C GLY O 302 14.60 50.29 36.88
N SER O 303 14.72 50.09 35.54
CA SER O 303 13.83 49.20 34.79
C SER O 303 14.78 48.48 33.81
N VAL O 304 14.87 47.10 33.89
CA VAL O 304 15.94 46.25 33.25
C VAL O 304 15.19 45.15 32.46
N THR O 305 15.43 45.05 31.12
CA THR O 305 14.81 44.04 30.26
C THR O 305 15.78 42.86 30.29
N SER O 306 15.27 41.58 30.56
CA SER O 306 16.23 40.53 30.81
C SER O 306 15.72 39.52 29.85
N VAL O 307 16.68 38.82 29.29
CA VAL O 307 16.52 37.85 28.30
C VAL O 307 17.30 36.67 28.95
N GLN O 308 16.64 35.52 29.04
CA GLN O 308 17.18 34.38 29.71
C GLN O 308 17.13 33.24 28.77
N ALA O 309 18.25 32.44 28.74
CA ALA O 309 18.22 31.31 27.82
C ALA O 309 18.43 30.10 28.68
N VAL O 310 17.60 29.06 28.47
CA VAL O 310 17.44 27.84 29.24
C VAL O 310 17.79 26.77 28.28
N TYR O 311 18.89 26.06 28.54
CA TYR O 311 19.21 24.82 27.95
C TYR O 311 18.32 23.68 28.38
N VAL O 312 17.66 23.00 27.42
CA VAL O 312 16.71 21.93 27.80
C VAL O 312 17.35 20.64 27.27
N PRO O 313 17.49 19.59 28.09
CA PRO O 313 18.26 18.38 27.84
C PRO O 313 17.30 17.40 27.09
N ALA O 314 16.31 17.86 26.27
CA ALA O 314 15.41 16.92 25.60
C ALA O 314 14.45 17.76 24.86
N ASP O 315 14.56 19.12 25.02
CA ASP O 315 13.66 20.11 24.40
C ASP O 315 12.16 20.00 24.89
N ASP O 316 11.96 19.38 26.05
CA ASP O 316 10.69 19.19 26.61
C ASP O 316 10.56 20.05 27.85
N LEU O 317 9.42 20.82 27.97
CA LEU O 317 9.23 21.81 29.02
C LEU O 317 8.57 21.24 30.22
N THR O 318 8.16 19.92 30.12
CA THR O 318 7.64 19.12 31.14
C THR O 318 8.71 18.82 32.13
N ASP O 319 9.94 19.07 31.69
CA ASP O 319 11.07 19.03 32.59
C ASP O 319 10.93 20.23 33.64
N PRO O 320 11.06 19.99 34.94
CA PRO O 320 10.69 20.92 35.96
C PRO O 320 11.53 22.10 35.99
N ALA O 321 12.80 22.02 35.66
CA ALA O 321 13.67 23.19 35.61
C ALA O 321 13.26 24.29 34.64
N PRO O 322 12.88 23.96 33.40
CA PRO O 322 12.27 24.84 32.39
C PRO O 322 10.83 25.22 32.81
N ALA O 323 10.13 24.27 33.42
CA ALA O 323 8.79 24.60 33.78
C ALA O 323 8.49 25.77 34.73
N THR O 324 9.26 25.96 35.80
CA THR O 324 9.20 27.01 36.85
C THR O 324 9.86 28.23 36.30
N THR O 325 10.69 28.17 35.23
CA THR O 325 11.20 29.34 34.56
C THR O 325 10.15 30.04 33.76
N PHE O 326 9.32 29.20 33.07
CA PHE O 326 8.31 29.63 32.12
C PHE O 326 7.23 30.51 32.86
N ALA O 327 7.01 30.15 34.18
CA ALA O 327 6.13 30.85 35.12
C ALA O 327 6.53 32.28 35.33
N HIS O 328 7.86 32.60 35.37
CA HIS O 328 8.40 33.92 35.70
C HIS O 328 8.78 34.67 34.48
N LEU O 329 7.96 34.78 33.44
CA LEU O 329 8.24 35.51 32.35
C LEU O 329 6.91 36.01 31.89
N ASP O 330 6.95 37.10 31.19
CA ASP O 330 5.76 37.64 30.56
C ASP O 330 5.58 37.29 29.10
N ALA O 331 6.74 37.11 28.42
CA ALA O 331 6.81 36.65 27.04
C ALA O 331 7.77 35.57 26.93
N THR O 332 7.47 34.62 26.02
CA THR O 332 8.31 33.52 25.76
C THR O 332 8.46 33.34 24.26
N THR O 333 9.60 32.73 23.86
CA THR O 333 9.87 32.46 22.50
C THR O 333 10.56 31.17 22.50
N VAL O 334 9.83 29.99 22.73
CA VAL O 334 10.42 28.71 22.86
C VAL O 334 11.06 28.43 21.56
N LEU O 335 12.33 28.04 21.54
CA LEU O 335 13.23 27.85 20.40
C LEU O 335 13.59 26.40 20.46
N SER O 336 13.66 25.68 19.30
CA SER O 336 13.73 24.22 19.28
C SER O 336 14.61 23.74 18.20
N ARG O 337 15.29 22.63 18.47
CA ARG O 337 16.41 22.05 17.74
C ARG O 337 15.97 21.59 16.34
N GLY O 338 14.75 20.96 16.30
CA GLY O 338 14.05 20.36 15.17
C GLY O 338 13.85 21.55 14.18
N ILE O 339 13.41 22.70 14.69
CA ILE O 339 13.17 23.86 13.90
C ILE O 339 14.48 24.38 13.23
N SER O 340 15.67 24.24 13.82
CA SER O 340 16.99 24.56 13.30
C SER O 340 17.48 23.66 12.15
N GLU O 341 17.24 22.33 12.33
CA GLU O 341 17.68 21.25 11.47
C GLU O 341 16.89 21.28 10.16
N LEU O 342 15.58 21.82 10.28
CA LEU O 342 14.70 22.20 9.20
C LEU O 342 15.14 23.52 8.49
N GLY O 343 16.25 24.12 8.97
CA GLY O 343 16.86 25.26 8.38
C GLY O 343 16.04 26.49 8.52
N ILE O 344 15.36 26.68 9.66
CA ILE O 344 14.54 27.81 9.90
C ILE O 344 15.37 28.57 10.83
N TYR O 345 15.77 29.73 10.40
CA TYR O 345 16.36 30.68 11.27
C TYR O 345 15.58 31.96 11.08
N PRO O 346 15.04 32.67 12.08
CA PRO O 346 15.10 32.38 13.51
C PRO O 346 14.55 31.03 13.84
N ALA O 347 15.13 30.42 14.94
CA ALA O 347 14.90 29.04 15.25
C ALA O 347 13.73 28.91 16.22
N VAL O 348 12.99 29.97 16.51
CA VAL O 348 11.80 30.08 17.30
C VAL O 348 10.56 29.38 16.79
N ASP O 349 9.89 28.58 17.67
CA ASP O 349 8.57 27.97 17.31
C ASP O 349 7.53 28.96 17.02
N PRO O 350 6.66 28.71 16.04
CA PRO O 350 5.63 29.73 15.77
C PRO O 350 4.40 29.30 16.45
N LEU O 351 4.26 28.05 16.87
CA LEU O 351 3.00 27.59 17.47
C LEU O 351 3.35 27.43 18.95
N ASP O 352 4.57 27.82 19.36
CA ASP O 352 4.95 27.90 20.70
C ASP O 352 5.78 29.13 20.93
N SER O 353 5.09 30.24 20.80
CA SER O 353 5.55 31.52 21.31
C SER O 353 4.23 32.17 21.73
N LYS O 354 4.21 32.87 22.90
CA LYS O 354 3.04 33.53 23.47
C LYS O 354 3.62 34.66 24.35
N SER O 355 2.74 35.74 24.60
CA SER O 355 3.04 36.85 25.49
C SER O 355 1.70 37.41 25.99
N ARG O 356 1.67 37.91 27.24
CA ARG O 356 0.55 38.37 28.07
C ARG O 356 0.25 39.80 27.81
N LEU O 357 0.81 40.36 26.79
CA LEU O 357 0.48 41.74 26.29
C LEU O 357 -0.07 41.51 24.94
N LEU O 358 0.11 40.28 24.35
CA LEU O 358 -0.45 40.05 23.02
C LEU O 358 -1.73 39.19 23.09
N ASP O 359 -2.12 38.79 24.32
CA ASP O 359 -3.23 37.89 24.66
C ASP O 359 -4.38 38.71 25.16
N ALA O 360 -4.29 40.08 25.02
CA ALA O 360 -5.33 40.92 25.58
C ALA O 360 -5.36 42.21 24.80
N ALA O 361 -4.63 42.33 23.70
CA ALA O 361 -4.54 43.53 22.82
C ALA O 361 -3.99 44.77 23.44
N VAL O 362 -2.79 44.67 24.07
CA VAL O 362 -2.22 45.79 24.76
C VAL O 362 -1.07 46.20 23.76
N VAL O 363 -1.07 45.60 22.53
CA VAL O 363 -0.06 45.86 21.59
C VAL O 363 -0.83 46.32 20.40
N GLY O 364 -2.14 46.30 20.46
CA GLY O 364 -3.03 46.96 19.49
C GLY O 364 -3.86 45.96 18.76
N GLN O 365 -5.03 46.47 18.29
CA GLN O 365 -6.07 45.62 17.67
C GLN O 365 -5.63 45.05 16.34
N GLU O 366 -4.97 45.86 15.54
CA GLU O 366 -4.50 45.52 14.22
C GLU O 366 -3.42 44.50 14.36
N HIS O 367 -2.54 44.69 15.39
CA HIS O 367 -1.50 43.73 15.70
C HIS O 367 -2.01 42.37 16.14
N TYR O 368 -3.07 42.35 16.98
CA TYR O 368 -3.67 41.18 17.64
C TYR O 368 -4.38 40.37 16.62
N ASP O 369 -5.02 41.15 15.71
CA ASP O 369 -5.74 40.59 14.62
C ASP O 369 -4.79 39.86 13.63
N VAL O 370 -3.66 40.43 13.33
CA VAL O 370 -2.61 39.94 12.51
C VAL O 370 -1.96 38.69 13.05
N ALA O 371 -1.73 38.58 14.42
CA ALA O 371 -1.31 37.30 15.06
C ALA O 371 -2.33 36.19 15.14
N SER O 372 -3.62 36.52 15.34
CA SER O 372 -4.64 35.58 15.44
C SER O 372 -4.87 34.73 14.35
N LYS O 373 -4.87 35.23 13.10
CA LYS O 373 -5.07 34.50 11.84
C LYS O 373 -3.92 33.62 11.53
N VAL O 374 -2.68 34.16 11.79
CA VAL O 374 -1.46 33.54 11.53
C VAL O 374 -1.35 32.26 12.32
N GLN O 375 -1.73 32.25 13.61
CA GLN O 375 -1.76 31.13 14.45
C GLN O 375 -2.75 30.04 13.99
N GLU O 376 -3.96 30.43 13.50
CA GLU O 376 -5.02 29.52 13.12
C GLU O 376 -4.72 28.73 11.88
N THR O 377 -4.05 29.32 10.83
CA THR O 377 -3.60 28.75 9.58
C THR O 377 -2.59 27.69 9.82
N LEU O 378 -1.62 28.08 10.69
CA LEU O 378 -0.45 27.29 11.01
C LEU O 378 -0.79 26.06 11.85
N GLN O 379 -1.75 26.24 12.76
CA GLN O 379 -2.28 25.07 13.49
C GLN O 379 -3.06 24.13 12.60
N THR O 380 -3.83 24.63 11.57
CA THR O 380 -4.60 23.75 10.61
C THR O 380 -3.70 22.81 9.90
N TYR O 381 -2.49 23.35 9.50
CA TYR O 381 -1.48 22.68 8.79
C TYR O 381 -0.87 21.52 9.57
N LYS O 382 -0.52 21.76 10.89
CA LYS O 382 -0.01 20.71 11.73
C LYS O 382 -1.07 19.65 12.09
N SER O 383 -2.34 20.07 12.38
CA SER O 383 -3.39 19.15 12.77
C SER O 383 -3.70 18.22 11.58
N LEU O 384 -3.74 18.74 10.30
CA LEU O 384 -4.01 17.87 9.16
C LEU O 384 -2.78 17.31 8.40
N GLN O 385 -1.59 17.38 9.04
CA GLN O 385 -0.27 16.97 8.58
C GLN O 385 -0.12 15.42 8.30
N ASP O 386 -0.81 14.52 9.05
CA ASP O 386 -0.81 13.10 8.72
C ASP O 386 -1.51 12.81 7.44
N ILE O 387 -2.75 13.40 7.31
CA ILE O 387 -3.56 13.11 6.13
C ILE O 387 -2.80 13.68 4.90
N ILE O 388 -2.07 14.85 5.11
CA ILE O 388 -1.20 15.61 4.10
C ILE O 388 -0.03 14.76 3.56
N ALA O 389 0.78 14.01 4.39
CA ALA O 389 1.88 13.17 3.87
C ALA O 389 1.38 11.90 3.31
N ILE O 390 0.43 11.24 4.02
CA ILE O 390 -0.03 9.96 3.44
C ILE O 390 -0.90 9.94 2.16
N LEU O 391 -1.77 10.92 2.03
CA LEU O 391 -2.57 11.16 0.84
C LEU O 391 -2.27 12.57 0.46
N GLY O 392 -2.51 12.93 -0.84
CA GLY O 392 -2.22 14.28 -1.40
C GLY O 392 -3.33 15.27 -1.18
N MET O 393 -3.35 16.34 -2.04
CA MET O 393 -4.08 17.58 -1.83
C MET O 393 -5.19 17.64 -2.77
N ASP O 394 -5.46 16.61 -3.65
CA ASP O 394 -6.55 16.57 -4.56
C ASP O 394 -7.46 15.52 -4.12
N GLU O 395 -7.10 15.00 -2.86
CA GLU O 395 -7.92 14.09 -2.20
C GLU O 395 -8.51 14.87 -1.04
N LEU O 396 -8.14 16.15 -0.83
CA LEU O 396 -8.64 16.99 0.21
C LEU O 396 -9.54 18.08 -0.44
N SER O 397 -10.41 18.70 0.40
CA SER O 397 -11.30 19.79 -0.05
C SER O 397 -10.42 20.94 -0.50
N GLU O 398 -10.89 21.69 -1.53
CA GLU O 398 -10.21 22.79 -2.17
C GLU O 398 -9.91 23.92 -1.21
N GLN O 399 -10.84 24.06 -0.24
CA GLN O 399 -10.87 25.07 0.82
C GLN O 399 -9.69 24.76 1.68
N ASP O 400 -9.54 23.43 1.98
CA ASP O 400 -8.49 22.96 2.86
C ASP O 400 -7.17 23.15 2.26
N LYS O 401 -7.07 22.91 0.92
CA LYS O 401 -5.91 22.95 0.14
C LYS O 401 -5.37 24.43 -0.01
N LEU O 402 -6.30 25.36 -0.07
CA LEU O 402 -5.94 26.76 -0.09
C LEU O 402 -5.25 27.26 1.18
N THR O 403 -5.82 26.86 2.36
CA THR O 403 -5.31 27.30 3.64
C THR O 403 -3.92 26.84 3.86
N VAL O 404 -3.66 25.58 3.62
CA VAL O 404 -2.37 24.86 3.69
C VAL O 404 -1.39 25.46 2.78
N GLU O 405 -1.84 25.85 1.55
CA GLU O 405 -1.00 26.56 0.63
C GLU O 405 -0.54 27.91 1.11
N ARG O 406 -1.46 28.76 1.67
CA ARG O 406 -1.11 30.03 2.30
C ARG O 406 -0.08 29.86 3.43
N ALA O 407 -0.21 28.81 4.32
CA ALA O 407 0.49 28.54 5.57
C ALA O 407 1.93 28.22 5.30
N ARG O 408 2.15 27.44 4.26
CA ARG O 408 3.45 27.15 3.78
C ARG O 408 4.19 28.34 3.34
N LYS O 409 3.49 29.22 2.63
CA LYS O 409 4.09 30.48 2.21
C LYS O 409 4.50 31.40 3.40
N ILE O 410 3.64 31.52 4.48
CA ILE O 410 3.83 32.25 5.77
C ILE O 410 5.00 31.64 6.49
N GLN O 411 5.12 30.31 6.48
CA GLN O 411 6.10 29.46 7.12
C GLN O 411 7.49 29.77 6.57
N ARG O 412 7.56 29.91 5.20
CA ARG O 412 8.82 30.36 4.56
C ARG O 412 9.14 31.73 4.86
N PHE O 413 8.15 32.65 4.92
CA PHE O 413 8.35 34.04 5.05
C PHE O 413 9.09 34.33 6.37
N LEU O 414 8.83 33.64 7.48
CA LEU O 414 9.48 33.86 8.79
C LEU O 414 10.99 33.69 8.76
N SER O 415 11.52 32.86 7.84
CA SER O 415 13.02 32.84 7.48
C SER O 415 13.68 34.14 7.07
N GLN O 416 14.63 34.68 7.89
CA GLN O 416 15.29 35.90 7.60
C GLN O 416 16.74 35.71 8.13
N PRO O 417 17.79 36.05 7.48
CA PRO O 417 19.10 35.84 8.05
C PRO O 417 19.42 36.98 8.97
N PHE O 418 20.20 36.75 10.04
CA PHE O 418 20.66 37.72 11.02
C PHE O 418 21.82 38.45 10.41
N ALA O 419 22.05 39.70 10.83
CA ALA O 419 22.99 40.70 10.36
C ALA O 419 24.34 40.31 10.83
N VAL O 420 24.36 39.49 11.90
CA VAL O 420 25.44 38.93 12.69
C VAL O 420 25.71 37.54 12.05
N ALA O 421 24.75 36.92 11.31
CA ALA O 421 25.03 35.78 10.53
C ALA O 421 25.50 36.18 9.15
N GLU O 422 26.46 35.33 8.64
CA GLU O 422 27.19 35.46 7.39
C GLU O 422 27.83 34.06 7.20
N VAL O 423 27.60 33.14 8.13
CA VAL O 423 28.29 31.86 8.10
C VAL O 423 27.29 30.94 8.81
N PHE O 424 26.31 31.47 9.64
CA PHE O 424 25.34 30.69 10.42
C PHE O 424 24.05 30.43 9.63
N THR O 425 23.94 31.17 8.48
CA THR O 425 22.82 31.06 7.62
C THR O 425 23.39 31.02 6.18
N GLY O 426 24.76 31.35 6.07
CA GLY O 426 25.50 31.61 4.83
C GLY O 426 25.41 33.03 4.34
N ILE O 427 24.23 33.51 4.61
CA ILE O 427 23.79 34.70 3.96
C ILE O 427 23.85 35.93 4.81
N PRO O 428 24.38 37.13 4.38
CA PRO O 428 24.30 38.42 5.05
C PRO O 428 22.91 38.84 5.33
N GLY O 429 22.61 39.26 6.58
CA GLY O 429 21.21 39.51 6.90
C GLY O 429 20.52 40.70 6.27
N LYS O 430 19.25 40.82 6.56
CA LYS O 430 18.23 41.70 6.08
C LYS O 430 17.59 42.01 7.45
N LEU O 431 17.07 43.22 7.75
CA LEU O 431 16.44 43.58 8.95
C LEU O 431 15.27 44.45 8.57
N VAL O 432 14.15 44.40 9.41
CA VAL O 432 12.88 45.12 9.24
C VAL O 432 12.44 45.72 10.52
N ARG O 433 11.43 46.66 10.59
CA ARG O 433 11.02 47.32 11.77
C ARG O 433 9.93 46.53 12.30
N LEU O 434 9.40 46.95 13.48
CA LEU O 434 8.18 46.41 14.06
C LEU O 434 7.06 46.76 13.20
N LYS O 435 6.98 48.06 12.78
CA LYS O 435 5.84 48.52 11.97
C LYS O 435 5.91 47.86 10.65
N ASP O 436 7.10 47.74 9.99
CA ASP O 436 7.26 47.05 8.72
C ASP O 436 6.83 45.58 8.72
N THR O 437 7.12 44.85 9.86
CA THR O 437 6.87 43.43 9.98
C THR O 437 5.33 43.27 9.89
N VAL O 438 4.49 44.08 10.62
CA VAL O 438 3.04 44.05 10.71
C VAL O 438 2.35 44.26 9.41
N ALA O 439 2.91 45.26 8.64
CA ALA O 439 2.37 45.59 7.28
C ALA O 439 2.50 44.51 6.30
N SER O 440 3.68 43.85 6.37
CA SER O 440 4.04 42.83 5.51
C SER O 440 3.15 41.62 5.60
N PHE O 441 2.80 41.19 6.84
CA PHE O 441 2.08 39.99 7.14
C PHE O 441 0.66 40.21 6.76
N LYS O 442 0.21 41.46 7.01
CA LYS O 442 -1.22 41.85 6.90
C LYS O 442 -1.66 41.53 5.44
N ALA O 443 -0.79 41.90 4.47
CA ALA O 443 -0.97 41.85 3.10
C ALA O 443 -1.13 40.47 2.55
N VAL O 444 -0.22 39.61 3.10
CA VAL O 444 0.00 38.21 2.94
C VAL O 444 -1.20 37.36 3.30
N LEU O 445 -1.87 37.68 4.41
CA LEU O 445 -3.15 37.14 4.78
C LEU O 445 -4.26 37.43 3.82
N GLU O 446 -4.09 38.53 3.09
CA GLU O 446 -5.04 38.94 2.06
C GLU O 446 -4.63 38.42 0.66
N GLY O 447 -3.60 37.57 0.51
CA GLY O 447 -3.39 36.80 -0.62
C GLY O 447 -2.71 37.53 -1.72
N LYS O 448 -2.19 38.73 -1.49
CA LYS O 448 -1.60 39.64 -2.45
C LYS O 448 -0.33 39.01 -2.97
N TYR O 449 0.43 38.23 -2.11
CA TYR O 449 1.71 37.79 -2.54
C TYR O 449 1.71 36.31 -2.39
N ASP O 450 0.51 35.74 -2.31
CA ASP O 450 0.34 34.27 -2.48
C ASP O 450 -0.02 33.97 -3.90
N ASN O 451 1.08 33.80 -4.73
CA ASN O 451 0.82 33.54 -6.17
C ASN O 451 2.19 33.56 -6.77
N ILE O 452 3.25 33.79 -5.95
CA ILE O 452 4.66 33.88 -6.37
C ILE O 452 5.32 32.89 -5.46
N PRO O 453 6.45 32.28 -5.86
CA PRO O 453 7.10 31.14 -5.19
C PRO O 453 7.18 31.25 -3.69
N GLU O 454 7.13 30.04 -3.07
CA GLU O 454 7.51 29.91 -1.73
C GLU O 454 8.93 30.19 -1.38
N HIS O 455 9.77 29.78 -2.38
CA HIS O 455 11.19 30.01 -2.36
C HIS O 455 11.54 31.51 -2.38
N ALA O 456 10.64 32.40 -2.87
CA ALA O 456 10.72 33.84 -2.89
C ALA O 456 10.50 34.42 -1.56
N PHE O 457 9.87 33.68 -0.61
CA PHE O 457 9.66 34.12 0.70
C PHE O 457 10.77 33.69 1.66
N TYR O 458 11.44 32.62 1.34
CA TYR O 458 12.47 32.12 2.11
C TYR O 458 13.78 32.98 2.03
N MET O 459 14.44 33.23 3.18
CA MET O 459 15.62 33.96 3.47
C MET O 459 15.71 35.37 2.81
N VAL O 460 14.70 36.20 3.02
CA VAL O 460 14.65 37.56 2.48
C VAL O 460 14.02 38.37 3.55
N GLY O 461 13.94 39.72 3.46
CA GLY O 461 13.48 40.66 4.44
C GLY O 461 12.06 40.98 4.24
N GLY O 462 11.81 42.26 3.90
CA GLY O 462 10.55 42.94 3.71
C GLY O 462 9.87 42.35 2.56
N ILE O 463 8.68 42.92 2.30
CA ILE O 463 7.68 42.59 1.32
C ILE O 463 8.32 42.82 -0.02
N GLU O 464 9.10 43.91 -0.12
CA GLU O 464 9.78 44.31 -1.34
C GLU O 464 10.82 43.33 -1.80
N ASP O 465 11.54 42.84 -0.84
CA ASP O 465 12.56 41.87 -1.15
C ASP O 465 11.96 40.59 -1.83
N VAL O 466 10.76 40.09 -1.46
CA VAL O 466 10.07 38.88 -1.91
C VAL O 466 9.77 38.85 -3.37
N VAL O 467 9.20 40.01 -3.78
CA VAL O 467 8.94 40.39 -5.13
C VAL O 467 10.16 40.36 -6.01
N ALA O 468 11.24 41.01 -5.39
CA ALA O 468 12.49 41.13 -6.06
C ALA O 468 13.13 39.75 -6.26
N LYS O 469 13.13 38.78 -5.30
CA LYS O 469 13.64 37.44 -5.60
C LYS O 469 12.73 36.58 -6.52
N ALA O 470 11.39 36.88 -6.59
CA ALA O 470 10.52 36.16 -7.54
C ALA O 470 10.88 36.51 -8.93
N GLU O 471 11.31 37.79 -9.19
CA GLU O 471 11.77 38.30 -10.46
C GLU O 471 13.04 37.67 -10.93
N LYS O 472 13.94 37.42 -9.92
CA LYS O 472 15.15 36.63 -10.14
C LYS O 472 14.96 35.20 -10.61
N LEU O 473 13.96 34.54 -9.93
CA LEU O 473 13.59 33.17 -10.17
C LEU O 473 12.94 33.05 -11.53
N ALA O 474 12.14 34.06 -12.05
CA ALA O 474 11.59 33.88 -13.40
C ALA O 474 12.57 33.92 -14.57
N ALA O 475 13.60 34.80 -14.49
CA ALA O 475 14.76 34.78 -15.39
C ALA O 475 15.58 33.53 -14.99
N SER P 6 -9.51 -3.27 79.70
CA SER P 6 -8.39 -3.36 80.60
C SER P 6 -8.21 -2.26 81.64
N THR P 7 -7.29 -2.48 82.61
CA THR P 7 -6.93 -1.43 83.60
C THR P 7 -6.11 -0.39 82.82
N PRO P 8 -6.05 0.84 83.35
CA PRO P 8 -5.05 1.85 82.98
C PRO P 8 -3.70 1.45 82.53
N ILE P 9 -3.25 1.95 81.38
CA ILE P 9 -1.98 1.71 80.81
C ILE P 9 -1.43 3.03 80.54
N THR P 10 -0.19 3.30 81.03
CA THR P 10 0.51 4.56 80.90
C THR P 10 1.46 4.42 79.73
N GLY P 11 1.38 5.34 78.74
CA GLY P 11 2.22 5.55 77.60
C GLY P 11 2.42 6.97 77.54
N LYS P 12 3.50 7.50 76.94
CA LYS P 12 3.77 8.95 76.79
C LYS P 12 3.93 9.11 75.29
N VAL P 13 3.37 10.09 74.60
CA VAL P 13 3.61 10.50 73.19
C VAL P 13 5.09 10.83 73.04
N THR P 14 5.74 10.55 71.93
CA THR P 14 7.11 10.81 71.71
C THR P 14 7.29 11.81 70.51
N ALA P 15 6.36 11.61 69.53
CA ALA P 15 6.41 12.32 68.24
C ALA P 15 5.10 12.46 67.55
N VAL P 16 4.79 13.74 67.10
CA VAL P 16 3.62 13.99 66.26
C VAL P 16 4.21 14.27 64.85
N ILE P 17 3.94 13.45 63.87
CA ILE P 17 4.50 13.57 62.56
C ILE P 17 3.39 13.30 61.52
N GLY P 18 2.51 14.34 61.22
CA GLY P 18 1.26 14.22 60.49
C GLY P 18 0.28 13.61 61.41
N ALA P 19 -0.21 12.45 60.94
CA ALA P 19 -1.00 11.51 61.68
C ALA P 19 -0.21 10.63 62.52
N ILE P 20 1.02 10.24 62.09
CA ILE P 20 1.84 9.26 62.72
C ILE P 20 2.23 9.81 64.06
N VAL P 21 1.94 8.97 65.13
CA VAL P 21 2.17 9.31 66.52
C VAL P 21 2.69 8.15 67.21
N ASP P 22 3.86 8.34 67.99
CA ASP P 22 4.52 7.20 68.58
C ASP P 22 4.35 7.30 70.05
N VAL P 23 4.52 6.14 70.78
CA VAL P 23 4.22 6.05 72.20
C VAL P 23 5.33 5.22 72.82
N HIS P 24 5.49 5.39 74.17
CA HIS P 24 6.55 4.77 74.92
C HIS P 24 5.94 4.15 76.16
N PHE P 25 5.39 2.93 75.97
CA PHE P 25 4.66 2.12 76.93
C PHE P 25 5.67 1.49 77.82
N GLU P 26 5.29 1.07 79.03
CA GLU P 26 6.21 0.51 79.99
C GLU P 26 6.18 -1.04 79.88
N GLN P 27 7.28 -1.66 80.42
CA GLN P 27 7.50 -3.08 80.25
C GLN P 27 6.52 -3.84 81.08
N SER P 28 5.93 -4.87 80.45
CA SER P 28 5.19 -5.93 81.05
C SER P 28 3.77 -5.45 81.12
N GLU P 29 3.39 -4.45 80.30
CA GLU P 29 2.06 -3.88 80.29
C GLU P 29 2.00 -3.01 79.07
N LEU P 30 1.98 -3.66 77.89
CA LEU P 30 2.21 -3.22 76.54
C LEU P 30 0.99 -3.64 75.82
N PRO P 31 0.35 -2.83 74.95
CA PRO P 31 -0.71 -3.24 74.01
C PRO P 31 -0.24 -4.15 72.96
N ALA P 32 -1.14 -4.57 72.04
CA ALA P 32 -0.86 -5.48 71.00
C ALA P 32 -1.37 -4.83 69.71
N ILE P 33 -0.90 -5.32 68.54
CA ILE P 33 -1.32 -4.82 67.21
C ILE P 33 -2.85 -5.00 66.99
N LEU P 34 -3.46 -3.90 66.44
CA LEU P 34 -4.79 -3.61 66.05
C LEU P 34 -5.70 -3.16 67.24
N ASN P 35 -5.05 -2.61 68.30
CA ASN P 35 -5.85 -2.16 69.42
C ASN P 35 -6.32 -0.80 69.17
N ALA P 36 -7.05 -0.19 70.13
CA ALA P 36 -7.52 1.20 70.08
C ALA P 36 -7.06 1.76 71.32
N LEU P 37 -6.35 2.90 71.25
CA LEU P 37 -5.77 3.53 72.48
C LEU P 37 -6.58 4.71 72.69
N GLU P 38 -6.84 5.20 73.92
CA GLU P 38 -7.60 6.41 74.15
C GLU P 38 -6.76 7.36 74.85
N ILE P 39 -6.73 8.60 74.35
CA ILE P 39 -5.93 9.71 74.93
C ILE P 39 -6.84 10.87 75.30
N LYS P 40 -6.80 11.33 76.60
CA LYS P 40 -7.53 12.48 77.07
C LYS P 40 -6.88 13.73 76.50
N THR P 41 -7.67 14.60 75.85
CA THR P 41 -7.21 15.62 75.03
C THR P 41 -8.29 16.72 75.01
N PRO P 42 -8.09 17.93 74.47
CA PRO P 42 -9.05 18.97 74.44
C PRO P 42 -9.72 18.87 73.15
N GLN P 43 -9.32 17.76 72.45
CA GLN P 43 -9.82 17.37 71.19
C GLN P 43 -10.81 16.22 71.34
N GLY P 44 -11.21 15.99 72.67
CA GLY P 44 -12.15 14.97 73.08
C GLY P 44 -11.44 13.80 73.60
N LYS P 45 -11.70 12.58 73.10
CA LYS P 45 -10.87 11.48 73.33
C LYS P 45 -10.20 11.26 71.95
N LEU P 46 -8.84 11.46 71.79
CA LEU P 46 -8.06 11.04 70.61
C LEU P 46 -7.88 9.50 70.56
N VAL P 47 -8.16 8.74 69.44
CA VAL P 47 -8.00 7.30 69.40
C VAL P 47 -6.84 7.05 68.45
N LEU P 48 -5.88 6.14 68.82
CA LEU P 48 -4.77 5.69 68.03
C LEU P 48 -4.93 4.25 67.85
N GLU P 49 -4.85 3.84 66.58
CA GLU P 49 -4.92 2.48 66.21
C GLU P 49 -3.44 1.98 66.19
N VAL P 50 -3.06 0.96 67.06
CA VAL P 50 -1.67 0.45 67.04
C VAL P 50 -1.52 -0.28 65.79
N ALA P 51 -0.46 -0.03 64.97
CA ALA P 51 -0.27 -0.69 63.67
C ALA P 51 1.08 -1.40 63.59
N GLN P 52 2.00 -1.13 64.52
CA GLN P 52 3.31 -1.74 64.55
C GLN P 52 3.70 -1.65 65.94
N HIS P 53 4.66 -2.45 66.29
CA HIS P 53 5.61 -2.24 67.38
C HIS P 53 6.94 -2.10 66.70
N LEU P 54 7.81 -1.19 67.19
CA LEU P 54 9.14 -0.85 66.61
C LEU P 54 10.22 -1.36 67.51
N GLY P 55 9.91 -1.86 68.72
CA GLY P 55 10.90 -2.56 69.48
C GLY P 55 11.12 -1.67 70.65
N GLU P 56 11.57 -2.34 71.79
CA GLU P 56 11.99 -1.75 73.00
C GLU P 56 10.99 -1.08 73.81
N ASN P 57 9.68 -1.47 73.59
CA ASN P 57 8.59 -1.00 74.40
C ASN P 57 8.14 0.27 73.88
N THR P 58 8.21 0.37 72.58
CA THR P 58 7.96 1.53 71.83
C THR P 58 7.24 1.18 70.58
N VAL P 59 6.05 1.79 70.35
CA VAL P 59 5.14 1.48 69.30
C VAL P 59 5.07 2.59 68.30
N ARG P 60 4.49 2.26 67.17
CA ARG P 60 4.21 3.20 66.09
C ARG P 60 2.76 3.14 65.65
N THR P 61 1.98 4.25 65.73
CA THR P 61 0.52 4.16 65.52
C THR P 61 0.17 5.13 64.47
N ILE P 62 -1.07 4.91 64.07
CA ILE P 62 -1.76 5.65 63.01
C ILE P 62 -2.79 6.29 63.83
N ALA P 63 -3.21 7.58 63.55
CA ALA P 63 -4.26 8.26 64.25
C ALA P 63 -5.63 7.86 63.67
N MET P 64 -6.75 7.99 64.41
CA MET P 64 -8.11 7.77 64.01
C MET P 64 -8.91 9.06 64.28
N ASP P 65 -8.35 10.01 64.97
CA ASP P 65 -9.01 11.30 65.17
C ASP P 65 -7.88 12.29 64.98
N GLY P 66 -8.17 13.56 64.56
CA GLY P 66 -7.18 14.63 64.28
C GLY P 66 -6.11 14.93 65.27
N THR P 67 -4.94 15.57 64.88
CA THR P 67 -3.75 15.68 65.69
C THR P 67 -3.47 17.19 65.60
N GLU P 68 -4.31 17.93 66.42
CA GLU P 68 -4.18 19.36 66.44
C GLU P 68 -4.10 19.75 67.86
N GLY P 69 -2.95 20.35 68.27
CA GLY P 69 -2.63 20.89 69.56
C GLY P 69 -2.21 19.76 70.50
N LEU P 70 -1.61 18.65 70.02
CA LEU P 70 -1.20 17.60 70.82
C LEU P 70 0.09 17.82 71.57
N VAL P 71 0.13 17.42 72.79
CA VAL P 71 1.24 17.79 73.66
C VAL P 71 1.95 16.49 73.94
N ARG P 72 3.22 16.43 73.67
CA ARG P 72 4.06 15.30 73.99
C ARG P 72 4.20 15.06 75.48
N GLY P 73 4.07 13.81 75.90
CA GLY P 73 3.99 13.42 77.31
C GLY P 73 2.59 13.33 77.87
N GLU P 74 1.62 12.99 77.04
CA GLU P 74 0.26 13.08 77.55
C GLU P 74 -0.11 11.62 77.77
N LYS P 75 -0.91 11.29 78.83
CA LYS P 75 -1.02 9.88 79.18
C LYS P 75 -1.88 9.09 78.18
N VAL P 76 -1.50 7.88 77.72
CA VAL P 76 -2.15 7.05 76.70
C VAL P 76 -2.61 5.72 77.26
N LEU P 77 -3.98 5.57 77.25
CA LEU P 77 -4.78 4.51 77.72
C LEU P 77 -4.89 3.42 76.74
N ASP P 78 -5.29 2.20 77.18
CA ASP P 78 -5.60 1.05 76.40
C ASP P 78 -7.01 0.72 76.65
N THR P 79 -7.79 0.61 75.59
CA THR P 79 -9.15 0.17 75.72
C THR P 79 -9.14 -1.27 76.07
N GLY P 80 -8.13 -2.00 75.52
CA GLY P 80 -7.92 -3.42 75.65
C GLY P 80 -8.26 -4.04 74.32
N GLY P 81 -8.74 -3.24 73.28
CA GLY P 81 -9.01 -3.91 72.06
C GLY P 81 -9.36 -2.80 71.06
N PRO P 82 -9.58 -3.14 69.84
CA PRO P 82 -10.01 -2.30 68.76
C PRO P 82 -11.22 -1.38 68.97
N ILE P 83 -11.44 -0.34 68.09
CA ILE P 83 -12.54 0.51 68.14
C ILE P 83 -13.75 -0.32 67.92
N SER P 84 -14.86 -0.13 68.70
CA SER P 84 -16.08 -0.93 68.57
C SER P 84 -17.12 0.05 68.25
N VAL P 85 -17.66 -0.12 67.10
CA VAL P 85 -18.68 0.76 66.59
C VAL P 85 -20.05 0.24 67.02
N PRO P 86 -21.20 0.80 66.68
CA PRO P 86 -22.53 0.19 66.97
C PRO P 86 -23.04 -0.47 65.76
N VAL P 87 -23.63 -1.60 66.01
CA VAL P 87 -24.24 -2.40 64.97
C VAL P 87 -25.57 -2.66 65.65
N GLY P 88 -26.62 -2.92 64.88
CA GLY P 88 -27.97 -3.08 65.32
C GLY P 88 -28.88 -3.18 64.15
N ARG P 89 -30.13 -3.01 64.53
CA ARG P 89 -31.20 -2.72 63.63
C ARG P 89 -31.81 -1.44 64.10
N GLU P 90 -31.10 -0.68 64.96
CA GLU P 90 -31.38 0.65 65.34
C GLU P 90 -30.34 1.54 64.68
N THR P 91 -29.57 0.99 63.68
CA THR P 91 -28.56 1.74 62.97
C THR P 91 -29.01 2.02 61.57
N LEU P 92 -30.35 1.74 61.30
CA LEU P 92 -31.03 2.02 60.11
C LEU P 92 -31.40 3.43 59.99
N GLY P 93 -30.90 4.19 58.98
CA GLY P 93 -31.17 5.60 58.74
C GLY P 93 -30.07 6.45 59.21
N ARG P 94 -29.68 6.26 60.45
CA ARG P 94 -28.65 6.96 61.22
C ARG P 94 -27.29 7.09 60.43
N ILE P 95 -26.44 8.05 60.90
CA ILE P 95 -25.24 8.48 60.22
C ILE P 95 -24.27 8.19 61.21
N ILE P 96 -23.11 7.56 60.83
CA ILE P 96 -22.21 7.01 61.77
C ILE P 96 -20.77 7.38 61.26
N ASN P 97 -19.81 7.64 62.13
CA ASN P 97 -18.44 8.04 61.70
C ASN P 97 -17.53 6.83 62.04
N VAL P 98 -16.21 7.01 61.80
CA VAL P 98 -15.13 6.04 61.87
C VAL P 98 -15.03 5.41 63.32
N ILE P 99 -15.12 6.23 64.44
CA ILE P 99 -14.87 5.83 65.79
C ILE P 99 -16.21 5.48 66.34
N GLY P 100 -17.23 5.40 65.49
CA GLY P 100 -18.60 5.10 65.95
C GLY P 100 -19.17 6.20 66.77
N GLU P 101 -18.96 7.46 66.38
CA GLU P 101 -19.35 8.64 67.13
C GLU P 101 -20.27 9.58 66.38
N PRO P 102 -21.35 10.09 66.95
CA PRO P 102 -22.41 10.86 66.28
C PRO P 102 -21.91 11.91 65.24
N ILE P 103 -22.49 11.82 64.00
CA ILE P 103 -22.35 12.94 63.09
C ILE P 103 -23.71 13.34 62.55
N ASP P 104 -24.83 12.69 62.99
CA ASP P 104 -26.23 13.07 62.63
C ASP P 104 -26.87 13.81 63.79
N GLU P 105 -26.18 13.81 64.99
CA GLU P 105 -26.44 14.75 66.04
C GLU P 105 -27.94 14.61 66.49
N ARG P 106 -28.33 13.33 66.71
CA ARG P 106 -29.63 12.89 67.16
C ARG P 106 -29.24 12.16 68.41
N GLY P 107 -28.11 12.60 69.13
CA GLY P 107 -27.71 11.94 70.36
C GLY P 107 -26.93 10.67 70.06
N PRO P 108 -26.45 9.91 71.06
CA PRO P 108 -25.54 8.78 70.80
C PRO P 108 -26.20 7.82 69.82
N ILE P 109 -25.43 7.00 69.05
CA ILE P 109 -25.96 6.15 68.08
C ILE P 109 -26.49 4.90 68.70
N LYS P 110 -27.76 4.55 68.36
CA LYS P 110 -28.54 3.52 68.88
C LYS P 110 -28.03 2.13 68.49
N SER P 111 -27.79 1.40 69.64
CA SER P 111 -27.15 0.10 69.58
C SER P 111 -27.97 -0.88 70.46
N LYS P 112 -27.72 -2.23 70.23
CA LYS P 112 -28.15 -3.33 71.03
C LYS P 112 -26.78 -3.88 71.36
N LEU P 113 -25.91 -4.09 70.43
CA LEU P 113 -24.66 -4.69 70.65
C LEU P 113 -23.66 -3.79 69.96
N ARG P 114 -22.40 -4.05 70.35
CA ARG P 114 -21.25 -3.49 69.69
C ARG P 114 -20.34 -4.63 69.30
N LYS P 115 -19.46 -4.41 68.32
CA LYS P 115 -18.44 -5.34 67.91
C LYS P 115 -17.32 -4.45 67.49
N PRO P 116 -16.12 -4.97 67.42
CA PRO P 116 -14.97 -4.23 67.01
C PRO P 116 -15.08 -4.04 65.51
N ILE P 117 -14.40 -3.01 64.95
CA ILE P 117 -14.34 -2.72 63.56
C ILE P 117 -13.84 -3.88 62.79
N HIS P 118 -12.79 -4.52 63.27
CA HIS P 118 -12.02 -5.64 62.78
C HIS P 118 -12.89 -6.85 63.02
N ALA P 119 -12.71 -7.92 62.12
CA ALA P 119 -13.38 -9.22 62.29
C ALA P 119 -12.75 -10.12 61.23
N ASP P 120 -13.24 -11.37 61.17
CA ASP P 120 -12.65 -12.48 60.52
C ASP P 120 -13.50 -12.69 59.28
N PRO P 121 -12.94 -13.06 58.09
CA PRO P 121 -13.64 -13.24 56.81
C PRO P 121 -14.35 -14.59 56.86
N PRO P 122 -15.59 -14.81 56.56
CA PRO P 122 -16.25 -16.10 56.81
C PRO P 122 -15.54 -17.29 56.20
N SER P 123 -15.64 -18.48 56.83
CA SER P 123 -14.87 -19.62 56.48
C SER P 123 -15.56 -20.46 55.42
N PHE P 124 -14.80 -21.32 54.77
CA PHE P 124 -15.15 -22.02 53.62
C PHE P 124 -16.34 -23.02 53.92
N ALA P 125 -16.31 -23.60 55.15
CA ALA P 125 -17.31 -24.50 55.64
C ALA P 125 -18.63 -23.78 55.71
N GLU P 126 -18.55 -22.49 56.09
CA GLU P 126 -19.74 -21.68 56.17
C GLU P 126 -20.45 -21.42 54.83
N GLN P 127 -19.64 -21.23 53.73
CA GLN P 127 -19.99 -20.70 52.43
C GLN P 127 -21.11 -21.47 51.83
N SER P 128 -22.13 -20.69 51.33
CA SER P 128 -23.30 -21.21 50.60
C SER P 128 -23.67 -20.28 49.55
N THR P 129 -22.74 -20.13 48.58
CA THR P 129 -22.71 -18.98 47.71
C THR P 129 -23.21 -19.45 46.36
N SER P 130 -24.34 -18.89 45.90
CA SER P 130 -24.73 -19.21 44.57
C SER P 130 -25.20 -17.92 43.93
N ALA P 131 -25.35 -17.91 42.63
CA ALA P 131 -25.66 -16.79 41.85
C ALA P 131 -27.01 -17.05 41.23
N GLU P 132 -27.91 -16.01 41.57
CA GLU P 132 -29.24 -16.10 41.18
C GLU P 132 -29.58 -14.71 40.60
N ILE P 133 -30.17 -14.65 39.38
CA ILE P 133 -30.57 -13.40 38.75
C ILE P 133 -31.13 -12.25 39.68
N LEU P 134 -30.52 -11.01 39.57
CA LEU P 134 -30.87 -9.79 40.33
C LEU P 134 -31.14 -8.81 39.33
N GLU P 135 -31.78 -7.75 39.71
CA GLU P 135 -32.19 -6.76 38.73
C GLU P 135 -32.25 -5.50 39.41
N THR P 136 -32.38 -4.37 38.62
CA THR P 136 -32.21 -3.08 39.24
C THR P 136 -33.42 -2.35 38.63
N GLY P 137 -33.98 -2.75 37.49
CA GLY P 137 -35.03 -2.02 36.80
C GLY P 137 -34.57 -1.21 35.63
N ILE P 138 -33.30 -1.44 35.16
CA ILE P 138 -32.80 -0.69 34.03
C ILE P 138 -32.47 -1.78 32.98
N LYS P 139 -32.77 -1.38 31.70
CA LYS P 139 -32.61 -2.29 30.55
C LYS P 139 -31.25 -2.78 30.17
N VAL P 140 -30.21 -1.86 30.12
CA VAL P 140 -28.79 -2.19 29.77
C VAL P 140 -28.24 -3.10 30.90
N VAL P 141 -28.60 -2.75 32.15
CA VAL P 141 -28.17 -3.49 33.31
C VAL P 141 -28.78 -4.90 33.30
N ASP P 142 -30.10 -5.01 33.14
CA ASP P 142 -30.84 -6.25 33.29
C ASP P 142 -30.59 -7.23 32.27
N LEU P 143 -30.56 -6.89 31.05
CA LEU P 143 -30.25 -7.77 29.97
C LEU P 143 -28.82 -8.03 29.68
N LEU P 144 -28.00 -6.96 29.52
CA LEU P 144 -26.73 -7.00 28.90
C LEU P 144 -25.57 -7.03 29.86
N ALA P 145 -25.90 -6.84 31.23
CA ALA P 145 -24.96 -6.97 32.35
C ALA P 145 -25.35 -8.17 33.17
N PRO P 146 -24.36 -9.05 33.54
CA PRO P 146 -24.73 -10.32 34.18
C PRO P 146 -24.85 -10.13 35.69
N TYR P 147 -25.75 -9.31 36.24
CA TYR P 147 -25.77 -9.17 37.69
C TYR P 147 -26.46 -10.33 38.25
N ALA P 148 -25.97 -10.74 39.48
CA ALA P 148 -26.47 -11.92 40.12
C ALA P 148 -26.52 -11.48 41.51
N ARG P 149 -27.25 -12.27 42.34
CA ARG P 149 -27.60 -11.95 43.71
C ARG P 149 -26.53 -12.68 44.45
N GLY P 150 -25.96 -12.06 45.44
CA GLY P 150 -24.85 -12.57 46.21
C GLY P 150 -23.59 -12.37 45.38
N GLY P 151 -23.64 -11.59 44.30
CA GLY P 151 -22.49 -11.25 43.52
C GLY P 151 -21.78 -10.10 44.10
N LYS P 152 -20.77 -9.64 43.44
CA LYS P 152 -20.02 -8.46 43.85
C LYS P 152 -19.83 -7.56 42.65
N ILE P 153 -20.88 -6.78 42.31
CA ILE P 153 -21.15 -5.87 41.22
C ILE P 153 -20.03 -4.83 41.36
N GLY P 154 -19.56 -4.29 40.19
CA GLY P 154 -18.50 -3.28 40.22
C GLY P 154 -18.72 -2.19 39.12
N LEU P 155 -18.96 -0.92 39.57
CA LEU P 155 -19.32 0.15 38.76
C LEU P 155 -18.14 0.91 38.36
N PHE P 156 -17.25 0.34 37.47
CA PHE P 156 -16.06 0.99 37.03
C PHE P 156 -16.31 2.28 36.28
N GLY P 157 -15.60 3.43 36.58
CA GLY P 157 -15.85 4.54 35.71
C GLY P 157 -14.86 5.61 36.05
N GLY P 158 -14.84 6.75 35.28
CA GLY P 158 -14.03 7.94 35.37
C GLY P 158 -14.62 8.92 36.45
N ALA P 159 -14.18 10.17 36.39
CA ALA P 159 -14.55 11.09 37.34
C ALA P 159 -15.43 12.01 36.61
N GLY P 160 -16.66 12.13 37.16
CA GLY P 160 -17.65 13.09 36.79
C GLY P 160 -18.42 12.68 35.63
N VAL P 161 -18.44 11.31 35.28
CA VAL P 161 -19.12 10.86 34.03
C VAL P 161 -20.56 10.65 34.37
N GLY P 162 -20.93 11.02 35.60
CA GLY P 162 -22.25 11.00 36.11
C GLY P 162 -22.35 9.92 37.10
N LYS P 163 -21.18 9.73 37.94
CA LYS P 163 -21.02 8.60 38.81
C LYS P 163 -22.15 8.69 39.82
N THR P 164 -22.40 9.84 40.41
CA THR P 164 -23.31 10.14 41.54
C THR P 164 -24.74 9.81 41.06
N VAL P 165 -25.10 10.09 39.76
CA VAL P 165 -26.38 9.86 39.24
C VAL P 165 -26.79 8.42 39.22
N PHE P 166 -25.88 7.51 38.82
CA PHE P 166 -26.08 6.12 38.66
C PHE P 166 -26.29 5.44 39.93
N ILE P 167 -25.49 5.81 40.91
CA ILE P 167 -25.54 5.41 42.33
C ILE P 167 -26.74 5.82 43.02
N GLN P 168 -27.26 7.03 42.74
CA GLN P 168 -28.51 7.55 43.25
C GLN P 168 -29.70 6.72 42.80
N GLU P 169 -29.72 6.34 41.54
CA GLU P 169 -30.75 5.60 40.82
C GLU P 169 -30.78 4.15 41.37
N LEU P 170 -29.64 3.55 41.63
CA LEU P 170 -29.58 2.18 42.08
C LEU P 170 -30.20 1.97 43.52
N ILE P 171 -29.88 2.86 44.46
CA ILE P 171 -30.38 2.81 45.89
C ILE P 171 -31.89 3.06 45.89
N ASN P 172 -32.32 3.95 44.93
CA ASN P 172 -33.66 4.47 44.70
C ASN P 172 -34.64 3.35 44.32
N ASN P 173 -34.03 2.45 43.56
CA ASN P 173 -34.75 1.30 43.05
C ASN P 173 -34.66 0.13 44.02
N ILE P 174 -33.44 -0.44 44.28
CA ILE P 174 -33.20 -1.70 44.92
C ILE P 174 -33.73 -1.66 46.30
N ALA P 175 -33.48 -0.57 47.07
CA ALA P 175 -33.81 -0.47 48.45
C ALA P 175 -35.30 -0.52 48.63
N LYS P 176 -36.14 0.28 47.86
CA LYS P 176 -37.59 0.39 48.16
C LYS P 176 -38.19 -0.95 47.92
N ALA P 177 -37.81 -1.56 46.82
CA ALA P 177 -38.36 -2.82 46.41
C ALA P 177 -37.96 -3.94 47.37
N HIS P 178 -36.68 -3.93 47.87
CA HIS P 178 -35.97 -4.94 48.74
C HIS P 178 -36.56 -5.00 50.06
N GLY P 179 -36.84 -6.28 50.40
CA GLY P 179 -37.46 -6.68 51.67
C GLY P 179 -36.65 -6.47 52.86
N GLY P 180 -35.31 -6.41 52.63
CA GLY P 180 -34.34 -6.23 53.64
C GLY P 180 -34.06 -4.78 53.78
N PHE P 181 -32.82 -4.56 54.19
CA PHE P 181 -32.35 -3.17 54.27
C PHE P 181 -31.23 -3.11 53.31
N SER P 182 -30.55 -1.94 53.48
CA SER P 182 -29.33 -1.62 52.84
C SER P 182 -28.39 -0.94 53.80
N VAL P 183 -27.07 -0.86 53.46
CA VAL P 183 -26.10 -0.14 54.30
C VAL P 183 -25.25 0.63 53.24
N PHE P 184 -25.17 1.98 53.36
CA PHE P 184 -24.48 2.85 52.43
C PHE P 184 -23.23 3.29 53.17
N THR P 185 -22.08 3.23 52.58
CA THR P 185 -20.85 3.63 53.22
C THR P 185 -20.34 4.53 52.21
N GLY P 186 -19.85 5.71 52.66
CA GLY P 186 -19.18 6.63 51.68
C GLY P 186 -17.81 6.89 52.19
N VAL P 187 -16.81 6.41 51.43
CA VAL P 187 -15.45 6.37 51.85
C VAL P 187 -14.78 7.53 51.12
N GLY P 188 -14.37 8.53 51.98
CA GLY P 188 -13.60 9.68 51.33
C GLY P 188 -14.27 10.42 50.25
N GLU P 189 -15.52 10.84 50.48
CA GLU P 189 -16.38 11.64 49.58
C GLU P 189 -16.82 12.89 50.34
N ARG P 190 -17.24 13.87 49.49
CA ARG P 190 -17.35 15.26 49.91
C ARG P 190 -18.58 15.52 50.77
N THR P 191 -18.60 16.70 51.40
CA THR P 191 -19.64 17.20 52.34
C THR P 191 -20.73 17.70 51.42
N ARG P 192 -20.45 18.01 50.11
CA ARG P 192 -21.47 18.28 49.11
C ARG P 192 -22.32 17.03 48.94
N GLU P 193 -21.61 15.83 48.79
CA GLU P 193 -22.16 14.54 48.59
C GLU P 193 -22.93 13.97 49.68
N GLY P 194 -22.45 14.25 50.88
CA GLY P 194 -23.21 13.91 52.13
C GLY P 194 -24.51 14.50 52.30
N ASN P 195 -24.73 15.80 52.06
CA ASN P 195 -26.06 16.33 52.19
C ASN P 195 -26.96 15.85 51.08
N ASP P 196 -26.37 15.65 49.86
CA ASP P 196 -27.09 15.30 48.65
C ASP P 196 -27.68 13.91 48.64
N LEU P 197 -26.87 12.91 49.21
CA LEU P 197 -27.26 11.54 49.46
C LEU P 197 -28.27 11.45 50.54
N TYR P 198 -28.07 12.21 51.64
CA TYR P 198 -29.01 12.31 52.75
C TYR P 198 -30.32 12.89 52.19
N ARG P 199 -30.23 13.89 51.34
CA ARG P 199 -31.39 14.69 50.82
C ARG P 199 -32.29 13.98 49.87
N GLU P 200 -31.65 13.18 48.96
CA GLU P 200 -32.32 12.47 47.93
C GLU P 200 -33.20 11.32 48.52
N MET P 201 -32.64 10.72 49.67
CA MET P 201 -33.26 9.61 50.28
C MET P 201 -34.21 10.08 51.32
N LYS P 202 -34.25 11.45 51.75
CA LYS P 202 -35.39 11.96 52.57
C LYS P 202 -36.65 12.06 51.79
N GLU P 203 -36.46 12.55 50.56
CA GLU P 203 -37.45 12.77 49.56
C GLU P 203 -38.17 11.52 49.08
N THR P 204 -37.40 10.39 48.78
CA THR P 204 -37.96 9.07 48.29
C THR P 204 -38.61 8.25 49.37
N GLY P 205 -38.29 8.59 50.67
CA GLY P 205 -39.00 8.10 51.76
C GLY P 205 -38.24 6.93 52.26
N VAL P 206 -36.83 6.75 52.00
CA VAL P 206 -36.11 5.56 52.32
C VAL P 206 -35.59 5.59 53.71
N ILE P 207 -35.54 6.88 54.22
CA ILE P 207 -35.11 7.33 55.51
C ILE P 207 -36.22 8.05 56.21
N ASN P 208 -36.62 7.53 57.40
CA ASN P 208 -37.75 8.11 58.18
C ASN P 208 -37.20 8.20 59.55
N LEU P 209 -37.44 9.35 60.16
CA LEU P 209 -36.76 9.72 61.44
C LEU P 209 -37.33 8.99 62.57
N GLU P 210 -38.65 8.68 62.45
CA GLU P 210 -39.38 7.88 63.36
C GLU P 210 -38.97 6.41 63.20
N GLY P 211 -39.69 5.64 62.35
CA GLY P 211 -39.53 4.20 62.26
C GLY P 211 -38.18 3.84 61.74
N GLU P 212 -38.07 2.56 61.27
CA GLU P 212 -36.90 2.08 60.62
C GLU P 212 -36.79 2.59 59.24
N SER P 213 -35.62 2.28 58.64
CA SER P 213 -35.25 2.72 57.32
C SER P 213 -34.74 1.48 56.58
N LYS P 214 -34.73 1.48 55.28
CA LYS P 214 -34.46 0.37 54.40
C LYS P 214 -33.03 0.65 53.88
N VAL P 215 -32.31 1.55 54.62
CA VAL P 215 -30.94 1.95 54.23
C VAL P 215 -30.31 2.51 55.48
N ALA P 216 -28.99 2.43 55.56
CA ALA P 216 -28.25 3.05 56.68
C ALA P 216 -27.25 3.95 56.08
N LEU P 217 -26.60 4.82 56.91
CA LEU P 217 -25.62 5.77 56.36
C LEU P 217 -24.44 5.64 57.23
N VAL P 218 -23.17 5.70 56.69
CA VAL P 218 -21.85 5.84 57.34
C VAL P 218 -21.17 6.81 56.38
N PHE P 219 -21.12 8.12 56.76
CA PHE P 219 -20.52 9.11 55.99
C PHE P 219 -19.17 9.48 56.64
N GLY P 220 -18.10 9.12 55.87
CA GLY P 220 -16.80 9.39 56.23
C GLY P 220 -16.27 10.30 55.12
N GLN P 221 -15.48 11.30 55.51
CA GLN P 221 -15.29 12.39 54.63
C GLN P 221 -13.76 12.39 54.56
N MET P 222 -13.28 13.21 53.59
CA MET P 222 -11.98 13.14 52.98
C MET P 222 -10.97 14.10 53.55
N ASN P 223 -11.40 14.87 54.56
CA ASN P 223 -10.60 15.76 55.32
C ASN P 223 -10.23 15.05 56.57
N GLU P 224 -10.57 13.72 56.74
CA GLU P 224 -10.34 12.97 57.92
C GLU P 224 -8.97 12.30 57.82
N PRO P 225 -8.20 12.13 58.87
CA PRO P 225 -6.81 11.65 58.79
C PRO P 225 -6.73 10.27 58.02
N PRO P 226 -5.79 9.89 57.14
CA PRO P 226 -5.75 8.83 56.19
C PRO P 226 -5.97 7.45 56.83
N GLY P 227 -5.51 7.21 58.12
CA GLY P 227 -5.65 5.94 58.85
C GLY P 227 -7.14 5.65 59.12
N ALA P 228 -7.85 6.77 59.49
CA ALA P 228 -9.31 6.87 59.77
C ALA P 228 -10.11 6.69 58.52
N ARG P 229 -9.55 7.19 57.34
CA ARG P 229 -10.09 7.06 56.01
C ARG P 229 -10.25 5.64 55.65
N ALA P 230 -9.27 4.71 56.01
CA ALA P 230 -9.36 3.30 55.70
C ALA P 230 -10.40 2.62 56.46
N ARG P 231 -10.58 2.92 57.76
CA ARG P 231 -11.50 2.15 58.59
C ARG P 231 -12.92 2.76 58.63
N VAL P 232 -13.34 3.69 57.64
CA VAL P 232 -14.70 4.05 57.36
C VAL P 232 -15.26 2.88 56.65
N ALA P 233 -14.50 2.22 55.72
CA ALA P 233 -14.98 1.07 54.99
C ALA P 233 -15.22 -0.09 55.92
N LEU P 234 -14.28 -0.35 56.80
CA LEU P 234 -14.42 -1.44 57.77
C LEU P 234 -15.57 -1.21 58.73
N THR P 235 -15.85 0.05 59.16
CA THR P 235 -16.91 0.37 60.07
C THR P 235 -18.27 -0.04 59.58
N GLY P 236 -18.53 0.38 58.31
CA GLY P 236 -19.75 0.06 57.62
C GLY P 236 -19.92 -1.40 57.38
N LEU P 237 -18.84 -2.05 57.10
CA LEU P 237 -18.77 -3.48 56.74
C LEU P 237 -19.28 -4.37 57.88
N THR P 238 -18.93 -4.03 59.16
CA THR P 238 -19.27 -4.84 60.30
C THR P 238 -20.74 -4.79 60.47
N ILE P 239 -21.52 -3.71 60.17
CA ILE P 239 -23.00 -3.58 60.27
C ILE P 239 -23.68 -4.58 59.34
N ALA P 240 -23.08 -4.72 58.13
CA ALA P 240 -23.57 -5.68 57.07
C ALA P 240 -23.49 -7.08 57.55
N GLU P 241 -22.41 -7.39 58.26
CA GLU P 241 -22.24 -8.64 58.94
C GLU P 241 -23.23 -8.96 60.00
N TYR P 242 -23.58 -7.98 60.91
CA TYR P 242 -24.56 -8.22 61.93
C TYR P 242 -25.83 -8.55 61.24
N PHE P 243 -26.20 -7.89 60.06
CA PHE P 243 -27.49 -8.10 59.39
C PHE P 243 -27.62 -9.49 58.93
N ARG P 244 -26.52 -9.99 58.26
CA ARG P 244 -26.35 -11.31 57.74
C ARG P 244 -26.35 -12.38 58.81
N ASP P 245 -25.61 -12.12 59.97
CA ASP P 245 -25.37 -13.10 60.94
C ASP P 245 -26.57 -13.19 61.84
N GLU P 246 -26.66 -12.16 62.81
CA GLU P 246 -27.32 -12.35 64.05
C GLU P 246 -28.76 -11.84 63.98
N GLU P 247 -29.18 -11.46 62.78
CA GLU P 247 -30.54 -11.16 62.63
C GLU P 247 -31.20 -12.11 61.67
N GLY P 248 -30.28 -12.48 60.68
CA GLY P 248 -30.47 -13.49 59.71
C GLY P 248 -31.32 -12.89 58.63
N GLN P 249 -31.15 -11.62 58.35
CA GLN P 249 -31.87 -10.77 57.32
C GLN P 249 -31.04 -10.60 56.16
N ASP P 250 -31.64 -10.26 55.00
CA ASP P 250 -30.96 -9.79 53.84
C ASP P 250 -30.62 -8.35 53.99
N VAL P 251 -29.51 -7.98 53.38
CA VAL P 251 -29.03 -6.61 53.28
C VAL P 251 -28.30 -6.60 52.01
N LEU P 252 -28.10 -5.39 51.44
CA LEU P 252 -27.37 -5.20 50.17
C LEU P 252 -26.40 -4.12 50.52
N LEU P 253 -25.05 -4.40 50.61
CA LEU P 253 -24.02 -3.41 51.00
C LEU P 253 -23.80 -2.52 49.80
N PHE P 254 -23.38 -1.32 49.92
CA PHE P 254 -23.23 -0.34 48.87
C PHE P 254 -22.06 0.44 49.43
N ILE P 255 -21.01 0.80 48.58
CA ILE P 255 -19.82 1.50 48.99
C ILE P 255 -19.62 2.48 47.93
N ASP P 256 -18.95 3.62 48.24
CA ASP P 256 -18.62 4.66 47.28
C ASP P 256 -17.17 5.21 47.68
N ASN P 257 -16.36 5.84 46.78
CA ASN P 257 -15.52 5.10 45.83
C ASN P 257 -14.46 4.36 46.63
N ILE P 258 -14.17 3.13 46.11
CA ILE P 258 -13.25 2.19 46.70
C ILE P 258 -11.81 2.35 46.37
N PHE P 259 -11.55 3.36 45.44
CA PHE P 259 -10.26 3.83 45.00
C PHE P 259 -9.66 4.66 46.09
N ARG P 260 -10.60 5.33 46.85
CA ARG P 260 -10.33 6.09 48.02
C ARG P 260 -9.84 5.27 49.15
N PHE P 261 -10.30 3.97 49.19
CA PHE P 261 -9.81 2.96 50.10
C PHE P 261 -8.39 2.56 49.82
N THR P 262 -8.03 2.42 48.42
CA THR P 262 -6.66 2.14 47.99
C THR P 262 -5.74 3.24 48.41
N GLN P 263 -6.21 4.48 48.13
CA GLN P 263 -5.48 5.69 48.24
C GLN P 263 -5.01 5.95 49.65
N ALA P 264 -5.99 5.70 50.52
CA ALA P 264 -5.86 5.84 51.95
C ALA P 264 -4.84 4.86 52.52
N GLY P 265 -4.76 3.60 52.04
CA GLY P 265 -3.64 2.73 52.50
C GLY P 265 -2.22 3.14 52.02
N SER P 266 -2.21 3.73 50.78
CA SER P 266 -1.01 4.12 50.12
C SER P 266 -0.34 5.27 50.93
N GLU P 267 -1.15 6.20 51.53
CA GLU P 267 -0.65 7.26 52.29
C GLU P 267 -0.03 6.80 53.55
N VAL P 268 -0.69 5.98 54.35
CA VAL P 268 -0.25 5.60 55.68
C VAL P 268 0.78 4.56 55.56
N SER P 269 0.97 3.86 54.42
CA SER P 269 2.05 2.99 54.04
C SER P 269 3.34 3.64 53.94
N ALA P 270 3.40 4.84 53.24
CA ALA P 270 4.68 5.52 53.08
C ALA P 270 5.22 5.95 54.45
N LEU P 271 4.34 6.59 55.33
CA LEU P 271 4.67 7.07 56.60
C LEU P 271 5.06 6.07 57.57
N LEU P 272 4.50 4.82 57.50
CA LEU P 272 4.88 3.71 58.41
C LEU P 272 6.25 3.21 58.16
N GLY P 273 6.81 3.54 56.94
CA GLY P 273 8.17 3.37 56.69
C GLY P 273 8.34 2.41 55.53
N ARG P 274 7.26 1.98 54.89
CA ARG P 274 7.31 1.06 53.77
C ARG P 274 7.46 1.94 52.55
N ILE P 275 7.61 1.31 51.39
CA ILE P 275 7.60 2.03 50.13
C ILE P 275 6.30 1.58 49.41
N PRO P 276 5.48 2.49 48.84
CA PRO P 276 4.27 2.15 48.08
C PRO P 276 4.82 1.91 46.68
N SER P 277 4.94 0.65 46.36
CA SER P 277 5.45 0.19 45.05
C SER P 277 4.41 -0.38 44.15
N ALA P 278 4.61 -0.40 42.83
CA ALA P 278 3.72 -0.70 41.72
C ALA P 278 2.90 0.57 41.47
N VAL P 279 3.57 1.71 41.08
CA VAL P 279 2.99 3.04 40.74
C VAL P 279 2.34 3.77 41.91
N GLY P 280 3.07 3.85 43.07
CA GLY P 280 2.70 4.73 44.12
C GLY P 280 1.47 4.39 44.89
N TYR P 281 1.13 3.08 44.83
CA TYR P 281 -0.04 2.47 45.46
C TYR P 281 0.59 1.52 46.38
N GLN P 282 -0.15 1.16 47.55
CA GLN P 282 0.17 0.22 48.63
C GLN P 282 0.68 -1.16 48.22
N PRO P 283 1.63 -1.77 48.94
CA PRO P 283 2.02 -3.08 48.56
C PRO P 283 0.97 -4.12 49.02
N THR P 284 0.34 -3.82 50.18
CA THR P 284 -0.52 -4.71 50.96
C THR P 284 -1.93 -4.73 50.42
N LEU P 285 -2.10 -4.32 49.14
CA LEU P 285 -3.31 -4.37 48.39
C LEU P 285 -4.01 -5.70 48.28
N ALA P 286 -3.15 -6.71 48.07
CA ALA P 286 -3.69 -8.08 47.84
C ALA P 286 -4.53 -8.63 49.05
N THR P 287 -3.87 -8.54 50.28
CA THR P 287 -4.41 -8.97 51.56
C THR P 287 -5.53 -8.18 52.20
N ASP P 288 -5.49 -6.80 52.08
CA ASP P 288 -6.55 -5.87 52.43
C ASP P 288 -7.70 -6.01 51.50
N MET P 289 -7.53 -6.22 50.18
CA MET P 289 -8.64 -6.36 49.16
C MET P 289 -9.44 -7.62 49.52
N GLY P 290 -8.65 -8.68 49.74
CA GLY P 290 -9.10 -9.97 50.07
C GLY P 290 -9.90 -10.17 51.27
N LEU P 291 -9.55 -9.37 52.26
CA LEU P 291 -10.25 -9.29 53.53
C LEU P 291 -11.64 -8.82 53.40
N LEU P 292 -11.79 -7.75 52.60
CA LEU P 292 -13.01 -7.12 52.22
C LEU P 292 -13.88 -8.11 51.42
N GLN P 293 -13.35 -8.81 50.41
CA GLN P 293 -14.10 -9.57 49.48
C GLN P 293 -14.69 -10.75 50.15
N GLU P 294 -13.93 -11.43 51.01
CA GLU P 294 -14.49 -12.59 51.63
C GLU P 294 -15.59 -12.27 52.56
N ARG P 295 -15.36 -11.14 53.24
CA ARG P 295 -16.24 -10.61 54.29
C ARG P 295 -17.58 -10.28 53.71
N ILE P 296 -17.65 -9.92 52.44
CA ILE P 296 -18.94 -9.67 51.84
C ILE P 296 -19.32 -10.97 51.09
N THR P 297 -20.31 -11.74 51.64
CA THR P 297 -20.63 -13.05 51.07
C THR P 297 -22.04 -13.39 51.38
N THR P 298 -22.46 -14.57 50.87
CA THR P 298 -23.80 -15.08 50.99
C THR P 298 -23.47 -16.42 51.59
N THR P 299 -23.77 -16.54 52.91
CA THR P 299 -23.43 -17.72 53.63
C THR P 299 -24.69 -18.41 53.99
N LYS P 300 -24.71 -19.48 54.90
CA LYS P 300 -25.97 -20.06 55.34
C LYS P 300 -26.57 -19.09 56.31
N LYS P 301 -25.85 -18.07 56.94
CA LYS P 301 -26.35 -17.14 57.88
C LYS P 301 -27.31 -16.22 57.13
N GLY P 302 -26.79 -15.62 56.04
CA GLY P 302 -27.63 -14.63 55.29
C GLY P 302 -27.14 -14.35 53.85
N SER P 303 -27.40 -13.10 53.34
CA SER P 303 -26.93 -12.65 52.07
C SER P 303 -26.67 -11.13 52.35
N VAL P 304 -25.44 -10.66 51.79
CA VAL P 304 -24.99 -9.28 51.79
C VAL P 304 -24.53 -9.18 50.34
N THR P 305 -25.09 -8.28 49.52
CA THR P 305 -24.52 -8.23 48.18
C THR P 305 -24.02 -6.80 48.00
N SER P 306 -22.75 -6.70 47.64
CA SER P 306 -22.17 -5.39 47.46
C SER P 306 -22.39 -4.84 46.05
N VAL P 307 -22.57 -3.54 46.01
CA VAL P 307 -22.50 -2.77 44.72
C VAL P 307 -21.42 -1.78 45.19
N GLN P 308 -20.25 -1.82 44.56
CA GLN P 308 -19.10 -1.08 44.89
C GLN P 308 -18.76 -0.11 43.75
N ALA P 309 -18.63 1.29 44.08
CA ALA P 309 -18.18 2.36 43.18
C ALA P 309 -16.68 2.29 43.07
N VAL P 310 -16.01 2.54 41.87
CA VAL P 310 -14.60 2.46 41.68
C VAL P 310 -14.33 3.70 40.80
N TYR P 311 -13.14 4.34 40.99
CA TYR P 311 -12.75 5.46 40.18
C TYR P 311 -11.44 4.91 39.55
N VAL P 312 -11.36 5.00 38.18
CA VAL P 312 -10.25 4.55 37.42
C VAL P 312 -9.53 5.81 37.02
N PRO P 313 -8.30 6.07 37.45
CA PRO P 313 -7.65 7.32 37.14
C PRO P 313 -7.44 7.47 35.61
N ALA P 314 -7.96 8.47 34.93
CA ALA P 314 -7.69 8.61 33.53
C ALA P 314 -8.07 7.37 32.62
N ASP P 315 -9.08 6.63 33.01
CA ASP P 315 -9.62 5.50 32.34
C ASP P 315 -8.54 4.47 31.93
N ASP P 316 -7.59 4.37 32.93
CA ASP P 316 -6.46 3.52 32.76
C ASP P 316 -6.65 2.33 33.64
N LEU P 317 -6.79 1.15 33.00
CA LEU P 317 -7.11 -0.13 33.47
C LEU P 317 -5.90 -1.01 33.47
N THR P 318 -4.74 -0.43 33.10
CA THR P 318 -3.46 -1.09 33.07
C THR P 318 -2.63 -0.48 34.16
N ASP P 319 -3.17 0.39 35.06
CA ASP P 319 -2.51 0.83 36.27
C ASP P 319 -2.88 -0.24 37.19
N PRO P 320 -1.96 -0.65 38.14
CA PRO P 320 -2.11 -1.91 38.85
C PRO P 320 -3.24 -1.79 39.77
N ALA P 321 -3.54 -0.56 40.32
CA ALA P 321 -4.65 -0.40 41.28
C ALA P 321 -6.00 -0.65 40.72
N PRO P 322 -6.39 -0.10 39.59
CA PRO P 322 -7.64 -0.50 39.04
C PRO P 322 -7.70 -1.94 38.61
N ALA P 323 -6.66 -2.51 37.95
CA ALA P 323 -6.74 -3.80 37.42
C ALA P 323 -6.97 -5.04 38.32
N THR P 324 -6.40 -5.10 39.53
CA THR P 324 -6.53 -6.19 40.57
C THR P 324 -7.92 -6.27 41.02
N THR P 325 -8.61 -5.09 41.26
CA THR P 325 -9.89 -4.93 41.64
C THR P 325 -10.91 -5.41 40.64
N PHE P 326 -10.52 -5.43 39.31
CA PHE P 326 -11.31 -5.81 38.13
C PHE P 326 -11.64 -7.28 38.24
N ALA P 327 -10.62 -8.10 38.79
CA ALA P 327 -10.74 -9.54 38.90
C ALA P 327 -11.72 -9.84 40.07
N HIS P 328 -11.56 -9.08 41.23
CA HIS P 328 -12.25 -9.24 42.49
C HIS P 328 -13.67 -8.82 42.55
N LEU P 329 -14.19 -8.10 41.57
CA LEU P 329 -15.55 -7.61 41.54
C LEU P 329 -16.07 -8.57 40.46
N ASP P 330 -17.12 -9.39 40.84
CA ASP P 330 -17.71 -10.46 40.00
C ASP P 330 -18.35 -9.96 38.76
N ALA P 331 -19.10 -8.89 38.84
CA ALA P 331 -20.02 -8.56 37.72
C ALA P 331 -19.76 -7.11 37.40
N THR P 332 -18.67 -6.89 36.67
CA THR P 332 -18.14 -5.64 36.30
C THR P 332 -19.04 -5.03 35.26
N THR P 333 -19.03 -3.64 35.18
CA THR P 333 -19.70 -2.79 34.19
C THR P 333 -18.69 -1.66 33.94
N VAL P 334 -18.69 -0.95 32.84
CA VAL P 334 -17.78 0.18 32.72
C VAL P 334 -18.57 1.35 32.16
N LEU P 335 -18.33 2.53 32.71
CA LEU P 335 -19.09 3.69 32.39
C LEU P 335 -18.02 4.50 31.75
N SER P 336 -18.44 5.21 30.68
CA SER P 336 -17.66 6.05 29.85
C SER P 336 -18.37 7.33 29.64
N ARG P 337 -17.49 8.34 29.39
CA ARG P 337 -17.94 9.72 29.28
C ARG P 337 -18.76 9.94 28.07
N GLY P 338 -18.43 9.26 26.96
CA GLY P 338 -18.94 9.45 25.63
C GLY P 338 -20.43 9.28 25.53
N ILE P 339 -20.97 8.27 26.23
CA ILE P 339 -22.43 7.86 26.28
C ILE P 339 -23.34 8.92 26.97
N SER P 340 -22.81 9.58 27.95
CA SER P 340 -23.44 10.68 28.68
C SER P 340 -23.71 11.84 27.77
N GLU P 341 -22.76 12.23 26.90
CA GLU P 341 -22.82 13.33 25.98
C GLU P 341 -23.78 13.14 24.83
N LEU P 342 -23.98 11.90 24.42
CA LEU P 342 -25.03 11.39 23.56
C LEU P 342 -26.41 11.53 24.22
N GLY P 343 -26.46 11.79 25.54
CA GLY P 343 -27.76 11.85 26.18
C GLY P 343 -28.26 10.49 26.47
N ILE P 344 -27.35 9.49 26.43
CA ILE P 344 -27.71 8.11 26.65
C ILE P 344 -27.50 7.87 28.13
N TYR P 345 -28.52 7.28 28.82
CA TYR P 345 -28.53 7.13 30.28
C TYR P 345 -28.87 5.72 30.65
N PRO P 346 -28.03 4.92 31.40
CA PRO P 346 -26.92 5.33 32.26
C PRO P 346 -25.67 5.41 31.37
N ALA P 347 -24.50 5.68 31.93
CA ALA P 347 -23.26 5.92 31.13
C ALA P 347 -22.64 4.57 30.69
N VAL P 348 -23.32 3.45 31.00
CA VAL P 348 -22.97 2.12 30.76
C VAL P 348 -22.78 1.81 29.22
N ASP P 349 -21.62 1.03 28.96
CA ASP P 349 -21.24 0.50 27.74
C ASP P 349 -21.32 -0.99 27.97
N PRO P 350 -22.03 -1.80 27.10
CA PRO P 350 -22.37 -3.10 27.53
C PRO P 350 -21.37 -3.98 26.79
N LEU P 351 -20.33 -3.34 26.12
CA LEU P 351 -19.40 -4.00 25.24
C LEU P 351 -18.15 -4.05 26.07
N ASP P 352 -18.25 -3.76 27.41
CA ASP P 352 -17.14 -3.70 28.31
C ASP P 352 -17.47 -4.49 29.52
N SER P 353 -18.75 -4.83 29.86
CA SER P 353 -19.14 -5.73 30.94
C SER P 353 -18.67 -7.16 30.72
N LYS P 354 -18.14 -7.80 31.83
CA LYS P 354 -17.54 -9.08 31.85
C LYS P 354 -17.85 -9.75 33.15
N SER P 355 -18.06 -11.13 33.15
CA SER P 355 -18.04 -11.90 34.34
C SER P 355 -17.01 -12.99 34.00
N ARG P 356 -16.37 -13.73 34.93
CA ARG P 356 -15.25 -14.60 34.68
C ARG P 356 -15.71 -15.75 33.81
N LEU P 357 -16.95 -16.29 33.99
CA LEU P 357 -17.41 -17.45 33.26
C LEU P 357 -18.79 -17.06 32.81
N LEU P 358 -19.08 -17.42 31.49
CA LEU P 358 -20.36 -17.11 30.88
C LEU P 358 -20.74 -18.26 29.97
N ASP P 359 -21.99 -18.75 30.14
CA ASP P 359 -22.53 -19.76 29.22
C ASP P 359 -24.00 -19.63 29.08
N ALA P 360 -24.62 -20.70 28.63
CA ALA P 360 -26.02 -20.83 28.43
C ALA P 360 -26.75 -21.47 29.55
N ALA P 361 -26.03 -21.91 30.63
CA ALA P 361 -26.56 -22.45 31.79
C ALA P 361 -26.39 -21.42 32.89
N VAL P 362 -25.24 -20.74 32.91
CA VAL P 362 -24.91 -19.68 33.87
C VAL P 362 -25.95 -18.57 34.09
N VAL P 363 -26.46 -18.03 32.90
CA VAL P 363 -27.35 -16.87 32.87
C VAL P 363 -28.70 -17.30 32.29
N GLY P 364 -28.71 -18.48 31.69
CA GLY P 364 -29.87 -19.10 31.08
C GLY P 364 -29.88 -18.99 29.62
N GLN P 365 -30.60 -19.93 28.91
CA GLN P 365 -30.48 -20.09 27.49
C GLN P 365 -30.98 -18.96 26.58
N GLU P 366 -32.13 -18.40 26.95
CA GLU P 366 -32.78 -17.26 26.28
C GLU P 366 -31.95 -16.01 26.44
N HIS P 367 -31.51 -15.77 27.71
CA HIS P 367 -30.81 -14.64 28.13
C HIS P 367 -29.50 -14.55 27.38
N TYR P 368 -28.78 -15.75 27.20
CA TYR P 368 -27.45 -15.80 26.65
C TYR P 368 -27.43 -15.30 25.21
N ASP P 369 -28.43 -15.92 24.44
CA ASP P 369 -28.58 -15.89 23.03
C ASP P 369 -28.95 -14.40 22.66
N VAL P 370 -29.91 -13.80 23.39
CA VAL P 370 -30.33 -12.46 23.17
C VAL P 370 -29.13 -11.47 23.41
N ALA P 371 -28.34 -11.66 24.54
CA ALA P 371 -27.33 -10.78 25.02
C ALA P 371 -26.14 -10.88 24.08
N SER P 372 -25.84 -12.08 23.49
CA SER P 372 -24.83 -12.24 22.43
C SER P 372 -25.19 -11.61 21.16
N LYS P 373 -26.44 -11.71 20.69
CA LYS P 373 -26.84 -11.08 19.51
C LYS P 373 -26.83 -9.59 19.57
N VAL P 374 -27.23 -9.02 20.74
CA VAL P 374 -27.17 -7.61 20.86
C VAL P 374 -25.75 -7.06 20.72
N GLN P 375 -24.77 -7.73 21.42
CA GLN P 375 -23.37 -7.31 21.48
C GLN P 375 -22.68 -7.39 20.14
N GLU P 376 -22.97 -8.53 19.38
CA GLU P 376 -22.29 -8.59 18.02
C GLU P 376 -22.69 -7.51 17.07
N THR P 377 -23.95 -7.08 17.01
CA THR P 377 -24.44 -6.01 16.13
C THR P 377 -23.74 -4.69 16.52
N LEU P 378 -23.68 -4.38 17.85
CA LEU P 378 -22.97 -3.17 18.31
C LEU P 378 -21.41 -3.20 18.12
N GLN P 379 -20.74 -4.38 18.34
CA GLN P 379 -19.33 -4.67 18.18
C GLN P 379 -18.85 -4.56 16.71
N THR P 380 -19.67 -5.01 15.71
CA THR P 380 -19.48 -4.93 14.26
C THR P 380 -19.52 -3.42 13.84
N TYR P 381 -20.44 -2.62 14.42
CA TYR P 381 -20.49 -1.20 14.26
C TYR P 381 -19.29 -0.44 14.68
N LYS P 382 -18.66 -0.72 15.83
CA LYS P 382 -17.47 -0.17 16.44
C LYS P 382 -16.36 -0.59 15.50
N SER P 383 -16.29 -1.83 15.02
CA SER P 383 -15.22 -2.23 14.11
C SER P 383 -15.27 -1.45 12.82
N LEU P 384 -16.45 -1.20 12.27
CA LEU P 384 -16.66 -0.68 10.91
C LEU P 384 -16.46 0.85 10.91
N GLN P 385 -16.50 1.45 12.15
CA GLN P 385 -16.49 2.95 12.23
C GLN P 385 -15.29 3.61 11.58
N ASP P 386 -14.06 3.04 11.83
CA ASP P 386 -12.82 3.51 11.25
C ASP P 386 -12.83 3.41 9.69
N ILE P 387 -13.34 2.26 9.22
CA ILE P 387 -13.38 1.88 7.78
C ILE P 387 -14.23 2.81 6.94
N ILE P 388 -15.43 3.04 7.50
CA ILE P 388 -16.44 3.91 7.07
C ILE P 388 -15.97 5.35 7.08
N ALA P 389 -15.07 5.83 8.01
CA ALA P 389 -14.51 7.16 8.10
C ALA P 389 -13.75 7.52 6.86
N ILE P 390 -12.96 6.58 6.24
CA ILE P 390 -12.15 6.89 5.08
C ILE P 390 -12.82 6.33 3.85
N LEU P 391 -13.08 5.04 3.77
CA LEU P 391 -13.63 4.40 2.58
C LEU P 391 -15.05 4.80 2.28
N GLY P 392 -15.86 4.94 3.32
CA GLY P 392 -17.25 5.32 3.28
C GLY P 392 -18.08 4.06 3.28
N MET P 393 -19.40 4.24 3.83
CA MET P 393 -20.42 3.26 3.98
C MET P 393 -20.77 2.52 2.68
N ASP P 394 -20.58 3.26 1.56
CA ASP P 394 -20.98 2.98 0.22
C ASP P 394 -20.03 2.00 -0.40
N GLU P 395 -18.76 1.84 0.12
CA GLU P 395 -17.89 0.79 -0.31
C GLU P 395 -18.18 -0.56 0.36
N LEU P 396 -18.99 -0.56 1.44
CA LEU P 396 -19.52 -1.76 2.07
C LEU P 396 -20.79 -2.02 1.53
N SER P 397 -21.38 -3.13 1.96
CA SER P 397 -22.57 -3.82 1.46
C SER P 397 -23.82 -3.12 1.99
N GLU P 398 -24.98 -3.55 1.36
CA GLU P 398 -26.24 -3.29 1.88
C GLU P 398 -26.43 -3.92 3.24
N GLN P 399 -25.93 -5.14 3.40
CA GLN P 399 -25.97 -5.88 4.65
C GLN P 399 -25.25 -5.26 5.81
N ASP P 400 -24.03 -4.71 5.50
CA ASP P 400 -23.12 -4.06 6.43
C ASP P 400 -23.81 -2.84 6.99
N LYS P 401 -24.52 -2.11 6.02
CA LYS P 401 -25.31 -0.91 6.27
C LYS P 401 -26.44 -1.22 7.21
N LEU P 402 -27.13 -2.37 7.07
CA LEU P 402 -28.19 -2.81 7.92
C LEU P 402 -27.76 -3.18 9.33
N THR P 403 -26.53 -3.81 9.49
CA THR P 403 -25.91 -4.11 10.82
C THR P 403 -25.57 -2.86 11.56
N VAL P 404 -25.08 -1.82 10.87
CA VAL P 404 -24.93 -0.45 11.28
C VAL P 404 -26.20 0.27 11.63
N GLU P 405 -27.34 0.13 10.82
CA GLU P 405 -28.59 0.85 11.05
C GLU P 405 -29.28 0.21 12.28
N ARG P 406 -29.13 -1.12 12.44
CA ARG P 406 -29.63 -1.75 13.63
C ARG P 406 -28.96 -1.38 14.93
N ALA P 407 -27.64 -1.30 14.90
CA ALA P 407 -26.75 -1.05 16.07
C ALA P 407 -27.05 0.31 16.66
N ARG P 408 -27.26 1.33 15.84
CA ARG P 408 -27.83 2.55 16.22
C ARG P 408 -29.28 2.58 16.81
N LYS P 409 -30.18 1.82 16.20
CA LYS P 409 -31.47 1.88 16.84
C LYS P 409 -31.40 1.24 18.23
N ILE P 410 -30.65 0.08 18.39
CA ILE P 410 -30.46 -0.62 19.68
C ILE P 410 -29.79 0.24 20.66
N GLN P 411 -28.78 1.02 20.20
CA GLN P 411 -27.91 1.87 20.95
C GLN P 411 -28.67 2.95 21.70
N ARG P 412 -29.74 3.51 21.07
CA ARG P 412 -30.48 4.54 21.73
C ARG P 412 -31.65 3.98 22.47
N PHE P 413 -31.75 2.62 22.42
CA PHE P 413 -32.74 1.87 23.17
C PHE P 413 -32.18 1.59 24.56
N LEU P 414 -31.10 2.22 24.95
CA LEU P 414 -30.46 1.98 26.21
C LEU P 414 -30.53 3.29 26.95
N SER P 415 -31.37 4.28 26.42
CA SER P 415 -31.55 5.55 27.05
C SER P 415 -32.70 5.30 28.01
N GLN P 416 -32.67 5.94 29.24
CA GLN P 416 -33.74 5.81 30.16
C GLN P 416 -33.47 6.94 31.14
N PRO P 417 -34.25 8.00 31.22
CA PRO P 417 -34.11 9.11 32.11
C PRO P 417 -34.84 8.61 33.32
N PHE P 418 -34.44 9.06 34.52
CA PHE P 418 -34.80 8.59 35.83
C PHE P 418 -35.32 9.83 36.44
N ALA P 419 -36.11 9.63 37.52
CA ALA P 419 -36.72 10.72 38.24
C ALA P 419 -35.68 11.58 38.97
N VAL P 420 -34.51 10.98 39.41
CA VAL P 420 -33.55 11.75 40.25
C VAL P 420 -32.49 12.38 39.37
N ALA P 421 -32.75 12.38 38.07
CA ALA P 421 -31.95 12.97 37.08
C ALA P 421 -32.91 13.87 36.28
N GLU P 422 -33.82 14.52 37.02
CA GLU P 422 -34.63 15.58 36.55
C GLU P 422 -33.94 16.78 37.03
N VAL P 423 -32.91 16.65 37.89
CA VAL P 423 -32.07 17.75 38.40
C VAL P 423 -30.82 17.65 37.60
N PHE P 424 -30.65 16.59 36.77
CA PHE P 424 -29.44 16.49 36.12
C PHE P 424 -29.81 16.69 34.58
N THR P 425 -30.79 15.87 34.07
CA THR P 425 -31.18 15.89 32.71
C THR P 425 -32.38 16.77 32.64
N GLY P 426 -33.55 16.17 33.04
CA GLY P 426 -34.74 16.92 33.05
C GLY P 426 -35.93 16.10 32.73
N ILE P 427 -35.74 14.83 32.17
CA ILE P 427 -36.83 14.22 31.43
C ILE P 427 -37.53 13.28 32.35
N PRO P 428 -38.90 12.99 32.41
CA PRO P 428 -39.42 12.16 33.51
C PRO P 428 -38.80 10.76 33.66
N GLY P 429 -39.16 10.18 34.87
CA GLY P 429 -38.70 8.90 35.30
C GLY P 429 -39.30 7.82 34.43
N LYS P 430 -38.50 6.72 34.24
CA LYS P 430 -38.85 5.58 33.37
C LYS P 430 -38.08 4.49 33.90
N LEU P 431 -38.67 3.30 34.01
CA LEU P 431 -38.10 2.11 34.53
C LEU P 431 -38.63 0.96 33.74
N VAL P 432 -37.78 -0.02 33.56
CA VAL P 432 -38.13 -1.20 32.84
C VAL P 432 -37.63 -2.39 33.65
N ARG P 433 -38.47 -3.38 33.95
CA ARG P 433 -38.16 -4.60 34.68
C ARG P 433 -37.37 -5.59 33.83
N LEU P 434 -36.92 -6.70 34.48
CA LEU P 434 -36.13 -7.80 33.89
C LEU P 434 -36.99 -8.47 32.81
N LYS P 435 -38.22 -8.73 33.07
CA LYS P 435 -39.14 -9.38 32.16
C LYS P 435 -39.44 -8.64 30.88
N ASP P 436 -39.75 -7.29 31.02
CA ASP P 436 -40.11 -6.40 29.96
C ASP P 436 -38.93 -6.22 29.00
N THR P 437 -37.68 -6.05 29.48
CA THR P 437 -36.51 -5.94 28.63
C THR P 437 -36.19 -7.20 27.77
N VAL P 438 -36.28 -8.39 28.36
CA VAL P 438 -35.99 -9.66 27.68
C VAL P 438 -36.91 -9.96 26.58
N ALA P 439 -38.25 -9.83 26.88
CA ALA P 439 -39.19 -10.07 25.87
C ALA P 439 -39.09 -9.12 24.70
N SER P 440 -38.95 -7.80 24.96
CA SER P 440 -38.88 -6.77 23.94
C SER P 440 -37.70 -6.61 23.03
N PHE P 441 -36.43 -6.83 23.51
CA PHE P 441 -35.21 -6.75 22.77
C PHE P 441 -35.17 -7.87 21.72
N LYS P 442 -35.85 -9.01 22.10
CA LYS P 442 -35.88 -10.07 21.09
C LYS P 442 -36.62 -9.72 19.77
N ALA P 443 -37.72 -8.95 19.84
CA ALA P 443 -38.57 -8.48 18.80
C ALA P 443 -37.81 -7.65 17.82
N VAL P 444 -36.96 -6.75 18.26
CA VAL P 444 -36.22 -5.79 17.58
C VAL P 444 -35.20 -6.39 16.65
N LEU P 445 -34.49 -7.44 17.16
CA LEU P 445 -33.47 -8.16 16.43
C LEU P 445 -34.12 -8.89 15.33
N GLU P 446 -35.38 -9.42 15.51
CA GLU P 446 -36.12 -10.17 14.47
C GLU P 446 -36.60 -9.20 13.36
N GLY P 447 -36.64 -7.84 13.66
CA GLY P 447 -36.90 -6.80 12.73
C GLY P 447 -38.30 -6.20 12.69
N LYS P 448 -39.01 -6.08 13.84
CA LYS P 448 -40.37 -5.73 13.92
C LYS P 448 -40.35 -4.25 14.22
N TYR P 449 -39.32 -3.77 14.89
CA TYR P 449 -39.13 -2.38 15.20
C TYR P 449 -37.95 -1.86 14.51
N ASP P 450 -37.54 -2.40 13.31
CA ASP P 450 -36.35 -1.93 12.63
C ASP P 450 -37.08 -1.29 11.41
N ASN P 451 -37.81 -0.17 11.70
CA ASN P 451 -38.47 0.73 10.76
C ASN P 451 -38.94 2.00 11.45
N ILE P 452 -38.73 2.04 12.82
CA ILE P 452 -39.08 3.12 13.75
C ILE P 452 -37.92 3.94 13.87
N PRO P 453 -37.91 5.32 13.78
CA PRO P 453 -36.76 6.21 13.77
C PRO P 453 -35.89 6.15 14.92
N GLU P 454 -34.60 6.42 14.77
CA GLU P 454 -33.63 6.42 15.81
C GLU P 454 -33.95 7.40 16.95
N HIS P 455 -34.45 8.65 16.66
CA HIS P 455 -34.75 9.69 17.57
C HIS P 455 -36.03 9.48 18.27
N ALA P 456 -36.78 8.44 17.83
CA ALA P 456 -37.99 7.91 18.55
C ALA P 456 -37.61 6.85 19.52
N PHE P 457 -36.33 6.55 19.61
CA PHE P 457 -35.83 5.82 20.75
C PHE P 457 -35.10 6.77 21.70
N TYR P 458 -35.21 8.09 21.40
CA TYR P 458 -34.61 9.01 22.32
C TYR P 458 -35.47 9.23 23.53
N MET P 459 -34.87 9.00 24.73
CA MET P 459 -35.53 9.12 26.00
C MET P 459 -36.73 8.28 26.11
N VAL P 460 -36.59 6.88 26.13
CA VAL P 460 -37.74 6.01 26.26
C VAL P 460 -37.46 5.03 27.42
N GLY P 461 -38.62 4.40 27.79
CA GLY P 461 -38.57 3.28 28.74
C GLY P 461 -38.79 2.06 27.95
N GLY P 462 -39.93 1.45 28.18
CA GLY P 462 -40.45 0.28 27.49
C GLY P 462 -40.62 0.47 25.99
N ILE P 463 -41.20 -0.54 25.34
CA ILE P 463 -41.46 -0.63 23.88
C ILE P 463 -42.47 0.49 23.56
N GLU P 464 -43.41 0.71 24.54
CA GLU P 464 -44.58 1.52 24.44
C GLU P 464 -44.27 3.01 24.15
N ASP P 465 -43.17 3.52 24.82
CA ASP P 465 -42.70 4.83 24.70
C ASP P 465 -42.16 5.14 23.32
N VAL P 466 -41.48 4.14 22.73
CA VAL P 466 -40.87 4.29 21.46
C VAL P 466 -41.98 4.59 20.38
N VAL P 467 -43.13 3.84 20.47
CA VAL P 467 -44.30 3.95 19.58
C VAL P 467 -44.90 5.33 19.73
N ALA P 468 -45.09 5.86 21.02
CA ALA P 468 -45.59 7.13 21.42
C ALA P 468 -44.73 8.27 21.01
N LYS P 469 -43.38 8.15 21.14
CA LYS P 469 -42.38 8.99 20.60
C LYS P 469 -42.26 8.93 19.07
N ALA P 470 -42.64 7.88 18.36
CA ALA P 470 -42.68 7.80 16.91
C ALA P 470 -43.74 8.70 16.35
N GLU P 471 -44.95 8.70 16.95
CA GLU P 471 -46.13 9.50 16.70
C GLU P 471 -45.88 10.98 16.87
N LYS P 472 -45.06 11.30 17.88
CA LYS P 472 -44.60 12.63 18.16
C LYS P 472 -43.70 13.15 16.99
N LEU P 473 -42.73 12.41 16.38
CA LEU P 473 -41.99 12.79 15.23
C LEU P 473 -42.86 12.85 14.04
N ALA P 474 -43.91 11.99 13.84
CA ALA P 474 -44.91 12.01 12.75
C ALA P 474 -45.75 13.20 12.62
N ALA P 475 -46.15 13.73 13.83
CA ALA P 475 -47.00 14.90 14.14
C ALA P 475 -46.08 16.07 14.71
N ALA Q 1 -1.30 8.22 30.29
CA ALA Q 1 0.22 8.29 30.37
C ALA Q 1 0.76 9.08 29.20
N THR Q 2 2.11 9.16 28.90
CA THR Q 2 2.69 9.56 27.61
C THR Q 2 2.54 8.39 26.73
N LEU Q 3 2.89 7.25 27.31
CA LEU Q 3 3.29 5.99 26.62
C LEU Q 3 2.22 5.47 25.77
N LYS Q 4 0.95 5.43 26.35
CA LYS Q 4 -0.26 4.86 25.72
C LYS Q 4 -0.77 5.80 24.61
N GLU Q 5 -0.52 7.15 24.69
CA GLU Q 5 -0.90 8.10 23.70
C GLU Q 5 -0.16 7.95 22.41
N VAL Q 6 1.19 7.72 22.57
CA VAL Q 6 2.08 7.25 21.54
C VAL Q 6 1.59 5.96 20.89
N GLU Q 7 1.24 4.93 21.73
CA GLU Q 7 0.90 3.71 21.27
C GLU Q 7 -0.44 3.69 20.47
N MET Q 8 -1.48 4.51 20.92
CA MET Q 8 -2.76 4.53 20.30
C MET Q 8 -2.63 5.17 18.89
N ARG Q 9 -1.79 6.21 18.81
CA ARG Q 9 -1.50 6.90 17.58
C ARG Q 9 -0.73 6.10 16.51
N LEU Q 10 0.22 5.26 17.11
CA LEU Q 10 0.97 4.34 16.28
C LEU Q 10 0.00 3.27 15.65
N LYS Q 11 -1.05 2.84 16.50
CA LYS Q 11 -2.09 1.92 16.06
C LYS Q 11 -2.96 2.47 14.93
N SER Q 12 -3.36 3.78 14.98
CA SER Q 12 -4.12 4.51 13.96
C SER Q 12 -3.51 4.51 12.66
N ILE Q 13 -2.22 4.84 12.62
CA ILE Q 13 -1.47 4.80 11.38
C ILE Q 13 -1.41 3.28 10.83
N LYS Q 14 -1.18 2.28 11.75
CA LYS Q 14 -1.10 0.90 11.34
C LYS Q 14 -2.33 0.48 10.63
N ASN Q 15 -3.49 0.91 11.14
CA ASN Q 15 -4.79 0.62 10.58
C ASN Q 15 -5.00 1.25 9.15
N ILE Q 16 -4.53 2.50 8.99
CA ILE Q 16 -4.52 3.19 7.71
C ILE Q 16 -3.75 2.50 6.68
N GLU Q 17 -2.53 1.95 7.00
CA GLU Q 17 -1.83 1.06 6.04
C GLU Q 17 -2.76 -0.12 5.59
N LYS Q 18 -3.45 -0.78 6.56
CA LYS Q 18 -4.31 -1.93 6.34
C LYS Q 18 -5.42 -1.61 5.37
N ILE Q 19 -6.08 -0.47 5.55
CA ILE Q 19 -7.17 0.02 4.74
C ILE Q 19 -6.71 0.30 3.35
N THR Q 20 -5.56 0.94 3.20
CA THR Q 20 -5.02 1.39 1.89
C THR Q 20 -4.49 0.26 1.08
N LYS Q 21 -3.95 -0.80 1.69
CA LYS Q 21 -3.55 -2.05 1.15
C LYS Q 21 -4.61 -2.79 0.46
N THR Q 22 -5.77 -2.97 1.19
CA THR Q 22 -7.00 -3.67 0.91
C THR Q 22 -7.58 -2.97 -0.28
N MET Q 23 -7.68 -1.60 -0.29
CA MET Q 23 -8.37 -0.79 -1.32
C MET Q 23 -7.60 -1.03 -2.65
N LYS Q 24 -6.25 -0.97 -2.58
CA LYS Q 24 -5.25 -1.04 -3.56
C LYS Q 24 -5.40 -2.30 -4.38
N ILE Q 25 -5.61 -3.47 -3.71
CA ILE Q 25 -5.77 -4.85 -4.24
C ILE Q 25 -7.10 -4.81 -5.00
N VAL Q 26 -8.18 -4.21 -4.41
CA VAL Q 26 -9.54 -4.20 -5.02
C VAL Q 26 -9.55 -3.42 -6.25
N ALA Q 27 -8.77 -2.32 -6.29
CA ALA Q 27 -8.52 -1.39 -7.42
C ALA Q 27 -7.92 -2.03 -8.59
N SER Q 28 -6.91 -2.89 -8.34
CA SER Q 28 -6.25 -3.70 -9.34
C SER Q 28 -7.05 -4.77 -10.11
N THR Q 29 -7.92 -5.58 -9.35
CA THR Q 29 -8.93 -6.52 -9.85
C THR Q 29 -9.94 -5.80 -10.77
N ARG Q 30 -10.51 -4.63 -10.35
CA ARG Q 30 -11.45 -3.85 -11.13
C ARG Q 30 -10.76 -3.27 -12.35
N LEU Q 31 -9.51 -2.87 -12.27
CA LEU Q 31 -8.71 -2.20 -13.31
C LEU Q 31 -8.67 -2.92 -14.53
N SER Q 32 -8.39 -4.25 -14.46
CA SER Q 32 -8.23 -5.16 -15.65
C SER Q 32 -9.50 -5.07 -16.50
N LYS Q 33 -10.68 -5.05 -15.84
CA LYS Q 33 -11.95 -5.00 -16.54
C LYS Q 33 -12.10 -3.68 -17.30
N ALA Q 34 -11.66 -2.61 -16.61
CA ALA Q 34 -11.64 -1.26 -17.06
C ALA Q 34 -10.82 -0.98 -18.35
N GLU Q 35 -9.55 -1.47 -18.43
CA GLU Q 35 -8.70 -1.47 -19.55
C GLU Q 35 -9.11 -2.34 -20.67
N LYS Q 36 -9.53 -3.55 -20.39
CA LYS Q 36 -10.01 -4.54 -21.38
C LYS Q 36 -11.23 -4.10 -22.13
N ALA Q 37 -12.31 -3.46 -21.48
CA ALA Q 37 -13.41 -2.80 -22.16
C ALA Q 37 -12.96 -1.58 -23.00
N LYS Q 38 -12.09 -0.67 -22.44
CA LYS Q 38 -11.58 0.55 -23.13
C LYS Q 38 -10.79 0.22 -24.46
N ILE Q 39 -10.04 -0.87 -24.50
CA ILE Q 39 -9.42 -1.37 -25.72
C ILE Q 39 -10.46 -1.72 -26.83
N SER Q 40 -11.45 -2.55 -26.45
CA SER Q 40 -12.42 -3.15 -27.37
C SER Q 40 -13.33 -2.07 -27.94
N ALA Q 41 -13.75 -1.15 -27.05
CA ALA Q 41 -14.53 -0.01 -27.25
C ALA Q 41 -13.85 1.00 -28.22
N LYS Q 42 -12.52 1.21 -27.96
CA LYS Q 42 -11.67 2.08 -28.71
C LYS Q 42 -11.49 1.56 -30.10
N LYS Q 43 -11.32 0.23 -30.26
CA LYS Q 43 -11.29 -0.33 -31.60
C LYS Q 43 -12.54 -0.08 -32.38
N MET Q 44 -13.75 -0.21 -31.76
CA MET Q 44 -15.01 0.12 -32.44
C MET Q 44 -15.05 1.57 -32.92
N ASP Q 45 -14.68 2.57 -32.08
CA ASP Q 45 -14.61 4.00 -32.35
C ASP Q 45 -13.62 4.30 -33.47
N GLU Q 46 -12.43 3.63 -33.54
CA GLU Q 46 -11.40 3.87 -34.47
C GLU Q 46 -11.82 3.65 -35.88
N ALA Q 47 -12.66 2.64 -36.07
CA ALA Q 47 -13.22 2.31 -37.34
C ALA Q 47 -14.08 3.35 -37.93
N GLU Q 48 -14.85 4.00 -37.03
CA GLU Q 48 -15.57 5.25 -37.45
C GLU Q 48 -14.68 6.45 -37.71
N GLN Q 49 -13.68 6.57 -36.91
CA GLN Q 49 -12.78 7.65 -37.12
C GLN Q 49 -12.04 7.64 -38.47
N LEU Q 50 -11.73 6.40 -38.92
CA LEU Q 50 -11.03 6.07 -40.15
C LEU Q 50 -11.82 6.70 -41.29
N PHE Q 51 -13.16 6.64 -41.29
CA PHE Q 51 -14.16 7.25 -42.14
C PHE Q 51 -14.10 8.81 -42.07
N TYR Q 52 -14.18 9.38 -40.86
CA TYR Q 52 -14.15 10.75 -40.58
C TYR Q 52 -12.84 11.33 -40.99
N LYS Q 53 -11.70 10.67 -40.81
CA LYS Q 53 -10.37 11.15 -41.32
C LYS Q 53 -10.43 11.21 -42.80
N ASN Q 54 -10.84 10.13 -43.51
CA ASN Q 54 -10.68 10.09 -44.97
C ASN Q 54 -11.59 11.01 -45.66
N ALA Q 55 -12.87 11.16 -45.15
CA ALA Q 55 -14.00 11.99 -45.49
C ALA Q 55 -13.78 13.49 -45.26
N GLU Q 56 -12.76 13.86 -44.51
CA GLU Q 56 -12.48 15.14 -43.94
C GLU Q 56 -13.46 15.48 -42.72
N THR Q 57 -13.03 16.55 -42.01
CA THR Q 57 -13.42 16.90 -40.66
C THR Q 57 -13.82 18.39 -40.62
N LYS Q 58 -14.31 19.03 -41.73
CA LYS Q 58 -14.66 20.38 -41.77
C LYS Q 58 -15.90 20.61 -40.99
N ASN Q 59 -15.88 21.31 -39.85
CA ASN Q 59 -17.04 21.53 -39.05
C ASN Q 59 -17.97 22.54 -39.71
N LYS Q 71 -21.96 27.42 -30.86
CA LYS Q 71 -20.83 27.09 -29.93
C LYS Q 71 -20.52 25.64 -29.58
N GLU Q 72 -19.55 25.46 -28.64
CA GLU Q 72 -18.98 24.22 -28.14
C GLU Q 72 -19.66 23.89 -26.81
N LEU Q 73 -19.86 22.56 -26.62
CA LEU Q 73 -20.42 22.02 -25.35
C LEU Q 73 -19.27 21.34 -24.76
N ILE Q 74 -19.24 21.18 -23.39
CA ILE Q 74 -18.25 20.55 -22.55
C ILE Q 74 -19.01 19.61 -21.73
N VAL Q 75 -18.34 18.40 -21.61
CA VAL Q 75 -18.71 17.28 -20.81
C VAL Q 75 -17.40 16.89 -20.12
N ALA Q 76 -17.44 16.38 -18.89
CA ALA Q 76 -16.27 15.98 -18.11
C ALA Q 76 -16.85 14.85 -17.28
N ILE Q 77 -15.96 13.87 -16.92
CA ILE Q 77 -16.39 12.56 -16.34
C ILE Q 77 -15.52 12.32 -15.19
N THR Q 78 -16.15 12.06 -13.97
CA THR Q 78 -15.50 11.44 -12.87
C THR Q 78 -16.47 10.42 -12.45
N SER Q 79 -16.55 10.13 -11.12
CA SER Q 79 -17.47 9.21 -10.51
C SER Q 79 -18.06 9.99 -9.38
N ASP Q 80 -18.90 9.40 -8.49
CA ASP Q 80 -19.61 10.20 -7.47
C ASP Q 80 -18.90 10.21 -6.19
N LYS Q 81 -17.75 9.60 -6.13
CA LYS Q 81 -17.01 9.40 -4.86
C LYS Q 81 -15.53 9.69 -5.04
N GLY Q 82 -14.79 10.21 -4.00
CA GLY Q 82 -13.40 10.52 -3.99
C GLY Q 82 -12.54 9.26 -3.86
N LEU Q 83 -11.22 9.37 -3.71
CA LEU Q 83 -10.34 8.33 -3.56
C LEU Q 83 -10.06 7.65 -4.87
N CYS Q 84 -10.14 8.49 -5.98
CA CYS Q 84 -9.82 8.10 -7.32
C CYS Q 84 -8.80 9.03 -7.80
N GLY Q 85 -7.60 8.98 -7.17
CA GLY Q 85 -6.52 9.86 -7.37
C GLY Q 85 -6.80 11.35 -7.60
N SER Q 86 -5.92 11.98 -8.39
CA SER Q 86 -5.83 13.42 -8.55
C SER Q 86 -6.48 13.77 -9.92
N ILE Q 87 -7.41 12.88 -10.39
CA ILE Q 87 -8.17 12.92 -11.61
C ILE Q 87 -9.07 14.13 -11.63
N HIS Q 88 -9.71 14.35 -10.47
CA HIS Q 88 -10.84 15.22 -10.21
C HIS Q 88 -10.58 16.72 -10.44
N SER Q 89 -9.37 17.12 -9.98
CA SER Q 89 -8.98 18.54 -9.84
C SER Q 89 -8.14 18.87 -11.06
N GLN Q 90 -7.44 17.81 -11.67
CA GLN Q 90 -6.77 18.07 -12.99
C GLN Q 90 -7.76 18.22 -14.06
N LEU Q 91 -8.79 17.38 -14.08
CA LEU Q 91 -9.76 17.47 -15.09
C LEU Q 91 -10.50 18.71 -15.11
N ALA Q 92 -10.79 19.17 -13.88
CA ALA Q 92 -11.43 20.40 -13.56
C ALA Q 92 -10.57 21.52 -14.06
N LYS Q 93 -9.21 21.50 -13.86
CA LYS Q 93 -8.29 22.61 -14.28
C LYS Q 93 -8.26 22.85 -15.73
N ALA Q 94 -8.37 21.75 -16.62
CA ALA Q 94 -8.42 21.82 -18.03
C ALA Q 94 -9.73 22.28 -18.57
N VAL Q 95 -10.81 22.04 -17.78
CA VAL Q 95 -12.18 22.45 -18.09
C VAL Q 95 -12.18 23.96 -18.10
N ARG Q 96 -11.51 24.56 -17.00
CA ARG Q 96 -11.49 25.92 -16.69
C ARG Q 96 -10.75 26.71 -17.81
N ARG Q 97 -9.68 26.11 -18.49
CA ARG Q 97 -9.01 26.76 -19.63
C ARG Q 97 -9.88 27.10 -20.75
N HIS Q 98 -10.78 26.15 -21.15
CA HIS Q 98 -11.72 26.44 -22.27
C HIS Q 98 -13.00 27.04 -21.94
N LEU Q 99 -13.17 27.44 -20.69
CA LEU Q 99 -14.29 28.13 -20.14
C LEU Q 99 -14.01 29.63 -19.93
N ASN Q 100 -12.65 29.98 -20.03
CA ASN Q 100 -12.15 31.29 -20.15
C ASN Q 100 -12.45 31.66 -21.53
N ASP Q 101 -12.20 30.69 -22.51
CA ASP Q 101 -12.15 30.95 -23.93
C ASP Q 101 -13.55 31.32 -24.31
N GLN Q 102 -14.53 30.57 -23.79
CA GLN Q 102 -15.99 30.79 -24.03
C GLN Q 102 -16.62 30.68 -22.69
N PRO Q 103 -17.17 31.68 -22.04
CA PRO Q 103 -17.74 31.60 -20.69
C PRO Q 103 -19.16 31.02 -20.71
N ASN Q 104 -19.68 30.41 -21.76
CA ASN Q 104 -21.11 30.21 -21.89
C ASN Q 104 -21.31 28.78 -22.44
N ALA Q 105 -20.17 28.05 -22.58
CA ALA Q 105 -20.06 26.65 -23.03
C ALA Q 105 -20.47 25.86 -21.83
N ASP Q 106 -21.73 25.41 -22.00
CA ASP Q 106 -22.50 24.70 -21.02
C ASP Q 106 -21.80 23.40 -20.70
N ILE Q 107 -21.76 23.10 -19.36
CA ILE Q 107 -21.07 21.98 -18.82
C ILE Q 107 -22.06 20.96 -18.42
N VAL Q 108 -21.87 19.70 -18.88
CA VAL Q 108 -22.66 18.58 -18.38
C VAL Q 108 -21.60 17.85 -17.44
N THR Q 109 -21.94 17.66 -16.11
CA THR Q 109 -20.90 17.09 -15.23
C THR Q 109 -21.36 15.69 -14.82
N ILE Q 110 -20.55 14.71 -15.21
CA ILE Q 110 -20.89 13.29 -14.92
C ILE Q 110 -20.09 12.86 -13.78
N GLY Q 111 -20.65 12.78 -12.58
CA GLY Q 111 -20.10 12.46 -11.30
C GLY Q 111 -20.52 13.50 -10.34
N ASP Q 112 -20.69 13.13 -9.00
CA ASP Q 112 -21.01 14.13 -8.01
C ASP Q 112 -19.84 14.99 -7.86
N LYS Q 113 -18.63 14.35 -7.90
CA LYS Q 113 -17.39 14.95 -7.54
C LYS Q 113 -16.99 16.14 -8.46
N ILE Q 114 -17.18 15.98 -9.81
CA ILE Q 114 -16.77 17.04 -10.74
C ILE Q 114 -17.79 18.12 -10.68
N LYS Q 115 -19.06 17.73 -10.31
CA LYS Q 115 -20.18 18.66 -10.41
C LYS Q 115 -20.00 19.86 -9.57
N MET Q 116 -19.62 19.60 -8.31
CA MET Q 116 -19.40 20.60 -7.27
C MET Q 116 -18.39 21.64 -7.57
N GLN Q 117 -17.28 21.26 -8.16
CA GLN Q 117 -16.18 22.12 -8.44
C GLN Q 117 -16.58 23.10 -9.50
N LEU Q 118 -17.19 22.65 -10.62
CA LEU Q 118 -17.72 23.53 -11.68
C LEU Q 118 -18.86 24.43 -11.26
N LEU Q 119 -19.73 23.91 -10.39
CA LEU Q 119 -20.91 24.57 -9.92
C LEU Q 119 -20.58 25.82 -9.05
N ARG Q 120 -19.43 25.71 -8.34
CA ARG Q 120 -18.86 26.80 -7.67
C ARG Q 120 -18.47 27.92 -8.67
N THR Q 121 -17.76 27.55 -9.71
CA THR Q 121 -17.06 28.40 -10.62
C THR Q 121 -18.02 29.16 -11.42
N HIS Q 122 -19.09 28.56 -11.96
CA HIS Q 122 -20.00 29.44 -12.72
C HIS Q 122 -21.16 28.47 -12.99
N PRO Q 123 -22.21 28.39 -12.14
CA PRO Q 123 -23.25 27.34 -12.18
C PRO Q 123 -24.17 27.69 -13.28
N ASN Q 124 -24.16 28.86 -13.92
CA ASN Q 124 -25.04 29.27 -15.05
C ASN Q 124 -24.90 28.28 -16.15
N ASN Q 125 -23.63 27.88 -16.46
CA ASN Q 125 -23.33 27.07 -17.63
C ASN Q 125 -23.88 25.69 -17.42
N ILE Q 126 -23.84 25.15 -16.17
CA ILE Q 126 -24.38 23.86 -15.89
C ILE Q 126 -25.84 23.90 -15.99
N LYS Q 127 -26.42 23.11 -16.91
CA LYS Q 127 -27.84 23.14 -17.24
C LYS Q 127 -28.34 21.75 -17.08
N LEU Q 128 -27.48 20.80 -17.48
CA LEU Q 128 -27.72 19.36 -17.34
C LEU Q 128 -26.48 18.71 -16.68
N SER Q 129 -26.79 17.71 -15.88
CA SER Q 129 -25.83 17.02 -15.06
C SER Q 129 -26.47 15.65 -15.07
N ILE Q 130 -25.64 14.67 -14.75
CA ILE Q 130 -26.03 13.26 -14.72
C ILE Q 130 -25.58 12.74 -13.35
N ASN Q 131 -26.22 11.67 -12.83
CA ASN Q 131 -25.90 11.18 -11.52
C ASN Q 131 -26.19 9.75 -11.62
N GLY Q 132 -25.73 8.94 -10.63
CA GLY Q 132 -26.07 7.59 -10.65
C GLY Q 132 -25.32 6.82 -11.70
N ILE Q 133 -24.11 7.26 -12.05
CA ILE Q 133 -23.26 6.62 -12.95
C ILE Q 133 -21.99 6.25 -12.24
N GLY Q 134 -21.72 6.78 -11.01
CA GLY Q 134 -20.42 6.83 -10.37
C GLY Q 134 -19.70 5.51 -10.19
N LYS Q 135 -20.37 4.50 -9.50
CA LYS Q 135 -19.64 3.29 -9.28
C LYS Q 135 -19.71 2.40 -10.45
N ASP Q 136 -20.72 2.59 -11.36
CA ASP Q 136 -21.08 1.70 -12.45
C ASP Q 136 -19.99 1.60 -13.51
N ALA Q 137 -20.17 0.53 -14.27
CA ALA Q 137 -19.44 0.18 -15.48
C ALA Q 137 -19.88 1.07 -16.66
N PRO Q 138 -19.03 1.54 -17.59
CA PRO Q 138 -19.44 2.00 -18.89
C PRO Q 138 -20.11 0.92 -19.72
N THR Q 139 -21.29 1.21 -20.16
CA THR Q 139 -22.19 0.33 -20.93
C THR Q 139 -22.76 1.25 -21.97
N PHE Q 140 -23.14 0.78 -23.19
CA PHE Q 140 -23.55 1.60 -24.31
C PHE Q 140 -24.84 2.32 -23.98
N GLN Q 141 -25.72 1.70 -23.15
CA GLN Q 141 -27.10 2.08 -22.72
C GLN Q 141 -27.01 3.46 -22.08
N GLU Q 142 -26.04 3.61 -21.15
CA GLU Q 142 -25.91 4.88 -20.46
C GLU Q 142 -25.54 5.96 -21.41
N SER Q 143 -24.62 5.74 -22.31
CA SER Q 143 -24.13 6.72 -23.28
C SER Q 143 -25.34 7.21 -24.20
N ALA Q 144 -26.15 6.29 -24.69
CA ALA Q 144 -27.13 6.61 -25.75
C ALA Q 144 -28.16 7.60 -25.21
N LEU Q 145 -28.58 7.27 -24.02
CA LEU Q 145 -29.59 8.00 -23.31
C LEU Q 145 -29.12 9.37 -22.90
N ILE Q 146 -27.79 9.48 -22.49
CA ILE Q 146 -27.15 10.76 -22.08
C ILE Q 146 -27.14 11.64 -23.29
N ALA Q 147 -26.84 11.11 -24.48
CA ALA Q 147 -26.76 11.82 -25.78
C ALA Q 147 -28.15 12.28 -26.22
N ASP Q 148 -29.23 11.38 -26.04
CA ASP Q 148 -30.63 11.78 -26.39
C ASP Q 148 -30.99 13.02 -25.56
N LYS Q 149 -30.64 13.06 -24.26
CA LYS Q 149 -30.82 14.18 -23.39
C LYS Q 149 -30.00 15.38 -23.80
N LEU Q 150 -28.80 15.20 -24.41
CA LEU Q 150 -27.95 16.31 -24.79
C LEU Q 150 -28.55 17.14 -25.87
N LEU Q 151 -29.16 16.45 -26.88
CA LEU Q 151 -29.88 17.07 -27.98
C LEU Q 151 -31.08 17.85 -27.49
N SER Q 152 -31.88 17.28 -26.55
CA SER Q 152 -33.08 17.89 -26.15
C SER Q 152 -32.83 19.15 -25.37
N VAL Q 153 -31.94 19.17 -24.39
CA VAL Q 153 -31.71 20.23 -23.48
C VAL Q 153 -30.91 21.41 -23.99
N MET Q 154 -29.77 21.07 -24.68
CA MET Q 154 -28.84 22.11 -25.04
C MET Q 154 -29.06 22.60 -26.45
N LYS Q 155 -29.82 21.82 -27.25
CA LYS Q 155 -30.05 22.11 -28.68
C LYS Q 155 -28.71 21.95 -29.40
N ALA Q 156 -28.23 20.65 -29.27
CA ALA Q 156 -26.85 20.27 -29.53
C ALA Q 156 -26.50 19.99 -30.97
N GLY Q 157 -27.48 19.50 -31.75
CA GLY Q 157 -27.38 19.24 -33.19
C GLY Q 157 -27.35 20.56 -33.94
N THR Q 158 -28.05 21.63 -33.44
CA THR Q 158 -28.01 23.00 -33.89
C THR Q 158 -26.60 23.48 -33.87
N TYR Q 159 -25.90 23.14 -32.80
CA TYR Q 159 -24.50 23.49 -32.55
C TYR Q 159 -23.59 22.61 -33.47
N PRO Q 160 -22.58 23.09 -34.24
CA PRO Q 160 -21.64 22.26 -34.91
C PRO Q 160 -20.54 21.69 -33.96
N LYS Q 161 -20.46 22.12 -32.68
CA LYS Q 161 -19.42 21.68 -31.81
C LYS Q 161 -19.89 21.17 -30.46
N ILE Q 162 -19.36 20.01 -30.07
CA ILE Q 162 -19.47 19.35 -28.81
C ILE Q 162 -18.06 18.96 -28.64
N SER Q 163 -17.56 18.93 -27.39
CA SER Q 163 -16.23 18.56 -27.15
C SER Q 163 -16.32 17.99 -25.77
N ILE Q 164 -15.52 17.01 -25.46
CA ILE Q 164 -15.53 16.29 -24.21
C ILE Q 164 -14.11 16.15 -23.75
N PHE Q 165 -13.98 16.20 -22.43
CA PHE Q 165 -12.72 16.14 -21.72
C PHE Q 165 -12.93 14.95 -20.80
N TYR Q 166 -11.76 14.27 -20.51
CA TYR Q 166 -11.63 12.97 -19.89
C TYR Q 166 -10.19 12.91 -19.58
N ASN Q 167 -9.75 11.72 -19.03
CA ASN Q 167 -8.36 11.35 -18.75
C ASN Q 167 -7.96 10.11 -19.56
N ASP Q 168 -6.92 10.18 -20.41
CA ASP Q 168 -6.47 9.05 -21.21
C ASP Q 168 -5.60 8.32 -20.29
N PRO Q 169 -5.67 6.96 -20.14
CA PRO Q 169 -4.70 6.15 -19.31
C PRO Q 169 -3.57 5.78 -20.29
N VAL Q 170 -2.56 6.67 -20.36
CA VAL Q 170 -1.37 6.78 -21.24
C VAL Q 170 -0.62 5.52 -21.00
N SER Q 171 -0.48 5.18 -19.67
CA SER Q 171 0.19 4.02 -19.19
C SER Q 171 -0.72 3.64 -17.99
N SER Q 172 -0.61 2.41 -17.46
CA SER Q 172 -1.53 1.85 -16.48
C SER Q 172 -1.10 2.16 -15.12
N LEU Q 173 -0.21 3.18 -15.07
CA LEU Q 173 0.35 3.79 -13.92
C LEU Q 173 0.34 5.32 -14.10
N SER Q 174 -0.32 5.84 -15.21
CA SER Q 174 -0.38 7.22 -15.59
C SER Q 174 -1.74 7.64 -15.96
N PHE Q 175 -2.03 8.99 -15.99
CA PHE Q 175 -3.24 9.46 -16.55
C PHE Q 175 -2.89 10.82 -17.02
N GLU Q 176 -3.33 11.15 -18.23
CA GLU Q 176 -3.06 12.53 -18.76
C GLU Q 176 -4.34 13.08 -19.15
N PRO Q 177 -4.78 14.27 -18.79
CA PRO Q 177 -6.06 14.81 -19.26
C PRO Q 177 -5.93 15.19 -20.73
N SER Q 178 -6.96 14.89 -21.59
CA SER Q 178 -6.94 15.07 -23.05
C SER Q 178 -8.34 15.38 -23.45
N GLU Q 179 -8.58 15.92 -24.69
CA GLU Q 179 -9.90 16.27 -25.14
C GLU Q 179 -10.08 15.76 -26.57
N LYS Q 180 -11.24 15.65 -27.01
CA LYS Q 180 -11.41 15.37 -28.38
C LYS Q 180 -12.76 15.99 -28.68
N PRO Q 181 -13.20 16.24 -29.94
CA PRO Q 181 -14.55 16.81 -30.26
C PRO Q 181 -15.32 15.64 -30.74
N ILE Q 182 -16.58 15.51 -30.27
CA ILE Q 182 -17.57 14.62 -30.81
C ILE Q 182 -18.26 15.50 -31.84
N PHE Q 183 -18.35 14.94 -33.12
CA PHE Q 183 -18.76 15.75 -34.23
C PHE Q 183 -20.20 15.90 -34.31
N ASN Q 184 -20.77 16.84 -35.14
CA ASN Q 184 -22.14 17.12 -35.27
C ASN Q 184 -22.52 17.14 -36.70
N ALA Q 185 -23.80 17.51 -36.87
CA ALA Q 185 -24.52 17.36 -38.15
C ALA Q 185 -24.16 18.14 -39.31
N LYS Q 186 -23.69 19.37 -38.97
CA LYS Q 186 -23.16 20.33 -40.03
C LYS Q 186 -21.90 19.76 -40.72
N THR Q 187 -20.99 19.05 -39.92
CA THR Q 187 -19.69 18.60 -40.32
C THR Q 187 -19.86 17.71 -41.51
N ILE Q 188 -20.79 16.73 -41.39
CA ILE Q 188 -20.93 15.58 -42.21
C ILE Q 188 -21.26 16.00 -43.64
N GLU Q 189 -22.03 17.05 -43.75
CA GLU Q 189 -22.52 17.62 -45.00
C GLU Q 189 -21.51 18.13 -45.93
N GLN Q 190 -20.51 18.82 -45.31
CA GLN Q 190 -19.62 19.63 -46.09
C GLN Q 190 -18.19 19.07 -46.09
N SER Q 191 -17.92 18.04 -45.21
CA SER Q 191 -16.88 17.05 -45.51
C SER Q 191 -17.33 16.28 -46.79
N PRO Q 192 -16.44 15.90 -47.64
CA PRO Q 192 -16.66 15.03 -48.76
C PRO Q 192 -17.09 13.63 -48.22
N SER Q 193 -18.36 13.27 -48.46
CA SER Q 193 -18.86 12.02 -47.96
C SER Q 193 -19.83 11.56 -49.10
N PHE Q 194 -19.77 12.31 -50.20
CA PHE Q 194 -20.64 12.19 -51.40
C PHE Q 194 -19.85 11.96 -52.65
N GLY Q 195 -18.51 11.86 -52.56
CA GLY Q 195 -17.66 11.73 -53.77
C GLY Q 195 -16.55 10.88 -53.50
N LYS Q 196 -16.69 10.16 -52.35
CA LYS Q 196 -15.70 9.21 -52.07
C LYS Q 196 -16.30 8.25 -51.07
N PHE Q 197 -17.56 8.42 -50.74
CA PHE Q 197 -18.49 7.49 -50.11
C PHE Q 197 -19.79 7.80 -50.79
N GLU Q 198 -20.54 6.78 -51.27
CA GLU Q 198 -21.60 6.86 -52.18
C GLU Q 198 -22.77 6.54 -51.30
N ILE Q 199 -23.86 7.32 -51.61
CA ILE Q 199 -25.20 7.09 -51.07
C ILE Q 199 -26.09 8.15 -51.79
N ASP Q 200 -27.37 7.94 -51.74
CA ASP Q 200 -28.43 8.72 -52.33
C ASP Q 200 -28.30 10.22 -52.24
N THR Q 201 -28.85 11.01 -53.24
CA THR Q 201 -28.97 12.43 -53.13
C THR Q 201 -30.08 12.81 -52.25
N ASP Q 202 -31.02 11.89 -52.05
CA ASP Q 202 -32.19 11.95 -51.20
C ASP Q 202 -31.86 11.19 -49.98
N ALA Q 203 -30.56 10.96 -49.72
CA ALA Q 203 -30.20 10.37 -48.44
C ALA Q 203 -30.44 11.21 -47.20
N ASN Q 204 -30.72 10.45 -46.14
CA ASN Q 204 -31.06 11.08 -44.86
C ASN Q 204 -29.98 10.62 -43.93
N VAL Q 205 -28.94 9.94 -44.38
CA VAL Q 205 -27.91 9.45 -43.60
C VAL Q 205 -27.12 10.45 -42.73
N PRO Q 206 -26.81 11.76 -43.10
CA PRO Q 206 -26.00 12.61 -42.19
C PRO Q 206 -26.61 12.71 -40.78
N ARG Q 207 -27.96 12.83 -40.67
CA ARG Q 207 -28.72 13.09 -39.46
C ARG Q 207 -28.82 11.91 -38.57
N ASP Q 208 -28.49 10.73 -39.14
CA ASP Q 208 -28.52 9.37 -38.55
C ASP Q 208 -27.12 9.07 -38.10
N LEU Q 209 -26.07 9.30 -38.96
CA LEU Q 209 -24.74 9.06 -38.63
C LEU Q 209 -24.33 9.97 -37.51
N PHE Q 210 -24.72 11.24 -37.39
CA PHE Q 210 -24.44 12.13 -36.29
C PHE Q 210 -24.94 11.59 -35.00
N GLU Q 211 -26.25 11.10 -34.95
CA GLU Q 211 -26.91 10.65 -33.80
C GLU Q 211 -26.23 9.41 -33.20
N TYR Q 212 -25.95 8.42 -34.12
CA TYR Q 212 -25.20 7.23 -33.79
C TYR Q 212 -23.78 7.47 -33.28
N THR Q 213 -22.99 8.49 -33.72
CA THR Q 213 -21.61 8.66 -33.23
C THR Q 213 -21.57 9.61 -32.00
N LEU Q 214 -22.75 10.24 -31.59
CA LEU Q 214 -22.86 11.10 -30.44
C LEU Q 214 -22.74 10.32 -29.26
N ALA Q 215 -23.26 9.07 -29.29
CA ALA Q 215 -23.35 8.03 -28.28
C ALA Q 215 -22.19 7.14 -28.28
N ASN Q 216 -21.85 6.78 -29.56
CA ASN Q 216 -20.73 5.91 -29.74
C ASN Q 216 -19.40 6.48 -29.25
N GLN Q 217 -19.07 7.73 -29.60
CA GLN Q 217 -17.87 8.48 -29.21
C GLN Q 217 -17.93 8.71 -27.71
N MET Q 218 -19.13 9.01 -27.13
CA MET Q 218 -19.22 9.32 -25.72
C MET Q 218 -18.89 8.10 -24.86
N LEU Q 219 -19.28 6.88 -25.36
CA LEU Q 219 -18.95 5.64 -24.72
C LEU Q 219 -17.45 5.43 -24.69
N THR Q 220 -16.73 5.84 -25.71
CA THR Q 220 -15.26 5.88 -25.72
C THR Q 220 -14.60 6.69 -24.74
N ALA Q 221 -15.13 7.99 -24.52
CA ALA Q 221 -14.61 8.96 -23.58
C ALA Q 221 -14.74 8.51 -22.15
N MET Q 222 -15.88 7.91 -21.85
CA MET Q 222 -16.29 7.38 -20.58
C MET Q 222 -15.41 6.21 -20.15
N ALA Q 223 -15.01 5.33 -21.09
CA ALA Q 223 -14.14 4.18 -20.85
C ALA Q 223 -12.76 4.71 -20.55
N GLN Q 224 -12.21 5.74 -21.29
CA GLN Q 224 -10.93 6.31 -20.93
C GLN Q 224 -10.95 6.96 -19.65
N GLY Q 225 -12.00 7.69 -19.28
CA GLY Q 225 -12.14 8.38 -18.00
C GLY Q 225 -12.20 7.35 -16.86
N TYR Q 226 -13.03 6.26 -16.99
CA TYR Q 226 -13.35 5.34 -15.88
C TYR Q 226 -12.08 4.58 -15.54
N ALA Q 227 -11.29 4.20 -16.58
CA ALA Q 227 -10.04 3.35 -16.29
C ALA Q 227 -8.94 4.08 -15.74
N ALA Q 228 -8.73 5.37 -16.10
CA ALA Q 228 -7.77 6.19 -15.46
C ALA Q 228 -8.12 6.44 -13.98
N GLU Q 229 -9.47 6.53 -13.68
CA GLU Q 229 -9.88 6.69 -12.31
C GLU Q 229 -9.51 5.53 -11.47
N ILE Q 230 -9.86 4.25 -11.88
CA ILE Q 230 -9.55 3.02 -11.21
C ILE Q 230 -8.03 2.79 -11.21
N SER Q 231 -7.33 3.24 -12.25
CA SER Q 231 -5.87 3.20 -12.29
C SER Q 231 -5.26 4.07 -11.26
N ALA Q 232 -5.75 5.32 -11.14
CA ALA Q 232 -5.28 6.38 -10.28
C ALA Q 232 -5.50 5.93 -8.87
N ARG Q 233 -6.66 5.31 -8.59
CA ARG Q 233 -7.08 4.79 -7.26
C ARG Q 233 -6.11 3.66 -6.73
N ARG Q 234 -5.54 2.81 -7.64
CA ARG Q 234 -4.43 1.97 -7.38
C ARG Q 234 -3.23 2.77 -7.03
N ASN Q 235 -2.75 3.76 -7.77
CA ASN Q 235 -1.51 4.55 -7.50
C ASN Q 235 -1.53 5.37 -6.26
N ALA Q 236 -2.65 6.02 -5.99
CA ALA Q 236 -2.79 6.84 -4.76
C ALA Q 236 -2.67 6.08 -3.45
N MET Q 237 -3.48 4.99 -3.43
CA MET Q 237 -3.40 4.04 -2.40
C MET Q 237 -2.14 3.16 -2.26
N ASP Q 238 -1.37 3.09 -3.40
CA ASP Q 238 -0.11 2.39 -3.30
C ASP Q 238 0.95 3.26 -2.60
N ASN Q 239 0.92 4.55 -2.99
CA ASN Q 239 1.86 5.49 -2.40
C ASN Q 239 1.56 5.64 -0.90
N ALA Q 240 0.30 5.68 -0.53
CA ALA Q 240 -0.21 5.81 0.85
C ALA Q 240 0.35 4.74 1.80
N SER Q 241 0.35 3.50 1.34
CA SER Q 241 0.91 2.37 2.07
C SER Q 241 2.37 2.57 2.45
N LYS Q 242 3.19 3.23 1.57
CA LYS Q 242 4.58 3.48 1.76
C LYS Q 242 4.74 4.49 2.87
N ASN Q 243 4.01 5.63 2.81
CA ASN Q 243 4.14 6.80 3.64
C ASN Q 243 3.67 6.45 5.05
N ALA Q 244 2.61 5.54 5.06
CA ALA Q 244 2.03 4.95 6.25
C ALA Q 244 3.03 4.07 6.86
N GLY Q 245 3.77 3.38 6.04
CA GLY Q 245 4.79 2.53 6.45
C GLY Q 245 5.94 3.29 7.18
N ASP Q 246 6.33 4.56 6.61
CA ASP Q 246 7.32 5.33 7.30
C ASP Q 246 6.84 5.84 8.63
N MET Q 247 5.53 6.30 8.79
CA MET Q 247 4.97 6.81 10.02
C MET Q 247 4.94 5.69 11.07
N ILE Q 248 4.61 4.44 10.73
CA ILE Q 248 4.52 3.29 11.58
C ILE Q 248 5.89 3.05 12.22
N ASN Q 249 6.94 3.15 11.43
CA ASN Q 249 8.35 2.90 11.85
C ASN Q 249 8.82 4.00 12.82
N ARG Q 250 8.53 5.26 12.52
CA ARG Q 250 8.90 6.44 13.35
C ARG Q 250 8.20 6.50 14.69
N TYR Q 251 6.82 6.30 14.75
CA TYR Q 251 6.09 6.23 16.06
C TYR Q 251 6.42 4.93 16.78
N SER Q 252 6.84 3.84 16.10
CA SER Q 252 7.28 2.66 16.81
C SER Q 252 8.56 2.87 17.53
N ILE Q 253 9.49 3.70 16.96
CA ILE Q 253 10.66 4.16 17.63
C ILE Q 253 10.33 5.06 18.79
N LEU Q 254 9.27 5.98 18.71
CA LEU Q 254 8.89 6.86 19.76
C LEU Q 254 8.40 6.12 21.02
N TYR Q 255 7.55 5.07 20.73
CA TYR Q 255 7.14 4.12 21.69
C TYR Q 255 8.28 3.43 22.46
N ASN Q 256 9.35 3.03 21.65
CA ASN Q 256 10.43 2.22 22.24
C ASN Q 256 11.15 3.04 23.24
N ARG Q 257 11.40 4.34 22.95
CA ARG Q 257 12.12 5.22 23.84
C ARG Q 257 11.32 5.46 25.15
N THR Q 258 10.03 5.71 24.94
CA THR Q 258 9.17 6.08 26.05
C THR Q 258 9.02 4.96 27.08
N ARG Q 259 9.04 3.67 26.66
CA ARG Q 259 8.98 2.49 27.49
C ARG Q 259 10.20 2.44 28.35
N GLN Q 260 11.42 2.72 27.77
CA GLN Q 260 12.65 2.74 28.55
C GLN Q 260 12.56 3.72 29.70
N ALA Q 261 12.06 4.96 29.40
CA ALA Q 261 12.03 6.12 30.30
C ALA Q 261 11.12 5.86 31.46
N VAL Q 262 9.94 5.24 31.22
CA VAL Q 262 8.99 4.82 32.22
C VAL Q 262 9.57 3.82 33.24
N ILE Q 263 10.41 2.79 32.83
CA ILE Q 263 11.15 1.78 33.59
C ILE Q 263 12.15 2.47 34.34
N THR Q 264 12.96 3.41 33.75
CA THR Q 264 14.10 4.06 34.48
C THR Q 264 13.49 4.74 35.69
N ASN Q 265 12.43 5.53 35.49
CA ASN Q 265 11.85 6.45 36.48
C ASN Q 265 11.11 5.78 37.58
N GLU Q 266 10.36 4.69 37.24
CA GLU Q 266 9.65 3.89 38.14
C GLU Q 266 10.51 3.42 39.22
N LEU Q 267 11.74 2.97 38.78
CA LEU Q 267 12.82 2.66 39.61
C LEU Q 267 13.36 3.62 40.53
N VAL Q 268 13.56 4.86 40.04
CA VAL Q 268 14.17 5.99 40.66
C VAL Q 268 13.40 6.31 41.93
N ASP Q 269 12.04 6.18 41.84
CA ASP Q 269 11.14 6.37 42.94
C ASP Q 269 11.45 5.42 44.09
N ILE Q 270 11.73 4.11 43.82
CA ILE Q 270 12.04 3.08 44.74
C ILE Q 270 13.35 3.48 45.47
N ILE Q 271 14.30 3.95 44.70
CA ILE Q 271 15.64 4.33 45.16
C ILE Q 271 15.54 5.46 46.20
N THR Q 272 14.65 6.49 45.92
CA THR Q 272 14.33 7.69 46.67
C THR Q 272 13.70 7.35 47.96
N GLY Q 273 12.81 6.36 48.01
CA GLY Q 273 12.03 5.96 49.22
C GLY Q 273 12.97 5.42 50.22
N ALA Q 274 13.89 4.49 49.76
CA ALA Q 274 14.91 3.89 50.71
C ALA Q 274 15.85 5.01 51.15
N SER Q 275 16.26 5.95 50.19
CA SER Q 275 17.15 7.06 50.51
C SER Q 275 16.64 7.99 51.59
N SER Q 276 15.29 8.30 51.58
CA SER Q 276 14.64 9.12 52.59
C SER Q 276 14.36 8.26 53.83
N LYS R 11 -12.50 -8.09 -46.84
CA LYS R 11 -11.82 -8.03 -45.45
C LYS R 11 -12.86 -7.64 -44.44
N LEU R 12 -12.48 -7.67 -43.16
CA LEU R 12 -13.41 -7.47 -42.10
C LEU R 12 -12.70 -6.82 -40.98
N GLN R 13 -13.48 -6.11 -40.19
CA GLN R 13 -12.97 -5.29 -39.09
C GLN R 13 -14.18 -5.06 -38.20
N PHE R 14 -14.79 -6.17 -37.69
CA PHE R 14 -15.97 -6.08 -36.86
C PHE R 14 -15.55 -5.88 -35.36
N ALA R 15 -16.23 -4.95 -34.61
CA ALA R 15 -15.91 -4.68 -33.27
C ALA R 15 -17.20 -4.14 -32.53
N LEU R 16 -17.17 -4.27 -31.17
CA LEU R 16 -18.36 -4.06 -30.45
C LEU R 16 -17.73 -3.55 -29.14
N PRO R 17 -18.47 -3.00 -28.16
CA PRO R 17 -17.83 -2.28 -27.09
C PRO R 17 -17.07 -3.17 -26.19
N HIS R 18 -17.58 -4.36 -25.73
CA HIS R 18 -17.14 -5.12 -24.60
C HIS R 18 -15.94 -5.93 -24.95
N GLU R 19 -16.11 -6.64 -26.11
CA GLU R 19 -15.11 -7.56 -26.66
C GLU R 19 -15.50 -7.47 -28.17
N THR R 20 -14.45 -7.65 -28.99
CA THR R 20 -14.45 -7.53 -30.43
C THR R 20 -14.47 -8.93 -31.01
N LEU R 21 -15.65 -9.27 -31.62
CA LEU R 21 -15.98 -10.68 -31.81
C LEU R 21 -16.19 -10.97 -33.35
N TYR R 22 -15.25 -11.74 -33.90
CA TYR R 22 -15.07 -11.94 -35.30
C TYR R 22 -14.53 -10.74 -35.99
N SER R 23 -13.32 -10.24 -35.55
CA SER R 23 -12.66 -9.15 -36.18
C SER R 23 -11.80 -9.86 -37.28
N GLU R 26 -8.63 -11.80 -45.64
CA GLU R 26 -9.58 -12.65 -44.75
C GLU R 26 -10.83 -12.99 -45.41
N VAL R 27 -11.98 -12.51 -44.79
CA VAL R 27 -13.38 -12.50 -45.16
C VAL R 27 -13.64 -12.20 -46.57
N THR R 28 -14.47 -13.03 -47.16
CA THR R 28 -14.74 -13.17 -48.52
C THR R 28 -15.93 -12.29 -48.85
N GLN R 29 -17.18 -12.62 -48.32
CA GLN R 29 -18.41 -11.87 -48.62
C GLN R 29 -19.17 -11.75 -47.36
N VAL R 30 -19.86 -10.58 -47.23
CA VAL R 30 -20.69 -10.20 -46.10
C VAL R 30 -22.00 -9.67 -46.67
N ASN R 31 -23.21 -9.99 -46.11
CA ASN R 31 -24.52 -9.69 -46.59
C ASN R 31 -25.32 -9.07 -45.46
N LEU R 32 -25.92 -7.84 -45.74
CA LEU R 32 -26.31 -6.82 -44.73
C LEU R 32 -27.73 -6.44 -45.06
N PRO R 33 -28.61 -6.13 -44.06
CA PRO R 33 -30.01 -5.73 -44.43
C PRO R 33 -30.18 -4.26 -43.99
N ALA R 34 -30.58 -3.34 -44.91
CA ALA R 34 -30.17 -2.02 -45.00
C ALA R 34 -31.33 -1.11 -45.33
N LYS R 35 -31.11 0.16 -45.19
CA LYS R 35 -32.03 1.19 -45.58
C LYS R 35 -32.01 1.40 -47.13
N SER R 36 -31.24 0.59 -47.90
CA SER R 36 -31.05 0.69 -49.34
C SER R 36 -31.46 -0.66 -49.90
N GLY R 37 -32.29 -1.46 -49.07
CA GLY R 37 -32.82 -2.77 -49.41
C GLY R 37 -31.93 -3.71 -48.70
N ARG R 38 -31.21 -4.52 -49.48
CA ARG R 38 -30.17 -5.38 -48.98
C ARG R 38 -28.94 -5.11 -49.85
N ILE R 39 -27.78 -5.16 -49.18
CA ILE R 39 -26.55 -4.80 -49.79
C ILE R 39 -25.66 -5.97 -49.47
N GLY R 40 -24.86 -6.43 -50.47
CA GLY R 40 -23.97 -7.49 -50.33
C GLY R 40 -22.66 -6.81 -50.79
N VAL R 41 -21.57 -7.27 -50.09
CA VAL R 41 -20.20 -6.87 -50.24
C VAL R 41 -19.55 -8.20 -50.46
N LEU R 42 -18.69 -8.19 -51.48
CA LEU R 42 -17.85 -9.32 -51.83
C LEU R 42 -16.69 -8.50 -52.43
N ALA R 43 -15.46 -8.76 -51.91
CA ALA R 43 -14.23 -8.25 -52.44
C ALA R 43 -14.29 -6.80 -52.55
N ASN R 44 -13.78 -6.26 -53.70
CA ASN R 44 -14.03 -4.90 -54.10
C ASN R 44 -15.48 -4.50 -54.12
N HIS R 45 -15.70 -3.51 -53.22
CA HIS R 45 -16.98 -2.82 -53.17
C HIS R 45 -16.72 -1.33 -53.03
N VAL R 46 -17.51 -0.56 -53.84
CA VAL R 46 -17.39 0.86 -54.00
C VAL R 46 -17.78 1.45 -52.67
N PRO R 47 -17.26 2.61 -52.27
CA PRO R 47 -17.22 2.99 -50.91
C PRO R 47 -18.53 3.52 -50.51
N THR R 48 -19.20 2.88 -49.52
CA THR R 48 -20.63 3.06 -49.30
C THR R 48 -20.74 3.50 -47.82
N VAL R 49 -21.89 4.18 -47.51
CA VAL R 49 -22.33 4.37 -46.14
C VAL R 49 -23.77 3.81 -46.11
N GLU R 50 -23.97 2.86 -45.20
CA GLU R 50 -25.32 2.30 -44.95
C GLU R 50 -25.62 2.35 -43.46
N GLN R 51 -26.76 2.79 -43.05
CA GLN R 51 -27.20 2.66 -41.67
C GLN R 51 -27.82 1.27 -41.48
N LEU R 52 -27.28 0.52 -40.49
CA LEU R 52 -27.74 -0.86 -40.21
C LEU R 52 -28.95 -0.80 -39.37
N LEU R 53 -29.96 -1.47 -39.88
CA LEU R 53 -31.20 -1.71 -39.13
C LEU R 53 -31.03 -2.91 -38.18
N PRO R 54 -31.89 -3.22 -37.19
CA PRO R 54 -32.06 -4.55 -36.66
C PRO R 54 -32.10 -5.68 -37.71
N GLY R 55 -31.24 -6.70 -37.62
CA GLY R 55 -30.90 -7.44 -38.83
C GLY R 55 -30.48 -8.85 -38.67
N VAL R 56 -30.54 -9.59 -39.82
CA VAL R 56 -30.06 -10.88 -39.92
C VAL R 56 -28.99 -10.82 -40.99
N VAL R 57 -27.79 -11.41 -40.69
CA VAL R 57 -26.57 -11.14 -41.38
C VAL R 57 -25.95 -12.41 -41.75
N GLU R 58 -25.18 -12.45 -42.86
CA GLU R 58 -24.57 -13.70 -43.25
C GLU R 58 -23.16 -13.25 -43.49
N VAL R 59 -22.16 -14.02 -43.09
CA VAL R 59 -20.74 -13.72 -43.20
C VAL R 59 -20.25 -15.02 -43.74
N MET R 60 -19.35 -14.98 -44.73
CA MET R 60 -18.66 -16.04 -45.44
C MET R 60 -17.23 -15.75 -45.66
N GLU R 61 -16.49 -16.81 -45.34
CA GLU R 61 -15.09 -16.81 -45.71
C GLU R 61 -14.99 -18.10 -46.38
N GLY R 62 -14.55 -18.05 -47.65
CA GLY R 62 -14.65 -19.17 -48.55
C GLY R 62 -16.11 -19.61 -48.76
N SER R 63 -16.33 -20.92 -48.76
CA SER R 63 -17.64 -21.59 -48.89
C SER R 63 -18.33 -21.98 -47.56
N ASN R 64 -17.55 -21.75 -46.44
CA ASN R 64 -17.99 -21.73 -45.08
C ASN R 64 -18.78 -20.48 -44.86
N SER R 65 -19.94 -20.68 -44.13
CA SER R 65 -20.95 -19.66 -43.90
C SER R 65 -21.20 -19.76 -42.46
N LYS R 66 -21.31 -18.60 -41.75
CA LYS R 66 -21.64 -18.36 -40.35
C LYS R 66 -22.71 -17.25 -40.34
N LYS R 67 -23.73 -17.33 -39.42
CA LYS R 67 -24.96 -16.69 -39.48
C LYS R 67 -25.04 -15.94 -38.20
N PHE R 68 -25.44 -14.65 -38.34
CA PHE R 68 -25.38 -13.70 -37.27
C PHE R 68 -26.72 -13.03 -37.16
N PHE R 69 -26.95 -12.64 -35.91
CA PHE R 69 -28.08 -11.89 -35.59
C PHE R 69 -27.47 -10.59 -35.01
N ILE R 70 -27.88 -9.34 -35.45
CA ILE R 70 -27.19 -8.04 -35.31
C ILE R 70 -28.26 -7.10 -34.89
N SER R 71 -27.80 -6.14 -34.07
CA SER R 71 -28.67 -5.28 -33.27
C SER R 71 -29.06 -3.98 -34.04
N GLY R 72 -28.41 -3.82 -35.23
CA GLY R 72 -28.26 -2.59 -35.96
C GLY R 72 -27.24 -1.65 -35.41
N GLY R 73 -26.71 -0.76 -36.30
CA GLY R 73 -25.46 -0.13 -36.08
C GLY R 73 -25.16 0.61 -37.33
N PHE R 74 -23.89 0.58 -37.75
CA PHE R 74 -23.45 1.26 -38.88
C PHE R 74 -22.46 0.43 -39.69
N ALA R 75 -22.60 0.53 -41.05
CA ALA R 75 -21.76 -0.26 -41.89
C ALA R 75 -21.03 0.65 -42.83
N THR R 76 -19.71 0.39 -43.18
CA THR R 76 -18.94 1.29 -44.13
C THR R 76 -17.86 0.43 -44.78
N VAL R 77 -17.92 0.20 -46.11
CA VAL R 77 -16.76 -0.07 -46.89
C VAL R 77 -15.85 1.14 -46.96
N GLN R 78 -14.58 0.95 -46.52
CA GLN R 78 -13.58 2.02 -46.79
C GLN R 78 -13.03 1.86 -48.21
N PRO R 79 -12.56 2.89 -48.87
CA PRO R 79 -12.05 2.75 -50.24
C PRO R 79 -10.64 2.13 -50.31
N ASP R 80 -10.25 1.38 -49.28
CA ASP R 80 -9.06 0.54 -49.29
C ASP R 80 -9.48 -0.89 -49.02
N SER R 81 -10.78 -1.10 -49.33
CA SER R 81 -11.49 -2.30 -49.30
C SER R 81 -11.44 -3.02 -48.00
N GLN R 82 -11.78 -2.34 -46.86
CA GLN R 82 -12.03 -2.96 -45.56
C GLN R 82 -13.36 -2.55 -45.18
N LEU R 83 -14.19 -3.54 -44.85
CA LEU R 83 -15.56 -3.38 -44.39
C LEU R 83 -15.61 -3.34 -42.87
N CYS R 84 -15.62 -2.05 -42.39
CA CYS R 84 -15.73 -1.65 -41.07
C CYS R 84 -17.15 -1.85 -40.62
N VAL R 85 -17.47 -2.82 -39.71
CA VAL R 85 -18.81 -2.97 -39.27
C VAL R 85 -18.85 -2.64 -37.80
N THR R 86 -19.86 -1.81 -37.39
CA THR R 86 -19.94 -1.32 -36.04
C THR R 86 -21.39 -1.66 -35.64
N ALA R 87 -21.58 -2.29 -34.46
CA ALA R 87 -22.87 -2.44 -33.82
C ALA R 87 -22.64 -2.57 -32.38
N ILE R 88 -23.72 -2.35 -31.58
CA ILE R 88 -23.71 -2.36 -30.16
C ILE R 88 -23.57 -3.83 -29.68
N GLU R 89 -24.39 -4.79 -30.18
CA GLU R 89 -24.46 -6.22 -29.95
C GLU R 89 -24.66 -7.00 -31.21
N ALA R 90 -24.41 -8.33 -31.06
CA ALA R 90 -24.71 -9.37 -32.08
C ALA R 90 -24.76 -10.75 -31.38
N PRO R 92 -23.33 -13.60 -32.57
CA PRO R 92 -23.79 -14.77 -33.38
C PRO R 92 -25.33 -14.96 -33.38
N LEU R 93 -25.79 -15.98 -34.15
CA LEU R 93 -27.14 -16.48 -33.97
C LEU R 93 -27.30 -17.34 -32.77
N GLU R 94 -26.21 -17.94 -32.25
CA GLU R 94 -26.19 -18.72 -31.01
C GLU R 94 -26.11 -17.84 -29.75
N SER R 95 -26.04 -16.50 -29.86
CA SER R 95 -25.86 -15.71 -28.68
C SER R 95 -27.15 -14.97 -28.46
N PHE R 96 -28.28 -15.35 -29.21
CA PHE R 96 -29.54 -14.77 -29.05
C PHE R 96 -30.63 -15.87 -29.05
N SER R 97 -30.59 -16.73 -30.08
CA SER R 97 -31.60 -17.81 -30.26
C SER R 97 -31.01 -18.98 -29.53
N GLU R 99 -36.41 -20.81 -29.43
CA GLU R 99 -37.85 -21.13 -29.13
C GLU R 99 -38.30 -20.35 -27.92
N ASN R 100 -37.58 -20.38 -26.70
CA ASN R 100 -37.88 -19.57 -25.55
C ASN R 100 -37.75 -18.12 -25.81
N ILE R 101 -36.81 -17.77 -26.69
CA ILE R 101 -36.63 -16.40 -27.20
C ILE R 101 -37.84 -15.83 -27.91
N LYS R 102 -38.52 -16.68 -28.79
CA LYS R 102 -39.68 -16.36 -29.56
C LYS R 102 -40.88 -16.07 -28.58
N ASN R 103 -40.94 -16.93 -27.56
CA ASN R 103 -41.88 -16.88 -26.46
C ASN R 103 -41.76 -15.60 -25.63
N LEU R 104 -40.51 -15.25 -25.30
CA LEU R 104 -40.17 -14.04 -24.55
C LEU R 104 -40.58 -12.83 -25.33
N LEU R 105 -40.25 -12.75 -26.63
CA LEU R 105 -40.65 -11.72 -27.54
C LEU R 105 -42.10 -11.72 -27.86
N ALA R 106 -42.77 -12.82 -27.85
CA ALA R 106 -44.21 -12.87 -28.08
C ALA R 106 -44.93 -12.03 -27.02
N GLU R 107 -44.54 -12.22 -25.71
CA GLU R 107 -45.08 -11.36 -24.55
C GLU R 107 -44.84 -9.91 -24.79
N ALA R 108 -43.59 -9.67 -25.33
CA ALA R 108 -43.08 -8.31 -25.60
C ALA R 108 -43.88 -7.71 -26.64
N LYS R 109 -44.42 -8.49 -27.68
CA LYS R 109 -45.30 -8.04 -28.72
C LYS R 109 -46.63 -7.64 -28.10
N LYS R 110 -47.15 -8.45 -27.18
CA LYS R 110 -48.46 -8.23 -26.45
C LYS R 110 -48.46 -6.99 -25.70
N ASN R 111 -47.29 -6.70 -25.17
CA ASN R 111 -47.08 -5.46 -24.47
C ASN R 111 -47.30 -4.18 -25.31
N VAL R 112 -46.89 -4.25 -26.59
CA VAL R 112 -46.79 -3.14 -27.52
C VAL R 112 -48.19 -2.52 -27.70
N SER R 113 -49.25 -3.36 -27.66
CA SER R 113 -50.61 -3.07 -27.72
C SER R 113 -50.96 -2.07 -26.62
N SER R 114 -50.42 -2.30 -25.42
CA SER R 114 -50.66 -1.47 -24.27
C SER R 114 -49.81 -0.28 -24.27
N SER R 115 -48.53 -0.36 -24.64
CA SER R 115 -47.59 0.71 -24.53
C SER R 115 -47.54 1.22 -25.97
N ARG R 118 -42.54 7.69 -24.77
CA ARG R 118 -41.17 7.17 -25.09
C ARG R 118 -41.21 5.70 -25.21
N GLU R 119 -42.03 5.13 -24.34
CA GLU R 119 -42.32 3.65 -24.29
C GLU R 119 -42.98 3.10 -25.56
N ALA R 120 -43.82 3.88 -26.24
CA ALA R 120 -44.51 3.53 -27.46
C ALA R 120 -43.48 3.42 -28.54
N ALA R 121 -42.51 4.41 -28.68
CA ALA R 121 -41.50 4.37 -29.75
C ALA R 121 -40.59 3.13 -29.59
N GLU R 122 -40.16 2.76 -28.35
CA GLU R 122 -39.35 1.55 -27.97
C GLU R 122 -40.02 0.27 -28.37
N ALA R 123 -41.31 0.21 -28.14
CA ALA R 123 -42.10 -1.05 -28.17
C ALA R 123 -42.17 -1.51 -29.61
N ALA R 124 -42.13 -0.64 -30.63
CA ALA R 124 -42.11 -0.90 -32.02
C ALA R 124 -40.89 -1.70 -32.41
N ILE R 125 -39.75 -1.33 -31.85
CA ILE R 125 -38.43 -1.86 -32.05
C ILE R 125 -38.41 -3.33 -31.68
N GLN R 126 -39.14 -3.70 -30.57
CA GLN R 126 -39.31 -5.01 -29.99
C GLN R 126 -40.01 -5.94 -30.97
N VAL R 127 -40.97 -5.39 -31.70
CA VAL R 127 -41.66 -6.06 -32.80
C VAL R 127 -40.76 -6.37 -33.93
N GLU R 128 -39.90 -5.39 -34.35
CA GLU R 128 -39.02 -5.49 -35.43
C GLU R 128 -38.04 -6.53 -35.31
N VAL R 129 -37.53 -6.65 -34.05
CA VAL R 129 -36.67 -7.73 -33.69
C VAL R 129 -37.40 -9.05 -33.78
N LEU R 130 -38.68 -9.08 -33.21
CA LEU R 130 -39.41 -10.34 -33.21
C LEU R 130 -39.59 -10.80 -34.65
N GLU R 131 -39.90 -9.87 -35.58
CA GLU R 131 -40.17 -10.21 -36.97
C GLU R 131 -38.98 -10.79 -37.59
N ASN R 132 -37.82 -10.17 -37.36
CA ASN R 132 -36.59 -10.85 -37.79
C ASN R 132 -36.29 -12.23 -37.22
N LEU R 133 -36.59 -12.49 -35.93
CA LEU R 133 -36.40 -13.77 -35.31
C LEU R 133 -37.31 -14.90 -35.95
N GLN R 134 -38.61 -14.51 -36.25
CA GLN R 134 -39.61 -15.32 -36.91
C GLN R 134 -39.22 -15.83 -38.29
N SER R 135 -38.57 -14.90 -39.02
CA SER R 135 -38.15 -15.09 -40.33
C SER R 135 -37.10 -16.21 -40.32
N VAL R 136 -36.27 -16.32 -39.27
CA VAL R 136 -35.22 -17.32 -39.08
C VAL R 136 -35.93 -18.56 -38.60
N ILE S 8 -38.03 10.07 -31.25
CA ILE S 8 -36.92 9.14 -30.90
C ILE S 8 -35.73 9.35 -31.77
N SER S 9 -34.54 9.50 -31.15
CA SER S 9 -33.25 9.67 -31.79
C SER S 9 -32.84 8.35 -32.33
N TYR S 10 -31.86 8.41 -33.34
CA TYR S 10 -31.45 7.22 -34.16
C TYR S 10 -30.79 6.19 -33.36
N ALA S 11 -29.89 6.66 -32.46
CA ALA S 11 -29.12 5.77 -31.56
C ALA S 11 -29.94 5.42 -30.42
N ALA S 12 -31.05 6.14 -30.09
CA ALA S 12 -32.01 5.63 -29.17
C ALA S 12 -32.74 4.48 -29.66
N TYR S 13 -33.06 4.44 -30.99
CA TYR S 13 -33.73 3.32 -31.64
C TYR S 13 -32.89 2.05 -31.61
N LEU S 14 -31.62 2.16 -32.08
CA LEU S 14 -30.71 0.97 -32.19
C LEU S 14 -30.40 0.41 -30.85
N ASN S 15 -30.35 1.25 -29.81
CA ASN S 15 -30.15 0.93 -28.43
C ASN S 15 -31.17 0.00 -27.82
N VAL S 16 -32.45 0.30 -28.06
CA VAL S 16 -33.56 -0.54 -27.67
C VAL S 16 -33.49 -1.86 -28.25
N ALA S 17 -33.10 -1.91 -29.55
CA ALA S 17 -32.83 -3.12 -30.26
C ALA S 17 -31.73 -4.02 -29.56
N ALA S 18 -30.60 -3.44 -29.13
CA ALA S 18 -29.55 -4.08 -28.40
C ALA S 18 -30.02 -4.62 -27.05
N GLN S 19 -30.87 -3.86 -26.33
CA GLN S 19 -31.56 -4.23 -25.12
C GLN S 19 -32.34 -5.47 -25.37
N ALA S 20 -33.05 -5.61 -26.54
CA ALA S 20 -33.89 -6.75 -26.94
C ALA S 20 -33.06 -7.99 -27.11
N ILE S 21 -31.88 -7.80 -27.72
CA ILE S 21 -30.81 -8.70 -27.79
C ILE S 21 -30.13 -9.05 -26.41
N ARG S 22 -30.21 -8.09 -25.41
CA ARG S 22 -29.60 -8.29 -24.02
C ARG S 22 -30.41 -9.24 -23.16
N SER S 23 -31.65 -9.50 -23.68
CA SER S 23 -32.44 -10.65 -23.24
C SER S 23 -32.15 -11.83 -24.17
N THR S 27 -33.83 -22.42 -28.05
CA THR S 27 -34.23 -21.97 -26.74
C THR S 27 -33.96 -20.53 -26.50
N GLU S 28 -33.15 -20.12 -25.47
CA GLU S 28 -32.78 -18.73 -25.30
C GLU S 28 -31.35 -18.81 -24.80
N LEU S 29 -30.35 -18.33 -25.52
CA LEU S 29 -29.01 -18.62 -25.24
C LEU S 29 -28.26 -17.32 -24.97
N GLN S 30 -27.65 -17.26 -23.76
CA GLN S 30 -27.24 -16.05 -23.15
C GLN S 30 -25.77 -16.19 -22.85
N THR S 31 -25.02 -15.03 -22.79
CA THR S 31 -23.59 -15.05 -22.71
C THR S 31 -23.42 -13.84 -21.84
N ALA S 32 -22.29 -13.98 -21.05
CA ALA S 32 -22.13 -13.11 -19.89
C ALA S 32 -21.97 -11.60 -20.28
N SER S 33 -21.21 -11.38 -21.39
CA SER S 33 -20.98 -10.13 -22.03
C SER S 33 -22.21 -9.50 -22.72
N VAL S 34 -23.14 -10.29 -23.31
CA VAL S 34 -24.45 -9.82 -23.83
C VAL S 34 -25.27 -9.15 -22.73
N LEU S 35 -25.39 -9.77 -21.53
CA LEU S 35 -26.05 -9.18 -20.37
C LEU S 35 -25.40 -7.94 -19.89
N ASN S 36 -24.09 -7.94 -19.91
CA ASN S 36 -23.23 -6.83 -19.38
C ASN S 36 -23.25 -5.63 -20.31
N ARG S 37 -23.37 -5.73 -21.69
CA ARG S 37 -23.23 -4.62 -22.64
C ARG S 37 -24.21 -3.51 -22.46
N SER S 38 -25.28 -3.70 -21.67
CA SER S 38 -26.34 -2.75 -21.27
C SER S 38 -26.88 -3.00 -19.89
N GLN S 39 -27.48 -1.96 -19.20
CA GLN S 39 -28.01 -1.91 -17.89
C GLN S 39 -27.73 -0.55 -17.49
N THR S 40 -28.70 0.14 -16.85
CA THR S 40 -28.72 1.54 -16.47
C THR S 40 -29.42 1.70 -15.15
N ASP S 41 -29.01 2.62 -14.26
CA ASP S 41 -29.47 2.74 -12.83
C ASP S 41 -29.31 4.26 -12.48
N ALA S 42 -29.43 5.04 -13.57
CA ALA S 42 -29.12 6.42 -13.69
C ALA S 42 -30.26 7.31 -13.39
N PHE S 43 -29.95 8.58 -13.11
CA PHE S 43 -30.86 9.69 -12.88
C PHE S 43 -30.27 10.93 -13.48
N TYR S 44 -31.06 11.63 -14.33
CA TYR S 44 -30.68 12.89 -14.91
C TYR S 44 -31.00 13.96 -13.90
N THR S 45 -30.06 14.90 -13.66
CA THR S 45 -30.14 16.03 -12.73
C THR S 45 -29.97 17.23 -13.52
N GLN S 46 -30.81 18.30 -13.44
CA GLN S 46 -30.81 19.50 -14.18
C GLN S 46 -30.41 20.54 -13.16
N TYR S 47 -29.98 21.71 -13.72
CA TYR S 47 -29.66 22.97 -12.96
C TYR S 47 -30.05 24.02 -13.91
N LYS S 48 -30.30 25.22 -13.47
CA LYS S 48 -30.79 26.34 -14.26
C LYS S 48 -29.61 27.14 -14.66
N ASN S 49 -29.83 28.13 -15.56
CA ASN S 49 -28.95 29.16 -16.07
C ASN S 49 -29.63 30.42 -15.45
N ALA S 53 -28.04 27.19 -11.01
CA ALA S 53 -28.14 27.55 -9.60
C ALA S 53 -29.04 26.59 -8.85
N SER S 54 -30.40 26.70 -9.07
CA SER S 54 -31.34 25.77 -8.43
C SER S 54 -31.59 24.63 -9.35
N GLU S 55 -31.97 23.46 -8.82
CA GLU S 55 -31.96 22.24 -9.58
C GLU S 55 -33.36 21.66 -9.44
N PRO S 56 -34.03 21.39 -10.61
CA PRO S 56 -35.18 20.49 -10.78
C PRO S 56 -34.79 19.15 -10.25
N THR S 57 -35.70 18.42 -9.55
CA THR S 57 -35.28 17.31 -8.70
C THR S 57 -34.73 16.11 -9.47
N PRO S 58 -33.69 15.35 -9.04
CA PRO S 58 -33.06 14.28 -9.84
C PRO S 58 -34.15 13.23 -9.98
N ILE S 59 -34.35 12.66 -11.15
CA ILE S 59 -35.41 11.71 -11.38
C ILE S 59 -34.83 10.79 -12.45
N THR S 60 -35.13 9.51 -12.32
CA THR S 60 -34.51 8.37 -13.02
C THR S 60 -34.58 8.54 -14.50
N LYS S 61 -33.38 8.29 -15.01
CA LYS S 61 -33.26 8.32 -16.42
C LYS S 61 -33.36 6.96 -16.93
N PRO T 7 39.56 19.03 76.04
CA PRO T 7 40.84 19.38 75.30
C PRO T 7 41.28 18.03 74.68
N PRO T 8 40.58 17.37 73.76
CA PRO T 8 40.89 16.08 73.28
C PRO T 8 42.35 16.06 72.77
N PRO T 9 43.28 15.16 73.20
CA PRO T 9 44.69 15.07 72.78
C PRO T 9 44.77 14.56 71.37
N VAL T 10 43.71 13.89 70.90
CA VAL T 10 43.65 13.29 69.55
C VAL T 10 42.29 12.60 69.54
N ARG T 11 41.26 13.38 69.21
CA ARG T 11 39.87 12.91 69.11
C ARG T 11 39.71 11.94 67.91
N LEU T 12 38.72 10.90 67.96
CA LEU T 12 38.56 9.88 66.97
C LEU T 12 37.14 10.24 66.42
N PHE T 13 37.05 10.17 65.09
CA PHE T 13 35.82 10.23 64.29
C PHE T 13 35.65 8.81 63.83
N GLY T 14 34.49 8.19 64.17
CA GLY T 14 34.25 6.89 63.63
C GLY T 14 32.94 6.41 64.06
N VAL T 15 32.25 7.13 65.01
CA VAL T 15 31.08 6.66 65.77
C VAL T 15 31.61 5.73 66.88
N GLU T 16 31.43 6.23 68.14
CA GLU T 16 31.80 5.69 69.43
C GLU T 16 33.26 5.84 69.71
N GLY T 17 33.97 6.59 68.79
CA GLY T 17 35.29 7.11 69.04
C GLY T 17 35.20 8.57 69.49
N THR T 18 33.99 9.09 69.16
CA THR T 18 33.38 10.31 69.66
C THR T 18 32.78 10.12 71.06
N TYR T 19 32.22 8.93 71.45
CA TYR T 19 31.65 8.70 72.82
C TYR T 19 32.88 8.67 73.79
N ALA T 20 34.01 8.18 73.33
CA ALA T 20 35.31 8.13 73.98
C ALA T 20 35.86 9.49 74.16
N THR T 21 35.81 10.39 73.08
CA THR T 21 36.14 11.74 73.17
C THR T 21 35.40 12.52 74.28
N ALA T 22 34.04 12.34 74.32
CA ALA T 22 33.12 12.96 75.27
C ALA T 22 33.40 12.63 76.75
N LEU T 23 33.56 11.29 77.01
CA LEU T 23 33.99 10.75 78.27
C LEU T 23 35.28 11.32 78.72
N TYR T 24 36.32 11.41 77.83
CA TYR T 24 37.66 11.92 78.14
C TYR T 24 37.58 13.36 78.64
N GLN T 25 36.94 14.29 77.93
CA GLN T 25 36.99 15.71 78.26
C GLN T 25 36.39 16.02 79.59
N ALA T 26 35.31 15.33 79.87
CA ALA T 26 34.56 15.46 81.08
C ALA T 26 35.27 14.99 82.34
N ALA T 27 36.06 13.90 82.14
CA ALA T 27 36.76 13.31 83.26
C ALA T 27 38.13 13.99 83.36
N ALA T 28 38.59 14.65 82.25
CA ALA T 28 39.91 15.24 82.22
C ALA T 28 39.82 16.55 82.94
N LYS T 29 38.63 17.29 82.94
CA LYS T 29 38.66 18.54 83.54
C LYS T 29 38.37 18.30 85.02
N ASN T 30 37.94 17.07 85.49
CA ASN T 30 37.63 16.82 86.92
C ASN T 30 38.55 15.79 87.33
N SER T 31 39.66 15.46 86.64
CA SER T 31 40.74 14.55 87.00
C SER T 31 40.15 13.14 87.23
N SER T 32 41.02 12.28 87.85
CA SER T 32 40.73 10.91 88.17
C SER T 32 40.38 10.12 86.83
N ILE T 33 41.26 9.96 85.89
CA ILE T 33 40.99 9.30 84.62
C ILE T 33 41.72 8.01 84.62
N ASP T 34 42.93 8.01 85.16
CA ASP T 34 43.70 6.81 85.34
C ASP T 34 43.00 5.87 86.33
N ALA T 35 42.47 6.42 87.46
CA ALA T 35 41.60 5.66 88.40
C ALA T 35 40.34 5.15 87.75
N ALA T 36 39.62 6.05 86.96
CA ALA T 36 38.40 5.65 86.36
C ALA T 36 38.48 4.44 85.47
N PHE T 37 39.49 4.54 84.54
CA PHE T 37 39.77 3.60 83.47
C PHE T 37 40.18 2.29 84.05
N GLN T 38 41.02 2.34 85.13
CA GLN T 38 41.49 1.15 85.80
C GLN T 38 40.46 0.33 86.47
N SER T 39 39.50 0.97 87.20
CA SER T 39 38.29 0.37 87.83
C SER T 39 37.33 -0.18 86.78
N LEU T 40 37.18 0.51 85.62
CA LEU T 40 36.39 0.23 84.49
C LEU T 40 36.78 -0.96 83.74
N GLN T 41 38.10 -1.14 83.54
CA GLN T 41 38.68 -2.27 82.87
C GLN T 41 38.45 -3.47 83.74
N LYS T 42 38.63 -3.37 85.07
CA LYS T 42 38.44 -4.46 86.00
C LYS T 42 37.03 -4.95 86.06
N VAL T 43 36.02 -4.02 86.07
CA VAL T 43 34.62 -4.39 86.20
C VAL T 43 34.18 -4.99 84.85
N GLU T 44 34.72 -4.54 83.69
CA GLU T 44 34.31 -5.01 82.44
C GLU T 44 34.74 -6.48 82.31
N SER T 45 35.98 -6.83 82.74
CA SER T 45 36.58 -8.16 82.75
C SER T 45 35.86 -9.04 83.69
N THR T 46 35.42 -8.60 84.93
CA THR T 46 34.75 -9.44 85.89
C THR T 46 33.24 -9.68 85.48
N VAL T 47 32.52 -8.80 84.81
CA VAL T 47 31.17 -8.96 84.24
C VAL T 47 31.21 -9.96 83.18
N LYS T 48 32.18 -9.88 82.20
CA LYS T 48 32.16 -10.77 81.01
C LYS T 48 32.46 -12.18 81.37
N LYS T 49 33.31 -12.34 82.37
CA LYS T 49 33.69 -13.64 82.91
C LYS T 49 32.72 -14.07 83.95
N ASN T 50 31.59 -13.32 84.16
CA ASN T 50 30.46 -13.83 85.00
C ASN T 50 29.40 -14.33 84.07
N PRO T 51 28.67 -15.49 84.24
CA PRO T 51 28.12 -16.13 83.05
C PRO T 51 26.71 -15.64 82.75
N LYS T 52 26.20 -14.82 83.73
CA LYS T 52 24.90 -14.25 83.67
C LYS T 52 24.80 -13.21 82.62
N LEU T 53 25.78 -12.28 82.68
CA LEU T 53 25.94 -11.30 81.71
C LEU T 53 26.95 -11.71 80.63
N GLY T 54 27.28 -12.99 80.52
CA GLY T 54 28.07 -13.57 79.45
C GLY T 54 27.20 -14.10 78.37
N HIS T 55 25.95 -13.75 78.30
CA HIS T 55 25.12 -14.10 77.23
C HIS T 55 24.13 -12.90 77.07
N LEU T 56 24.20 -11.89 78.00
CA LEU T 56 23.26 -10.86 78.12
C LEU T 56 23.84 -9.45 78.16
N LEU T 57 25.22 -9.26 78.43
CA LEU T 57 25.83 -7.92 78.29
C LEU T 57 26.93 -8.16 77.23
N LEU T 58 27.32 -9.49 77.10
CA LEU T 58 28.18 -9.94 76.01
C LEU T 58 27.39 -9.80 74.75
N ASN T 59 26.07 -10.28 74.70
CA ASN T 59 25.09 -10.05 73.61
C ASN T 59 23.96 -9.20 74.10
N PRO T 60 23.78 -7.90 73.82
CA PRO T 60 22.63 -7.23 74.40
C PRO T 60 21.26 -7.77 73.99
N ALA T 61 20.36 -8.11 74.97
CA ALA T 61 19.14 -8.79 74.62
C ALA T 61 18.13 -8.44 75.71
N LEU T 62 18.31 -7.36 76.42
CA LEU T 62 17.58 -6.94 77.56
C LEU T 62 16.84 -5.75 77.08
N SER T 63 15.80 -5.47 77.90
CA SER T 63 14.77 -4.49 77.58
C SER T 63 15.33 -3.06 77.81
N LEU T 64 14.50 -2.03 78.06
CA LEU T 64 14.96 -0.74 78.59
C LEU T 64 15.08 -0.73 80.09
N LYS T 65 14.09 -1.25 80.79
CA LYS T 65 13.80 -1.26 82.22
C LYS T 65 14.76 -2.29 82.84
N ASP T 66 14.98 -3.40 82.19
CA ASP T 66 15.86 -4.49 82.55
C ASP T 66 17.32 -3.98 82.47
N ARG T 67 17.74 -3.10 81.55
CA ARG T 67 19.01 -2.50 81.53
C ARG T 67 19.39 -1.69 82.73
N ASN T 68 18.46 -0.80 83.23
CA ASN T 68 18.67 0.09 84.44
C ASN T 68 18.97 -0.76 85.60
N SER T 69 18.27 -1.90 85.71
CA SER T 69 18.42 -2.83 86.84
C SER T 69 19.74 -3.57 86.71
N VAL T 70 20.33 -3.71 85.52
CA VAL T 70 21.64 -4.24 85.32
C VAL T 70 22.66 -3.24 85.95
N ILE T 71 22.49 -1.87 85.66
CA ILE T 71 23.34 -0.80 86.16
C ILE T 71 23.42 -0.81 87.65
N ASP T 72 22.24 -1.11 88.27
CA ASP T 72 22.11 -1.18 89.74
C ASP T 72 22.86 -2.37 90.40
N ALA T 73 22.86 -3.51 89.72
CA ALA T 73 23.67 -4.60 90.14
C ALA T 73 25.19 -4.32 89.90
N ILE T 74 25.57 -3.64 88.80
CA ILE T 74 26.92 -3.21 88.44
C ILE T 74 27.65 -2.30 89.36
N VAL T 75 27.01 -1.40 90.11
CA VAL T 75 27.66 -0.42 90.97
C VAL T 75 28.11 -1.07 92.33
N GLU T 76 27.68 -2.32 92.62
CA GLU T 76 28.24 -3.13 93.70
C GLU T 76 29.66 -3.66 93.34
N THR T 77 29.83 -3.91 92.00
CA THR T 77 30.81 -4.74 91.43
C THR T 77 32.17 -4.07 91.48
N HIS T 78 32.22 -2.73 91.47
CA HIS T 78 33.48 -2.05 91.54
C HIS T 78 33.19 -0.80 92.25
N LYS T 79 34.27 -0.02 92.53
CA LYS T 79 34.19 1.30 93.04
C LYS T 79 34.10 2.10 91.81
N ASN T 80 32.95 2.82 91.62
CA ASN T 80 32.70 3.70 90.48
C ASN T 80 33.83 4.56 90.10
N LEU T 81 34.48 5.25 91.12
CA LEU T 81 35.65 6.12 90.82
C LEU T 81 35.57 7.06 89.61
N ASP T 82 34.80 8.13 89.86
CA ASP T 82 34.52 9.29 88.97
C ASP T 82 33.09 9.05 88.45
N GLY T 83 32.21 10.04 88.57
CA GLY T 83 30.80 9.92 88.26
C GLY T 83 30.44 10.21 86.86
N TYR T 84 31.42 10.47 85.95
CA TYR T 84 31.23 10.62 84.55
C TYR T 84 31.19 9.24 83.81
N VAL T 85 31.91 8.21 84.44
CA VAL T 85 31.74 6.86 84.04
C VAL T 85 30.45 6.29 84.56
N VAL T 86 29.77 6.88 85.56
CA VAL T 86 28.47 6.44 86.04
C VAL T 86 27.55 7.03 85.08
N ASN T 87 27.87 8.20 84.39
CA ASN T 87 27.00 8.91 83.40
C ASN T 87 27.00 8.12 82.08
N LEU T 88 28.14 7.42 81.77
CA LEU T 88 28.22 6.54 80.61
C LEU T 88 27.18 5.39 80.69
N LEU T 89 27.00 4.82 81.95
CA LEU T 89 26.05 3.71 82.19
C LEU T 89 24.63 4.13 81.91
N LYS T 90 24.26 5.37 82.31
CA LYS T 90 22.96 6.02 81.99
C LYS T 90 22.76 6.32 80.47
N VAL T 91 23.80 6.81 79.78
CA VAL T 91 23.70 6.98 78.37
C VAL T 91 23.48 5.70 77.59
N LEU T 92 24.24 4.57 77.86
CA LEU T 92 24.09 3.31 77.19
C LEU T 92 22.78 2.56 77.57
N SER T 93 22.27 2.60 78.80
CA SER T 93 21.06 1.94 79.21
C SER T 93 19.84 2.54 78.52
N GLU T 94 19.89 3.84 78.35
CA GLU T 94 18.92 4.67 77.58
C GLU T 94 18.97 4.35 76.03
N ASN T 95 20.15 4.07 75.44
CA ASN T 95 20.28 3.86 74.06
C ASN T 95 19.95 2.37 73.73
N ASN T 96 19.78 1.54 74.80
CA ASN T 96 19.17 0.24 74.68
C ASN T 96 20.19 -0.61 74.08
N ARG T 97 21.49 -0.59 74.54
CA ARG T 97 22.44 -1.62 74.24
C ARG T 97 23.37 -1.56 75.46
N LEU T 98 24.02 -2.74 75.66
CA LEU T 98 25.11 -2.78 76.64
C LEU T 98 26.28 -3.44 76.01
N GLY T 99 26.17 -3.66 74.68
CA GLY T 99 27.03 -4.44 73.91
C GLY T 99 28.26 -3.68 73.35
N CYS T 100 28.06 -2.32 73.21
CA CYS T 100 29.10 -1.42 72.80
C CYS T 100 29.32 -0.50 73.99
N PHE T 101 29.84 -1.17 75.03
CA PHE T 101 30.14 -0.62 76.31
C PHE T 101 31.63 -0.69 76.45
N GLU T 102 32.21 -1.83 76.15
CA GLU T 102 33.60 -2.06 76.09
C GLU T 102 34.29 -1.49 74.90
N LYS T 103 33.55 -1.22 73.77
CA LYS T 103 34.09 -0.51 72.61
C LYS T 103 34.45 0.90 73.01
N ILE T 104 33.63 1.66 73.75
CA ILE T 104 33.90 3.02 74.25
C ILE T 104 35.03 3.01 75.25
N ALA T 105 34.99 1.99 76.16
CA ALA T 105 36.07 1.88 77.16
C ALA T 105 37.46 1.76 76.60
N SER T 106 37.61 0.89 75.58
CA SER T 106 38.91 0.64 74.91
C SER T 106 39.47 1.83 74.29
N ASP T 107 38.59 2.59 73.55
CA ASP T 107 38.99 3.87 72.92
C ASP T 107 39.32 4.95 73.88
N PHE T 108 38.59 5.07 75.04
CA PHE T 108 38.79 6.01 76.11
C PHE T 108 40.06 5.82 76.68
N GLY T 109 40.59 4.54 76.84
CA GLY T 109 41.89 4.18 77.36
C GLY T 109 43.11 4.63 76.66
N VAL T 110 43.00 4.57 75.29
CA VAL T 110 43.94 5.12 74.37
C VAL T 110 44.04 6.58 74.48
N LEU T 111 42.86 7.34 74.61
CA LEU T 111 42.88 8.75 74.73
C LEU T 111 43.50 9.18 76.02
N ASN T 112 43.17 8.47 77.09
CA ASN T 112 43.67 8.72 78.45
C ASN T 112 45.21 8.64 78.47
N ASP T 113 45.84 7.58 77.85
CA ASP T 113 47.33 7.29 77.90
C ASP T 113 48.01 8.18 76.97
N ALA T 114 47.26 8.68 75.95
CA ALA T 114 47.82 9.68 74.97
C ALA T 114 48.02 11.10 75.56
N HIS T 115 47.11 11.60 76.39
CA HIS T 115 47.08 12.85 77.11
C HIS T 115 48.26 12.86 78.13
N ASN T 116 48.53 11.73 78.76
CA ASN T 116 49.61 11.58 79.71
C ASN T 116 51.02 11.68 78.95
N GLY T 117 51.03 11.17 77.67
CA GLY T 117 52.14 11.24 76.81
C GLY T 117 52.75 9.89 76.87
N LEU T 118 52.04 8.87 76.19
CA LEU T 118 52.52 7.54 76.07
C LEU T 118 51.95 7.10 74.78
N LEU T 119 52.79 6.35 74.01
CA LEU T 119 52.51 5.82 72.76
C LEU T 119 52.51 4.30 72.97
N LYS T 120 51.70 3.52 72.08
CA LYS T 120 51.49 2.10 72.18
C LYS T 120 51.57 1.82 70.72
N GLY T 121 52.44 0.83 70.31
CA GLY T 121 52.68 0.51 68.94
C GLY T 121 52.83 -0.99 68.87
N THR T 122 53.32 -1.52 67.75
CA THR T 122 53.49 -2.92 67.56
C THR T 122 54.70 -3.16 66.63
N VAL T 123 55.34 -4.31 66.86
CA VAL T 123 56.54 -4.79 66.11
C VAL T 123 56.06 -6.15 65.80
N THR T 124 55.11 -6.21 64.85
CA THR T 124 54.58 -7.49 64.26
C THR T 124 55.64 -8.22 63.47
N SER T 125 55.74 -9.54 63.70
CA SER T 125 56.71 -10.42 63.15
C SER T 125 55.97 -11.79 63.03
N ALA T 126 56.51 -12.81 62.33
CA ALA T 126 55.93 -14.20 62.34
C ALA T 126 56.59 -15.08 63.45
N GLU T 127 57.59 -14.52 64.22
CA GLU T 127 58.32 -15.18 65.27
C GLU T 127 58.82 -13.98 66.17
N PRO T 128 59.10 -14.27 67.48
CA PRO T 128 59.58 -13.32 68.41
C PRO T 128 61.06 -13.19 68.26
N LEU T 129 61.64 -12.04 68.58
CA LEU T 129 63.01 -11.74 68.40
C LEU T 129 63.60 -11.77 69.79
N ASP T 130 64.87 -11.35 69.86
CA ASP T 130 65.81 -11.16 70.97
C ASP T 130 65.30 -9.96 71.78
N PRO T 131 65.61 -9.88 73.10
CA PRO T 131 65.13 -8.77 73.91
C PRO T 131 65.94 -7.58 73.43
N LYS T 132 67.21 -7.86 72.97
CA LYS T 132 68.19 -6.96 72.33
C LYS T 132 67.59 -6.32 71.11
N SER T 133 66.94 -7.18 70.24
CA SER T 133 66.37 -6.69 69.05
C SER T 133 65.29 -5.66 69.25
N PHE T 134 64.31 -5.98 70.16
CA PHE T 134 63.32 -5.07 70.57
C PHE T 134 63.72 -3.69 71.11
N LYS T 135 64.69 -3.68 72.08
CA LYS T 135 65.25 -2.48 72.60
C LYS T 135 66.07 -1.60 71.67
N ARG T 136 66.82 -2.15 70.71
CA ARG T 136 67.53 -1.39 69.68
C ARG T 136 66.65 -0.59 68.76
N ILE T 137 65.50 -1.20 68.40
CA ILE T 137 64.46 -0.73 67.52
C ILE T 137 63.83 0.44 68.28
N GLU T 138 63.56 0.33 69.57
CA GLU T 138 63.13 1.43 70.44
C GLU T 138 64.08 2.64 70.55
N LYS T 139 65.35 2.36 70.74
CA LYS T 139 66.41 3.38 70.82
C LYS T 139 66.51 4.20 69.52
N ALA T 140 66.46 3.52 68.36
CA ALA T 140 66.46 4.01 66.98
C ALA T 140 65.27 4.91 66.74
N LEU T 141 64.02 4.53 67.17
CA LEU T 141 62.82 5.31 66.96
C LEU T 141 62.79 6.58 67.73
N SER T 142 63.31 6.51 68.99
CA SER T 142 63.43 7.74 69.75
C SER T 142 64.48 8.66 69.17
N ALA T 143 65.63 8.12 68.80
CA ALA T 143 66.66 8.87 68.11
C ALA T 143 66.32 9.59 66.82
N SER T 144 65.51 8.87 66.05
CA SER T 144 65.13 9.24 64.69
C SER T 144 64.14 10.39 64.95
N LYS T 145 64.01 11.21 63.93
CA LYS T 145 63.30 12.51 63.87
C LYS T 145 61.86 12.31 63.65
N LEU T 146 61.36 11.21 64.22
CA LEU T 146 59.92 10.91 64.10
C LEU T 146 59.22 10.92 65.43
N VAL T 147 60.00 11.02 66.50
CA VAL T 147 59.47 11.29 67.80
C VAL T 147 60.41 12.31 68.27
N GLY T 148 59.89 13.41 68.90
CA GLY T 148 60.67 14.47 69.42
C GLY T 148 61.37 14.13 70.75
N GLN T 149 60.95 13.05 71.40
CA GLN T 149 61.31 12.55 72.71
C GLN T 149 60.47 13.30 73.68
N GLY T 150 59.17 13.51 73.41
CA GLY T 150 58.21 14.26 74.20
C GLY T 150 57.16 13.36 74.65
N LYS T 151 56.94 12.19 73.95
CA LYS T 151 55.87 11.30 74.33
C LYS T 151 56.52 9.94 74.39
N SER T 152 56.17 9.22 75.50
CA SER T 152 56.89 8.05 75.86
C SER T 152 56.53 6.88 74.92
N LEU T 153 57.37 5.80 74.99
CA LEU T 153 57.40 4.74 74.00
C LEU T 153 57.01 3.40 74.59
N LYS T 154 56.03 2.79 73.84
CA LYS T 154 55.74 1.38 74.03
C LYS T 154 55.55 0.79 72.64
N LEU T 155 56.14 -0.42 72.43
CA LEU T 155 56.13 -1.17 71.21
C LEU T 155 55.87 -2.56 71.65
N GLU T 156 54.95 -3.23 71.05
CA GLU T 156 54.47 -4.49 71.56
C GLU T 156 54.73 -5.52 70.50
N ASN T 157 55.50 -6.60 70.74
CA ASN T 157 55.64 -7.69 69.78
C ASN T 157 54.55 -8.64 69.85
N VAL T 158 53.98 -8.89 68.62
CA VAL T 158 52.89 -9.74 68.44
C VAL T 158 53.16 -10.77 67.37
N VAL T 159 52.44 -11.91 67.27
CA VAL T 159 52.64 -12.88 66.30
C VAL T 159 51.37 -12.74 65.43
N LYS T 160 51.45 -12.43 64.09
CA LYS T 160 50.41 -12.38 63.12
C LYS T 160 50.76 -13.49 62.14
N PRO T 161 49.82 -14.09 61.39
CA PRO T 161 50.12 -15.31 60.62
C PRO T 161 50.25 -14.90 59.15
N GLU T 162 49.91 -13.67 58.87
CA GLU T 162 49.90 -13.05 57.60
C GLU T 162 51.20 -12.96 56.99
N ILE T 163 52.15 -12.39 57.79
CA ILE T 163 53.48 -12.19 57.56
C ILE T 163 54.25 -13.59 57.49
N LYS T 164 55.25 -13.74 56.61
CA LYS T 164 55.90 -15.02 56.40
C LYS T 164 57.31 -15.12 56.87
N GLY T 165 57.72 -14.00 57.54
CA GLY T 165 59.09 -13.81 57.90
C GLY T 165 59.32 -12.32 57.88
N GLY T 166 60.49 -11.75 58.28
CA GLY T 166 60.81 -10.30 58.27
C GLY T 166 59.96 -9.69 59.33
N LEU T 167 59.74 -8.33 59.26
CA LEU T 167 59.00 -7.62 60.30
C LEU T 167 58.43 -6.36 59.63
N ILE T 168 57.42 -5.77 60.36
CA ILE T 168 56.92 -4.42 60.06
C ILE T 168 56.74 -3.81 61.47
N VAL T 169 57.26 -2.58 61.62
CA VAL T 169 57.04 -1.82 62.84
C VAL T 169 55.92 -0.89 62.45
N GLU T 170 54.88 -0.79 63.34
CA GLU T 170 53.71 0.03 63.02
C GLU T 170 53.33 0.87 64.27
N LEU T 171 52.97 2.18 63.99
CA LEU T 171 52.27 3.05 64.96
C LEU T 171 52.21 4.40 64.38
N GLY T 172 51.07 5.06 64.68
CA GLY T 172 50.85 6.42 64.26
C GLY T 172 50.61 6.62 62.76
N ASP T 173 50.44 5.49 62.00
CA ASP T 173 50.39 5.38 60.51
C ASP T 173 51.75 5.56 59.88
N LYS T 174 52.84 5.50 60.67
CA LYS T 174 54.21 5.40 60.21
C LYS T 174 54.50 3.92 60.37
N THR T 175 55.11 3.30 59.32
CA THR T 175 55.37 1.89 59.30
C THR T 175 56.66 1.83 58.55
N VAL T 176 57.48 0.96 59.00
CA VAL T 176 58.67 0.70 58.32
C VAL T 176 58.57 -0.75 57.96
N ASP T 177 58.67 -1.05 56.65
CA ASP T 177 58.21 -2.27 56.02
C ASP T 177 59.52 -2.83 55.42
N LEU T 178 59.89 -4.08 55.88
CA LEU T 178 60.95 -4.93 55.46
C LEU T 178 60.41 -6.31 55.66
N SER T 179 59.06 -6.52 55.57
CA SER T 179 58.46 -7.87 55.41
C SER T 179 58.89 -8.51 54.09
N ILE T 180 59.06 -9.87 54.08
CA ILE T 180 59.60 -10.62 52.96
C ILE T 180 58.45 -11.22 52.20
N SER T 181 57.27 -11.27 52.93
CA SER T 181 56.04 -11.89 52.58
C SER T 181 55.59 -11.29 51.25
N THR T 182 55.63 -9.93 51.18
CA THR T 182 55.27 -9.35 49.98
C THR T 182 56.21 -9.59 48.79
N LYS T 183 57.55 -9.58 49.11
CA LYS T 183 58.64 -9.70 48.20
C LYS T 183 58.71 -11.09 47.53
N ILE T 184 58.31 -12.17 48.19
CA ILE T 184 58.26 -13.53 47.79
C ILE T 184 57.18 -13.59 46.75
N GLN T 185 55.99 -13.02 47.04
CA GLN T 185 54.80 -13.04 46.19
C GLN T 185 55.11 -12.44 44.89
N LYS T 186 55.72 -11.21 44.84
CA LYS T 186 56.20 -10.53 43.66
C LYS T 186 57.28 -11.27 42.91
N LEU T 187 58.17 -12.03 43.58
CA LEU T 187 59.22 -12.84 42.99
C LEU T 187 58.58 -13.92 42.10
N ASN T 188 57.46 -14.55 42.56
CA ASN T 188 56.77 -15.64 41.94
C ASN T 188 56.21 -15.11 40.73
N LYS T 189 55.48 -13.92 40.82
CA LYS T 189 54.79 -13.31 39.70
C LYS T 189 55.76 -13.02 38.57
N VAL T 190 56.87 -12.33 38.93
CA VAL T 190 57.78 -11.95 37.94
C VAL T 190 58.55 -13.05 37.26
N LEU T 191 58.58 -14.21 37.98
CA LEU T 191 59.18 -15.41 37.42
C LEU T 191 58.30 -16.45 36.97
N GLU T 192 57.04 -16.06 36.71
CA GLU T 192 56.07 -16.79 36.00
C GLU T 192 55.57 -15.90 34.89
N ASP T 193 56.24 -14.68 34.73
CA ASP T 193 56.19 -13.89 33.54
C ASP T 193 57.31 -14.31 32.54
N LEU U 26 -23.43 -28.14 -107.56
CA LEU U 26 -24.85 -28.05 -107.45
C LEU U 26 -25.02 -26.72 -106.69
N THR U 27 -24.89 -26.64 -105.36
CA THR U 27 -25.15 -25.48 -104.54
C THR U 27 -23.82 -24.98 -103.91
N THR U 28 -23.94 -23.64 -103.59
CA THR U 28 -22.96 -22.83 -102.92
C THR U 28 -22.70 -23.32 -101.60
N PHE U 29 -23.70 -23.77 -100.86
CA PHE U 29 -23.64 -24.41 -99.55
C PHE U 29 -22.72 -25.62 -99.55
N SER U 30 -22.87 -26.51 -100.51
CA SER U 30 -22.11 -27.79 -100.57
C SER U 30 -20.62 -27.66 -100.69
N LEU U 31 -20.06 -26.79 -101.56
CA LEU U 31 -18.64 -26.61 -101.76
C LEU U 31 -18.09 -26.00 -100.55
N TYR U 32 -18.84 -25.00 -99.91
CA TYR U 32 -18.27 -24.23 -98.78
C TYR U 32 -18.27 -24.99 -97.46
N THR U 33 -19.13 -26.07 -97.27
CA THR U 33 -19.11 -26.94 -96.12
C THR U 33 -17.79 -27.70 -96.05
N ILE U 34 -17.16 -28.14 -97.16
CA ILE U 34 -15.81 -28.81 -97.13
C ILE U 34 -14.79 -27.91 -96.52
N ILE U 35 -14.82 -26.51 -96.87
CA ILE U 35 -13.87 -25.55 -96.34
C ILE U 35 -14.03 -25.40 -94.83
N VAL U 36 -15.31 -25.33 -94.35
CA VAL U 36 -15.52 -25.20 -92.90
C VAL U 36 -14.98 -26.32 -92.10
N LEU U 37 -15.17 -27.60 -92.58
CA LEU U 37 -14.66 -28.80 -91.99
C LEU U 37 -13.16 -28.77 -91.90
N LEU U 38 -12.53 -28.29 -92.98
CA LEU U 38 -11.04 -28.28 -93.08
C LEU U 38 -10.43 -27.33 -92.07
N VAL U 39 -11.09 -26.23 -91.72
CA VAL U 39 -10.49 -25.43 -90.73
C VAL U 39 -10.55 -26.07 -89.37
N ILE U 40 -11.62 -26.67 -88.96
CA ILE U 40 -11.85 -27.22 -87.68
C ILE U 40 -10.81 -28.36 -87.43
N THR U 41 -10.46 -29.14 -88.44
CA THR U 41 -9.44 -30.18 -88.35
C THR U 41 -8.05 -29.57 -88.13
N SER U 42 -7.78 -28.41 -88.69
CA SER U 42 -6.43 -27.76 -88.56
C SER U 42 -6.29 -27.13 -87.25
N LEU U 43 -7.42 -26.71 -86.55
CA LEU U 43 -7.23 -26.09 -85.29
C LEU U 43 -7.00 -27.12 -84.23
N TYR U 44 -7.30 -28.41 -84.47
CA TYR U 44 -7.16 -29.53 -83.55
C TYR U 44 -6.09 -30.55 -83.89
N THR U 45 -5.21 -30.31 -84.87
CA THR U 45 -4.24 -31.31 -85.33
C THR U 45 -3.16 -30.69 -86.09
N LEU U 46 -3.48 -29.77 -87.00
CA LEU U 46 -2.48 -29.12 -87.84
C LEU U 46 -2.24 -27.73 -87.25
N THR U 47 -1.91 -27.64 -85.94
CA THR U 47 -1.32 -26.46 -85.29
C THR U 47 -0.65 -26.99 -83.99
N ASN U 48 -0.79 -28.28 -83.77
CA ASN U 48 -0.28 -28.90 -82.62
C ASN U 48 1.12 -29.48 -82.99
N ASN U 49 2.08 -29.34 -82.00
CA ASN U 49 3.43 -29.72 -82.09
C ASN U 49 3.56 -31.22 -81.69
N ASN U 50 2.45 -31.98 -81.67
CA ASN U 50 2.26 -33.40 -81.43
C ASN U 50 1.93 -33.56 -79.99
N ASN U 51 0.96 -32.82 -79.38
CA ASN U 51 0.67 -32.78 -77.98
C ASN U 51 1.80 -32.27 -77.12
N LYS U 52 1.59 -31.23 -76.30
CA LYS U 52 2.66 -30.65 -75.60
C LYS U 52 1.99 -30.18 -74.26
N ILE U 53 2.77 -30.12 -73.14
CA ILE U 53 2.25 -29.65 -71.82
C ILE U 53 2.68 -28.23 -71.59
N ILE U 54 3.04 -27.42 -72.61
CA ILE U 54 3.38 -26.03 -72.54
C ILE U 54 2.32 -25.44 -73.47
N GLY U 55 1.98 -26.13 -74.59
CA GLY U 55 0.95 -25.69 -75.47
C GLY U 55 1.51 -24.78 -76.56
N SER U 56 0.86 -24.82 -77.74
CA SER U 56 1.32 -24.05 -78.86
C SER U 56 0.51 -22.70 -78.71
N ARG U 57 0.90 -21.61 -79.54
CA ARG U 57 0.36 -20.33 -79.22
C ARG U 57 -0.80 -20.13 -80.13
N TRP U 58 -1.04 -20.99 -81.11
CA TRP U 58 -2.25 -20.88 -81.92
C TRP U 58 -3.23 -21.93 -81.34
N LEU U 59 -2.79 -22.79 -80.41
CA LEU U 59 -3.54 -23.91 -79.86
C LEU U 59 -4.18 -23.44 -78.57
N ILE U 60 -3.60 -22.42 -77.90
CA ILE U 60 -3.96 -21.73 -76.66
C ILE U 60 -5.28 -20.99 -76.95
N SER U 61 -5.53 -20.65 -78.25
CA SER U 61 -6.75 -19.93 -78.63
C SER U 61 -8.08 -20.67 -78.37
N GLN U 62 -8.16 -21.97 -78.79
CA GLN U 62 -9.28 -22.90 -78.59
C GLN U 62 -9.24 -23.43 -77.14
N GLU U 63 -8.19 -23.08 -76.33
CA GLU U 63 -8.14 -23.52 -74.90
C GLU U 63 -8.91 -22.56 -74.06
N ALA U 64 -8.82 -21.26 -74.47
CA ALA U 64 -9.52 -20.17 -73.70
C ALA U 64 -11.02 -20.26 -73.99
N ILE U 65 -11.38 -20.64 -75.21
CA ILE U 65 -12.70 -21.03 -75.62
C ILE U 65 -13.11 -22.27 -74.87
N TYR U 66 -12.26 -23.29 -74.74
CA TYR U 66 -12.61 -24.59 -74.17
C TYR U 66 -13.17 -24.51 -72.72
N ASP U 67 -12.47 -23.75 -71.79
CA ASP U 67 -12.89 -23.60 -70.40
C ASP U 67 -14.04 -22.67 -70.14
N THR U 68 -14.21 -21.65 -70.95
CA THR U 68 -15.20 -20.69 -70.65
C THR U 68 -16.57 -21.15 -71.08
N ILE U 69 -16.64 -22.29 -71.89
CA ILE U 69 -17.85 -23.01 -72.33
C ILE U 69 -17.95 -24.24 -71.46
N MET U 70 -16.86 -24.71 -70.81
CA MET U 70 -16.91 -25.84 -69.89
C MET U 70 -17.68 -25.41 -68.71
N ASN U 71 -17.31 -24.17 -68.16
CA ASN U 71 -17.81 -23.52 -66.99
C ASN U 71 -19.09 -22.86 -67.23
N MET U 72 -19.60 -22.69 -68.53
CA MET U 72 -20.87 -22.09 -68.84
C MET U 72 -21.89 -23.17 -68.77
N THR U 73 -21.55 -24.40 -69.17
CA THR U 73 -22.49 -25.55 -69.14
C THR U 73 -22.40 -26.16 -67.86
N LYS U 74 -21.37 -25.87 -67.01
CA LYS U 74 -21.38 -26.20 -65.66
C LYS U 74 -22.29 -25.30 -64.83
N GLY U 75 -22.58 -24.07 -65.26
CA GLY U 75 -23.47 -23.08 -64.65
C GLY U 75 -24.97 -23.44 -65.04
N GLN U 76 -25.23 -23.50 -66.33
CA GLN U 76 -26.49 -23.56 -67.03
C GLN U 76 -27.20 -24.77 -66.71
N ILE U 77 -26.48 -25.94 -66.61
CA ILE U 77 -27.24 -27.24 -66.29
C ILE U 77 -26.81 -27.75 -64.99
N GLY U 78 -25.50 -27.92 -64.80
CA GLY U 78 -24.82 -28.13 -63.52
C GLY U 78 -25.18 -29.46 -62.87
N GLY U 79 -25.61 -30.42 -63.72
CA GLY U 79 -26.04 -31.68 -63.24
C GLY U 79 -24.85 -32.66 -63.16
N LYS U 80 -25.10 -34.03 -63.17
CA LYS U 80 -24.00 -35.02 -63.26
C LYS U 80 -23.97 -35.45 -64.67
N ASN U 81 -24.17 -34.53 -65.61
CA ASN U 81 -24.26 -34.67 -67.04
C ASN U 81 -24.10 -33.36 -67.85
N TRP U 82 -23.52 -32.24 -67.32
CA TRP U 82 -23.19 -31.11 -68.12
C TRP U 82 -22.02 -31.47 -69.10
N GLY U 83 -21.27 -32.55 -68.80
CA GLY U 83 -20.17 -33.11 -69.54
C GLY U 83 -20.69 -34.11 -70.61
N LEU U 84 -21.87 -34.62 -70.41
CA LEU U 84 -22.52 -35.48 -71.40
C LEU U 84 -23.07 -34.66 -72.48
N TYR U 85 -23.29 -33.33 -72.28
CA TYR U 85 -23.77 -32.47 -73.32
C TYR U 85 -22.73 -31.46 -73.67
N PHE U 86 -21.42 -31.58 -73.24
CA PHE U 86 -20.46 -30.65 -73.72
C PHE U 86 -20.05 -30.86 -75.18
N PRO U 87 -19.90 -32.07 -75.85
CA PRO U 87 -19.66 -32.24 -77.24
C PRO U 87 -20.81 -31.66 -78.03
N MET U 88 -22.09 -31.75 -77.59
CA MET U 88 -23.22 -31.20 -78.27
C MET U 88 -23.20 -29.73 -78.32
N ILE U 89 -22.84 -29.07 -77.20
CA ILE U 89 -22.87 -27.60 -77.09
C ILE U 89 -21.68 -26.95 -77.77
N PHE U 90 -20.68 -27.76 -77.94
CA PHE U 90 -19.37 -27.41 -78.54
C PHE U 90 -19.54 -27.54 -80.03
N THR U 91 -20.44 -28.42 -80.56
CA THR U 91 -20.63 -28.55 -81.99
C THR U 91 -21.52 -27.43 -82.35
N LEU U 92 -22.42 -26.90 -81.41
CA LEU U 92 -23.17 -25.74 -81.83
C LEU U 92 -22.27 -24.52 -81.71
N PHE U 93 -21.21 -24.55 -80.85
CA PHE U 93 -20.29 -23.43 -80.77
C PHE U 93 -19.37 -23.25 -82.00
N MET U 94 -18.57 -24.28 -82.37
CA MET U 94 -17.49 -24.25 -83.25
C MET U 94 -17.94 -24.15 -84.65
N PHE U 95 -19.09 -24.66 -84.96
CA PHE U 95 -19.70 -24.60 -86.32
C PHE U 95 -19.99 -23.16 -86.73
N ILE U 96 -20.70 -22.38 -85.89
CA ILE U 96 -21.24 -21.10 -86.23
C ILE U 96 -20.11 -20.14 -86.17
N PHE U 97 -19.11 -20.45 -85.29
CA PHE U 97 -17.92 -19.71 -85.09
C PHE U 97 -16.99 -19.65 -86.35
N ILE U 98 -16.75 -20.77 -87.11
CA ILE U 98 -15.87 -20.86 -88.23
C ILE U 98 -16.59 -20.41 -89.51
N ALA U 99 -17.86 -20.70 -89.58
CA ALA U 99 -18.64 -20.45 -90.79
C ALA U 99 -19.05 -18.97 -90.98
N ASN U 100 -18.81 -18.05 -89.95
CA ASN U 100 -19.16 -16.62 -90.07
C ASN U 100 -17.87 -15.84 -90.28
N LEU U 101 -16.85 -16.56 -90.86
CA LEU U 101 -15.64 -16.00 -91.25
C LEU U 101 -15.65 -16.22 -92.72
N ILE U 102 -16.03 -17.48 -93.13
CA ILE U 102 -16.23 -17.89 -94.55
C ILE U 102 -17.28 -17.11 -95.31
N SER U 103 -18.38 -16.75 -94.60
CA SER U 103 -19.54 -16.13 -95.17
C SER U 103 -19.30 -14.62 -95.48
N MET U 104 -18.18 -14.06 -94.86
CA MET U 104 -17.99 -12.62 -94.80
C MET U 104 -16.96 -12.21 -95.84
N ILE U 105 -16.73 -13.17 -96.78
CA ILE U 105 -15.88 -13.03 -97.92
C ILE U 105 -16.75 -12.60 -99.11
N PRO U 106 -16.22 -11.75 -99.95
CA PRO U 106 -17.13 -11.06 -100.98
C PRO U 106 -17.57 -11.94 -102.07
N TYR U 107 -17.40 -13.29 -102.03
CA TYR U 107 -17.80 -14.19 -103.11
C TYR U 107 -18.44 -15.38 -102.47
N SER U 108 -18.25 -15.62 -101.19
CA SER U 108 -18.68 -16.87 -100.54
C SER U 108 -19.90 -16.50 -99.62
N PHE U 109 -21.13 -17.04 -99.93
CA PHE U 109 -22.44 -16.48 -99.66
C PHE U 109 -23.31 -17.75 -99.81
N ALA U 110 -24.36 -17.70 -98.93
CA ALA U 110 -25.33 -18.74 -98.67
C ALA U 110 -24.71 -19.91 -97.91
N LEU U 111 -24.29 -19.57 -96.63
CA LEU U 111 -23.86 -20.55 -95.66
C LEU U 111 -24.90 -20.44 -94.56
N SER U 112 -24.68 -19.42 -93.67
CA SER U 112 -25.55 -19.17 -92.55
C SER U 112 -26.62 -18.20 -93.02
N ALA U 113 -26.61 -17.80 -94.32
CA ALA U 113 -27.49 -16.95 -95.10
C ALA U 113 -28.42 -17.86 -95.90
N HIS U 114 -28.08 -19.15 -95.98
CA HIS U 114 -29.05 -20.16 -96.26
C HIS U 114 -29.67 -20.50 -94.96
N LEU U 115 -30.75 -19.80 -94.75
CA LEU U 115 -31.60 -19.75 -93.50
C LEU U 115 -32.29 -21.03 -93.26
N VAL U 116 -32.68 -21.74 -94.30
CA VAL U 116 -33.57 -22.90 -94.27
C VAL U 116 -32.88 -24.05 -93.48
N PHE U 117 -31.52 -24.07 -93.54
CA PHE U 117 -30.74 -25.15 -92.91
C PHE U 117 -30.78 -24.92 -91.41
N ILE U 118 -30.62 -23.66 -91.02
CA ILE U 118 -30.49 -23.05 -89.71
C ILE U 118 -31.75 -23.19 -88.91
N ILE U 119 -32.96 -22.98 -89.52
CA ILE U 119 -34.30 -23.13 -88.83
C ILE U 119 -34.58 -24.58 -88.50
N SER U 120 -34.21 -25.37 -89.53
CA SER U 120 -34.28 -26.84 -89.39
C SER U 120 -33.42 -27.51 -88.27
N LEU U 121 -32.13 -27.02 -88.10
CA LEU U 121 -31.14 -27.44 -87.08
C LEU U 121 -31.67 -27.16 -85.72
N SER U 122 -32.38 -26.01 -85.62
CA SER U 122 -32.95 -25.61 -84.39
C SER U 122 -34.03 -26.42 -83.93
N ILE U 123 -34.96 -26.78 -84.92
CA ILE U 123 -36.17 -27.57 -84.64
C ILE U 123 -35.77 -29.02 -84.25
N VAL U 124 -34.66 -29.52 -84.83
CA VAL U 124 -34.06 -30.75 -84.55
C VAL U 124 -33.66 -30.81 -83.07
N ILE U 125 -33.05 -29.75 -82.50
CA ILE U 125 -32.58 -29.58 -81.12
C ILE U 125 -33.84 -29.56 -80.22
N TRP U 126 -34.94 -28.91 -80.66
CA TRP U 126 -36.16 -28.73 -79.87
C TRP U 126 -36.85 -30.04 -79.67
N LEU U 127 -36.82 -30.91 -80.72
CA LEU U 127 -37.33 -32.27 -80.68
C LEU U 127 -36.63 -33.20 -79.72
N GLY U 128 -35.26 -33.11 -79.80
CA GLY U 128 -34.45 -33.99 -78.96
C GLY U 128 -34.47 -33.45 -77.50
N ASN U 129 -34.89 -32.18 -77.23
CA ASN U 129 -35.27 -31.72 -75.94
C ASN U 129 -36.66 -32.11 -75.47
N THR U 130 -37.70 -32.03 -76.31
CA THR U 130 -39.08 -32.40 -75.90
C THR U 130 -39.18 -33.90 -75.70
N ILE U 131 -38.60 -34.72 -76.57
CA ILE U 131 -38.60 -36.17 -76.48
C ILE U 131 -37.86 -36.67 -75.28
N LEU U 132 -36.77 -35.95 -74.96
CA LEU U 132 -35.96 -36.18 -73.77
C LEU U 132 -36.76 -35.96 -72.44
N GLY U 133 -37.59 -34.90 -72.38
CA GLY U 133 -38.52 -34.74 -71.29
C GLY U 133 -39.63 -35.74 -71.16
N LEU U 134 -40.23 -36.20 -72.23
CA LEU U 134 -41.29 -37.19 -72.20
C LEU U 134 -40.85 -38.58 -71.77
N TYR U 135 -39.60 -39.07 -72.29
CA TYR U 135 -39.05 -40.39 -71.90
C TYR U 135 -38.74 -40.40 -70.46
N LYS U 136 -38.10 -39.36 -69.87
CA LYS U 136 -37.57 -39.34 -68.55
C LYS U 136 -38.59 -39.06 -67.48
N HIS U 137 -39.60 -38.25 -67.86
CA HIS U 137 -40.42 -37.70 -66.86
C HIS U 137 -41.87 -37.98 -67.36
N GLY U 138 -42.11 -39.10 -68.15
CA GLY U 138 -43.34 -39.63 -68.55
C GLY U 138 -44.29 -38.60 -69.10
N TRP U 139 -45.64 -38.72 -68.90
CA TRP U 139 -46.67 -37.82 -69.46
C TRP U 139 -47.16 -36.92 -68.37
N VAL U 140 -46.29 -36.78 -67.36
CA VAL U 140 -46.41 -35.79 -66.28
C VAL U 140 -45.22 -34.87 -66.60
N PHE U 141 -44.87 -34.76 -67.91
CA PHE U 141 -44.00 -33.79 -68.55
C PHE U 141 -44.52 -32.43 -68.47
N PHE U 142 -45.89 -32.35 -68.38
CA PHE U 142 -46.74 -31.20 -68.49
C PHE U 142 -46.69 -30.35 -67.32
N SER U 143 -45.92 -30.74 -66.33
CA SER U 143 -45.53 -30.01 -65.15
C SER U 143 -44.56 -28.80 -65.41
N LEU U 144 -43.80 -28.77 -66.57
CA LEU U 144 -42.96 -27.77 -67.05
C LEU U 144 -43.78 -26.51 -67.42
N PHE U 145 -45.08 -26.71 -67.73
CA PHE U 145 -46.01 -25.67 -68.24
C PHE U 145 -47.03 -25.24 -67.18
N VAL U 146 -46.71 -25.61 -65.91
CA VAL U 146 -47.26 -25.07 -64.68
C VAL U 146 -46.07 -24.73 -63.84
N PRO U 147 -45.62 -23.48 -63.59
CA PRO U 147 -44.56 -23.10 -62.80
C PRO U 147 -44.88 -23.18 -61.28
N ALA U 148 -46.02 -22.74 -60.81
CA ALA U 148 -46.29 -22.56 -59.43
C ALA U 148 -47.74 -22.27 -59.44
N GLY U 149 -48.33 -22.66 -58.31
CA GLY U 149 -49.70 -22.35 -58.02
C GLY U 149 -50.06 -20.90 -58.03
N THR U 150 -51.06 -20.58 -58.95
CA THR U 150 -51.71 -19.35 -59.24
C THR U 150 -53.22 -19.51 -59.21
N PRO U 151 -54.11 -18.56 -59.13
CA PRO U 151 -55.58 -18.81 -59.30
C PRO U 151 -55.96 -19.73 -60.42
N LEU U 152 -56.96 -20.69 -60.12
CA LEU U 152 -57.45 -21.69 -61.01
C LEU U 152 -58.20 -21.20 -62.21
N PRO U 153 -58.79 -19.98 -62.28
CA PRO U 153 -59.25 -19.38 -63.48
C PRO U 153 -58.21 -18.88 -64.44
N LEU U 154 -56.92 -19.27 -64.29
CA LEU U 154 -55.92 -18.95 -65.22
C LEU U 154 -54.82 -19.93 -65.15
N VAL U 155 -55.06 -21.02 -64.37
CA VAL U 155 -54.19 -22.21 -64.29
C VAL U 155 -54.15 -22.97 -65.70
N PRO U 156 -55.37 -23.17 -66.41
CA PRO U 156 -55.38 -23.76 -67.75
C PRO U 156 -54.86 -22.86 -68.80
N LEU U 157 -55.02 -21.52 -68.65
CA LEU U 157 -54.56 -20.56 -69.56
C LEU U 157 -53.08 -20.57 -69.57
N LEU U 158 -52.48 -20.64 -68.40
CA LEU U 158 -51.03 -20.57 -68.25
C LEU U 158 -50.35 -21.87 -68.71
N VAL U 159 -51.10 -22.91 -69.11
CA VAL U 159 -50.53 -24.17 -69.64
C VAL U 159 -50.44 -23.96 -71.16
N ILE U 160 -51.54 -23.38 -71.81
CA ILE U 160 -51.58 -23.06 -73.23
C ILE U 160 -50.46 -22.16 -73.62
N ILE U 161 -50.19 -21.08 -72.87
CA ILE U 161 -49.25 -20.05 -73.28
C ILE U 161 -47.96 -20.24 -72.56
N GLU U 162 -47.73 -21.45 -72.02
CA GLU U 162 -46.38 -21.99 -71.66
C GLU U 162 -45.73 -22.80 -72.73
N THR U 163 -46.60 -23.58 -73.32
CA THR U 163 -46.40 -24.53 -74.40
C THR U 163 -46.10 -23.74 -75.71
N LEU U 164 -46.79 -22.48 -75.86
CA LEU U 164 -46.49 -21.55 -76.89
C LEU U 164 -45.07 -21.07 -76.75
N SER U 165 -44.67 -20.75 -75.52
CA SER U 165 -43.44 -20.11 -75.18
C SER U 165 -42.30 -21.11 -75.21
N TYR U 166 -42.61 -22.47 -75.18
CA TYR U 166 -41.68 -23.52 -75.31
C TYR U 166 -41.33 -23.69 -76.73
N PHE U 167 -42.28 -23.40 -77.74
CA PHE U 167 -42.10 -23.58 -79.17
C PHE U 167 -41.78 -22.19 -79.78
N ALA U 168 -41.50 -21.14 -78.96
CA ALA U 168 -40.77 -19.94 -79.30
C ALA U 168 -39.29 -20.18 -79.27
N ARG U 169 -38.88 -21.19 -78.54
CA ARG U 169 -37.47 -21.48 -78.43
C ARG U 169 -37.00 -22.16 -79.67
N ALA U 170 -37.98 -22.89 -80.37
CA ALA U 170 -37.79 -23.65 -81.57
C ALA U 170 -37.29 -22.79 -82.75
N ILE U 171 -37.87 -21.60 -82.87
CA ILE U 171 -37.65 -20.73 -83.97
C ILE U 171 -36.78 -19.55 -83.70
N SER U 172 -36.62 -19.21 -82.41
CA SER U 172 -35.76 -18.09 -82.07
C SER U 172 -34.33 -18.29 -82.41
N LEU U 173 -33.96 -19.47 -82.08
CA LEU U 173 -32.65 -19.96 -82.16
C LEU U 173 -32.28 -19.96 -83.60
N GLY U 174 -33.28 -20.28 -84.48
CA GLY U 174 -32.92 -20.46 -85.87
C GLY U 174 -32.87 -19.02 -86.59
N LEU U 175 -33.80 -18.07 -86.21
CA LEU U 175 -34.05 -16.82 -86.80
C LEU U 175 -33.07 -15.79 -86.43
N ARG U 176 -32.42 -15.89 -85.18
CA ARG U 176 -31.41 -14.94 -84.79
C ARG U 176 -30.15 -14.99 -85.73
N LEU U 177 -29.66 -16.25 -85.95
CA LEU U 177 -28.58 -16.49 -86.90
C LEU U 177 -28.96 -16.27 -88.34
N GLY U 178 -30.10 -16.88 -88.76
CA GLY U 178 -30.36 -16.92 -90.21
C GLY U 178 -30.58 -15.58 -90.87
N SER U 179 -31.45 -14.78 -90.23
CA SER U 179 -31.99 -13.58 -90.69
C SER U 179 -30.87 -12.57 -90.70
N ASN U 180 -30.07 -12.55 -89.62
CA ASN U 180 -29.00 -11.60 -89.37
C ASN U 180 -27.83 -11.61 -90.35
N ILE U 181 -27.30 -12.80 -90.66
CA ILE U 181 -26.18 -13.03 -91.51
C ILE U 181 -26.67 -12.73 -92.93
N LEU U 182 -27.90 -13.08 -93.32
CA LEU U 182 -28.49 -12.90 -94.62
C LEU U 182 -28.69 -11.45 -94.86
N ALA U 183 -29.13 -10.66 -93.81
CA ALA U 183 -29.35 -9.27 -93.96
C ALA U 183 -28.09 -8.47 -94.06
N GLY U 184 -27.00 -9.07 -93.41
CA GLY U 184 -25.64 -8.51 -93.41
C GLY U 184 -25.07 -8.48 -94.76
N HIS U 185 -25.21 -9.59 -95.51
CA HIS U 185 -24.66 -9.63 -96.89
C HIS U 185 -25.40 -8.77 -97.80
N LEU U 186 -26.75 -8.61 -97.62
CA LEU U 186 -27.69 -7.92 -98.47
C LEU U 186 -27.28 -6.46 -98.47
N LEU U 187 -26.88 -5.96 -97.29
CA LEU U 187 -26.37 -4.67 -96.97
C LEU U 187 -25.03 -4.41 -97.64
N MET U 188 -24.12 -5.37 -97.58
CA MET U 188 -22.84 -5.27 -98.09
C MET U 188 -22.91 -5.11 -99.67
N VAL U 189 -23.73 -5.88 -100.38
CA VAL U 189 -23.82 -5.81 -101.83
C VAL U 189 -24.49 -4.59 -102.36
N ILE U 190 -25.67 -4.09 -101.89
CA ILE U 190 -26.36 -2.94 -102.51
C ILE U 190 -25.50 -1.65 -102.35
N LEU U 191 -24.76 -1.47 -101.23
CA LEU U 191 -23.97 -0.29 -100.94
C LEU U 191 -22.74 -0.30 -101.81
N ALA U 192 -22.12 -1.49 -102.13
CA ALA U 192 -21.02 -1.73 -103.02
C ALA U 192 -21.38 -1.41 -104.39
N GLY U 193 -22.61 -1.72 -104.85
CA GLY U 193 -23.09 -1.33 -106.17
C GLY U 193 -23.31 0.19 -106.35
N LEU U 194 -23.62 0.93 -105.29
CA LEU U 194 -23.93 2.37 -105.34
C LEU U 194 -22.65 3.12 -105.43
N THR U 195 -21.59 2.55 -104.75
CA THR U 195 -20.21 3.06 -104.75
C THR U 195 -19.56 2.70 -106.11
N PHE U 196 -20.08 1.68 -106.78
CA PHE U 196 -19.63 1.41 -108.10
C PHE U 196 -19.96 2.59 -109.05
N ASN U 197 -21.21 3.19 -108.97
CA ASN U 197 -21.60 4.28 -109.81
C ASN U 197 -21.10 5.55 -109.33
N PHE U 198 -20.64 5.62 -108.05
CA PHE U 198 -20.10 6.89 -107.53
C PHE U 198 -18.70 7.17 -107.99
N MET U 199 -17.95 6.05 -108.23
CA MET U 199 -16.52 6.08 -108.60
C MET U 199 -16.32 6.08 -110.11
N LEU U 200 -17.44 6.31 -110.83
CA LEU U 200 -17.42 6.40 -112.30
C LEU U 200 -18.43 7.45 -112.75
N ILE U 201 -18.35 8.67 -112.15
CA ILE U 201 -19.03 9.85 -112.75
C ILE U 201 -18.11 11.06 -112.51
N ASN U 202 -18.71 12.25 -112.25
CA ASN U 202 -17.98 13.49 -112.13
C ASN U 202 -16.92 13.52 -111.12
N LEU U 203 -15.96 14.43 -111.32
CA LEU U 203 -14.74 14.59 -110.56
C LEU U 203 -15.01 15.13 -109.14
N PHE U 204 -16.21 15.71 -109.06
CA PHE U 204 -16.69 16.23 -107.76
C PHE U 204 -17.15 15.18 -106.78
N THR U 205 -17.44 13.98 -107.26
CA THR U 205 -17.86 12.87 -106.42
C THR U 205 -16.61 12.07 -106.06
N LEU U 206 -15.49 12.24 -106.85
CA LEU U 206 -14.23 11.62 -106.70
C LEU U 206 -13.45 12.12 -105.54
N VAL U 207 -13.83 13.38 -105.20
CA VAL U 207 -13.40 13.90 -103.87
C VAL U 207 -14.59 13.47 -103.01
N PHE U 208 -14.28 12.84 -101.88
CA PHE U 208 -15.19 12.19 -100.92
C PHE U 208 -15.81 10.95 -101.59
N GLY U 209 -14.97 10.22 -102.29
CA GLY U 209 -15.25 8.89 -102.85
C GLY U 209 -14.87 7.90 -101.84
N PHE U 210 -14.10 8.21 -100.78
CA PHE U 210 -13.67 7.31 -99.77
C PHE U 210 -14.73 7.27 -98.68
N VAL U 211 -15.57 8.39 -98.67
CA VAL U 211 -16.65 8.53 -97.73
C VAL U 211 -17.69 7.49 -97.73
N PRO U 212 -18.23 7.04 -98.87
CA PRO U 212 -19.19 5.91 -98.91
C PRO U 212 -18.41 4.63 -98.70
N LEU U 213 -17.14 4.51 -99.09
CA LEU U 213 -16.24 3.30 -99.00
C LEU U 213 -16.04 2.98 -97.56
N ALA U 214 -15.91 3.95 -96.68
CA ALA U 214 -15.68 3.91 -95.24
C ALA U 214 -16.77 3.36 -94.45
N MET U 215 -18.00 3.58 -94.96
CA MET U 215 -19.22 2.89 -94.37
C MET U 215 -19.17 1.43 -94.53
N ILE U 216 -18.72 0.93 -95.77
CA ILE U 216 -18.68 -0.47 -96.15
C ILE U 216 -17.65 -1.22 -95.40
N LEU U 217 -16.52 -0.50 -95.02
CA LEU U 217 -15.45 -0.91 -94.15
C LEU U 217 -15.89 -1.13 -92.75
N ALA U 218 -16.68 -0.22 -92.20
CA ALA U 218 -17.19 -0.31 -90.85
C ALA U 218 -18.04 -1.52 -90.73
N ILE U 219 -18.81 -1.73 -91.79
CA ILE U 219 -19.74 -2.82 -92.00
C ILE U 219 -19.09 -4.17 -92.14
N MET U 220 -17.91 -4.18 -92.73
CA MET U 220 -17.09 -5.42 -92.85
C MET U 220 -16.64 -5.89 -91.49
N MET U 221 -16.22 -4.88 -90.67
CA MET U 221 -15.99 -5.12 -89.28
C MET U 221 -17.18 -5.55 -88.43
N LEU U 222 -18.37 -4.93 -88.51
CA LEU U 222 -19.41 -5.14 -87.55
C LEU U 222 -20.13 -6.44 -87.77
N GLU U 223 -20.23 -6.80 -89.07
CA GLU U 223 -20.99 -7.97 -89.50
C GLU U 223 -20.18 -9.21 -89.26
N PHE U 224 -18.80 -9.06 -89.35
CA PHE U 224 -17.89 -10.12 -89.02
C PHE U 224 -17.98 -10.41 -87.53
N ALA U 225 -18.08 -9.34 -86.77
CA ALA U 225 -18.21 -9.37 -85.33
C ALA U 225 -19.47 -10.05 -84.78
N ILE U 226 -20.65 -9.71 -85.36
CA ILE U 226 -21.91 -10.22 -84.83
C ILE U 226 -22.19 -11.65 -85.13
N GLY U 227 -21.40 -12.20 -86.09
CA GLY U 227 -21.51 -13.60 -86.34
C GLY U 227 -20.71 -14.43 -85.34
N ILE U 228 -19.61 -13.83 -84.83
CA ILE U 228 -18.85 -14.58 -83.82
C ILE U 228 -19.59 -14.62 -82.49
N ILE U 229 -20.21 -13.48 -82.21
CA ILE U 229 -21.09 -13.25 -81.08
C ILE U 229 -22.26 -14.21 -81.15
N GLN U 230 -22.80 -14.45 -82.34
CA GLN U 230 -24.02 -15.29 -82.50
C GLN U 230 -23.83 -16.72 -82.12
N GLY U 231 -22.64 -17.38 -82.33
CA GLY U 231 -22.25 -18.69 -82.00
C GLY U 231 -22.13 -18.95 -80.55
N TYR U 232 -21.72 -17.92 -79.81
CA TYR U 232 -21.71 -17.94 -78.37
C TYR U 232 -23.12 -17.76 -77.81
N VAL U 233 -23.96 -16.95 -78.46
CA VAL U 233 -25.34 -16.60 -78.13
C VAL U 233 -26.27 -17.79 -78.26
N TRP U 234 -26.07 -18.60 -79.30
CA TRP U 234 -26.68 -19.86 -79.58
C TRP U 234 -26.35 -20.79 -78.46
N ALA U 235 -25.05 -20.90 -78.08
CA ALA U 235 -24.56 -21.97 -77.21
C ALA U 235 -24.90 -21.80 -75.77
N ILE U 236 -25.25 -20.60 -75.27
CA ILE U 236 -25.62 -20.30 -73.87
C ILE U 236 -27.13 -20.43 -73.66
N LEU U 237 -27.93 -20.08 -74.72
CA LEU U 237 -29.36 -20.13 -74.79
C LEU U 237 -29.87 -21.45 -74.97
N THR U 238 -29.15 -22.31 -75.67
CA THR U 238 -29.55 -23.71 -75.76
C THR U 238 -28.90 -24.47 -74.61
N ALA U 239 -28.20 -23.76 -73.60
CA ALA U 239 -27.87 -24.48 -72.41
C ALA U 239 -29.03 -24.24 -71.40
N SER U 240 -29.69 -22.99 -71.51
CA SER U 240 -30.95 -22.70 -70.75
C SER U 240 -32.07 -23.51 -71.28
N TYR U 241 -32.18 -23.78 -72.60
CA TYR U 241 -33.29 -24.49 -73.20
C TYR U 241 -33.29 -25.94 -72.76
N LEU U 242 -32.09 -26.55 -72.65
CA LEU U 242 -31.88 -27.94 -72.26
C LEU U 242 -31.99 -28.16 -70.76
N LYS U 243 -31.66 -27.10 -69.94
CA LYS U 243 -31.80 -26.96 -68.51
C LYS U 243 -33.24 -27.11 -68.17
N ASP U 244 -34.07 -26.51 -69.01
CA ASP U 244 -35.50 -26.65 -69.05
C ASP U 244 -36.01 -28.05 -69.35
N ALA U 245 -35.29 -28.88 -70.19
CA ALA U 245 -35.83 -30.19 -70.51
C ALA U 245 -35.64 -31.16 -69.41
N VAL U 246 -34.47 -31.03 -68.76
CA VAL U 246 -34.01 -31.97 -67.75
C VAL U 246 -34.69 -31.81 -66.43
N TYR U 247 -34.82 -30.55 -66.09
CA TYR U 247 -35.41 -30.24 -64.79
C TYR U 247 -36.65 -29.36 -65.00
N LEU U 248 -37.85 -29.84 -64.48
CA LEU U 248 -39.09 -29.17 -64.53
C LEU U 248 -39.20 -27.83 -63.84
N HIS U 249 -40.12 -26.92 -64.30
CA HIS U 249 -40.18 -25.50 -64.01
C HIS U 249 -38.96 -24.85 -64.58
N ASN V 53 -17.55 -5.32 -111.50
CA ASN V 53 -18.41 -4.14 -111.36
C ASN V 53 -18.87 -3.87 -109.95
N ASP V 54 -20.01 -4.53 -109.59
CA ASP V 54 -20.77 -4.34 -108.38
C ASP V 54 -19.99 -5.01 -107.19
N GLU V 55 -19.65 -6.29 -107.37
CA GLU V 55 -19.01 -7.20 -106.47
C GLU V 55 -17.60 -6.90 -106.35
N SER V 56 -17.00 -6.16 -107.27
CA SER V 56 -15.62 -5.77 -107.24
C SER V 56 -15.38 -4.68 -106.31
N ILE V 57 -16.43 -3.83 -106.07
CA ILE V 57 -16.25 -2.78 -105.12
C ILE V 57 -16.18 -3.38 -103.75
N LEU V 58 -16.97 -4.42 -103.49
CA LEU V 58 -17.03 -5.17 -102.24
C LEU V 58 -15.75 -5.90 -102.03
N LEU V 59 -15.06 -6.43 -103.05
CA LEU V 59 -13.78 -7.04 -102.97
C LEU V 59 -12.69 -6.12 -102.44
N LEU V 60 -12.87 -4.83 -102.82
CA LEU V 60 -12.04 -3.74 -102.24
C LEU V 60 -12.35 -3.59 -100.78
N THR V 61 -13.67 -3.75 -100.35
CA THR V 61 -13.98 -3.57 -98.93
C THR V 61 -13.23 -4.58 -98.04
N PHE V 62 -13.17 -5.87 -98.47
CA PHE V 62 -12.52 -6.96 -97.80
C PHE V 62 -10.99 -6.83 -97.72
N LEU V 63 -10.44 -6.33 -98.75
CA LEU V 63 -9.03 -5.99 -98.83
C LEU V 63 -8.60 -4.86 -97.84
N GLY V 64 -9.46 -3.80 -97.65
CA GLY V 64 -9.33 -2.81 -96.63
C GLY V 64 -9.37 -3.40 -95.25
N PHE V 65 -10.25 -4.39 -95.03
CA PHE V 65 -10.44 -5.06 -93.73
C PHE V 65 -9.18 -5.85 -93.25
N THR V 66 -8.58 -6.57 -94.20
CA THR V 66 -7.47 -7.45 -93.86
C THR V 66 -6.20 -6.67 -93.51
N GLY V 67 -6.09 -5.46 -94.17
CA GLY V 67 -5.08 -4.53 -93.93
C GLY V 67 -5.15 -4.00 -92.51
N LEU V 68 -6.40 -3.71 -92.06
CA LEU V 68 -6.51 -3.28 -90.67
C LEU V 68 -6.21 -4.36 -89.64
N VAL V 69 -6.53 -5.67 -90.00
CA VAL V 69 -6.41 -6.86 -89.14
C VAL V 69 -4.92 -7.23 -88.82
N ALA V 70 -4.09 -7.20 -89.85
CA ALA V 70 -2.71 -7.48 -89.80
C ALA V 70 -1.97 -6.49 -89.03
N LYS V 71 -2.40 -5.19 -89.10
CA LYS V 71 -1.86 -4.09 -88.38
C LYS V 71 -2.20 -4.08 -86.91
N TYR V 72 -3.44 -4.54 -86.51
CA TYR V 72 -3.90 -4.18 -85.17
C TYR V 72 -4.35 -5.32 -84.28
N LEU V 73 -5.09 -6.25 -84.91
CA LEU V 73 -5.83 -7.36 -84.28
C LEU V 73 -4.77 -8.35 -84.00
N ALA V 74 -3.78 -8.58 -84.93
CA ALA V 74 -2.74 -9.46 -84.72
C ALA V 74 -1.91 -9.17 -83.46
N PRO V 75 -1.50 -7.97 -82.95
CA PRO V 75 -0.78 -7.82 -81.67
C PRO V 75 -1.64 -8.06 -80.46
N ALA V 76 -2.89 -7.75 -80.68
CA ALA V 76 -3.87 -7.95 -79.59
C ALA V 76 -4.13 -9.35 -79.17
N TYR V 77 -4.15 -10.25 -80.22
CA TYR V 77 -4.16 -11.67 -80.11
C TYR V 77 -2.75 -12.27 -79.66
N LYS V 78 -1.58 -11.61 -80.03
CA LYS V 78 -0.25 -12.08 -79.54
C LYS V 78 -0.02 -11.99 -78.03
N ASP V 79 -0.45 -10.79 -77.47
CA ASP V 79 -0.42 -10.57 -76.08
C ASP V 79 -1.31 -11.46 -75.32
N PHE V 80 -2.50 -11.78 -75.76
CA PHE V 80 -3.52 -12.63 -75.07
C PHE V 80 -2.99 -14.05 -74.96
N ALA V 81 -2.43 -14.55 -76.06
CA ALA V 81 -1.81 -15.88 -76.24
C ALA V 81 -0.63 -16.07 -75.30
N ASP V 82 0.20 -14.99 -75.14
CA ASP V 82 1.33 -14.92 -74.28
C ASP V 82 0.94 -14.99 -72.82
N ALA V 83 -0.10 -14.22 -72.38
CA ALA V 83 -0.58 -14.12 -70.98
C ALA V 83 -0.83 -15.54 -70.47
N ARG V 84 -1.50 -16.35 -71.34
CA ARG V 84 -1.96 -17.77 -71.06
C ARG V 84 -0.81 -18.71 -70.99
N MET V 85 0.13 -18.56 -71.92
CA MET V 85 1.30 -19.40 -72.12
C MET V 85 2.21 -19.43 -70.89
N LYS V 86 2.56 -18.23 -70.37
CA LYS V 86 3.30 -18.07 -69.11
C LYS V 86 2.69 -18.70 -67.86
N LYS V 87 1.33 -18.52 -67.73
CA LYS V 87 0.61 -18.99 -66.54
C LYS V 87 0.68 -20.46 -66.43
N VAL V 88 0.38 -21.18 -67.59
CA VAL V 88 0.36 -22.63 -67.73
C VAL V 88 1.74 -23.13 -67.40
N SER V 89 2.77 -22.46 -67.99
CA SER V 89 4.20 -22.85 -67.93
C SER V 89 4.80 -22.88 -66.50
N ASP V 90 4.51 -21.81 -65.78
CA ASP V 90 5.17 -21.37 -64.58
C ASP V 90 4.85 -22.33 -63.49
N VAL V 91 3.50 -22.70 -63.41
CA VAL V 91 2.96 -23.62 -62.47
C VAL V 91 3.54 -24.99 -62.65
N LEU V 92 3.67 -25.36 -63.95
CA LEU V 92 4.23 -26.63 -64.40
C LEU V 92 5.61 -26.70 -63.94
N ASN V 93 6.39 -25.64 -64.09
CA ASN V 93 7.82 -25.66 -63.74
C ASN V 93 8.02 -25.58 -62.25
N ALA V 94 7.04 -24.97 -61.53
CA ALA V 94 7.04 -24.79 -60.05
C ALA V 94 7.04 -26.16 -59.32
N SER V 95 6.15 -27.10 -59.79
CA SER V 95 5.99 -28.49 -59.41
C SER V 95 7.20 -29.36 -59.61
N ARG V 96 7.88 -29.07 -60.73
CA ARG V 96 9.12 -29.72 -61.09
C ARG V 96 10.24 -29.40 -60.12
N ASN V 97 10.36 -28.11 -59.67
CA ASN V 97 11.33 -27.82 -58.63
C ASN V 97 11.29 -28.54 -57.29
N LYS V 98 10.02 -28.85 -56.83
CA LYS V 98 9.63 -29.33 -55.52
C LYS V 98 10.25 -30.61 -55.14
N HIS V 99 10.24 -31.61 -56.10
CA HIS V 99 10.88 -32.88 -55.86
C HIS V 99 12.36 -32.78 -55.78
N VAL V 100 12.98 -31.90 -56.58
CA VAL V 100 14.42 -31.65 -56.65
C VAL V 100 14.94 -31.17 -55.30
N GLU V 101 14.14 -30.39 -54.59
CA GLU V 101 14.39 -29.89 -53.25
C GLU V 101 14.54 -30.96 -52.28
N ALA V 102 13.58 -31.95 -52.37
CA ALA V 102 13.56 -33.19 -51.56
C ALA V 102 14.80 -34.07 -51.73
N VAL V 103 15.39 -34.16 -53.03
CA VAL V 103 16.68 -34.82 -53.22
C VAL V 103 17.76 -34.07 -52.49
N LYS V 104 17.75 -32.74 -52.58
CA LYS V 104 18.77 -31.86 -52.05
C LYS V 104 18.78 -31.86 -50.45
N ASP V 105 17.64 -31.94 -49.78
CA ASP V 105 17.39 -32.06 -48.38
C ASP V 105 18.13 -33.35 -47.95
N ARG V 106 18.05 -34.41 -48.77
CA ARG V 106 18.58 -35.70 -48.43
C ARG V 106 20.13 -35.63 -48.45
N ILE V 107 20.68 -34.87 -49.44
CA ILE V 107 22.13 -34.66 -49.57
C ILE V 107 22.64 -34.04 -48.27
N ASP V 108 21.91 -33.01 -47.76
CA ASP V 108 22.25 -32.37 -46.46
C ASP V 108 22.28 -33.28 -45.36
N SER V 109 21.23 -34.19 -45.31
CA SER V 109 21.10 -35.12 -44.26
C SER V 109 22.22 -36.14 -44.20
N VAL V 110 22.61 -36.71 -45.32
CA VAL V 110 23.64 -37.72 -45.47
C VAL V 110 24.95 -37.18 -44.95
N SER V 111 25.24 -35.88 -45.20
CA SER V 111 26.50 -35.36 -44.67
C SER V 111 26.60 -35.28 -43.16
N GLN V 112 25.45 -35.01 -42.46
CA GLN V 112 25.37 -34.95 -40.98
C GLN V 112 25.88 -36.26 -40.29
N LEU V 113 25.31 -37.41 -40.88
CA LEU V 113 25.47 -38.75 -40.46
C LEU V 113 26.85 -39.18 -40.72
N GLN V 114 27.41 -38.75 -41.85
CA GLN V 114 28.76 -39.05 -42.21
C GLN V 114 29.79 -38.62 -41.24
N ASN V 115 29.72 -37.39 -40.72
CA ASN V 115 30.57 -36.83 -39.73
C ASN V 115 30.50 -37.50 -38.36
N VAL V 116 29.30 -37.84 -37.85
CA VAL V 116 28.99 -38.62 -36.65
C VAL V 116 29.68 -39.94 -36.61
N ALA V 117 29.72 -40.69 -37.75
CA ALA V 117 30.24 -42.00 -37.91
C ALA V 117 31.75 -42.12 -37.73
N GLU V 118 32.48 -41.04 -38.15
CA GLU V 118 33.93 -40.91 -37.93
C GLU V 118 34.31 -40.74 -36.53
N THR V 119 33.57 -39.69 -35.89
CA THR V 119 33.86 -39.08 -34.60
C THR V 119 33.56 -39.97 -33.45
N THR V 120 32.62 -40.92 -33.60
CA THR V 120 32.28 -41.84 -32.60
C THR V 120 33.35 -42.79 -32.20
N LYS V 121 34.26 -43.13 -33.15
CA LYS V 121 35.51 -43.84 -32.99
C LYS V 121 36.52 -43.06 -32.15
N VAL V 122 36.59 -41.76 -32.33
CA VAL V 122 37.43 -40.92 -31.59
C VAL V 122 37.07 -40.93 -30.14
N LEU V 123 35.75 -40.82 -29.87
CA LEU V 123 35.17 -40.86 -28.57
C LEU V 123 35.46 -42.18 -27.94
N PHE V 124 35.45 -43.38 -28.66
CA PHE V 124 35.79 -44.70 -28.09
C PHE V 124 37.21 -44.74 -27.55
N ASP V 125 38.17 -44.07 -28.29
CA ASP V 125 39.56 -43.93 -27.87
C ASP V 125 39.79 -43.14 -26.62
N VAL V 126 39.13 -41.99 -26.60
CA VAL V 126 39.31 -40.94 -25.62
C VAL V 126 38.84 -41.41 -24.31
N SER V 127 37.66 -42.18 -24.32
CA SER V 127 37.04 -42.71 -23.10
C SER V 127 37.98 -43.57 -22.40
N LYS V 128 38.73 -44.42 -23.17
CA LYS V 128 39.72 -45.35 -22.62
C LYS V 128 40.90 -44.71 -21.92
N GLU V 129 41.38 -43.54 -22.45
CA GLU V 129 42.48 -42.67 -22.04
C GLU V 129 42.18 -42.15 -20.70
N THR V 130 40.89 -41.71 -20.46
CA THR V 130 40.52 -41.09 -19.22
C THR V 130 40.71 -41.99 -17.98
N VAL V 131 40.42 -43.32 -18.10
CA VAL V 131 40.49 -44.37 -17.12
C VAL V 131 41.97 -44.57 -16.72
N GLU V 132 42.86 -44.49 -17.73
CA GLU V 132 44.27 -44.61 -17.57
C GLU V 132 44.75 -43.56 -16.56
N LEU V 133 44.35 -42.26 -16.62
CA LEU V 133 44.67 -41.24 -15.74
C LEU V 133 44.31 -41.32 -14.32
N GLU V 134 43.08 -42.02 -14.13
CA GLU V 134 42.50 -42.20 -12.80
C GLU V 134 43.34 -43.17 -11.91
N SER V 135 44.04 -44.15 -12.55
CA SER V 135 44.96 -45.07 -11.89
C SER V 135 46.05 -44.22 -11.27
N GLU V 136 46.58 -43.24 -12.04
CA GLU V 136 47.61 -42.35 -11.61
C GLU V 136 47.22 -41.38 -10.62
N ALA V 137 45.93 -40.92 -10.71
CA ALA V 137 45.23 -39.95 -9.77
C ALA V 137 45.18 -40.45 -8.37
N PHE V 138 44.97 -41.78 -8.16
CA PHE V 138 45.24 -42.40 -6.89
C PHE V 138 46.64 -42.41 -6.42
N GLU V 139 47.63 -42.57 -7.38
CA GLU V 139 49.00 -42.51 -6.97
C GLU V 139 49.44 -41.13 -6.52
N LEU V 140 48.82 -40.09 -7.20
CA LEU V 140 48.86 -38.71 -6.93
C LEU V 140 48.31 -38.39 -5.55
N LYS V 141 47.16 -39.09 -5.21
CA LYS V 141 46.43 -38.92 -3.93
C LYS V 141 47.24 -39.26 -2.75
N GLN V 142 48.00 -40.34 -2.79
CA GLN V 142 48.90 -40.87 -1.76
C GLN V 142 50.12 -40.03 -1.46
N LYS V 143 50.68 -39.35 -2.45
CA LYS V 143 51.70 -38.34 -2.21
C LYS V 143 51.09 -37.23 -1.42
N VAL V 144 49.85 -36.77 -1.83
CA VAL V 144 49.17 -35.70 -1.14
C VAL V 144 49.04 -36.10 0.26
N GLU V 145 48.60 -37.31 0.56
CA GLU V 145 48.44 -37.82 1.96
C GLU V 145 49.72 -37.96 2.72
N LEU V 146 50.78 -38.45 2.05
CA LEU V 146 52.03 -38.71 2.79
C LEU V 146 52.56 -37.38 3.27
N ALA V 147 52.51 -36.39 2.38
CA ALA V 147 52.88 -35.08 2.65
C ALA V 147 52.03 -34.39 3.71
N HIS V 148 50.64 -34.54 3.68
CA HIS V 148 49.70 -33.92 4.53
C HIS V 148 50.01 -34.35 5.86
N GLU V 149 50.16 -35.69 6.13
CA GLU V 149 50.27 -36.17 7.46
C GLU V 149 51.52 -35.65 8.07
N ALA V 150 52.61 -35.73 7.26
CA ALA V 150 53.89 -35.22 7.61
C ALA V 150 54.01 -33.80 7.94
N LYS V 151 53.35 -32.86 7.17
CA LYS V 151 53.34 -31.43 7.30
C LYS V 151 52.68 -30.96 8.54
N ALA V 152 51.57 -31.59 8.91
CA ALA V 152 50.79 -31.26 10.03
C ALA V 152 51.47 -31.48 11.36
N VAL V 153 52.11 -32.70 11.47
CA VAL V 153 53.01 -33.02 12.57
C VAL V 153 54.24 -32.07 12.75
N LEU V 154 54.86 -31.66 11.65
CA LEU V 154 55.85 -30.67 11.55
C LEU V 154 55.48 -29.33 12.07
N ASP V 155 54.16 -28.90 11.76
CA ASP V 155 53.52 -27.69 12.28
C ASP V 155 53.34 -27.83 13.78
N SER V 156 52.98 -29.08 14.14
CA SER V 156 52.73 -29.43 15.59
C SER V 156 53.96 -29.19 16.41
N TRP V 157 55.18 -29.52 15.84
CA TRP V 157 56.49 -29.37 16.51
C TRP V 157 56.73 -27.87 16.80
N VAL V 158 56.38 -26.92 15.92
CA VAL V 158 56.54 -25.43 16.10
C VAL V 158 55.57 -25.01 17.15
N ARG V 159 54.32 -25.56 17.21
CA ARG V 159 53.32 -25.23 18.23
C ARG V 159 53.84 -25.52 19.66
N TYR V 160 54.46 -26.67 19.84
CA TYR V 160 55.03 -26.98 21.20
C TYR V 160 56.32 -26.13 21.50
N GLU V 161 57.09 -25.90 20.42
CA GLU V 161 58.31 -25.21 20.64
C GLU V 161 57.98 -23.74 21.19
N ALA V 162 56.93 -23.10 20.58
CA ALA V 162 56.48 -21.81 21.02
C ALA V 162 55.81 -21.86 22.41
N SER V 163 55.13 -22.88 22.76
CA SER V 163 54.64 -23.17 24.11
C SER V 163 55.81 -23.33 25.13
N LEU V 164 56.85 -24.07 24.65
CA LEU V 164 58.00 -24.42 25.41
C LEU V 164 58.84 -23.30 25.96
N ARG V 165 58.94 -22.15 25.24
CA ARG V 165 59.57 -20.90 25.65
C ARG V 165 58.92 -20.34 26.92
N GLN V 166 57.56 -20.30 26.96
CA GLN V 166 56.74 -19.76 28.04
C GLN V 166 56.86 -20.74 29.20
N LEU V 167 56.91 -22.06 28.80
CA LEU V 167 56.86 -23.24 29.67
C LEU V 167 58.07 -23.33 30.56
N GLU V 168 59.25 -22.92 30.03
CA GLU V 168 60.41 -22.81 30.73
C GLU V 168 60.39 -21.97 31.98
N GLN V 169 59.68 -20.81 31.94
CA GLN V 169 59.41 -19.96 33.07
C GLN V 169 58.54 -20.68 34.07
N ARG V 170 57.67 -21.58 33.59
CA ARG V 170 56.70 -22.28 34.48
C ARG V 170 57.42 -23.40 35.31
N GLN V 171 58.37 -24.12 34.70
CA GLN V 171 59.12 -25.11 35.34
C GLN V 171 60.02 -24.54 36.46
N LEU V 172 60.62 -23.33 36.15
CA LEU V 172 61.40 -22.55 37.04
C LEU V 172 60.69 -21.93 38.22
N ALA V 173 59.45 -21.54 38.05
CA ALA V 173 58.66 -20.92 38.98
C ALA V 173 58.37 -21.68 40.23
N LYS V 174 57.98 -23.05 40.05
CA LYS V 174 57.74 -23.99 41.10
C LYS V 174 59.05 -24.34 41.88
N SER V 175 60.19 -24.23 41.23
CA SER V 175 61.51 -24.35 41.75
C SER V 175 61.85 -23.23 42.73
N VAL V 176 61.44 -22.01 42.48
CA VAL V 176 61.50 -20.83 43.39
C VAL V 176 60.68 -21.06 44.60
N ILE V 177 59.46 -21.64 44.36
CA ILE V 177 58.56 -21.99 45.39
C ILE V 177 59.10 -23.06 46.33
N SER V 178 59.71 -24.06 45.72
CA SER V 178 60.31 -25.22 46.39
C SER V 178 61.41 -24.80 47.33
N ARG V 179 62.23 -23.78 46.94
CA ARG V 179 63.29 -23.11 47.75
C ARG V 179 62.82 -22.25 48.88
N VAL V 180 61.62 -21.65 48.74
CA VAL V 180 60.92 -20.95 49.84
C VAL V 180 60.61 -21.95 50.94
N GLN V 181 60.03 -23.16 50.53
CA GLN V 181 59.71 -24.20 51.53
C GLN V 181 60.93 -24.71 52.25
N SER V 182 62.04 -24.73 51.50
CA SER V 182 63.39 -25.10 51.93
C SER V 182 63.87 -24.07 52.89
N GLU V 183 63.59 -22.77 52.68
CA GLU V 183 63.99 -21.68 53.56
C GLU V 183 63.33 -21.68 54.92
N LEU V 184 61.99 -21.99 54.92
CA LEU V 184 61.16 -21.85 56.02
C LEU V 184 61.35 -23.09 56.92
N GLY V 185 61.92 -24.18 56.37
CA GLY V 185 62.27 -25.40 57.09
C GLY V 185 63.62 -25.21 57.69
N ASN V 186 64.52 -24.50 56.97
CA ASN V 186 65.90 -24.41 57.47
C ASN V 186 65.88 -23.24 58.38
N PRO V 187 66.85 -23.02 59.23
CA PRO V 187 66.96 -21.88 60.08
C PRO V 187 67.38 -20.62 59.35
N LYS V 188 67.21 -20.46 58.05
CA LYS V 188 67.03 -19.26 57.31
C LYS V 188 65.83 -18.52 57.81
N PHE V 189 64.78 -19.26 58.29
CA PHE V 189 63.64 -18.80 59.00
C PHE V 189 64.00 -18.03 60.29
N GLN V 190 65.07 -18.40 61.05
CA GLN V 190 65.34 -17.63 62.26
C GLN V 190 66.24 -16.48 61.96
N GLU V 191 67.29 -16.82 61.17
CA GLU V 191 68.50 -16.03 61.06
C GLU V 191 68.30 -14.88 60.09
N LYS V 192 67.40 -14.97 59.06
CA LYS V 192 67.39 -13.97 58.04
C LYS V 192 66.31 -12.91 58.47
N VAL V 193 65.41 -13.36 59.35
CA VAL V 193 64.32 -12.66 59.95
C VAL V 193 65.10 -11.60 60.89
N LEU V 194 66.13 -12.01 61.57
CA LEU V 194 67.06 -11.22 62.33
C LEU V 194 67.87 -10.29 61.43
N GLN V 195 68.29 -10.73 60.22
CA GLN V 195 69.13 -9.93 59.32
C GLN V 195 68.34 -8.68 58.91
N GLN V 196 67.04 -8.85 58.58
CA GLN V 196 66.11 -7.82 58.20
C GLN V 196 66.01 -6.89 59.32
N SER V 197 65.89 -7.43 60.58
CA SER V 197 65.81 -6.68 61.76
C SER V 197 66.97 -5.70 62.01
N ILE V 198 68.22 -6.13 61.81
CA ILE V 198 69.32 -5.20 61.97
C ILE V 198 69.43 -4.16 60.84
N SER V 199 69.01 -4.48 59.54
CA SER V 199 68.89 -3.53 58.46
C SER V 199 67.77 -2.45 58.89
N GLU V 200 66.63 -2.96 59.46
CA GLU V 200 65.49 -2.18 59.91
C GLU V 200 65.85 -1.22 60.99
N ILE V 201 66.69 -1.61 61.93
CA ILE V 201 67.22 -0.68 62.91
C ILE V 201 67.97 0.50 62.29
N GLU V 202 68.90 0.17 61.33
CA GLU V 202 69.74 1.08 60.54
C GLU V 202 68.91 2.10 59.69
N GLN V 203 67.81 1.53 59.00
CA GLN V 203 66.92 2.34 58.26
C GLN V 203 66.16 3.24 59.12
N LEU V 204 65.60 2.70 60.23
CA LEU V 204 64.75 3.50 61.11
C LEU V 204 65.49 4.65 61.79
N LEU V 205 66.76 4.42 62.09
CA LEU V 205 67.73 5.41 62.64
C LEU V 205 68.07 6.53 61.76
N SER V 206 68.10 6.38 60.44
CA SER V 206 68.60 7.43 59.60
C SER V 206 67.58 8.50 59.36
N LYS V 207 66.31 8.24 59.79
CA LYS V 207 65.22 9.13 59.66
C LYS V 207 65.36 10.27 60.71
N ALA W 3 42.60 -35.23 -23.19
CA ALA W 3 42.62 -36.07 -22.01
C ALA W 3 41.20 -36.03 -21.41
N LYS W 4 41.02 -35.12 -20.49
CA LYS W 4 39.71 -34.68 -20.02
C LYS W 4 38.81 -33.79 -20.90
N SER W 5 39.45 -32.83 -21.69
CA SER W 5 38.68 -31.85 -22.41
C SER W 5 38.06 -32.54 -23.57
N ALA W 6 38.78 -33.50 -24.16
CA ALA W 6 38.20 -34.32 -25.26
C ALA W 6 36.98 -35.05 -24.79
N ALA W 7 37.09 -35.58 -23.51
CA ALA W 7 36.03 -36.42 -22.96
C ALA W 7 34.71 -35.76 -22.94
N ASN W 8 34.64 -34.47 -22.53
CA ASN W 8 33.47 -33.71 -22.28
C ASN W 8 32.96 -33.11 -23.62
N LYS W 9 33.87 -32.57 -24.49
CA LYS W 9 33.32 -31.95 -25.71
C LYS W 9 32.70 -33.02 -26.63
N LEU W 10 33.37 -34.20 -26.87
CA LEU W 10 32.69 -35.20 -27.71
C LEU W 10 31.43 -35.82 -27.17
N ASP W 11 31.40 -36.01 -25.84
CA ASP W 11 30.29 -36.46 -25.08
C ASP W 11 29.04 -35.63 -25.27
N TRP W 12 29.16 -34.28 -25.23
CA TRP W 12 28.02 -33.38 -25.30
C TRP W 12 27.51 -33.28 -26.70
N ALA W 13 28.38 -33.48 -27.65
CA ALA W 13 28.18 -33.45 -29.10
C ALA W 13 27.36 -34.57 -29.58
N LYS W 14 27.56 -35.80 -28.96
CA LYS W 14 26.90 -37.04 -29.36
C LYS W 14 25.44 -36.98 -28.92
N VAL W 15 25.10 -36.16 -27.90
CA VAL W 15 23.70 -35.97 -27.47
C VAL W 15 22.89 -35.28 -28.53
N ILE W 16 23.49 -34.23 -29.22
CA ILE W 16 22.75 -33.47 -30.25
C ILE W 16 22.65 -34.27 -31.56
N SER W 17 23.59 -35.28 -31.70
CA SER W 17 23.53 -36.32 -32.67
C SER W 17 22.49 -37.40 -32.52
N SER W 18 22.17 -37.75 -31.25
CA SER W 18 21.14 -38.73 -30.91
C SER W 18 19.77 -38.27 -31.26
N LEU W 19 19.65 -36.97 -31.25
CA LEU W 19 18.56 -36.23 -31.85
C LEU W 19 18.30 -36.63 -33.30
N ARG W 20 19.34 -36.87 -34.16
CA ARG W 20 19.08 -37.16 -35.59
C ARG W 20 18.50 -38.50 -35.82
N ILE W 21 18.53 -39.39 -34.80
CA ILE W 21 17.99 -40.72 -34.88
C ILE W 21 16.75 -40.81 -33.88
N THR W 22 16.60 -42.04 -33.38
CA THR W 22 15.58 -42.33 -32.40
C THR W 22 16.45 -43.00 -31.30
N GLY W 23 15.98 -42.86 -30.02
CA GLY W 23 16.73 -43.25 -28.81
C GLY W 23 17.63 -42.03 -28.57
N SER W 24 17.79 -41.74 -27.26
CA SER W 24 18.60 -40.64 -26.79
C SER W 24 18.45 -40.69 -25.28
N THR W 25 17.86 -41.78 -24.71
CA THR W 25 17.53 -41.85 -23.32
C THR W 25 18.59 -42.66 -22.58
N ALA W 26 19.62 -43.17 -23.27
CA ALA W 26 20.71 -43.90 -22.63
C ALA W 26 22.07 -43.40 -23.06
N THR W 27 22.01 -42.19 -23.75
CA THR W 27 22.94 -41.21 -23.93
C THR W 27 23.19 -40.55 -22.55
N GLN W 28 22.06 -40.34 -21.78
CA GLN W 28 22.09 -39.64 -20.55
C GLN W 28 22.84 -40.43 -19.43
N LEU W 29 22.74 -41.77 -19.49
CA LEU W 29 23.55 -42.63 -18.61
C LEU W 29 24.99 -42.75 -18.99
N SER W 30 25.30 -42.75 -20.32
CA SER W 30 26.64 -42.81 -20.89
C SER W 30 27.40 -41.60 -20.52
N SER W 31 26.81 -40.38 -20.62
CA SER W 31 27.31 -39.06 -20.39
C SER W 31 27.63 -38.77 -18.94
N PHE W 32 26.70 -39.11 -18.07
CA PHE W 32 26.77 -39.07 -16.57
C PHE W 32 27.93 -39.88 -16.08
N LYS W 33 28.18 -41.12 -16.54
CA LYS W 33 29.25 -41.99 -16.05
C LYS W 33 30.63 -41.47 -16.26
N LYS W 34 30.83 -41.10 -17.52
CA LYS W 34 32.08 -40.60 -18.10
C LYS W 34 32.52 -39.27 -17.60
N ARG W 35 31.54 -38.33 -17.47
CA ARG W 35 31.78 -37.11 -16.80
C ARG W 35 32.22 -37.22 -15.37
N ASN W 36 31.51 -38.09 -14.59
CA ASN W 36 31.64 -38.18 -13.15
C ASN W 36 33.09 -38.58 -12.78
N ASP W 37 33.64 -39.73 -13.29
CA ASP W 37 34.91 -40.31 -12.90
C ASP W 37 36.08 -39.55 -13.49
N GLU W 38 35.84 -38.84 -14.58
CA GLU W 38 36.78 -37.88 -15.13
C GLU W 38 36.95 -36.76 -14.12
N ALA W 39 35.78 -36.31 -13.58
CA ALA W 39 35.68 -35.29 -12.63
C ALA W 39 36.28 -35.68 -11.26
N ARG W 40 36.30 -36.98 -10.90
CA ARG W 40 36.81 -37.45 -9.68
C ARG W 40 38.33 -37.44 -9.67
N ARG W 41 38.91 -37.85 -10.83
CA ARG W 41 40.33 -37.79 -11.06
C ARG W 41 40.88 -36.42 -11.28
N GLN W 42 40.05 -35.47 -11.79
CA GLN W 42 40.38 -34.09 -12.07
C GLN W 42 40.58 -33.32 -10.84
N LEU W 43 39.85 -33.58 -9.73
CA LEU W 43 39.93 -32.81 -8.48
C LEU W 43 41.21 -33.33 -7.71
N LEU W 44 41.49 -34.70 -7.84
CA LEU W 44 42.69 -35.20 -7.27
C LEU W 44 43.90 -34.60 -7.89
N GLU W 45 43.92 -34.40 -9.20
CA GLU W 45 45.08 -34.00 -10.01
C GLU W 45 45.45 -32.59 -9.73
N LEU W 46 44.45 -31.73 -9.37
CA LEU W 46 44.68 -30.35 -9.08
C LEU W 46 45.09 -30.12 -7.61
N GLN W 47 44.84 -31.07 -6.59
CA GLN W 47 45.18 -31.06 -5.27
C GLN W 47 46.64 -31.42 -5.15
N SER W 48 47.21 -32.23 -6.16
CA SER W 48 48.49 -32.84 -6.31
C SER W 48 49.56 -32.12 -5.62
N GLN W 49 50.40 -32.83 -4.85
CA GLN W 49 51.68 -32.27 -4.34
C GLN W 49 52.52 -33.54 -4.33
N PRO W 50 53.78 -33.51 -4.75
CA PRO W 50 54.71 -34.62 -4.51
C PRO W 50 55.07 -34.80 -3.00
N THR W 51 55.90 -35.85 -2.62
CA THR W 51 56.18 -36.22 -1.22
C THR W 51 57.04 -35.09 -0.57
N GLU W 52 56.75 -34.66 0.66
CA GLU W 52 57.42 -33.47 1.13
C GLU W 52 57.19 -33.42 2.56
N VAL W 53 58.22 -32.90 3.26
CA VAL W 53 58.27 -32.54 4.71
C VAL W 53 59.52 -31.68 4.72
N ASP W 54 59.63 -30.69 5.64
CA ASP W 54 60.71 -29.75 5.68
C ASP W 54 61.47 -30.09 6.92
N PHE W 55 62.79 -29.80 6.88
CA PHE W 55 63.70 -30.12 7.98
C PHE W 55 64.88 -29.14 7.87
N SER W 56 64.80 -28.05 7.04
CA SER W 56 65.88 -27.06 6.94
C SER W 56 65.17 -25.66 6.89
N HIS W 57 63.85 -25.65 6.99
CA HIS W 57 63.06 -24.41 7.00
C HIS W 57 62.51 -24.26 8.47
N TYR W 58 62.62 -25.35 9.22
CA TYR W 58 62.16 -25.44 10.55
C TYR W 58 63.34 -26.05 11.36
N ARG W 59 64.55 -25.95 10.80
CA ARG W 59 65.78 -26.15 11.51
C ARG W 59 66.32 -24.75 11.88
N SER W 60 65.59 -23.71 11.53
CA SER W 60 65.94 -22.45 11.96
C SER W 60 64.68 -21.81 12.55
N VAL W 61 63.63 -22.68 12.90
CA VAL W 61 62.44 -22.35 13.62
C VAL W 61 62.63 -23.04 14.89
N LEU W 62 62.71 -24.39 14.88
CA LEU W 62 62.90 -25.19 16.07
C LEU W 62 64.26 -25.07 16.75
N LYS W 63 64.32 -25.15 18.07
CA LYS W 63 65.54 -25.16 18.83
C LYS W 63 65.88 -26.52 19.34
N ASN W 64 64.97 -27.46 19.01
CA ASN W 64 64.94 -28.83 19.52
C ASN W 64 65.65 -29.70 18.44
N THR W 65 65.26 -29.55 17.16
CA THR W 65 65.64 -30.31 16.01
C THR W 65 65.57 -31.80 16.18
N SER W 66 65.95 -32.53 15.09
CA SER W 66 66.26 -33.94 15.23
C SER W 66 64.96 -34.74 15.42
N VAL W 67 63.75 -34.11 15.04
CA VAL W 67 62.39 -34.62 15.15
C VAL W 67 61.87 -34.24 13.81
N ILE W 68 62.59 -33.32 13.10
CA ILE W 68 62.33 -32.86 11.80
C ILE W 68 63.07 -33.89 10.93
N ASP W 69 64.20 -34.47 11.40
CA ASP W 69 65.01 -35.49 10.79
C ASP W 69 64.21 -36.74 10.92
N LYS W 70 63.52 -36.98 12.02
CA LYS W 70 62.79 -38.21 12.27
C LYS W 70 61.60 -38.53 11.20
N ILE W 71 60.87 -37.37 10.99
CA ILE W 71 59.75 -37.49 10.04
C ILE W 71 60.18 -37.46 8.66
N GLU W 72 61.36 -36.86 8.33
CA GLU W 72 62.02 -36.92 7.02
C GLU W 72 62.51 -38.30 6.60
N SER W 73 63.02 -39.03 7.62
CA SER W 73 63.31 -40.46 7.47
C SER W 73 62.16 -41.31 7.11
N TYR W 74 60.98 -41.01 7.68
CA TYR W 74 59.74 -41.73 7.35
C TYR W 74 59.12 -41.38 6.01
N VAL W 75 59.28 -40.11 5.51
CA VAL W 75 58.85 -39.67 4.18
C VAL W 75 59.64 -40.40 3.12
N LYS W 76 60.97 -40.53 3.31
CA LYS W 76 61.79 -41.17 2.38
C LYS W 76 61.70 -42.64 2.49
N GLN W 77 61.30 -43.19 3.67
CA GLN W 77 61.11 -44.56 4.04
C GLN W 77 60.02 -45.08 3.06
N TYR W 78 58.90 -44.28 2.97
CA TYR W 78 57.75 -44.66 2.10
C TYR W 78 57.78 -43.94 0.78
N LYS W 79 59.00 -43.40 0.36
CA LYS W 79 59.08 -42.83 -1.01
C LYS W 79 58.71 -43.79 -2.17
N PRO W 80 59.18 -44.98 -2.21
CA PRO W 80 58.40 -46.02 -2.85
C PRO W 80 57.11 -46.31 -2.16
N VAL W 81 55.99 -46.54 -2.95
CA VAL W 81 54.64 -46.83 -2.47
C VAL W 81 54.51 -48.32 -2.83
N LYS W 82 54.04 -49.07 -1.85
CA LYS W 82 53.85 -50.54 -1.98
C LYS W 82 52.62 -50.80 -2.85
N ILE W 83 52.95 -51.57 -3.97
CA ILE W 83 52.12 -51.96 -5.13
C ILE W 83 51.80 -50.72 -5.93
N ASP W 84 51.27 -50.92 -7.18
CA ASP W 84 50.86 -49.87 -8.04
C ASP W 84 49.40 -49.98 -8.23
N ALA W 85 48.72 -48.85 -8.51
CA ALA W 85 47.27 -48.79 -8.78
C ALA W 85 46.77 -49.61 -10.01
N SER W 86 47.44 -49.34 -11.12
CA SER W 86 47.58 -50.16 -12.21
C SER W 86 46.58 -49.70 -13.30
N LYS W 87 47.15 -49.49 -14.48
CA LYS W 87 46.37 -49.07 -15.61
C LYS W 87 45.56 -50.18 -16.11
N GLN W 88 44.32 -49.87 -16.58
CA GLN W 88 43.41 -50.76 -17.32
C GLN W 88 43.07 -50.17 -18.68
N LEU W 89 43.17 -51.02 -19.72
CA LEU W 89 42.90 -50.66 -21.10
C LEU W 89 43.01 -51.92 -21.90
N GLN W 90 43.28 -53.08 -21.33
CA GLN W 90 43.31 -54.42 -21.80
C GLN W 90 41.98 -54.81 -22.11
N VAL W 91 41.06 -54.56 -21.16
CA VAL W 91 39.74 -54.98 -21.32
C VAL W 91 39.00 -53.93 -22.11
N ILE W 92 39.40 -52.63 -21.95
CA ILE W 92 38.70 -51.45 -22.56
C ILE W 92 38.83 -51.47 -24.03
N GLU W 93 39.95 -52.08 -24.54
CA GLU W 93 40.19 -52.28 -26.00
C GLU W 93 39.20 -53.27 -26.63
N SER W 94 38.63 -54.27 -25.89
CA SER W 94 37.72 -55.22 -26.45
C SER W 94 36.39 -54.50 -26.80
N PHE W 95 35.98 -53.56 -25.96
CA PHE W 95 34.75 -52.83 -25.99
C PHE W 95 34.69 -51.98 -27.19
N GLU W 96 35.87 -51.29 -27.41
CA GLU W 96 36.05 -50.38 -28.53
C GLU W 96 35.99 -51.00 -29.89
N LYS W 97 36.49 -52.24 -30.05
CA LYS W 97 36.37 -53.00 -31.26
C LYS W 97 34.94 -53.30 -31.62
N HIS W 98 34.09 -53.85 -30.70
CA HIS W 98 32.67 -54.05 -31.01
C HIS W 98 31.97 -52.72 -31.43
N ALA W 99 32.16 -51.63 -30.65
CA ALA W 99 31.61 -50.33 -30.99
C ALA W 99 32.10 -49.77 -32.31
N MET W 100 33.40 -49.96 -32.52
CA MET W 100 34.13 -49.52 -33.73
C MET W 100 33.69 -50.20 -35.01
N THR W 101 33.34 -51.50 -34.89
CA THR W 101 32.86 -52.37 -35.95
C THR W 101 31.53 -51.80 -36.50
N ASN W 102 30.65 -51.42 -35.56
CA ASN W 102 29.34 -50.78 -35.85
C ASN W 102 29.42 -49.43 -36.54
N ALA W 103 30.38 -48.68 -36.04
CA ALA W 103 30.76 -47.32 -36.44
C ALA W 103 31.18 -47.33 -37.92
N LYS W 104 31.91 -48.39 -38.30
CA LYS W 104 32.33 -48.61 -39.66
C LYS W 104 31.15 -48.85 -40.58
N GLU W 105 30.14 -49.70 -40.12
CA GLU W 105 28.94 -50.06 -40.92
C GLU W 105 28.22 -48.85 -41.20
N THR W 106 28.01 -47.87 -40.25
CA THR W 106 27.34 -46.60 -40.34
C THR W 106 28.01 -45.77 -41.37
N GLU W 107 29.35 -45.74 -41.41
CA GLU W 107 30.14 -45.00 -42.33
C GLU W 107 29.94 -45.38 -43.80
N SER W 108 29.99 -46.66 -44.05
CA SER W 108 29.97 -47.26 -45.36
C SER W 108 28.61 -47.08 -46.01
N LEU W 109 27.54 -47.25 -45.13
CA LEU W 109 26.07 -47.13 -45.52
C LEU W 109 25.69 -45.73 -45.93
N VAL W 110 26.09 -44.61 -45.23
CA VAL W 110 25.82 -43.27 -45.64
C VAL W 110 26.70 -42.87 -46.86
N SER W 111 27.91 -43.37 -46.91
CA SER W 111 28.87 -43.02 -47.89
C SER W 111 28.42 -43.36 -49.30
N LYS W 112 27.89 -44.55 -49.58
CA LYS W 112 27.32 -44.98 -50.79
C LYS W 112 26.13 -44.13 -51.14
N GLU W 113 25.29 -43.79 -50.23
CA GLU W 113 24.11 -42.86 -50.47
C GLU W 113 24.42 -41.47 -50.89
N LEU W 114 25.57 -40.86 -50.42
CA LEU W 114 25.93 -39.50 -50.83
C LEU W 114 26.20 -39.58 -52.38
N LYS W 115 26.93 -40.60 -52.88
CA LYS W 115 27.29 -40.69 -54.31
C LYS W 115 26.19 -41.01 -55.34
N ASP W 116 25.26 -41.86 -54.82
CA ASP W 116 24.05 -42.31 -55.55
C ASP W 116 23.16 -41.02 -55.76
N LEU W 117 23.05 -40.19 -54.73
CA LEU W 117 22.28 -38.88 -54.67
C LEU W 117 22.84 -37.80 -55.58
N GLN W 118 24.20 -37.77 -55.78
CA GLN W 118 24.83 -36.86 -56.80
C GLN W 118 24.46 -37.21 -58.20
N SER W 119 24.47 -38.57 -58.50
CA SER W 119 24.09 -39.09 -59.76
C SER W 119 22.61 -38.84 -60.01
N THR W 120 21.74 -38.92 -59.01
CA THR W 120 20.26 -38.70 -59.03
C THR W 120 19.93 -37.22 -59.42
N LEU W 121 20.71 -36.20 -58.91
CA LEU W 121 20.65 -34.85 -59.32
C LEU W 121 20.95 -34.73 -60.76
N ASP W 122 21.88 -35.42 -61.32
CA ASP W 122 22.25 -35.44 -62.70
C ASP W 122 21.16 -35.88 -63.67
N ASN W 123 20.41 -37.00 -63.30
CA ASN W 123 19.23 -37.53 -64.01
C ASN W 123 18.11 -36.56 -64.02
N ILE W 124 17.78 -35.87 -62.95
CA ILE W 124 16.62 -35.01 -62.97
C ILE W 124 16.93 -33.74 -63.72
N GLN W 125 18.22 -33.30 -63.69
CA GLN W 125 18.47 -32.08 -64.45
C GLN W 125 18.47 -32.35 -65.95
N SER W 126 18.75 -33.58 -66.36
CA SER W 126 18.82 -33.94 -67.76
C SER W 126 17.46 -34.48 -68.25
N ALA W 127 16.44 -34.42 -67.35
CA ALA W 127 15.04 -34.79 -67.72
C ALA W 127 14.22 -33.72 -67.05
N ARG W 128 14.67 -32.45 -67.26
CA ARG W 128 13.99 -31.27 -66.79
C ARG W 128 13.35 -30.50 -67.99
N PRO W 129 12.08 -30.75 -68.25
CA PRO W 129 11.36 -30.11 -69.42
C PRO W 129 10.72 -28.80 -69.04
N PHE W 130 10.79 -27.76 -69.95
CA PHE W 130 10.37 -26.37 -69.67
C PHE W 130 10.06 -25.82 -71.13
N ASP W 131 10.17 -26.72 -72.17
CA ASP W 131 10.06 -26.37 -73.58
C ASP W 131 9.05 -27.31 -74.19
N GLU W 132 9.37 -28.57 -74.27
CA GLU W 132 8.47 -29.55 -74.85
C GLU W 132 8.57 -30.75 -73.98
N LEU W 133 7.57 -31.61 -74.14
CA LEU W 133 7.55 -32.91 -73.56
C LEU W 133 6.16 -33.42 -73.87
N THR W 134 6.09 -34.44 -74.69
CA THR W 134 4.89 -35.06 -75.17
C THR W 134 4.10 -35.75 -74.10
N VAL W 135 2.76 -35.73 -74.36
CA VAL W 135 1.89 -36.52 -73.41
C VAL W 135 1.96 -37.99 -73.81
N ASP W 136 2.46 -38.23 -75.01
CA ASP W 136 2.65 -39.60 -75.49
C ASP W 136 3.66 -40.38 -74.64
N ASP W 137 4.73 -39.74 -74.21
CA ASP W 137 5.70 -40.31 -73.33
C ASP W 137 5.20 -40.56 -71.99
N LEU W 138 4.31 -39.69 -71.49
CA LEU W 138 3.89 -39.75 -70.08
C LEU W 138 2.90 -40.83 -69.86
N THR W 139 2.23 -41.05 -71.03
CA THR W 139 1.31 -42.18 -71.19
C THR W 139 1.95 -43.51 -71.14
N LYS W 140 3.18 -43.58 -71.68
CA LYS W 140 3.90 -44.86 -71.70
C LYS W 140 4.38 -45.24 -70.36
N ILE W 141 4.79 -44.28 -69.46
CA ILE W 141 5.28 -44.62 -68.20
C ILE W 141 4.18 -44.78 -67.18
N LYS W 142 3.01 -44.12 -67.31
CA LYS W 142 1.84 -44.19 -66.49
C LYS W 142 0.72 -44.43 -67.44
N PRO W 143 0.02 -45.57 -67.42
CA PRO W 143 -1.20 -45.66 -68.14
C PRO W 143 -2.28 -45.03 -67.25
N GLU W 144 -1.96 -44.43 -66.07
CA GLU W 144 -2.86 -43.57 -65.25
C GLU W 144 -3.52 -42.43 -65.94
N ILE W 145 -2.82 -41.81 -66.90
CA ILE W 145 -3.35 -40.70 -67.66
C ILE W 145 -4.64 -41.01 -68.39
N ASP W 146 -4.56 -42.03 -69.25
CA ASP W 146 -5.65 -42.35 -70.15
C ASP W 146 -6.86 -42.90 -69.28
N ALA W 147 -6.59 -43.52 -68.17
CA ALA W 147 -7.65 -44.12 -67.27
C ALA W 147 -8.51 -43.00 -66.77
N LYS W 148 -7.86 -41.87 -66.36
CA LYS W 148 -8.51 -40.65 -65.92
C LYS W 148 -9.33 -40.05 -67.10
N VAL W 149 -8.88 -40.02 -68.37
CA VAL W 149 -9.57 -39.31 -69.48
C VAL W 149 -10.88 -40.00 -69.68
N GLU W 150 -10.82 -41.34 -69.69
CA GLU W 150 -11.91 -42.15 -70.00
C GLU W 150 -12.96 -42.11 -68.91
N GLU W 151 -12.45 -42.12 -67.67
CA GLU W 151 -13.17 -42.27 -66.44
C GLU W 151 -14.04 -41.05 -66.22
N MET W 152 -13.45 -39.85 -66.46
CA MET W 152 -14.12 -38.55 -66.19
C MET W 152 -15.10 -38.17 -67.16
N VAL W 153 -14.80 -38.44 -68.41
CA VAL W 153 -15.71 -38.26 -69.47
C VAL W 153 -17.00 -39.16 -69.34
N LYS W 154 -16.81 -40.38 -68.85
CA LYS W 154 -17.82 -41.31 -68.46
C LYS W 154 -18.74 -40.81 -67.34
N LYS W 155 -18.16 -40.05 -66.32
CA LYS W 155 -18.91 -39.42 -65.23
C LYS W 155 -19.79 -38.28 -65.53
N GLY W 156 -19.42 -37.49 -66.50
CA GLY W 156 -20.20 -36.35 -66.97
C GLY W 156 -19.54 -35.08 -66.66
N LYS W 157 -18.21 -35.07 -66.53
CA LYS W 157 -17.56 -33.98 -66.00
C LYS W 157 -16.27 -33.89 -66.71
N TRP W 158 -15.63 -32.75 -66.73
CA TRP W 158 -14.29 -32.53 -67.29
C TRP W 158 -13.53 -31.73 -66.27
N ASP W 159 -14.16 -31.59 -65.03
CA ASP W 159 -13.44 -30.92 -63.98
C ASP W 159 -12.39 -31.92 -63.43
N VAL W 160 -11.11 -31.65 -63.70
CA VAL W 160 -9.99 -32.41 -63.23
C VAL W 160 -9.17 -31.64 -62.17
N PRO W 161 -9.00 -32.19 -60.93
CA PRO W 161 -8.51 -31.36 -59.78
C PRO W 161 -7.04 -31.22 -59.78
N GLY W 162 -6.53 -29.98 -60.01
CA GLY W 162 -5.12 -29.71 -60.13
C GLY W 162 -4.79 -28.84 -61.34
N TYR W 163 -5.87 -28.50 -62.07
CA TYR W 163 -5.80 -27.63 -63.18
C TYR W 163 -6.87 -26.61 -63.02
N LYS W 164 -7.85 -26.95 -62.20
CA LYS W 164 -9.14 -26.29 -62.15
C LYS W 164 -9.22 -25.51 -60.85
N ASP W 165 -7.96 -25.18 -60.27
CA ASP W 165 -7.86 -24.47 -59.03
C ASP W 165 -6.42 -23.90 -58.85
N ARG W 166 -5.51 -24.12 -59.79
CA ARG W 166 -4.19 -23.53 -59.71
C ARG W 166 -3.73 -23.04 -61.11
N PHE W 167 -4.19 -23.70 -62.22
CA PHE W 167 -3.70 -23.23 -63.55
C PHE W 167 -4.52 -22.15 -64.01
N GLY W 168 -3.90 -21.35 -64.97
CA GLY W 168 -4.61 -20.28 -65.69
C GLY W 168 -5.66 -20.91 -66.59
N ASN W 169 -6.60 -20.10 -67.14
CA ASN W 169 -7.69 -20.63 -67.95
C ASN W 169 -8.09 -19.58 -68.92
N LEU W 170 -8.52 -18.42 -68.40
CA LEU W 170 -9.04 -17.25 -69.20
C LEU W 170 -10.48 -17.45 -69.48
N ASN W 171 -11.37 -16.83 -68.65
CA ASN W 171 -12.81 -16.90 -68.82
C ASN W 171 -13.40 -15.55 -69.05
N VAL W 172 -14.20 -15.56 -70.16
CA VAL W 172 -14.99 -14.45 -70.65
C VAL W 172 -16.16 -14.32 -69.63
N MET W 173 -16.72 -15.50 -69.13
CA MET W 173 -17.90 -15.50 -68.29
C MET W 173 -17.47 -15.68 -66.82
N VAL X 1 35.88 -45.52 -20.18
CA VAL X 1 34.58 -45.48 -19.43
C VAL X 1 33.48 -46.30 -20.04
N SER X 2 32.89 -45.88 -21.21
CA SER X 2 31.73 -46.38 -21.79
C SER X 2 31.99 -46.07 -23.23
N THR X 3 31.72 -47.07 -24.10
CA THR X 3 31.97 -47.00 -25.52
C THR X 3 30.57 -47.04 -26.05
N LEU X 4 29.53 -47.42 -25.24
CA LEU X 4 28.16 -47.45 -25.62
C LEU X 4 27.64 -46.06 -25.78
N ILE X 5 27.05 -45.72 -26.94
CA ILE X 5 26.50 -44.44 -27.22
C ILE X 5 25.39 -44.61 -28.29
N PRO X 6 24.21 -44.03 -28.31
CA PRO X 6 23.19 -44.22 -29.33
C PRO X 6 23.48 -43.87 -30.77
N PRO X 7 24.17 -42.86 -31.26
CA PRO X 7 24.34 -42.71 -32.66
C PRO X 7 25.39 -43.69 -33.26
N LYS X 8 25.91 -44.71 -32.53
CA LYS X 8 26.93 -45.51 -33.23
C LYS X 8 26.35 -46.54 -34.23
N VAL X 9 25.03 -46.83 -34.15
CA VAL X 9 24.34 -47.60 -35.07
C VAL X 9 23.23 -46.69 -35.61
N VAL X 10 23.36 -46.17 -36.88
CA VAL X 10 22.29 -45.46 -37.54
C VAL X 10 22.05 -46.36 -38.69
N SER X 11 20.84 -46.84 -38.92
CA SER X 11 20.66 -47.85 -39.90
C SER X 11 19.24 -47.89 -40.21
N SER X 12 18.44 -46.91 -39.64
CA SER X 12 17.00 -47.00 -39.83
C SER X 12 16.49 -45.65 -40.16
N LYS X 13 17.45 -44.74 -40.26
CA LYS X 13 17.30 -43.39 -40.74
C LYS X 13 17.85 -43.31 -42.08
N ASN X 14 18.14 -44.54 -42.67
CA ASN X 14 18.78 -44.74 -43.91
C ASN X 14 17.75 -45.43 -44.85
N ILE X 15 16.54 -45.75 -44.31
CA ILE X 15 15.40 -46.25 -45.10
C ILE X 15 14.20 -45.54 -44.60
N GLY X 16 14.14 -45.15 -43.31
CA GLY X 16 12.90 -44.73 -42.66
C GLY X 16 12.59 -43.36 -43.10
N SER X 17 13.53 -42.48 -43.41
CA SER X 17 13.35 -41.08 -43.78
C SER X 17 12.55 -40.86 -45.06
N ALA X 18 11.62 -39.92 -45.05
CA ALA X 18 10.72 -39.69 -46.17
C ALA X 18 11.32 -39.22 -47.49
N PRO X 19 12.42 -38.44 -47.67
CA PRO X 19 12.83 -38.05 -48.96
C PRO X 19 13.35 -39.18 -49.80
N ASN X 20 13.47 -40.43 -49.26
CA ASN X 20 13.77 -41.61 -50.06
C ASN X 20 12.75 -41.78 -51.14
N ALA X 21 11.48 -41.49 -50.82
CA ALA X 21 10.45 -41.62 -51.85
C ALA X 21 10.57 -40.67 -53.10
N LYS X 22 10.88 -39.34 -52.85
CA LYS X 22 10.99 -38.46 -53.92
C LYS X 22 12.23 -38.74 -54.74
N ARG X 23 13.20 -39.14 -53.97
CA ARG X 23 14.56 -39.48 -54.48
C ARG X 23 14.48 -40.48 -55.56
N ILE X 24 13.82 -41.61 -55.22
CA ILE X 24 13.73 -42.78 -56.12
C ILE X 24 12.70 -42.54 -57.19
N ALA X 25 11.77 -41.59 -56.91
CA ALA X 25 10.71 -41.30 -57.85
C ALA X 25 11.23 -40.72 -59.09
N ASN X 26 12.16 -39.72 -59.00
CA ASN X 26 12.51 -38.94 -60.14
C ASN X 26 13.60 -39.51 -60.99
N VAL X 27 14.21 -40.64 -60.52
CA VAL X 27 14.99 -41.56 -61.38
C VAL X 27 14.11 -42.53 -62.10
N VAL X 28 12.92 -42.89 -61.53
CA VAL X 28 12.15 -43.98 -62.10
C VAL X 28 11.18 -43.47 -63.06
N HIS X 29 10.47 -42.32 -62.77
CA HIS X 29 9.46 -41.74 -63.56
C HIS X 29 10.00 -40.96 -64.72
N PHE X 30 11.18 -40.34 -64.65
CA PHE X 30 11.73 -39.50 -65.73
C PHE X 30 13.06 -40.09 -66.00
N TYR X 31 13.22 -40.66 -67.24
CA TYR X 31 14.45 -41.23 -67.73
C TYR X 31 14.29 -41.28 -69.24
N LYS X 32 13.10 -40.91 -69.68
CA LYS X 32 12.66 -41.18 -71.02
C LYS X 32 11.65 -40.07 -71.30
N SER X 33 11.38 -39.10 -70.32
CA SER X 33 10.68 -37.87 -70.49
C SER X 33 11.76 -36.87 -70.92
N LEU X 34 11.62 -36.48 -72.20
CA LEU X 34 12.51 -35.61 -72.91
C LEU X 34 12.54 -34.19 -72.36
N PRO X 35 13.60 -33.40 -72.38
CA PRO X 35 13.54 -32.06 -71.86
C PRO X 35 13.05 -31.18 -72.95
N GLN X 36 13.39 -31.60 -74.19
CA GLN X 36 13.32 -30.76 -75.41
C GLN X 36 12.43 -31.36 -76.44
N GLY X 37 11.89 -32.54 -76.12
CA GLY X 37 10.98 -33.24 -77.01
C GLY X 37 11.58 -33.85 -78.22
N PRO X 38 10.71 -34.49 -79.03
CA PRO X 38 11.24 -35.21 -80.22
C PRO X 38 11.61 -34.38 -81.40
N ALA X 39 10.88 -33.22 -81.56
CA ALA X 39 10.89 -32.41 -82.65
C ALA X 39 9.55 -31.73 -82.67
N PRO X 40 9.52 -30.51 -83.28
CA PRO X 40 8.30 -29.73 -83.39
C PRO X 40 7.51 -30.03 -84.71
N ALA X 41 6.22 -30.40 -84.53
CA ALA X 41 5.30 -30.74 -85.67
C ALA X 41 4.62 -29.53 -86.19
N ILE X 42 5.21 -28.91 -87.23
CA ILE X 42 4.69 -27.66 -87.73
C ILE X 42 4.97 -27.68 -89.24
N LYS X 43 5.70 -28.72 -89.72
CA LYS X 43 5.93 -28.97 -91.14
C LYS X 43 6.25 -30.47 -91.15
N ALA X 44 6.05 -31.19 -92.27
CA ALA X 44 6.35 -32.68 -92.31
C ALA X 44 6.35 -32.99 -93.79
N ASN X 45 6.03 -31.96 -94.69
CA ASN X 45 5.81 -32.21 -96.13
C ASN X 45 4.77 -33.28 -96.43
N THR X 46 3.64 -33.23 -95.72
CA THR X 46 2.53 -34.13 -96.06
C THR X 46 1.55 -33.59 -97.07
N ARG X 47 1.94 -32.47 -97.72
CA ARG X 47 1.24 -31.88 -98.88
C ARG X 47 -0.06 -31.18 -98.46
N LEU X 48 -0.36 -31.24 -97.10
CA LEU X 48 -1.35 -30.62 -96.33
C LEU X 48 -0.70 -30.11 -95.12
N ALA X 49 0.58 -30.42 -94.88
CA ALA X 49 1.45 -29.73 -93.94
C ALA X 49 1.93 -28.43 -94.60
N ARG X 50 1.96 -28.40 -95.91
CA ARG X 50 2.28 -27.20 -96.63
C ARG X 50 1.28 -26.16 -96.51
N TYR X 51 -0.04 -26.54 -96.36
CA TYR X 51 -1.16 -25.75 -96.10
C TYR X 51 -1.09 -25.14 -94.75
N LYS X 52 -0.67 -25.91 -93.72
CA LYS X 52 -0.49 -25.55 -92.29
C LYS X 52 0.58 -24.56 -92.12
N ALA X 53 1.58 -24.69 -93.01
CA ALA X 53 2.78 -23.93 -93.00
C ALA X 53 2.60 -22.47 -93.21
N LYS X 54 1.70 -22.12 -94.14
CA LYS X 54 1.34 -20.72 -94.46
C LYS X 54 0.21 -20.13 -93.61
N TYR X 55 -0.73 -20.96 -93.07
CA TYR X 55 -2.02 -20.44 -92.59
C TYR X 55 -2.18 -20.61 -91.12
N PHE X 56 -1.69 -21.76 -90.55
CA PHE X 56 -2.07 -22.16 -89.21
C PHE X 56 -0.78 -22.22 -88.48
N ASP X 57 0.28 -21.44 -88.95
CA ASP X 57 1.63 -21.41 -88.37
C ASP X 57 1.44 -21.04 -86.92
N GLY X 58 1.65 -22.06 -86.05
CA GLY X 58 1.55 -21.96 -84.66
C GLY X 58 2.80 -21.38 -84.01
N ASP X 59 2.86 -21.05 -82.68
CA ASP X 59 3.84 -20.40 -81.91
C ASP X 59 4.06 -18.99 -82.33
N ASN X 60 3.05 -18.42 -83.13
CA ASN X 60 3.17 -17.20 -83.89
C ASN X 60 1.90 -16.52 -83.40
N ALA X 61 1.43 -15.41 -84.11
CA ALA X 61 0.22 -14.63 -83.91
C ALA X 61 0.31 -13.34 -84.62
N SER X 62 1.34 -13.15 -85.49
CA SER X 62 1.48 -11.91 -86.28
C SER X 62 0.56 -12.02 -87.52
N GLY X 63 0.28 -10.93 -88.37
CA GLY X 63 -0.79 -10.98 -89.32
C GLY X 63 -0.47 -11.57 -90.62
N LYS X 64 0.82 -11.88 -90.82
CA LYS X 64 1.40 -12.49 -92.04
C LYS X 64 0.72 -13.85 -92.32
N PRO X 65 0.48 -14.83 -91.31
CA PRO X 65 -0.26 -16.00 -91.72
C PRO X 65 -1.78 -15.70 -92.00
N LEU X 66 -2.47 -14.86 -91.21
CA LEU X 66 -3.86 -14.46 -91.39
C LEU X 66 -4.14 -13.95 -92.79
N TRP X 67 -3.23 -13.08 -93.35
CA TRP X 67 -3.30 -12.61 -94.74
C TRP X 67 -3.18 -13.63 -95.80
N HIS X 68 -2.26 -14.61 -95.70
CA HIS X 68 -2.16 -15.71 -96.57
C HIS X 68 -3.45 -16.52 -96.59
N PHE X 69 -4.01 -16.80 -95.40
CA PHE X 69 -5.15 -17.61 -95.18
C PHE X 69 -6.38 -17.05 -95.79
N ALA X 70 -6.60 -15.66 -95.67
CA ALA X 70 -7.71 -14.94 -96.30
C ALA X 70 -7.69 -15.03 -97.77
N LEU X 71 -6.44 -14.91 -98.40
CA LEU X 71 -6.24 -14.84 -99.82
C LEU X 71 -6.78 -16.11 -100.51
N GLY X 72 -6.63 -17.29 -99.88
CA GLY X 72 -7.15 -18.59 -100.34
C GLY X 72 -8.63 -18.63 -100.46
N ILE X 73 -9.41 -18.07 -99.51
CA ILE X 73 -10.87 -18.10 -99.50
C ILE X 73 -11.51 -17.29 -100.53
N ILE X 74 -10.86 -16.14 -100.93
CA ILE X 74 -11.29 -15.21 -101.93
C ILE X 74 -11.29 -15.98 -103.23
N ALA X 75 -10.28 -16.85 -103.54
CA ALA X 75 -10.05 -17.56 -104.71
C ALA X 75 -10.92 -18.82 -104.82
N PHE X 76 -11.54 -19.25 -103.70
CA PHE X 76 -12.44 -20.42 -103.75
C PHE X 76 -13.77 -19.96 -104.18
N GLY X 77 -14.32 -18.97 -103.54
CA GLY X 77 -15.62 -18.44 -103.85
C GLY X 77 -15.63 -17.70 -105.18
N TYR X 78 -14.48 -17.17 -105.59
CA TYR X 78 -14.39 -16.54 -106.90
C TYR X 78 -14.45 -17.48 -108.14
N SER X 79 -13.67 -18.60 -108.06
CA SER X 79 -13.62 -19.65 -108.99
C SER X 79 -14.81 -20.47 -109.13
N MET X 80 -15.54 -20.69 -108.00
CA MET X 80 -16.72 -21.43 -107.89
C MET X 80 -17.94 -20.64 -108.44
N GLU X 81 -17.73 -19.26 -108.48
CA GLU X 81 -18.69 -18.45 -109.22
C GLU X 81 -18.67 -18.86 -110.70
N TYR X 82 -17.46 -19.13 -111.36
CA TYR X 82 -17.21 -19.42 -112.74
C TYR X 82 -17.53 -20.95 -112.90
N TYR X 83 -17.67 -21.70 -111.80
CA TYR X 83 -18.07 -23.07 -111.92
C TYR X 83 -19.55 -23.06 -112.19
N PHE X 84 -20.36 -22.01 -111.86
CA PHE X 84 -21.77 -21.82 -112.11
C PHE X 84 -22.01 -20.80 -113.14
N HIS X 85 -20.95 -20.20 -113.73
CA HIS X 85 -21.19 -19.16 -114.71
C HIS X 85 -20.38 -19.45 -116.00
N ASN Y 1 69.88 -11.59 53.78
CA ASN Y 1 68.71 -11.15 53.00
C ASN Y 1 68.03 -12.16 52.13
N VAL Y 2 66.73 -12.31 52.30
CA VAL Y 2 65.93 -13.41 51.87
C VAL Y 2 65.85 -13.52 50.34
N ILE Y 3 65.71 -12.39 49.56
CA ILE Y 3 65.70 -12.44 48.09
C ILE Y 3 67.05 -12.93 47.67
N GLN Y 4 68.13 -12.47 48.34
CA GLN Y 4 69.45 -12.87 48.00
C GLN Y 4 69.71 -14.35 48.08
N ASP Y 5 69.36 -15.07 49.28
CA ASP Y 5 69.40 -16.54 49.45
C ASP Y 5 68.63 -17.27 48.38
N LEU Y 6 67.36 -16.87 48.07
CA LEU Y 6 66.47 -17.42 47.05
C LEU Y 6 67.11 -17.32 45.69
N TYR Y 7 67.57 -16.21 45.29
CA TYR Y 7 68.13 -15.88 43.99
C TYR Y 7 69.39 -16.71 43.73
N LEU Y 8 70.35 -16.69 44.70
CA LEU Y 8 71.63 -17.42 44.60
C LEU Y 8 71.42 -18.99 44.38
N ARG Y 9 70.52 -19.60 45.15
CA ARG Y 9 70.18 -21.01 45.19
C ARG Y 9 69.47 -21.38 43.96
N GLU Y 10 68.42 -20.58 43.62
CA GLU Y 10 67.66 -20.82 42.48
C GLU Y 10 68.40 -20.95 41.23
N LEU Y 11 69.19 -19.84 40.91
CA LEU Y 11 69.91 -19.82 39.64
C LEU Y 11 70.88 -21.04 39.44
N LYS Y 12 71.64 -21.39 40.54
CA LYS Y 12 72.46 -22.51 40.65
C LYS Y 12 71.74 -23.91 40.45
N ASP Y 13 70.59 -24.11 41.02
CA ASP Y 13 70.02 -25.47 41.16
C ASP Y 13 69.08 -25.78 39.99
N THR Y 14 68.81 -24.79 39.15
CA THR Y 14 67.95 -24.94 37.99
C THR Y 14 68.38 -23.98 36.97
N LYS Y 15 68.60 -24.46 35.78
CA LYS Y 15 68.97 -23.68 34.63
C LYS Y 15 67.84 -23.90 33.69
N LEU Y 16 67.45 -22.73 33.01
CA LEU Y 16 66.62 -22.68 31.80
C LEU Y 16 67.34 -23.32 30.59
N ALA Y 17 66.77 -24.42 30.17
CA ALA Y 17 67.19 -25.07 28.89
C ALA Y 17 66.04 -25.71 28.27
N PRO Y 18 66.09 -25.91 26.90
CA PRO Y 18 65.05 -26.67 26.24
C PRO Y 18 64.78 -28.01 26.78
N SER Y 19 63.55 -28.48 26.68
CA SER Y 19 63.07 -29.73 27.20
C SER Y 19 63.56 -30.87 26.37
N THR Y 20 63.45 -32.13 26.85
CA THR Y 20 63.97 -33.26 26.07
C THR Y 20 63.11 -33.36 24.78
N LEU Y 21 63.73 -33.80 23.70
CA LEU Y 21 63.18 -34.04 22.46
C LEU Y 21 62.09 -35.15 22.48
N GLN Y 22 62.31 -36.11 23.42
CA GLN Y 22 61.24 -37.12 23.67
C GLN Y 22 59.92 -36.49 24.12
N ASP Y 23 60.00 -35.50 25.08
CA ASP Y 23 58.86 -34.86 25.64
C ASP Y 23 58.08 -34.03 24.55
N ALA Y 24 58.85 -33.29 23.73
CA ALA Y 24 58.28 -32.46 22.68
C ALA Y 24 57.60 -33.36 21.71
N GLU Y 25 58.22 -34.52 21.41
CA GLU Y 25 57.67 -35.43 20.49
C GLU Y 25 56.41 -36.11 21.01
N GLY Y 26 56.42 -36.34 22.34
CA GLY Y 26 55.38 -36.96 23.10
C GLY Y 26 54.03 -36.25 23.21
N ASN Y 27 54.02 -34.93 23.17
CA ASN Y 27 52.74 -34.24 23.43
C ASN Y 27 51.86 -34.08 22.17
N VAL Y 28 52.29 -34.58 20.98
CA VAL Y 28 51.54 -34.46 19.73
C VAL Y 28 51.61 -35.85 19.09
N LYS Y 29 50.86 -36.07 18.01
CA LYS Y 29 50.84 -37.28 17.28
C LYS Y 29 52.16 -37.47 16.61
N PRO Y 30 52.81 -38.59 16.82
CA PRO Y 30 54.12 -38.88 16.18
C PRO Y 30 53.91 -39.26 14.74
N TRP Y 31 52.92 -40.08 14.33
CA TRP Y 31 52.59 -40.36 12.91
C TRP Y 31 53.58 -41.32 12.22
N ASN Y 32 52.97 -42.40 11.56
CA ASN Y 32 53.64 -43.38 10.79
C ASN Y 32 52.87 -43.64 9.47
N PRO Y 33 53.49 -43.82 8.32
CA PRO Y 33 52.88 -43.68 7.00
C PRO Y 33 51.62 -44.43 6.69
N PRO Y 34 50.76 -43.86 5.82
CA PRO Y 34 49.65 -44.57 5.29
C PRO Y 34 50.05 -45.27 4.05
N GLN Y 35 49.57 -46.51 3.80
CA GLN Y 35 50.06 -47.44 2.89
C GLN Y 35 49.10 -47.35 1.62
N LYS Y 36 49.54 -47.95 0.45
CA LYS Y 36 48.85 -48.29 -0.79
C LYS Y 36 48.35 -47.06 -1.57
N PRO Y 37 48.50 -47.11 -2.86
CA PRO Y 37 48.05 -46.07 -3.71
C PRO Y 37 46.52 -45.91 -3.85
N ASN Y 38 45.86 -47.07 -4.01
CA ASN Y 38 44.42 -47.42 -4.05
C ASN Y 38 44.32 -47.92 -5.40
N LEU Y 39 43.54 -48.99 -5.68
CA LEU Y 39 43.12 -49.51 -6.97
C LEU Y 39 42.04 -48.69 -7.58
N PRO Y 40 42.13 -48.26 -8.90
CA PRO Y 40 41.09 -47.49 -9.59
C PRO Y 40 39.76 -48.14 -9.57
N GLU Y 41 38.77 -47.19 -9.82
CA GLU Y 41 37.34 -47.43 -9.81
C GLU Y 41 37.15 -48.28 -11.01
N LEU Y 42 36.11 -49.16 -10.93
CA LEU Y 42 35.87 -50.23 -11.87
C LEU Y 42 34.66 -49.82 -12.54
N GLU Y 43 34.73 -50.09 -13.88
CA GLU Y 43 33.62 -49.73 -14.77
C GLU Y 43 32.86 -51.05 -14.96
N LEU Y 44 32.66 -51.47 -16.23
CA LEU Y 44 32.04 -52.77 -16.59
C LEU Y 44 33.19 -53.57 -17.08
N GLN Y 45 33.28 -54.83 -16.58
CA GLN Y 45 34.33 -55.78 -16.85
C GLN Y 45 33.65 -56.88 -17.57
N GLY Y 46 34.44 -57.72 -18.16
CA GLY Y 46 34.02 -58.98 -18.76
C GLY Y 46 33.36 -58.81 -20.00
N PRO Y 47 32.93 -59.94 -20.63
CA PRO Y 47 32.06 -59.93 -21.70
C PRO Y 47 30.61 -59.55 -21.39
N GLU Y 48 30.31 -59.10 -20.12
CA GLU Y 48 29.00 -58.59 -19.71
C GLU Y 48 28.80 -57.24 -20.41
N ALA Y 49 29.88 -56.46 -20.41
CA ALA Y 49 30.01 -55.19 -21.06
C ALA Y 49 29.92 -55.27 -22.49
N LEU Y 50 30.58 -56.36 -23.06
CA LEU Y 50 30.55 -56.63 -24.46
C LEU Y 50 29.13 -56.77 -24.99
N LYS Y 51 28.34 -57.60 -24.30
CA LYS Y 51 27.01 -57.96 -24.68
C LYS Y 51 26.11 -56.81 -24.44
N ALA Y 52 26.37 -56.11 -23.28
CA ALA Y 52 25.45 -55.00 -22.87
C ALA Y 52 25.51 -53.92 -23.83
N TYR Y 53 26.73 -53.58 -24.32
CA TYR Y 53 26.95 -52.47 -25.23
C TYR Y 53 26.38 -52.76 -26.60
N THR Y 54 26.40 -53.97 -27.16
CA THR Y 54 25.75 -54.23 -28.40
C THR Y 54 24.24 -54.18 -28.23
N GLU Y 55 23.72 -54.80 -27.20
CA GLU Y 55 22.34 -55.01 -27.10
C GLU Y 55 21.60 -53.63 -26.86
N GLN Y 56 22.16 -52.82 -25.96
CA GLN Y 56 21.54 -51.62 -25.42
C GLN Y 56 21.18 -50.69 -26.53
N ASN Y 57 22.11 -50.61 -27.58
CA ASN Y 57 21.86 -49.70 -28.75
C ASN Y 57 21.40 -50.63 -29.85
N VAL Y 58 20.10 -50.51 -30.17
CA VAL Y 58 19.26 -51.00 -31.25
C VAL Y 58 18.02 -50.14 -31.11
N GLU Y 59 18.10 -48.90 -30.54
CA GLU Y 59 16.98 -48.12 -30.19
C GLU Y 59 16.67 -47.30 -31.40
N THR Y 60 17.37 -47.52 -32.51
CA THR Y 60 16.99 -46.91 -33.75
C THR Y 60 15.75 -47.49 -34.24
N ALA Y 61 14.95 -46.67 -34.97
CA ALA Y 61 13.69 -47.07 -35.43
C ALA Y 61 13.34 -46.19 -36.67
N HIS Y 62 12.39 -46.72 -37.43
CA HIS Y 62 11.92 -46.10 -38.60
C HIS Y 62 10.76 -45.18 -38.17
N MET Z 1 -4.57 -34.20 -82.19
CA MET Z 1 -4.24 -35.54 -82.76
C MET Z 1 -5.37 -36.56 -82.68
N LEU Z 2 -5.60 -37.38 -83.73
CA LEU Z 2 -6.74 -38.33 -83.91
C LEU Z 2 -6.52 -39.54 -83.04
N LYS Z 3 -7.13 -39.60 -81.81
CA LYS Z 3 -7.08 -40.75 -81.01
C LYS Z 3 -8.37 -40.84 -80.36
N ARG Z 4 -9.11 -41.96 -80.46
CA ARG Z 4 -10.45 -41.94 -79.90
C ARG Z 4 -10.30 -42.54 -78.51
N PHE Z 5 -11.28 -42.25 -77.74
CA PHE Z 5 -11.37 -42.81 -76.44
C PHE Z 5 -12.84 -43.04 -76.36
N PRO Z 6 -13.37 -44.03 -75.64
CA PRO Z 6 -14.82 -44.28 -75.58
C PRO Z 6 -15.66 -43.29 -74.88
N THR Z 7 -16.84 -42.95 -75.48
CA THR Z 7 -17.77 -42.02 -74.94
C THR Z 7 -19.11 -42.67 -75.22
N PRO Z 8 -20.01 -42.74 -74.17
CA PRO Z 8 -21.30 -43.38 -74.43
C PRO Z 8 -22.15 -42.32 -75.04
N ILE Z 9 -22.86 -42.62 -76.14
CA ILE Z 9 -23.60 -41.64 -76.96
C ILE Z 9 -24.74 -42.45 -77.52
N LEU Z 10 -25.01 -43.65 -76.94
CA LEU Z 10 -26.04 -44.51 -77.48
C LEU Z 10 -27.23 -44.38 -76.64
N LYS Z 11 -27.25 -43.40 -75.66
CA LYS Z 11 -28.39 -43.23 -74.79
C LYS Z 11 -28.45 -41.79 -74.56
N VAL Z 12 -27.25 -41.05 -74.59
CA VAL Z 12 -27.08 -39.65 -74.37
C VAL Z 12 -27.77 -38.90 -75.46
N TYR Z 13 -27.51 -39.38 -76.74
CA TYR Z 13 -27.97 -38.71 -77.90
C TYR Z 13 -28.98 -39.55 -78.66
N TRP Z 14 -29.59 -40.46 -77.93
CA TRP Z 14 -30.65 -41.24 -78.43
C TRP Z 14 -31.85 -40.38 -78.72
N PRO Z 15 -32.32 -39.40 -77.94
CA PRO Z 15 -33.49 -38.57 -78.25
C PRO Z 15 -33.21 -37.62 -79.36
N PHE Z 16 -31.98 -37.08 -79.40
CA PHE Z 16 -31.37 -36.16 -80.25
C PHE Z 16 -31.18 -36.69 -81.59
N PHE Z 17 -30.80 -37.97 -81.75
CA PHE Z 17 -30.54 -38.61 -83.02
C PHE Z 17 -31.85 -38.95 -83.66
N VAL Z 18 -32.88 -39.33 -82.89
CA VAL Z 18 -34.25 -39.67 -83.41
C VAL Z 18 -34.79 -38.47 -84.11
N ALA Z 19 -34.55 -37.27 -83.46
CA ALA Z 19 -35.11 -35.94 -83.84
C ALA Z 19 -34.61 -35.61 -85.18
N GLY Z 20 -33.25 -35.88 -85.41
CA GLY Z 20 -32.57 -35.46 -86.64
C GLY Z 20 -33.14 -36.20 -87.82
N ALA Z 21 -33.46 -37.51 -87.56
CA ALA Z 21 -34.02 -38.46 -88.55
C ALA Z 21 -35.42 -38.01 -89.04
N ALA Z 22 -36.27 -37.65 -88.12
CA ALA Z 22 -37.60 -37.28 -88.47
C ALA Z 22 -37.70 -36.02 -89.33
N VAL Z 23 -36.85 -34.98 -88.97
CA VAL Z 23 -36.77 -33.71 -89.58
C VAL Z 23 -36.19 -33.77 -91.02
N TYR Z 24 -35.17 -34.74 -91.15
CA TYR Z 24 -34.44 -35.02 -92.37
C TYR Z 24 -35.41 -35.40 -93.45
N TYR Z 25 -36.23 -36.36 -93.07
CA TYR Z 25 -37.28 -36.99 -93.82
C TYR Z 25 -38.29 -35.84 -94.16
N GLY Z 26 -38.49 -34.92 -93.21
CA GLY Z 26 -39.48 -33.95 -93.27
C GLY Z 26 -39.07 -32.92 -94.32
N MET Z 27 -37.68 -32.76 -94.57
CA MET Z 27 -37.04 -31.88 -95.47
C MET Z 27 -37.14 -32.47 -96.88
N SER Z 28 -37.27 -33.82 -97.05
CA SER Z 28 -37.49 -34.44 -98.32
C SER Z 28 -38.75 -33.96 -98.91
N LYS Z 29 -39.80 -33.95 -98.06
CA LYS Z 29 -41.13 -33.50 -98.35
C LYS Z 29 -41.24 -32.03 -98.54
N ALA Z 30 -40.49 -31.17 -97.83
CA ALA Z 30 -40.55 -29.75 -97.92
C ALA Z 30 -39.85 -29.31 -99.19
N ALA Z 31 -38.77 -30.04 -99.63
CA ALA Z 31 -38.09 -29.65 -100.88
C ALA Z 31 -38.85 -29.84 -102.12
N ASP Z 32 -39.71 -30.97 -102.13
CA ASP Z 32 -40.61 -31.25 -103.19
C ASP Z 32 -41.63 -30.08 -103.25
N LEU Z 33 -42.15 -29.52 -102.15
CA LEU Z 33 -43.10 -28.43 -102.11
C LEU Z 33 -42.38 -27.23 -102.57
N SER Z 34 -41.04 -27.09 -102.43
CA SER Z 34 -40.38 -25.83 -102.84
C SER Z 34 -40.04 -25.71 -104.26
N SER Z 35 -39.93 -26.83 -104.96
CA SER Z 35 -39.52 -26.97 -106.39
C SER Z 35 -40.75 -26.78 -107.27
N ASN Z 36 -41.89 -26.56 -106.68
CA ASN Z 36 -43.10 -26.42 -107.40
C ASN Z 36 -43.69 -25.16 -106.83
N THR Z 37 -42.87 -24.32 -106.19
CA THR Z 37 -43.35 -23.13 -105.60
C THR Z 37 -43.26 -21.94 -106.55
N MET AA 1 -29.68 -16.61 -110.21
CA MET AA 1 -29.23 -18.03 -110.61
C MET AA 1 -29.51 -19.00 -109.53
N PRO AA 2 -29.46 -20.33 -109.74
CA PRO AA 2 -29.97 -21.39 -108.82
C PRO AA 2 -29.20 -21.55 -107.53
N GLN AA 3 -28.28 -20.63 -107.26
CA GLN AA 3 -27.38 -20.80 -106.14
C GLN AA 3 -27.78 -19.84 -105.01
N LEU AA 4 -28.37 -18.69 -105.51
CA LEU AA 4 -28.79 -17.55 -104.73
C LEU AA 4 -30.28 -17.70 -104.41
N VAL AA 5 -30.90 -18.61 -105.22
CA VAL AA 5 -32.25 -19.04 -104.89
C VAL AA 5 -32.18 -20.47 -105.15
N PRO AA 6 -31.81 -21.36 -104.21
CA PRO AA 6 -31.93 -22.79 -104.43
C PRO AA 6 -33.32 -23.32 -104.24
N PHE AA 7 -33.67 -24.30 -105.02
CA PHE AA 7 -34.80 -25.19 -104.73
C PHE AA 7 -34.43 -26.52 -104.15
N TYR AA 8 -33.07 -26.55 -104.06
CA TYR AA 8 -32.28 -27.73 -103.77
C TYR AA 8 -32.05 -27.88 -102.21
N PHE AA 9 -32.97 -27.38 -101.33
CA PHE AA 9 -32.94 -27.30 -99.87
C PHE AA 9 -32.60 -28.68 -99.30
N MET AA 10 -33.20 -29.80 -99.81
CA MET AA 10 -32.91 -31.07 -99.22
C MET AA 10 -31.51 -31.52 -99.41
N ASN AA 11 -30.90 -31.22 -100.58
CA ASN AA 11 -29.50 -31.55 -100.81
C ASN AA 11 -28.61 -30.87 -99.90
N GLN AA 12 -28.82 -29.51 -99.74
CA GLN AA 12 -28.10 -28.62 -98.89
C GLN AA 12 -28.04 -29.22 -97.48
N LEU AA 13 -29.26 -29.61 -97.02
CA LEU AA 13 -29.73 -30.10 -95.69
C LEU AA 13 -29.11 -31.42 -95.51
N THR AA 14 -28.89 -32.24 -96.56
CA THR AA 14 -28.38 -33.60 -96.37
C THR AA 14 -26.94 -33.43 -95.89
N TYR AA 15 -26.20 -32.57 -96.64
CA TYR AA 15 -24.78 -32.34 -96.48
C TYR AA 15 -24.54 -31.63 -95.19
N GLY AA 16 -25.47 -30.76 -94.83
CA GLY AA 16 -25.38 -29.87 -93.65
C GLY AA 16 -25.54 -30.75 -92.40
N PHE AA 17 -26.47 -31.71 -92.35
CA PHE AA 17 -26.59 -32.65 -91.18
C PHE AA 17 -25.52 -33.65 -91.19
N LEU AA 18 -24.94 -34.14 -92.32
CA LEU AA 18 -23.94 -35.11 -92.50
C LEU AA 18 -22.64 -34.67 -91.82
N LEU AA 19 -22.25 -33.35 -91.94
CA LEU AA 19 -21.18 -32.59 -91.30
C LEU AA 19 -21.46 -32.42 -89.84
N MET AA 20 -22.73 -32.19 -89.34
CA MET AA 20 -22.92 -31.98 -87.94
C MET AA 20 -22.55 -33.27 -87.14
N ILE AA 21 -22.98 -34.46 -87.68
CA ILE AA 21 -22.75 -35.80 -87.15
C ILE AA 21 -21.26 -36.05 -87.22
N THR AA 22 -20.50 -35.63 -88.27
CA THR AA 22 -19.12 -35.89 -88.42
C THR AA 22 -18.40 -35.17 -87.30
N LEU AA 23 -18.75 -33.87 -87.06
CA LEU AA 23 -18.06 -33.01 -86.06
C LEU AA 23 -18.31 -33.41 -84.66
N LEU AA 24 -19.54 -33.89 -84.39
CA LEU AA 24 -20.01 -34.34 -83.12
C LEU AA 24 -19.29 -35.56 -82.61
N ILE AA 25 -19.23 -36.62 -83.45
CA ILE AA 25 -18.52 -37.84 -83.15
C ILE AA 25 -17.07 -37.63 -83.08
N LEU AA 26 -16.49 -36.80 -84.01
CA LEU AA 26 -15.10 -36.43 -84.02
C LEU AA 26 -14.64 -35.66 -82.71
N PHE AA 27 -15.40 -34.63 -82.27
CA PHE AA 27 -15.28 -33.94 -81.01
C PHE AA 27 -15.36 -34.92 -79.84
N SER AA 28 -16.43 -35.69 -79.82
CA SER AA 28 -16.92 -36.49 -78.70
C SER AA 28 -15.90 -37.55 -78.34
N GLN AA 29 -15.31 -38.28 -79.31
CA GLN AA 29 -14.40 -39.32 -79.02
C GLN AA 29 -12.95 -39.01 -79.13
N PHE AA 30 -12.57 -38.16 -80.11
CA PHE AA 30 -11.18 -37.90 -80.46
C PHE AA 30 -10.67 -36.64 -79.86
N PHE AA 31 -11.29 -35.46 -80.11
CA PHE AA 31 -10.44 -34.23 -80.02
C PHE AA 31 -10.77 -33.50 -78.74
N LEU AA 32 -11.99 -33.54 -78.19
CA LEU AA 32 -12.28 -33.04 -76.89
C LEU AA 32 -11.53 -33.81 -75.77
N PRO AA 33 -11.51 -35.15 -75.88
CA PRO AA 33 -10.84 -35.87 -74.81
C PRO AA 33 -9.40 -35.72 -74.95
N MET AA 34 -8.84 -35.32 -76.14
CA MET AA 34 -7.44 -35.17 -76.38
C MET AA 34 -6.93 -33.83 -75.76
N ILE AA 35 -7.81 -32.85 -75.60
CA ILE AA 35 -7.60 -31.59 -74.91
C ILE AA 35 -7.68 -31.80 -73.45
N LEU AA 36 -8.57 -32.73 -73.01
CA LEU AA 36 -8.72 -32.93 -71.59
C LEU AA 36 -7.50 -33.70 -71.18
N ARG AA 37 -6.82 -34.47 -72.16
CA ARG AA 37 -5.59 -35.18 -72.00
C ARG AA 37 -4.46 -34.23 -71.71
N LEU AA 38 -4.41 -33.06 -72.43
CA LEU AA 38 -3.40 -31.99 -72.15
C LEU AA 38 -3.44 -31.39 -70.76
N TYR AA 39 -4.65 -31.16 -70.25
CA TYR AA 39 -4.95 -30.72 -68.84
C TYR AA 39 -4.55 -31.80 -67.85
N VAL AA 40 -4.94 -33.08 -68.10
CA VAL AA 40 -4.65 -34.24 -67.12
C VAL AA 40 -3.18 -34.54 -66.98
N SER AA 41 -2.49 -34.33 -68.17
CA SER AA 41 -1.09 -34.64 -68.25
C SER AA 41 -0.36 -33.58 -67.40
N ARG AA 42 -0.75 -32.31 -67.60
CA ARG AA 42 -0.25 -31.21 -66.84
C ARG AA 42 -0.47 -31.24 -65.41
N LEU AA 43 -1.68 -31.76 -65.00
CA LEU AA 43 -2.12 -31.84 -63.62
C LEU AA 43 -1.40 -32.91 -62.83
N PHE AA 44 -1.05 -34.06 -63.46
CA PHE AA 44 -0.51 -35.23 -62.82
C PHE AA 44 0.98 -34.87 -62.52
N ILE AA 45 1.60 -34.07 -63.49
CA ILE AA 45 2.90 -33.49 -63.25
C ILE AA 45 2.81 -32.53 -62.09
N SER AA 46 1.72 -31.75 -61.93
CA SER AA 46 1.46 -30.83 -60.81
C SER AA 46 1.35 -31.48 -59.41
N LYS AA 47 0.75 -32.69 -59.41
CA LYS AA 47 0.67 -33.57 -58.25
C LYS AA 47 2.02 -34.09 -57.85
N LEU AA 48 2.87 -34.40 -58.80
CA LEU AA 48 4.19 -35.01 -58.47
C LEU AA 48 5.26 -33.91 -58.19
#